data_9K84
#
_entry.id   9K84
#
_cell.length_a   1.00
_cell.length_b   1.00
_cell.length_c   1.00
_cell.angle_alpha   90.00
_cell.angle_beta   90.00
_cell.angle_gamma   90.00
#
_symmetry.space_group_name_H-M   'P 1'
#
loop_
_entity.id
_entity.type
_entity.pdbx_description
1 polymer Fiber-n6-Zn1-HEHE-44
2 non-polymer 'ZINC ION'
#
_entity_poly.entity_id   1
_entity_poly.type   'polypeptide(L)'
_entity_poly.pdbx_seq_one_letter_code
;MGHHHHHHHHSSGLEVLFQGPGGTNPLELALELKEKVEKAIKEILENPNIETRILRLKELLDEVLHAIALIPQNEETRPI
LVRVVVEVMEALLHAVLDGGEPLLNLKVLLEAFKTFIAALKTIGFSTEEERLEAYRVLTLFVHTFIFISRTLNLEEFLKV
LLELIELLEEFFLAVPGPPEQRRVLFESLLQDILNTFKKKLKLYPVEAQILYLEIILEKVEDVRKHFFEKYF
;
_entity_poly.pdbx_strand_id   A,B,C,D,E,F,G,H,I,J,K,L,M,N,O,P,Q,R,S,T,U
#
loop_
_chem_comp.id
_chem_comp.type
_chem_comp.name
_chem_comp.formula
ZN non-polymer 'ZINC ION' 'Zn 2'
#
# COMPACT_ATOMS: atom_id res chain seq x y z
N ASN A 25 -25.65 26.04 -45.31
CA ASN A 25 -24.35 25.86 -45.93
C ASN A 25 -23.31 25.44 -44.89
N PRO A 26 -22.57 24.37 -45.19
CA PRO A 26 -21.62 23.83 -44.20
C PRO A 26 -20.56 24.82 -43.74
N LEU A 27 -20.12 25.72 -44.64
CA LEU A 27 -19.00 26.59 -44.31
C LEU A 27 -19.36 27.56 -43.19
N GLU A 28 -20.55 28.16 -43.27
CA GLU A 28 -20.99 29.07 -42.21
C GLU A 28 -21.11 28.35 -40.89
N LEU A 29 -21.59 27.10 -40.93
CA LEU A 29 -21.65 26.29 -39.71
C LEU A 29 -20.25 26.05 -39.15
N ALA A 30 -19.27 25.81 -40.02
CA ALA A 30 -17.90 25.64 -39.56
C ALA A 30 -17.39 26.90 -38.86
N LEU A 31 -17.63 28.08 -39.46
CA LEU A 31 -17.20 29.32 -38.81
C LEU A 31 -17.91 29.54 -37.48
N GLU A 32 -19.22 29.29 -37.42
CA GLU A 32 -19.92 29.54 -36.16
C GLU A 32 -19.46 28.59 -35.08
N LEU A 33 -19.19 27.33 -35.43
CA LEU A 33 -18.62 26.39 -34.47
C LEU A 33 -17.25 26.85 -34.02
N LYS A 34 -16.42 27.36 -34.94
CA LYS A 34 -15.11 27.88 -34.58
C LYS A 34 -15.22 29.01 -33.56
N GLU A 35 -16.10 29.97 -33.82
CA GLU A 35 -16.26 31.10 -32.90
C GLU A 35 -16.79 30.63 -31.55
N LYS A 36 -17.75 29.70 -31.55
CA LYS A 36 -18.27 29.17 -30.30
C LYS A 36 -17.16 28.50 -29.49
N VAL A 37 -16.30 27.74 -30.16
CA VAL A 37 -15.23 27.04 -29.45
C VAL A 37 -14.21 28.03 -28.91
N GLU A 38 -13.87 29.06 -29.68
CA GLU A 38 -12.93 30.07 -29.19
C GLU A 38 -13.50 30.77 -27.96
N LYS A 39 -14.78 31.13 -27.99
CA LYS A 39 -15.41 31.77 -26.84
C LYS A 39 -15.41 30.84 -25.63
N ALA A 40 -15.70 29.55 -25.85
CA ALA A 40 -15.71 28.60 -24.75
C ALA A 40 -14.32 28.43 -24.14
N ILE A 41 -13.29 28.37 -24.99
CA ILE A 41 -11.92 28.23 -24.50
C ILE A 41 -11.54 29.47 -23.70
N LYS A 42 -11.88 30.66 -24.20
CA LYS A 42 -11.56 31.89 -23.49
C LYS A 42 -12.25 31.91 -22.13
N GLU A 43 -13.51 31.47 -22.09
CA GLU A 43 -14.24 31.44 -20.82
C GLU A 43 -13.60 30.45 -19.85
N ILE A 44 -13.25 29.26 -20.34
CA ILE A 44 -12.75 28.20 -19.46
C ILE A 44 -11.37 28.57 -18.90
N LEU A 45 -10.51 29.14 -19.75
CA LEU A 45 -9.18 29.51 -19.29
C LEU A 45 -9.23 30.57 -18.19
N GLU A 46 -10.31 31.34 -18.14
CA GLU A 46 -10.44 32.37 -17.12
C GLU A 46 -10.61 31.79 -15.73
N ASN A 47 -11.16 30.58 -15.62
CA ASN A 47 -11.46 30.01 -14.31
C ASN A 47 -10.19 29.81 -13.50
N PRO A 48 -10.21 30.14 -12.21
CA PRO A 48 -8.98 29.98 -11.40
C PRO A 48 -8.63 28.53 -11.11
N ASN A 49 -9.62 27.69 -10.84
CA ASN A 49 -9.36 26.31 -10.44
C ASN A 49 -8.81 25.51 -11.62
N ILE A 50 -7.67 24.86 -11.41
CA ILE A 50 -7.01 24.12 -12.50
C ILE A 50 -7.81 22.87 -12.84
N GLU A 51 -8.26 22.12 -11.83
CA GLU A 51 -8.99 20.89 -12.10
C GLU A 51 -10.27 21.16 -12.86
N THR A 52 -10.97 22.24 -12.51
CA THR A 52 -12.15 22.63 -13.28
C THR A 52 -11.76 22.96 -14.72
N ARG A 53 -10.64 23.64 -14.92
CA ARG A 53 -10.20 23.93 -16.28
C ARG A 53 -10.01 22.66 -17.08
N ILE A 54 -9.34 21.67 -16.48
CA ILE A 54 -9.09 20.41 -17.18
C ILE A 54 -10.41 19.72 -17.53
N LEU A 55 -11.33 19.65 -16.55
CA LEU A 55 -12.56 18.91 -16.77
C LEU A 55 -13.44 19.59 -17.83
N ARG A 56 -13.55 20.92 -17.77
CA ARG A 56 -14.34 21.62 -18.78
C ARG A 56 -13.69 21.53 -20.15
N LEU A 57 -12.35 21.50 -20.22
CA LEU A 57 -11.71 21.31 -21.51
C LEU A 57 -12.02 19.93 -22.09
N LYS A 58 -12.01 18.90 -21.24
CA LYS A 58 -12.36 17.57 -21.73
C LYS A 58 -13.81 17.52 -22.22
N GLU A 59 -14.71 18.14 -21.46
CA GLU A 59 -16.12 18.15 -21.87
C GLU A 59 -16.29 18.95 -23.15
N LEU A 60 -15.53 20.03 -23.31
CA LEU A 60 -15.57 20.81 -24.54
C LEU A 60 -15.09 19.98 -25.71
N LEU A 61 -14.06 19.16 -25.51
CA LEU A 61 -13.58 18.28 -26.57
C LEU A 61 -14.66 17.29 -26.98
N ASP A 62 -15.34 16.69 -25.99
CA ASP A 62 -16.39 15.74 -26.31
C ASP A 62 -17.55 16.41 -27.06
N GLU A 63 -17.95 17.60 -26.60
CA GLU A 63 -19.03 18.32 -27.25
C GLU A 63 -18.63 18.74 -28.66
N VAL A 64 -17.36 19.07 -28.85
CA VAL A 64 -16.86 19.40 -30.18
C VAL A 64 -16.97 18.19 -31.10
N LEU A 65 -16.60 17.01 -30.60
CA LEU A 65 -16.75 15.79 -31.38
C LEU A 65 -18.20 15.59 -31.80
N HIS A 66 -19.12 15.74 -30.84
CA HIS A 66 -20.53 15.60 -31.16
C HIS A 66 -20.98 16.68 -32.15
N ALA A 67 -20.34 17.85 -32.12
CA ALA A 67 -20.69 18.91 -33.05
C ALA A 67 -20.29 18.56 -34.47
N ILE A 68 -19.05 18.09 -34.67
CA ILE A 68 -18.64 17.66 -36.00
C ILE A 68 -19.49 16.49 -36.48
N ALA A 69 -19.92 15.64 -35.54
CA ALA A 69 -20.77 14.52 -35.92
C ALA A 69 -22.00 14.99 -36.69
N LEU A 70 -22.61 16.09 -36.25
CA LEU A 70 -23.78 16.62 -36.95
C LEU A 70 -23.39 17.47 -38.15
N ILE A 71 -22.21 18.11 -38.09
CA ILE A 71 -21.82 19.05 -39.14
C ILE A 71 -21.63 18.30 -40.45
N PRO A 72 -22.22 18.75 -41.56
CA PRO A 72 -21.94 18.12 -42.85
C PRO A 72 -20.47 18.21 -43.20
N GLN A 73 -19.95 17.14 -43.80
CA GLN A 73 -18.52 17.01 -44.05
C GLN A 73 -18.25 17.09 -45.54
N ASN A 74 -17.32 17.96 -45.91
CA ASN A 74 -16.89 18.11 -47.29
C ASN A 74 -15.47 18.67 -47.29
N GLU A 75 -15.01 19.15 -48.44
CA GLU A 75 -13.63 19.59 -48.59
C GLU A 75 -13.27 20.77 -47.70
N GLU A 76 -14.01 21.88 -47.81
CA GLU A 76 -13.57 23.13 -47.20
C GLU A 76 -13.71 23.10 -45.68
N THR A 77 -14.74 22.42 -45.16
CA THR A 77 -14.96 22.42 -43.72
C THR A 77 -13.92 21.56 -42.99
N ARG A 78 -13.37 20.56 -43.68
CA ARG A 78 -12.46 19.60 -43.03
C ARG A 78 -11.25 20.27 -42.41
N PRO A 79 -10.50 21.14 -43.11
CA PRO A 79 -9.38 21.83 -42.44
C PRO A 79 -9.82 22.67 -41.27
N ILE A 80 -10.98 23.32 -41.34
CA ILE A 80 -11.45 24.15 -40.24
C ILE A 80 -11.69 23.31 -39.00
N LEU A 81 -12.34 22.15 -39.18
CA LEU A 81 -12.56 21.25 -38.05
C LEU A 81 -11.24 20.74 -37.50
N VAL A 82 -10.29 20.42 -38.38
CA VAL A 82 -8.98 19.96 -37.91
C VAL A 82 -8.31 21.03 -37.05
N ARG A 83 -8.33 22.27 -37.52
CA ARG A 83 -7.71 23.36 -36.76
C ARG A 83 -8.38 23.53 -35.40
N VAL A 84 -9.71 23.53 -35.35
CA VAL A 84 -10.38 23.81 -34.09
C VAL A 84 -10.11 22.68 -33.09
N VAL A 85 -10.11 21.43 -33.56
CA VAL A 85 -9.80 20.31 -32.66
C VAL A 85 -8.36 20.42 -32.17
N VAL A 86 -7.44 20.85 -33.05
CA VAL A 86 -6.04 21.00 -32.65
C VAL A 86 -5.90 22.06 -31.57
N GLU A 87 -6.60 23.18 -31.73
CA GLU A 87 -6.53 24.24 -30.72
C GLU A 87 -7.05 23.73 -29.38
N VAL A 88 -8.17 23.01 -29.41
CA VAL A 88 -8.74 22.50 -28.15
C VAL A 88 -7.76 21.56 -27.46
N MET A 89 -7.18 20.63 -28.23
CA MET A 89 -6.27 19.66 -27.62
C MET A 89 -5.00 20.33 -27.10
N GLU A 90 -4.47 21.30 -27.85
CA GLU A 90 -3.27 22.00 -27.40
C GLU A 90 -3.53 22.78 -26.11
N ALA A 91 -4.69 23.45 -26.05
CA ALA A 91 -5.04 24.17 -24.83
C ALA A 91 -5.17 23.21 -23.65
N LEU A 92 -5.77 22.04 -23.89
CA LEU A 92 -5.91 21.06 -22.81
C LEU A 92 -4.54 20.56 -22.34
N LEU A 93 -3.63 20.29 -23.28
CA LEU A 93 -2.30 19.84 -22.90
C LEU A 93 -1.58 20.89 -22.07
N HIS A 94 -1.65 22.16 -22.50
CA HIS A 94 -1.00 23.21 -21.74
C HIS A 94 -1.60 23.34 -20.34
N ALA A 95 -2.93 23.27 -20.24
CA ALA A 95 -3.58 23.39 -18.94
C ALA A 95 -3.20 22.22 -18.03
N VAL A 96 -3.10 21.02 -18.60
CA VAL A 96 -2.76 19.83 -17.84
C VAL A 96 -1.33 19.95 -17.33
N LEU A 97 -0.45 20.56 -18.13
CA LEU A 97 0.93 20.77 -17.71
C LEU A 97 1.08 21.72 -16.54
N ASP A 98 0.05 22.47 -16.19
CA ASP A 98 0.19 23.50 -15.15
C ASP A 98 0.19 22.89 -13.76
N GLY A 99 -0.90 22.24 -13.37
CA GLY A 99 -0.99 21.71 -12.02
C GLY A 99 -1.98 20.57 -11.92
N GLY A 100 -1.90 19.86 -10.80
CA GLY A 100 -2.78 18.74 -10.53
C GLY A 100 -2.04 17.47 -10.16
N GLU A 101 -2.74 16.52 -9.56
CA GLU A 101 -2.13 15.24 -9.23
C GLU A 101 -1.79 14.48 -10.51
N PRO A 102 -0.55 14.01 -10.64
CA PRO A 102 -0.10 13.49 -11.95
C PRO A 102 -0.97 12.36 -12.50
N LEU A 103 -1.41 11.43 -11.64
CA LEU A 103 -2.20 10.31 -12.14
C LEU A 103 -3.52 10.77 -12.72
N LEU A 104 -4.18 11.74 -12.07
CA LEU A 104 -5.45 12.24 -12.58
C LEU A 104 -5.28 12.90 -13.94
N ASN A 105 -4.25 13.73 -14.09
CA ASN A 105 -4.02 14.37 -15.39
C ASN A 105 -3.67 13.33 -16.45
N LEU A 106 -2.93 12.29 -16.08
CA LEU A 106 -2.61 11.25 -17.05
C LEU A 106 -3.86 10.52 -17.53
N LYS A 107 -4.76 10.19 -16.60
CA LYS A 107 -5.99 9.50 -17.00
C LYS A 107 -6.87 10.41 -17.87
N VAL A 108 -6.98 11.68 -17.50
CA VAL A 108 -7.76 12.61 -18.32
C VAL A 108 -7.12 12.76 -19.69
N LEU A 109 -5.78 12.76 -19.75
CA LEU A 109 -5.08 12.85 -21.03
C LEU A 109 -5.38 11.64 -21.89
N LEU A 110 -5.40 10.45 -21.28
CA LEU A 110 -5.70 9.24 -22.05
C LEU A 110 -7.12 9.30 -22.62
N GLU A 111 -8.10 9.69 -21.81
CA GLU A 111 -9.47 9.77 -22.29
C GLU A 111 -9.60 10.81 -23.40
N ALA A 112 -8.98 11.98 -23.21
CA ALA A 112 -9.05 13.03 -24.22
C ALA A 112 -8.35 12.62 -25.50
N PHE A 113 -7.26 11.85 -25.40
CA PHE A 113 -6.57 11.38 -26.60
C PHE A 113 -7.43 10.37 -27.36
N LYS A 114 -8.15 9.51 -26.62
CA LYS A 114 -9.09 8.61 -27.29
C LYS A 114 -10.17 9.41 -28.03
N THR A 115 -10.71 10.45 -27.39
CA THR A 115 -11.69 11.29 -28.05
C THR A 115 -11.09 11.99 -29.27
N PHE A 116 -9.83 12.40 -29.15
CA PHE A 116 -9.14 13.05 -30.26
C PHE A 116 -9.00 12.12 -31.45
N ILE A 117 -8.66 10.86 -31.19
CA ILE A 117 -8.55 9.87 -32.26
C ILE A 117 -9.92 9.68 -32.92
N ALA A 118 -10.97 9.58 -32.10
CA ALA A 118 -12.30 9.40 -32.67
C ALA A 118 -12.69 10.59 -33.55
N ALA A 119 -12.41 11.81 -33.08
CA ALA A 119 -12.73 13.00 -33.86
C ALA A 119 -11.96 13.02 -35.18
N LEU A 120 -10.67 12.68 -35.14
CA LEU A 120 -9.88 12.65 -36.37
C LEU A 120 -10.43 11.61 -37.33
N LYS A 121 -10.86 10.45 -36.81
CA LYS A 121 -11.43 9.43 -37.68
C LYS A 121 -12.71 9.92 -38.34
N THR A 122 -13.57 10.59 -37.59
CA THR A 122 -14.82 11.09 -38.16
C THR A 122 -14.56 12.17 -39.20
N ILE A 123 -13.61 13.06 -38.93
CA ILE A 123 -13.38 14.20 -39.83
C ILE A 123 -12.84 13.72 -41.17
N GLY A 124 -11.85 12.83 -41.15
CA GLY A 124 -11.18 12.44 -42.37
C GLY A 124 -9.98 13.33 -42.66
N PHE A 125 -9.05 12.87 -43.48
CA PHE A 125 -7.82 13.60 -43.72
C PHE A 125 -7.44 13.51 -45.19
N SER A 126 -7.33 14.66 -45.85
CA SER A 126 -6.97 14.68 -47.26
C SER A 126 -5.69 15.50 -47.50
N THR A 127 -5.63 16.72 -46.99
CA THR A 127 -4.51 17.59 -47.29
C THR A 127 -3.31 17.25 -46.41
N GLU A 128 -2.11 17.59 -46.91
CA GLU A 128 -0.89 17.30 -46.18
C GLU A 128 -0.73 18.15 -44.94
N GLU A 129 -1.18 19.41 -44.99
CA GLU A 129 -1.02 20.32 -43.85
C GLU A 129 -1.74 19.78 -42.62
N GLU A 130 -2.96 19.28 -42.80
CA GLU A 130 -3.69 18.70 -41.69
C GLU A 130 -2.95 17.49 -41.13
N ARG A 131 -2.37 16.68 -42.00
CA ARG A 131 -1.60 15.53 -41.54
C ARG A 131 -0.42 15.97 -40.69
N LEU A 132 0.33 16.97 -41.15
CA LEU A 132 1.48 17.43 -40.37
C LEU A 132 1.03 18.01 -39.03
N GLU A 133 -0.10 18.73 -39.02
CA GLU A 133 -0.62 19.26 -37.76
C GLU A 133 -0.97 18.13 -36.79
N ALA A 134 -1.64 17.08 -37.29
CA ALA A 134 -2.01 15.96 -36.45
C ALA A 134 -0.78 15.24 -35.90
N TYR A 135 0.23 15.05 -36.74
CA TYR A 135 1.47 14.42 -36.29
C TYR A 135 2.17 15.26 -35.24
N ARG A 136 2.18 16.59 -35.42
CA ARG A 136 2.78 17.47 -34.42
C ARG A 136 2.03 17.38 -33.09
N VAL A 137 0.70 17.33 -33.16
CA VAL A 137 -0.11 17.20 -31.94
C VAL A 137 0.20 15.87 -31.25
N LEU A 138 0.37 14.80 -32.03
CA LEU A 138 0.72 13.51 -31.45
C LEU A 138 2.07 13.57 -30.75
N THR A 139 3.05 14.22 -31.37
CA THR A 139 4.37 14.34 -30.75
C THR A 139 4.29 15.13 -29.45
N LEU A 140 3.53 16.23 -29.46
CA LEU A 140 3.36 17.03 -28.25
C LEU A 140 2.71 16.21 -27.15
N PHE A 141 1.67 15.43 -27.50
CA PHE A 141 1.01 14.58 -26.52
C PHE A 141 1.95 13.57 -25.92
N VAL A 142 2.76 12.93 -26.77
CA VAL A 142 3.68 11.89 -26.28
C VAL A 142 4.69 12.50 -25.32
N HIS A 143 5.28 13.63 -25.70
CA HIS A 143 6.28 14.26 -24.85
C HIS A 143 5.68 14.69 -23.52
N THR A 144 4.48 15.31 -23.56
CA THR A 144 3.84 15.75 -22.33
C THR A 144 3.50 14.58 -21.42
N PHE A 145 2.96 13.50 -22.02
CA PHE A 145 2.61 12.33 -21.23
C PHE A 145 3.83 11.71 -20.56
N ILE A 146 4.93 11.59 -21.31
CA ILE A 146 6.16 11.06 -20.73
C ILE A 146 6.63 11.94 -19.57
N PHE A 147 6.65 13.26 -19.80
CA PHE A 147 7.15 14.16 -18.78
C PHE A 147 6.32 14.08 -17.51
N ILE A 148 5.00 14.02 -17.65
CA ILE A 148 4.13 13.97 -16.47
C ILE A 148 4.26 12.63 -15.77
N SER A 149 4.30 11.54 -16.53
CA SER A 149 4.32 10.21 -15.93
C SER A 149 5.68 9.88 -15.34
N ARG A 150 6.68 10.72 -15.59
CA ARG A 150 8.00 10.51 -15.01
C ARG A 150 7.98 10.37 -13.48
N THR A 151 7.05 11.05 -12.81
CA THR A 151 7.14 11.16 -11.36
C THR A 151 6.47 10.01 -10.61
N LEU A 152 5.72 9.15 -11.30
CA LEU A 152 4.99 8.09 -10.61
C LEU A 152 5.94 7.01 -10.10
N ASN A 153 5.36 6.04 -9.38
CA ASN A 153 6.11 4.86 -8.96
C ASN A 153 6.17 3.85 -10.11
N LEU A 154 6.76 2.69 -9.83
CA LEU A 154 7.10 1.74 -10.89
C LEU A 154 5.86 1.16 -11.56
N GLU A 155 4.92 0.66 -10.76
CA GLU A 155 3.78 -0.07 -11.33
C GLU A 155 2.88 0.86 -12.13
N GLU A 156 2.56 2.03 -11.58
CA GLU A 156 1.74 2.99 -12.32
C GLU A 156 2.45 3.46 -13.58
N PHE A 157 3.77 3.65 -13.49
CA PHE A 157 4.56 4.01 -14.66
C PHE A 157 4.39 2.97 -15.76
N LEU A 158 4.57 1.70 -15.41
CA LEU A 158 4.45 0.63 -16.40
C LEU A 158 3.05 0.60 -17.01
N LYS A 159 2.02 0.72 -16.16
CA LYS A 159 0.65 0.69 -16.67
C LYS A 159 0.40 1.82 -17.65
N VAL A 160 0.71 3.06 -17.26
CA VAL A 160 0.42 4.19 -18.12
C VAL A 160 1.25 4.11 -19.40
N LEU A 161 2.47 3.58 -19.31
CA LEU A 161 3.28 3.42 -20.52
C LEU A 161 2.65 2.42 -21.48
N LEU A 162 2.13 1.30 -20.96
CA LEU A 162 1.49 0.33 -21.84
C LEU A 162 0.24 0.91 -22.50
N GLU A 163 -0.58 1.64 -21.74
CA GLU A 163 -1.73 2.30 -22.35
C GLU A 163 -1.30 3.33 -23.39
N LEU A 164 -0.21 4.05 -23.13
CA LEU A 164 0.28 5.02 -24.09
C LEU A 164 0.70 4.34 -25.39
N ILE A 165 1.39 3.20 -25.28
CA ILE A 165 1.82 2.48 -26.48
C ILE A 165 0.61 1.99 -27.27
N GLU A 166 -0.38 1.45 -26.57
CA GLU A 166 -1.57 0.97 -27.25
C GLU A 166 -2.29 2.11 -27.98
N LEU A 167 -2.44 3.26 -27.31
CA LEU A 167 -3.11 4.39 -27.95
C LEU A 167 -2.28 4.93 -29.12
N LEU A 168 -0.95 4.85 -29.02
CA LEU A 168 -0.09 5.20 -30.15
C LEU A 168 -0.41 4.33 -31.35
N GLU A 169 -0.53 3.01 -31.11
CA GLU A 169 -0.86 2.09 -32.20
C GLU A 169 -2.22 2.45 -32.81
N GLU A 170 -3.21 2.74 -31.96
CA GLU A 170 -4.53 3.10 -32.47
C GLU A 170 -4.48 4.36 -33.31
N PHE A 171 -3.78 5.40 -32.82
CA PHE A 171 -3.71 6.64 -33.59
C PHE A 171 -3.01 6.43 -34.92
N PHE A 172 -1.91 5.69 -34.93
CA PHE A 172 -1.22 5.43 -36.19
C PHE A 172 -2.03 4.54 -37.13
N LEU A 173 -2.99 3.79 -36.61
CA LEU A 173 -3.98 3.14 -37.45
C LEU A 173 -5.13 4.04 -37.86
N ALA A 174 -5.28 5.21 -37.22
CA ALA A 174 -6.42 6.09 -37.48
C ALA A 174 -6.21 7.04 -38.66
N VAL A 175 -5.06 7.72 -38.72
CA VAL A 175 -4.84 8.77 -39.72
C VAL A 175 -4.12 8.14 -40.90
N PRO A 176 -4.70 8.12 -42.09
CA PRO A 176 -4.03 7.53 -43.25
C PRO A 176 -3.04 8.49 -43.89
N GLY A 177 -2.03 7.92 -44.54
CA GLY A 177 -1.01 8.69 -45.21
C GLY A 177 0.12 7.83 -45.75
N PRO A 178 1.18 8.48 -46.23
CA PRO A 178 2.35 7.74 -46.72
C PRO A 178 2.96 6.89 -45.62
N PRO A 179 3.50 5.72 -45.96
CA PRO A 179 3.96 4.79 -44.92
C PRO A 179 5.33 5.12 -44.35
N GLU A 180 6.15 5.88 -45.08
CA GLU A 180 7.51 6.14 -44.60
C GLU A 180 7.50 7.00 -43.34
N GLN A 181 6.75 8.10 -43.37
CA GLN A 181 6.61 8.91 -42.16
C GLN A 181 5.90 8.13 -41.06
N ARG A 182 4.90 7.35 -41.43
CA ARG A 182 4.21 6.47 -40.49
C ARG A 182 5.17 5.53 -39.78
N ARG A 183 6.24 5.10 -40.45
CA ARG A 183 7.26 4.25 -39.85
C ARG A 183 8.23 5.05 -39.00
N VAL A 184 8.74 6.15 -39.54
CA VAL A 184 9.79 6.91 -38.86
C VAL A 184 9.26 7.49 -37.55
N LEU A 185 8.06 8.08 -37.58
CA LEU A 185 7.52 8.67 -36.36
C LEU A 185 7.26 7.62 -35.30
N PHE A 186 6.72 6.46 -35.71
CA PHE A 186 6.48 5.39 -34.76
C PHE A 186 7.77 4.93 -34.11
N GLU A 187 8.82 4.74 -34.92
CA GLU A 187 10.11 4.32 -34.37
C GLU A 187 10.65 5.35 -33.39
N SER A 188 10.57 6.63 -33.75
CA SER A 188 11.10 7.67 -32.88
C SER A 188 10.34 7.72 -31.55
N LEU A 189 9.01 7.61 -31.60
CA LEU A 189 8.22 7.67 -30.38
C LEU A 189 8.49 6.46 -29.49
N LEU A 190 8.58 5.28 -30.09
CA LEU A 190 8.91 4.09 -29.29
C LEU A 190 10.29 4.21 -28.67
N GLN A 191 11.24 4.80 -29.40
CA GLN A 191 12.56 5.02 -28.84
C GLN A 191 12.51 5.99 -27.66
N ASP A 192 11.70 7.04 -27.78
CA ASP A 192 11.54 7.98 -26.66
C ASP A 192 11.00 7.27 -25.43
N ILE A 193 9.98 6.43 -25.63
CA ILE A 193 9.38 5.71 -24.51
C ILE A 193 10.41 4.78 -23.87
N LEU A 194 11.17 4.06 -24.69
CA LEU A 194 12.18 3.14 -24.16
C LEU A 194 13.26 3.89 -23.37
N ASN A 195 13.72 5.02 -23.90
CA ASN A 195 14.74 5.80 -23.20
C ASN A 195 14.22 6.27 -21.85
N THR A 196 12.98 6.76 -21.81
CA THR A 196 12.40 7.20 -20.54
C THR A 196 12.28 6.04 -19.56
N PHE A 197 11.85 4.88 -20.06
CA PHE A 197 11.69 3.72 -19.17
C PHE A 197 13.03 3.29 -18.59
N LYS A 198 14.07 3.24 -19.42
CA LYS A 198 15.40 2.89 -18.90
C LYS A 198 15.87 3.93 -17.88
N LYS A 199 15.65 5.21 -18.18
CA LYS A 199 16.08 6.26 -17.26
C LYS A 199 15.42 6.10 -15.90
N LYS A 200 14.12 5.82 -15.89
CA LYS A 200 13.43 5.61 -14.63
C LYS A 200 13.90 4.35 -13.93
N LEU A 201 14.12 3.27 -14.69
CA LEU A 201 14.50 1.99 -14.08
C LEU A 201 15.88 2.06 -13.45
N LYS A 202 16.74 2.95 -13.94
CA LYS A 202 18.08 3.04 -13.38
C LYS A 202 18.11 3.49 -11.93
N LEU A 203 16.94 3.77 -11.33
CA LEU A 203 16.86 4.20 -9.94
C LEU A 203 16.58 3.04 -8.99
N TYR A 204 16.55 1.81 -9.49
CA TYR A 204 16.07 0.67 -8.73
C TYR A 204 17.06 -0.46 -8.79
N PRO A 205 17.03 -1.37 -7.81
CA PRO A 205 18.01 -2.47 -7.79
C PRO A 205 17.92 -3.35 -9.03
N VAL A 206 18.91 -4.25 -9.14
CA VAL A 206 19.16 -4.96 -10.40
C VAL A 206 18.02 -5.91 -10.76
N GLU A 207 17.38 -6.51 -9.75
CA GLU A 207 16.39 -7.55 -10.04
C GLU A 207 15.19 -6.99 -10.80
N ALA A 208 14.72 -5.80 -10.42
CA ALA A 208 13.56 -5.22 -11.10
C ALA A 208 13.85 -4.90 -12.56
N GLN A 209 15.12 -4.59 -12.86
CA GLN A 209 15.52 -4.31 -14.24
C GLN A 209 15.10 -5.45 -15.16
N ILE A 210 15.41 -6.68 -14.78
CA ILE A 210 15.14 -7.85 -15.60
C ILE A 210 13.66 -7.90 -15.95
N LEU A 211 12.81 -7.99 -14.93
CA LEU A 211 11.37 -8.16 -15.14
C LEU A 211 10.81 -7.03 -15.99
N TYR A 212 11.05 -5.79 -15.58
CA TYR A 212 10.34 -4.68 -16.22
C TYR A 212 10.89 -4.39 -17.61
N LEU A 213 12.20 -4.50 -17.80
CA LEU A 213 12.78 -4.38 -19.13
C LEU A 213 12.23 -5.45 -20.06
N GLU A 214 12.11 -6.69 -19.56
CA GLU A 214 11.52 -7.75 -20.35
C GLU A 214 10.11 -7.40 -20.80
N ILE A 215 9.28 -6.94 -19.86
CA ILE A 215 7.89 -6.65 -20.18
C ILE A 215 7.81 -5.56 -21.25
N ILE A 216 8.54 -4.47 -21.04
CA ILE A 216 8.43 -3.33 -21.96
C ILE A 216 8.97 -3.71 -23.35
N LEU A 217 10.10 -4.44 -23.39
CA LEU A 217 10.67 -4.81 -24.68
C LEU A 217 9.74 -5.74 -25.45
N GLU A 218 9.13 -6.70 -24.77
CA GLU A 218 8.18 -7.58 -25.46
C GLU A 218 6.99 -6.80 -25.98
N LYS A 219 6.46 -5.86 -25.18
CA LYS A 219 5.31 -5.09 -25.62
C LYS A 219 5.65 -4.27 -26.87
N VAL A 220 6.80 -3.60 -26.86
CA VAL A 220 7.14 -2.73 -27.99
C VAL A 220 7.45 -3.58 -29.23
N GLU A 221 8.08 -4.74 -29.04
CA GLU A 221 8.33 -5.62 -30.18
C GLU A 221 7.02 -6.10 -30.78
N ASP A 222 6.05 -6.45 -29.94
CA ASP A 222 4.76 -6.91 -30.44
C ASP A 222 4.04 -5.82 -31.22
N VAL A 223 4.02 -4.60 -30.68
CA VAL A 223 3.30 -3.53 -31.37
C VAL A 223 4.00 -3.17 -32.67
N ARG A 224 5.34 -3.20 -32.68
CA ARG A 224 6.08 -2.96 -33.91
C ARG A 224 5.76 -4.01 -34.96
N LYS A 225 5.69 -5.28 -34.55
CA LYS A 225 5.36 -6.35 -35.48
C LYS A 225 3.95 -6.17 -36.04
N HIS A 226 2.99 -5.80 -35.17
CA HIS A 226 1.63 -5.58 -35.63
C HIS A 226 1.58 -4.45 -36.67
N PHE A 227 2.25 -3.34 -36.40
CA PHE A 227 2.23 -2.22 -37.34
C PHE A 227 2.91 -2.61 -38.65
N PHE A 228 4.01 -3.34 -38.57
CA PHE A 228 4.76 -3.70 -39.78
C PHE A 228 3.98 -4.68 -40.64
N GLU A 229 3.21 -5.56 -40.00
CA GLU A 229 2.29 -6.41 -40.75
C GLU A 229 1.16 -5.60 -41.35
N LYS A 230 0.71 -4.55 -40.63
CA LYS A 230 -0.40 -3.75 -41.12
C LYS A 230 -0.02 -3.01 -42.39
N TYR A 231 1.09 -2.26 -42.37
CA TYR A 231 1.34 -1.33 -43.46
C TYR A 231 1.76 -2.05 -44.73
N PHE A 232 2.29 -3.27 -44.58
CA PHE A 232 2.68 -4.07 -45.73
C PHE A 232 1.46 -4.50 -46.54
N ASN B 25 -22.62 -37.82 -42.03
CA ASN B 25 -21.27 -38.37 -41.91
C ASN B 25 -20.40 -37.48 -41.05
N PRO B 26 -19.65 -38.09 -40.11
CA PRO B 26 -18.87 -37.28 -39.16
C PRO B 26 -17.84 -36.37 -39.82
N LEU B 27 -17.23 -36.79 -40.92
CA LEU B 27 -16.18 -36.00 -41.55
C LEU B 27 -16.73 -34.67 -42.07
N GLU B 28 -17.91 -34.70 -42.69
CA GLU B 28 -18.52 -33.47 -43.17
C GLU B 28 -18.85 -32.53 -42.03
N LEU B 29 -19.35 -33.08 -40.91
CA LEU B 29 -19.63 -32.26 -39.75
C LEU B 29 -18.36 -31.61 -39.20
N ALA B 30 -17.27 -32.38 -39.14
CA ALA B 30 -16.01 -31.81 -38.68
C ALA B 30 -15.54 -30.70 -39.60
N LEU B 31 -15.64 -30.90 -40.92
CA LEU B 31 -15.22 -29.87 -41.85
C LEU B 31 -16.06 -28.61 -41.71
N GLU B 32 -17.38 -28.75 -41.62
CA GLU B 32 -18.24 -27.57 -41.51
C GLU B 32 -18.00 -26.83 -40.20
N LEU B 33 -17.76 -27.58 -39.12
CA LEU B 33 -17.40 -26.95 -37.86
C LEU B 33 -16.08 -26.18 -37.99
N LYS B 34 -15.10 -26.77 -38.69
CA LYS B 34 -13.84 -26.08 -38.93
C LYS B 34 -14.06 -24.75 -39.65
N GLU B 35 -14.84 -24.78 -40.74
CA GLU B 35 -15.08 -23.54 -41.48
C GLU B 35 -15.82 -22.52 -40.63
N LYS B 36 -16.83 -22.96 -39.88
CA LYS B 36 -17.57 -22.04 -39.03
C LYS B 36 -16.63 -21.38 -38.02
N VAL B 37 -15.73 -22.16 -37.43
CA VAL B 37 -14.82 -21.62 -36.43
C VAL B 37 -13.85 -20.64 -37.07
N GLU B 38 -13.36 -20.94 -38.28
CA GLU B 38 -12.45 -20.00 -38.94
C GLU B 38 -13.14 -18.68 -39.24
N LYS B 39 -14.37 -18.73 -39.74
CA LYS B 39 -15.10 -17.48 -40.00
C LYS B 39 -15.36 -16.72 -38.70
N ALA B 40 -15.71 -17.43 -37.63
CA ALA B 40 -15.95 -16.78 -36.35
C ALA B 40 -14.68 -16.10 -35.83
N ILE B 41 -13.55 -16.79 -35.94
CA ILE B 41 -12.28 -16.22 -35.48
C ILE B 41 -11.95 -14.97 -36.29
N LYS B 42 -12.12 -15.05 -37.61
CA LYS B 42 -11.87 -13.89 -38.46
C LYS B 42 -12.74 -12.72 -38.06
N GLU B 43 -14.04 -12.98 -37.87
CA GLU B 43 -14.97 -11.92 -37.47
C GLU B 43 -14.51 -11.28 -36.17
N ILE B 44 -14.25 -12.10 -35.15
CA ILE B 44 -13.90 -11.58 -33.83
C ILE B 44 -12.61 -10.77 -33.90
N LEU B 45 -11.67 -11.18 -34.75
CA LEU B 45 -10.40 -10.48 -34.84
C LEU B 45 -10.58 -9.07 -35.39
N GLU B 46 -11.51 -8.86 -36.33
CA GLU B 46 -11.72 -7.53 -36.88
C GLU B 46 -12.30 -6.55 -35.86
N ASN B 47 -12.80 -7.04 -34.72
CA ASN B 47 -13.35 -6.13 -33.73
C ASN B 47 -12.27 -5.24 -33.15
N PRO B 48 -12.52 -3.94 -33.00
CA PRO B 48 -11.47 -3.05 -32.48
C PRO B 48 -11.21 -3.21 -30.99
N ASN B 49 -12.27 -3.41 -30.20
CA ASN B 49 -12.12 -3.44 -28.75
C ASN B 49 -11.41 -4.73 -28.32
N ILE B 50 -10.41 -4.59 -27.45
CA ILE B 50 -9.63 -5.75 -27.01
C ILE B 50 -10.46 -6.65 -26.09
N GLU B 51 -11.13 -6.05 -25.11
CA GLU B 51 -11.89 -6.85 -24.15
C GLU B 51 -13.01 -7.62 -24.83
N THR B 52 -13.67 -7.00 -25.80
CA THR B 52 -14.68 -7.73 -26.57
C THR B 52 -14.05 -8.91 -27.31
N ARG B 53 -12.87 -8.72 -27.89
CA ARG B 53 -12.20 -9.82 -28.56
C ARG B 53 -11.94 -10.97 -27.58
N ILE B 54 -11.43 -10.66 -26.40
CA ILE B 54 -11.14 -11.70 -25.41
C ILE B 54 -12.40 -12.45 -25.02
N LEU B 55 -13.46 -11.70 -24.70
CA LEU B 55 -14.69 -12.34 -24.25
C LEU B 55 -15.31 -13.20 -25.35
N ARG B 56 -15.39 -12.67 -26.57
CA ARG B 56 -15.99 -13.45 -27.66
C ARG B 56 -15.14 -14.68 -27.98
N LEU B 57 -13.83 -14.58 -27.84
CA LEU B 57 -13.00 -15.78 -28.02
C LEU B 57 -13.32 -16.83 -26.96
N LYS B 58 -13.51 -16.40 -25.72
CA LYS B 58 -13.87 -17.37 -24.68
C LYS B 58 -15.21 -18.03 -24.96
N GLU B 59 -16.21 -17.25 -25.38
CA GLU B 59 -17.50 -17.84 -25.72
C GLU B 59 -17.39 -18.77 -26.92
N LEU B 60 -16.55 -18.40 -27.89
CA LEU B 60 -16.35 -19.28 -29.04
C LEU B 60 -15.72 -20.59 -28.61
N LEU B 61 -14.79 -20.55 -27.66
CA LEU B 61 -14.20 -21.79 -27.15
C LEU B 61 -15.26 -22.65 -26.48
N ASP B 62 -16.12 -22.05 -25.67
CA ASP B 62 -17.18 -22.82 -25.01
C ASP B 62 -18.14 -23.42 -26.03
N GLU B 63 -18.53 -22.64 -27.04
CA GLU B 63 -19.44 -23.13 -28.06
C GLU B 63 -18.78 -24.23 -28.89
N VAL B 64 -17.47 -24.12 -29.10
CA VAL B 64 -16.74 -25.18 -29.80
C VAL B 64 -16.78 -26.46 -28.99
N LEU B 65 -16.60 -26.36 -27.67
CA LEU B 65 -16.71 -27.53 -26.81
C LEU B 65 -18.07 -28.18 -26.94
N HIS B 66 -19.13 -27.37 -26.89
CA HIS B 66 -20.48 -27.91 -27.01
C HIS B 66 -20.71 -28.52 -28.38
N ALA B 67 -20.08 -27.97 -29.43
CA ALA B 67 -20.23 -28.51 -30.77
C ALA B 67 -19.54 -29.87 -30.90
N ILE B 68 -18.34 -30.00 -30.32
CA ILE B 68 -17.66 -31.30 -30.31
C ILE B 68 -18.47 -32.32 -29.53
N ALA B 69 -19.14 -31.87 -28.47
CA ALA B 69 -19.95 -32.79 -27.68
C ALA B 69 -21.01 -33.47 -28.53
N LEU B 70 -21.68 -32.72 -29.39
CA LEU B 70 -22.73 -33.30 -30.23
C LEU B 70 -22.15 -34.07 -31.40
N ILE B 71 -21.04 -33.62 -31.95
CA ILE B 71 -20.51 -34.21 -33.18
C ILE B 71 -20.04 -35.63 -32.91
N PRO B 72 -20.35 -36.60 -33.77
CA PRO B 72 -19.87 -37.97 -33.55
C PRO B 72 -18.35 -38.03 -33.54
N GLN B 73 -17.82 -38.90 -32.69
CA GLN B 73 -16.38 -38.97 -32.45
C GLN B 73 -15.84 -40.28 -33.00
N ASN B 74 -14.84 -40.18 -33.87
CA ASN B 74 -14.20 -41.37 -34.44
C ASN B 74 -12.78 -40.98 -34.85
N GLU B 75 -12.11 -41.86 -35.59
CA GLU B 75 -10.68 -41.72 -35.87
C GLU B 75 -10.36 -40.46 -36.66
N GLU B 76 -11.05 -40.23 -37.77
CA GLU B 76 -10.65 -39.15 -38.67
C GLU B 76 -11.03 -37.78 -38.12
N THR B 77 -12.12 -37.70 -37.35
CA THR B 77 -12.56 -36.41 -36.84
C THR B 77 -11.69 -35.92 -35.69
N ARG B 78 -11.07 -36.85 -34.95
CA ARG B 78 -10.28 -36.47 -33.77
C ARG B 78 -9.17 -35.48 -34.11
N PRO B 79 -8.31 -35.72 -35.11
CA PRO B 79 -7.28 -34.70 -35.41
C PRO B 79 -7.87 -33.37 -35.82
N ILE B 80 -8.96 -33.37 -36.58
CA ILE B 80 -9.55 -32.11 -37.04
C ILE B 80 -10.03 -31.29 -35.84
N LEU B 81 -10.71 -31.94 -34.89
CA LEU B 81 -11.16 -31.23 -33.70
C LEU B 81 -9.98 -30.73 -32.88
N VAL B 82 -8.91 -31.54 -32.78
CA VAL B 82 -7.75 -31.10 -32.03
C VAL B 82 -7.15 -29.85 -32.67
N ARG B 83 -7.01 -29.85 -34.00
CA ARG B 83 -6.48 -28.69 -34.69
C ARG B 83 -7.34 -27.46 -34.45
N VAL B 84 -8.66 -27.60 -34.56
CA VAL B 84 -9.52 -26.41 -34.46
C VAL B 84 -9.47 -25.84 -33.05
N VAL B 85 -9.44 -26.70 -32.03
CA VAL B 85 -9.33 -26.22 -30.66
C VAL B 85 -7.98 -25.55 -30.44
N VAL B 86 -6.93 -26.09 -31.05
CA VAL B 86 -5.59 -25.48 -30.92
C VAL B 86 -5.59 -24.09 -31.53
N GLU B 87 -6.19 -23.94 -32.71
CA GLU B 87 -6.24 -22.62 -33.34
C GLU B 87 -7.00 -21.63 -32.46
N VAL B 88 -8.14 -22.05 -31.91
CA VAL B 88 -8.91 -21.14 -31.07
C VAL B 88 -8.09 -20.71 -29.86
N MET B 89 -7.45 -21.67 -29.18
CA MET B 89 -6.72 -21.32 -27.97
C MET B 89 -5.50 -20.45 -28.28
N GLU B 90 -4.81 -20.74 -29.38
CA GLU B 90 -3.66 -19.91 -29.76
C GLU B 90 -4.09 -18.49 -30.08
N ALA B 91 -5.20 -18.34 -30.81
CA ALA B 91 -5.70 -17.00 -31.12
C ALA B 91 -6.07 -16.26 -29.83
N LEU B 92 -6.69 -16.96 -28.89
CA LEU B 92 -7.04 -16.32 -27.62
C LEU B 92 -5.80 -15.90 -26.84
N LEU B 93 -4.77 -16.74 -26.81
CA LEU B 93 -3.54 -16.37 -26.12
C LEU B 93 -2.91 -15.14 -26.75
N HIS B 94 -2.84 -15.10 -28.08
CA HIS B 94 -2.26 -13.93 -28.75
C HIS B 94 -3.07 -12.68 -28.47
N ALA B 95 -4.40 -12.79 -28.51
CA ALA B 95 -5.25 -11.63 -28.25
C ALA B 95 -5.09 -11.12 -26.83
N VAL B 96 -4.98 -12.05 -25.87
CA VAL B 96 -4.83 -11.69 -24.47
C VAL B 96 -3.49 -11.00 -24.25
N LEU B 97 -2.46 -11.45 -24.98
CA LEU B 97 -1.15 -10.83 -24.88
C LEU B 97 -1.10 -9.40 -25.39
N ASP B 98 -2.13 -8.95 -26.11
CA ASP B 98 -2.07 -7.61 -26.72
C ASP B 98 -2.35 -6.52 -25.70
N GLY B 99 -3.53 -6.52 -25.11
CA GLY B 99 -3.89 -5.47 -24.17
C GLY B 99 -4.93 -5.92 -23.17
N GLY B 100 -5.11 -5.08 -22.15
CA GLY B 100 -6.07 -5.37 -21.10
C GLY B 100 -5.46 -5.37 -19.72
N GLU B 101 -6.30 -5.26 -18.69
CA GLU B 101 -5.81 -5.32 -17.33
C GLU B 101 -5.27 -6.72 -17.04
N PRO B 102 -4.09 -6.82 -16.41
CA PRO B 102 -3.45 -8.14 -16.25
C PRO B 102 -4.31 -9.16 -15.51
N LEU B 103 -4.94 -8.77 -14.40
CA LEU B 103 -5.64 -9.76 -13.58
C LEU B 103 -6.88 -10.30 -14.29
N LEU B 104 -7.62 -9.44 -15.00
CA LEU B 104 -8.77 -9.90 -15.75
C LEU B 104 -8.35 -10.88 -16.85
N ASN B 105 -7.26 -10.56 -17.55
CA ASN B 105 -6.74 -11.46 -18.57
C ASN B 105 -6.33 -12.80 -17.97
N LEU B 106 -5.71 -12.76 -16.78
CA LEU B 106 -5.30 -14.01 -16.14
C LEU B 106 -6.50 -14.87 -15.77
N LYS B 107 -7.55 -14.25 -15.23
CA LYS B 107 -8.73 -15.02 -14.86
C LYS B 107 -9.42 -15.60 -16.09
N VAL B 108 -9.53 -14.82 -17.17
CA VAL B 108 -10.10 -15.35 -18.41
C VAL B 108 -9.25 -16.49 -18.94
N LEU B 109 -7.93 -16.35 -18.83
CA LEU B 109 -7.02 -17.41 -19.27
C LEU B 109 -7.26 -18.70 -18.49
N LEU B 110 -7.43 -18.57 -17.17
CA LEU B 110 -7.67 -19.76 -16.35
C LEU B 110 -8.98 -20.44 -16.74
N GLU B 111 -10.04 -19.65 -16.91
CA GLU B 111 -11.33 -20.25 -17.29
C GLU B 111 -11.24 -20.92 -18.65
N ALA B 112 -10.61 -20.25 -19.62
CA ALA B 112 -10.49 -20.83 -20.95
C ALA B 112 -9.62 -22.07 -20.94
N PHE B 113 -8.61 -22.10 -20.08
CA PHE B 113 -7.74 -23.28 -20.02
C PHE B 113 -8.46 -24.45 -19.39
N LYS B 114 -9.32 -24.19 -18.40
CA LYS B 114 -10.19 -25.25 -17.89
C LYS B 114 -11.09 -25.80 -18.99
N THR B 115 -11.68 -24.91 -19.78
CA THR B 115 -12.49 -25.35 -20.91
C THR B 115 -11.65 -26.16 -21.90
N PHE B 116 -10.39 -25.76 -22.09
CA PHE B 116 -9.49 -26.47 -22.98
C PHE B 116 -9.24 -27.90 -22.49
N ILE B 117 -9.01 -28.05 -21.18
CA ILE B 117 -8.84 -29.39 -20.62
C ILE B 117 -10.09 -30.23 -20.84
N ALA B 118 -11.26 -29.63 -20.59
CA ALA B 118 -12.50 -30.38 -20.78
C ALA B 118 -12.68 -30.81 -22.22
N ALA B 119 -12.37 -29.92 -23.18
CA ALA B 119 -12.48 -30.26 -24.58
C ALA B 119 -11.52 -31.37 -24.95
N LEU B 120 -10.28 -31.30 -24.47
CA LEU B 120 -9.31 -32.35 -24.79
C LEU B 120 -9.74 -33.68 -24.21
N LYS B 121 -10.29 -33.69 -22.99
CA LYS B 121 -10.79 -34.93 -22.40
C LYS B 121 -11.92 -35.50 -23.23
N THR B 122 -12.84 -34.65 -23.69
CA THR B 122 -13.95 -35.12 -24.49
C THR B 122 -13.47 -35.70 -25.82
N ILE B 123 -12.54 -35.01 -26.48
CA ILE B 123 -12.10 -35.43 -27.81
C ILE B 123 -11.37 -36.75 -27.77
N GLY B 124 -10.39 -36.89 -26.86
CA GLY B 124 -9.56 -38.07 -26.82
C GLY B 124 -8.33 -37.93 -27.70
N PHE B 125 -7.25 -38.62 -27.34
CA PHE B 125 -5.99 -38.53 -28.09
C PHE B 125 -5.47 -39.91 -28.40
N SER B 126 -5.17 -40.15 -29.68
CA SER B 126 -4.59 -41.42 -30.11
C SER B 126 -3.23 -41.21 -30.78
N THR B 127 -3.17 -40.29 -31.73
CA THR B 127 -1.95 -40.12 -32.51
C THR B 127 -0.95 -39.24 -31.77
N GLU B 128 0.34 -39.39 -32.12
CA GLU B 128 1.39 -38.65 -31.45
C GLU B 128 1.36 -37.18 -31.82
N GLU B 129 0.97 -36.83 -33.05
CA GLU B 129 0.99 -35.45 -33.48
C GLU B 129 0.06 -34.59 -32.63
N GLU B 130 -1.13 -35.11 -32.33
CA GLU B 130 -2.06 -34.37 -31.48
C GLU B 130 -1.49 -34.19 -30.09
N ARG B 131 -0.82 -35.22 -29.57
CA ARG B 131 -0.18 -35.10 -28.26
C ARG B 131 0.87 -34.00 -28.26
N LEU B 132 1.73 -33.97 -29.27
CA LEU B 132 2.77 -32.94 -29.33
C LEU B 132 2.15 -31.56 -29.45
N GLU B 133 1.07 -31.44 -30.23
CA GLU B 133 0.41 -30.15 -30.36
C GLU B 133 -0.18 -29.69 -29.03
N ALA B 134 -0.81 -30.61 -28.29
CA ALA B 134 -1.37 -30.25 -26.99
C ALA B 134 -0.27 -29.84 -26.01
N TYR B 135 0.85 -30.56 -26.02
CA TYR B 135 1.97 -30.20 -25.15
C TYR B 135 2.54 -28.83 -25.51
N ARG B 136 2.65 -28.54 -26.81
CA ARG B 136 3.11 -27.22 -27.24
C ARG B 136 2.16 -26.13 -26.78
N VAL B 137 0.86 -26.36 -26.89
CA VAL B 137 -0.12 -25.37 -26.45
C VAL B 137 -0.01 -25.17 -24.94
N LEU B 138 0.21 -26.24 -24.19
CA LEU B 138 0.38 -26.12 -22.74
C LEU B 138 1.61 -25.28 -22.41
N THR B 139 2.72 -25.52 -23.12
CA THR B 139 3.93 -24.73 -22.88
C THR B 139 3.69 -23.26 -23.18
N LEU B 140 3.00 -22.97 -24.29
CA LEU B 140 2.68 -21.59 -24.63
C LEU B 140 1.82 -20.94 -23.56
N PHE B 141 0.82 -21.68 -23.06
CA PHE B 141 -0.04 -21.16 -22.01
C PHE B 141 0.75 -20.84 -20.75
N VAL B 142 1.64 -21.75 -20.35
CA VAL B 142 2.41 -21.54 -19.13
C VAL B 142 3.30 -20.30 -19.26
N HIS B 143 3.99 -20.18 -20.39
CA HIS B 143 4.87 -19.04 -20.59
C HIS B 143 4.10 -17.73 -20.61
N THR B 144 2.95 -17.71 -21.32
CA THR B 144 2.16 -16.49 -21.39
C THR B 144 1.60 -16.11 -20.02
N PHE B 145 1.12 -17.10 -19.27
CA PHE B 145 0.58 -16.83 -17.94
C PHE B 145 1.65 -16.25 -17.03
N ILE B 146 2.86 -16.84 -17.06
CA ILE B 146 3.95 -16.32 -16.24
C ILE B 146 4.27 -14.88 -16.63
N PHE B 147 4.39 -14.63 -17.93
CA PHE B 147 4.76 -13.30 -18.40
C PHE B 147 3.74 -12.26 -17.99
N ILE B 148 2.46 -12.58 -18.11
CA ILE B 148 1.42 -11.62 -17.76
C ILE B 148 1.37 -11.41 -16.26
N SER B 149 1.49 -12.49 -15.49
CA SER B 149 1.34 -12.39 -14.04
C SER B 149 2.57 -11.78 -13.39
N ARG B 150 3.64 -11.57 -14.16
CA ARG B 150 4.82 -10.90 -13.62
C ARG B 150 4.52 -9.56 -12.96
N THR B 151 3.56 -8.81 -13.50
CA THR B 151 3.40 -7.41 -13.09
C THR B 151 2.57 -7.24 -11.81
N LEU B 152 1.96 -8.31 -11.31
CA LEU B 152 1.08 -8.18 -10.15
C LEU B 152 1.86 -7.95 -8.86
N ASN B 153 1.12 -7.73 -7.78
CA ASN B 153 1.71 -7.67 -6.45
C ASN B 153 1.83 -9.08 -5.87
N LEU B 154 2.25 -9.16 -4.60
CA LEU B 154 2.64 -10.44 -4.02
C LEU B 154 1.46 -11.40 -3.88
N GLU B 155 0.36 -10.92 -3.28
CA GLU B 155 -0.72 -11.84 -2.90
C GLU B 155 -1.42 -12.40 -4.13
N GLU B 156 -1.78 -11.54 -5.08
CA GLU B 156 -2.40 -12.02 -6.31
C GLU B 156 -1.42 -12.89 -7.09
N PHE B 157 -0.12 -12.57 -7.04
CA PHE B 157 0.89 -13.41 -7.67
C PHE B 157 0.83 -14.82 -7.12
N LEU B 158 0.86 -14.96 -5.79
CA LEU B 158 0.80 -16.28 -5.18
C LEU B 158 -0.50 -17.00 -5.55
N LYS B 159 -1.62 -16.29 -5.50
CA LYS B 159 -2.89 -16.93 -5.78
C LYS B 159 -2.92 -17.48 -7.21
N VAL B 160 -2.53 -16.65 -8.18
CA VAL B 160 -2.59 -17.09 -9.58
C VAL B 160 -1.57 -18.20 -9.83
N LEU B 161 -0.41 -18.14 -9.18
CA LEU B 161 0.57 -19.21 -9.38
C LEU B 161 0.06 -20.54 -8.82
N LEU B 162 -0.58 -20.52 -7.65
CA LEU B 162 -1.12 -21.76 -7.11
C LEU B 162 -2.22 -22.32 -8.02
N GLU B 163 -3.10 -21.46 -8.52
CA GLU B 163 -4.11 -21.94 -9.46
C GLU B 163 -3.46 -22.49 -10.72
N LEU B 164 -2.40 -21.85 -11.20
CA LEU B 164 -1.71 -22.34 -12.39
C LEU B 164 -1.12 -23.72 -12.15
N ILE B 165 -0.53 -23.94 -10.98
CA ILE B 165 0.05 -25.25 -10.67
C ILE B 165 -1.05 -26.31 -10.61
N GLU B 166 -2.18 -25.98 -9.97
CA GLU B 166 -3.27 -26.94 -9.88
C GLU B 166 -3.81 -27.31 -11.27
N LEU B 167 -4.03 -26.30 -12.12
CA LEU B 167 -4.51 -26.60 -13.48
C LEU B 167 -3.45 -27.33 -14.29
N LEU B 168 -2.17 -27.09 -14.02
CA LEU B 168 -1.12 -27.86 -14.67
C LEU B 168 -1.25 -29.34 -14.32
N GLU B 169 -1.48 -29.62 -13.04
CA GLU B 169 -1.64 -31.00 -12.61
C GLU B 169 -2.87 -31.62 -13.28
N GLU B 170 -3.97 -30.86 -13.35
CA GLU B 170 -5.17 -31.38 -13.99
C GLU B 170 -4.93 -31.71 -15.45
N PHE B 171 -4.27 -30.79 -16.19
CA PHE B 171 -4.01 -31.06 -17.59
C PHE B 171 -3.11 -32.28 -17.77
N PHE B 172 -2.07 -32.40 -16.97
CA PHE B 172 -1.19 -33.54 -17.08
C PHE B 172 -1.86 -34.84 -16.67
N LEU B 173 -2.94 -34.77 -15.89
CA LEU B 173 -3.79 -35.92 -15.65
C LEU B 173 -4.84 -36.13 -16.73
N ALA B 174 -5.05 -35.17 -17.63
CA ALA B 174 -6.08 -35.25 -18.64
C ALA B 174 -5.65 -35.97 -19.91
N VAL B 175 -4.45 -35.68 -20.42
CA VAL B 175 -4.00 -36.19 -21.71
C VAL B 175 -3.18 -37.45 -21.47
N PRO B 176 -3.58 -38.61 -21.97
CA PRO B 176 -2.78 -39.83 -21.79
C PRO B 176 -1.64 -39.91 -22.78
N GLY B 177 -0.59 -40.62 -22.37
CA GLY B 177 0.58 -40.80 -23.19
C GLY B 177 1.73 -41.45 -22.44
N PRO B 178 2.91 -41.47 -23.08
CA PRO B 178 4.09 -42.04 -22.41
C PRO B 178 4.45 -41.26 -21.16
N PRO B 179 4.99 -41.93 -20.14
CA PRO B 179 5.21 -41.24 -18.86
C PRO B 179 6.50 -40.44 -18.81
N GLU B 180 7.48 -40.75 -19.65
CA GLU B 180 8.76 -40.04 -19.58
C GLU B 180 8.60 -38.57 -19.97
N GLN B 181 7.92 -38.31 -21.08
CA GLN B 181 7.67 -36.92 -21.47
C GLN B 181 6.77 -36.25 -20.44
N ARG B 182 5.78 -36.97 -19.93
CA ARG B 182 4.93 -36.46 -18.86
C ARG B 182 5.73 -35.99 -17.66
N ARG B 183 6.78 -36.72 -17.27
CA ARG B 183 7.63 -36.32 -16.17
C ARG B 183 8.53 -35.13 -16.54
N VAL B 184 9.16 -35.20 -17.71
CA VAL B 184 10.14 -34.18 -18.08
C VAL B 184 9.47 -32.81 -18.23
N LEU B 185 8.33 -32.78 -18.94
CA LEU B 185 7.65 -31.51 -19.13
C LEU B 185 7.15 -30.93 -17.82
N PHE B 186 6.62 -31.79 -16.94
CA PHE B 186 6.17 -31.31 -15.65
C PHE B 186 7.32 -30.71 -14.85
N GLU B 187 8.47 -31.38 -14.83
CA GLU B 187 9.61 -30.85 -14.10
C GLU B 187 10.06 -29.52 -14.69
N SER B 188 10.11 -29.42 -16.02
CA SER B 188 10.56 -28.18 -16.64
C SER B 188 9.61 -27.03 -16.34
N LEU B 189 8.30 -27.28 -16.40
CA LEU B 189 7.33 -26.22 -16.13
C LEU B 189 7.37 -25.79 -14.67
N LEU B 190 7.50 -26.74 -13.75
CA LEU B 190 7.62 -26.38 -12.34
C LEU B 190 8.88 -25.57 -12.09
N GLN B 191 9.98 -25.93 -12.77
CA GLN B 191 11.20 -25.15 -12.65
C GLN B 191 11.00 -23.73 -13.17
N ASP B 192 10.29 -23.58 -14.29
CA ASP B 192 10.00 -22.25 -14.81
C ASP B 192 9.23 -21.42 -13.80
N ILE B 193 8.20 -22.01 -13.19
CA ILE B 193 7.38 -21.30 -12.22
C ILE B 193 8.23 -20.91 -11.01
N LEU B 194 9.08 -21.82 -10.54
CA LEU B 194 9.93 -21.52 -9.38
C LEU B 194 10.91 -20.39 -9.69
N ASN B 195 11.52 -20.42 -10.87
CA ASN B 195 12.45 -19.35 -11.24
C ASN B 195 11.73 -18.01 -11.30
N THR B 196 10.54 -17.97 -11.88
CA THR B 196 9.79 -16.72 -11.94
C THR B 196 9.44 -16.23 -10.54
N PHE B 197 9.03 -17.14 -9.66
CA PHE B 197 8.67 -16.74 -8.29
C PHE B 197 9.87 -16.18 -7.55
N LYS B 198 11.03 -16.82 -7.69
CA LYS B 198 12.24 -16.29 -7.05
C LYS B 198 12.60 -14.92 -7.61
N LYS B 199 12.51 -14.77 -8.93
CA LYS B 199 12.84 -13.50 -9.57
C LYS B 199 11.96 -12.39 -9.03
N LYS B 200 10.66 -12.65 -8.90
CA LYS B 200 9.75 -11.64 -8.36
C LYS B 200 10.04 -11.36 -6.88
N LEU B 201 10.35 -12.42 -6.12
CA LEU B 201 10.56 -12.24 -4.69
C LEU B 201 11.82 -11.45 -4.39
N LYS B 202 12.79 -11.48 -5.30
CA LYS B 202 14.06 -10.79 -5.04
C LYS B 202 13.93 -9.26 -4.95
N LEU B 203 12.73 -8.72 -5.16
CA LEU B 203 12.52 -7.28 -5.08
C LEU B 203 12.08 -6.82 -3.69
N TYR B 204 11.94 -7.75 -2.75
CA TYR B 204 11.23 -7.51 -1.51
C TYR B 204 12.11 -7.87 -0.32
N PRO B 205 11.82 -7.30 0.86
CA PRO B 205 12.68 -7.54 2.02
C PRO B 205 12.76 -9.00 2.41
N VAL B 206 13.68 -9.29 3.34
CA VAL B 206 14.07 -10.68 3.62
C VAL B 206 12.94 -11.46 4.27
N GLU B 207 12.08 -10.80 5.03
CA GLU B 207 11.04 -11.53 5.77
C GLU B 207 10.07 -12.23 4.83
N ALA B 208 9.70 -11.56 3.72
CA ALA B 208 8.76 -12.17 2.79
C ALA B 208 9.33 -13.42 2.15
N GLN B 209 10.66 -13.46 1.98
CA GLN B 209 11.30 -14.60 1.36
C GLN B 209 10.93 -15.90 2.07
N ILE B 210 11.12 -15.93 3.39
CA ILE B 210 10.87 -17.14 4.18
C ILE B 210 9.46 -17.64 3.94
N LEU B 211 8.47 -16.80 4.26
CA LEU B 211 7.07 -17.20 4.18
C LEU B 211 6.71 -17.68 2.78
N TYR B 212 6.87 -16.81 1.78
CA TYR B 212 6.31 -17.13 0.48
C TYR B 212 7.11 -18.20 -0.23
N LEU B 213 8.43 -18.22 -0.07
CA LEU B 213 9.25 -19.30 -0.59
C LEU B 213 8.81 -20.63 0.00
N GLU B 214 8.55 -20.67 1.30
CA GLU B 214 8.08 -21.91 1.91
C GLU B 214 6.75 -22.35 1.32
N ILE B 215 5.82 -21.41 1.16
CA ILE B 215 4.51 -21.77 0.63
C ILE B 215 4.64 -22.40 -0.75
N ILE B 216 5.40 -21.73 -1.63
CA ILE B 216 5.50 -22.21 -3.01
C ILE B 216 6.25 -23.54 -3.06
N LEU B 217 7.32 -23.69 -2.27
CA LEU B 217 8.07 -24.94 -2.30
C LEU B 217 7.23 -26.10 -1.79
N GLU B 218 6.47 -25.90 -0.73
CA GLU B 218 5.61 -26.96 -0.23
C GLU B 218 4.55 -27.34 -1.27
N LYS B 219 3.96 -26.35 -1.93
CA LYS B 219 2.94 -26.64 -2.93
C LYS B 219 3.52 -27.46 -4.08
N VAL B 220 4.69 -27.07 -4.58
CA VAL B 220 5.26 -27.78 -5.72
C VAL B 220 5.71 -29.18 -5.31
N GLU B 221 6.23 -29.32 -4.10
CA GLU B 221 6.60 -30.65 -3.63
C GLU B 221 5.38 -31.56 -3.54
N ASP B 222 4.27 -31.02 -3.02
CA ASP B 222 3.05 -31.83 -2.89
C ASP B 222 2.54 -32.26 -4.26
N VAL B 223 2.50 -31.33 -5.22
CA VAL B 223 1.95 -31.69 -6.53
C VAL B 223 2.88 -32.68 -7.23
N ARG B 224 4.20 -32.53 -7.06
CA ARG B 224 5.14 -33.49 -7.63
C ARG B 224 4.92 -34.88 -7.03
N LYS B 225 4.73 -34.95 -5.72
CA LYS B 225 4.48 -36.23 -5.08
C LYS B 225 3.19 -36.86 -5.59
N HIS B 226 2.14 -36.06 -5.75
CA HIS B 226 0.88 -36.59 -6.26
C HIS B 226 1.06 -37.16 -7.67
N PHE B 227 1.75 -36.41 -8.54
CA PHE B 227 1.96 -36.90 -9.91
C PHE B 227 2.79 -38.17 -9.92
N PHE B 228 3.85 -38.21 -9.11
CA PHE B 228 4.75 -39.36 -9.12
C PHE B 228 4.07 -40.59 -8.54
N GLU B 229 3.14 -40.39 -7.60
CA GLU B 229 2.32 -41.51 -7.16
C GLU B 229 1.33 -41.93 -8.23
N LYS B 230 0.84 -40.97 -9.02
CA LYS B 230 -0.13 -41.29 -10.05
C LYS B 230 0.48 -42.17 -11.14
N TYR B 231 1.62 -41.75 -11.69
CA TYR B 231 2.09 -42.40 -12.91
C TYR B 231 2.67 -43.77 -12.61
N PHE B 232 3.09 -43.99 -11.36
CA PHE B 232 3.63 -45.28 -10.95
C PHE B 232 2.54 -46.35 -10.96
N ASN C 25 -20.67 51.31 13.45
CA ASN C 25 -19.49 51.93 12.89
C ASN C 25 -18.38 50.90 12.66
N PRO C 26 -17.83 50.88 11.44
CA PRO C 26 -16.84 49.84 11.11
C PRO C 26 -15.62 49.81 12.01
N LEU C 27 -15.18 50.97 12.48
CA LEU C 27 -13.92 51.03 13.23
C LEU C 27 -14.04 50.30 14.56
N GLU C 28 -15.18 50.47 15.25
CA GLU C 28 -15.40 49.77 16.50
C GLU C 28 -15.46 48.26 16.28
N LEU C 29 -16.07 47.83 15.18
CA LEU C 29 -16.09 46.41 14.85
C LEU C 29 -14.68 45.89 14.61
N ALA C 30 -13.84 46.68 13.93
CA ALA C 30 -12.47 46.27 13.72
C ALA C 30 -11.72 46.11 15.04
N LEU C 31 -11.90 47.05 15.96
CA LEU C 31 -11.25 46.91 17.27
C LEU C 31 -11.75 45.70 18.04
N GLU C 32 -13.07 45.46 18.04
CA GLU C 32 -13.59 44.34 18.80
C GLU C 32 -13.12 43.01 18.21
N LEU C 33 -13.04 42.94 16.88
CA LEU C 33 -12.48 41.75 16.25
C LEU C 33 -11.02 41.57 16.61
N LYS C 34 -10.25 42.66 16.65
CA LYS C 34 -8.85 42.57 17.05
C LYS C 34 -8.72 42.02 18.46
N GLU C 35 -9.51 42.55 19.40
CA GLU C 35 -9.43 42.07 20.78
C GLU C 35 -9.84 40.61 20.88
N LYS C 36 -10.91 40.22 20.17
CA LYS C 36 -11.35 38.84 20.20
C LYS C 36 -10.26 37.91 19.69
N VAL C 37 -9.60 38.30 18.60
CA VAL C 37 -8.53 37.48 18.05
C VAL C 37 -7.35 37.41 19.01
N GLU C 38 -7.02 38.52 19.67
CA GLU C 38 -5.92 38.49 20.63
C GLU C 38 -6.20 37.53 21.78
N LYS C 39 -7.41 37.59 22.34
CA LYS C 39 -7.75 36.66 23.42
C LYS C 39 -7.77 35.22 22.92
N ALA C 40 -8.27 35.00 21.71
CA ALA C 40 -8.29 33.64 21.17
C ALA C 40 -6.88 33.09 20.99
N ILE C 41 -5.96 33.92 20.49
CA ILE C 41 -4.58 33.49 20.32
C ILE C 41 -3.95 33.19 21.68
N LYS C 42 -4.21 34.06 22.66
CA LYS C 42 -3.67 33.83 24.00
C LYS C 42 -4.18 32.52 24.59
N GLU C 43 -5.47 32.23 24.38
CA GLU C 43 -6.03 30.98 24.88
C GLU C 43 -5.42 29.77 24.18
N ILE C 44 -5.32 29.83 22.85
CA ILE C 44 -4.83 28.68 22.09
C ILE C 44 -3.37 28.39 22.43
N LEU C 45 -2.55 29.44 22.54
CA LEU C 45 -1.14 29.23 22.84
C LEU C 45 -0.93 28.57 24.19
N GLU C 46 -1.90 28.74 25.11
CA GLU C 46 -1.78 28.14 26.44
C GLU C 46 -1.87 26.62 26.39
N ASN C 47 -2.54 26.06 25.38
CA ASN C 47 -2.78 24.63 25.36
C ASN C 47 -1.46 23.87 25.24
N PRO C 48 -1.30 22.75 25.95
CA PRO C 48 -0.04 22.00 25.88
C PRO C 48 0.14 21.24 24.58
N ASN C 49 -0.94 20.67 24.03
CA ASN C 49 -0.83 19.83 22.85
C ASN C 49 -0.49 20.68 21.63
N ILE C 50 0.59 20.31 20.93
CA ILE C 50 1.03 21.09 19.78
C ILE C 50 0.07 20.93 18.61
N GLU C 51 -0.35 19.69 18.33
CA GLU C 51 -1.26 19.45 17.21
C GLU C 51 -2.58 20.17 17.43
N THR C 52 -3.07 20.17 18.67
CA THR C 52 -4.26 20.95 18.99
C THR C 52 -4.04 22.43 18.73
N ARG C 53 -2.87 22.95 19.10
CA ARG C 53 -2.56 24.34 18.83
C ARG C 53 -2.64 24.65 17.35
N ILE C 54 -2.04 23.78 16.53
CA ILE C 54 -2.04 24.01 15.08
C ILE C 54 -3.46 24.00 14.54
N LEU C 55 -4.26 23.01 14.95
CA LEU C 55 -5.62 22.90 14.41
C LEU C 55 -6.48 24.08 14.84
N ARG C 56 -6.41 24.49 16.11
CA ARG C 56 -7.21 25.62 16.55
C ARG C 56 -6.73 26.92 15.90
N LEU C 57 -5.44 27.04 15.62
CA LEU C 57 -4.97 28.23 14.90
C LEU C 57 -5.52 28.26 13.48
N LYS C 58 -5.56 27.12 12.80
CA LYS C 58 -6.13 27.09 11.46
C LYS C 58 -7.61 27.45 11.49
N GLU C 59 -8.35 26.89 12.46
CA GLU C 59 -9.76 27.22 12.58
C GLU C 59 -9.96 28.70 12.89
N LEU C 60 -9.09 29.26 13.73
CA LEU C 60 -9.16 30.69 14.04
C LEU C 60 -8.92 31.52 12.78
N LEU C 61 -7.98 31.09 11.93
CA LEU C 61 -7.75 31.81 10.68
C LEU C 61 -8.99 31.79 9.79
N ASP C 62 -9.63 30.62 9.68
CA ASP C 62 -10.85 30.53 8.87
C ASP C 62 -11.97 31.41 9.44
N GLU C 63 -12.13 31.37 10.76
CA GLU C 63 -13.17 32.19 11.40
C GLU C 63 -12.86 33.68 11.23
N VAL C 64 -11.58 34.04 11.26
CA VAL C 64 -11.18 35.42 11.03
C VAL C 64 -11.54 35.84 9.61
N LEU C 65 -11.30 34.95 8.64
CA LEU C 65 -11.70 35.24 7.26
C LEU C 65 -13.19 35.50 7.17
N HIS C 66 -13.98 34.63 7.79
CA HIS C 66 -15.44 34.82 7.76
C HIS C 66 -15.85 36.11 8.48
N ALA C 67 -15.09 36.49 9.51
CA ALA C 67 -15.39 37.72 10.24
C ALA C 67 -15.13 38.96 9.38
N ILE C 68 -14.01 38.96 8.64
CA ILE C 68 -13.76 40.06 7.72
C ILE C 68 -14.83 40.09 6.62
N ALA C 69 -15.28 38.91 6.21
CA ALA C 69 -16.31 38.84 5.18
C ALA C 69 -17.55 39.64 5.58
N LEU C 70 -17.90 39.61 6.87
CA LEU C 70 -19.11 40.29 7.31
C LEU C 70 -18.85 41.75 7.62
N ILE C 71 -17.67 42.07 8.16
CA ILE C 71 -17.42 43.45 8.61
C ILE C 71 -17.42 44.39 7.41
N PRO C 72 -17.98 45.60 7.54
CA PRO C 72 -17.85 46.58 6.45
C PRO C 72 -16.38 46.92 6.21
N GLN C 73 -16.04 47.13 4.94
CA GLN C 73 -14.68 47.35 4.51
C GLN C 73 -14.53 48.77 3.99
N ASN C 74 -13.55 49.50 4.53
CA ASN C 74 -13.27 50.86 4.10
C ASN C 74 -11.80 51.16 4.39
N GLU C 75 -11.42 52.43 4.36
CA GLU C 75 -10.03 52.84 4.50
C GLU C 75 -9.43 52.43 5.84
N GLU C 76 -10.02 52.92 6.95
CA GLU C 76 -9.36 52.79 8.24
C GLU C 76 -9.33 51.36 8.75
N THR C 77 -10.39 50.58 8.49
CA THR C 77 -10.45 49.22 9.01
C THR C 77 -9.49 48.30 8.27
N ARG C 78 -9.15 48.64 7.03
CA ARG C 78 -8.34 47.76 6.20
C ARG C 78 -6.98 47.43 6.82
N PRO C 79 -6.18 48.41 7.25
CA PRO C 79 -4.92 48.06 7.92
C PRO C 79 -5.12 47.26 9.20
N ILE C 80 -6.22 47.50 9.93
CA ILE C 80 -6.48 46.75 11.15
C ILE C 80 -6.67 45.27 10.83
N LEU C 81 -7.49 44.97 9.83
CA LEU C 81 -7.67 43.58 9.43
C LEU C 81 -6.37 42.98 8.91
N VAL C 82 -5.59 43.76 8.16
CA VAL C 82 -4.33 43.24 7.63
C VAL C 82 -3.40 42.85 8.77
N ARG C 83 -3.26 43.74 9.77
CA ARG C 83 -2.40 43.42 10.90
C ARG C 83 -2.90 42.20 11.66
N VAL C 84 -4.21 42.11 11.90
CA VAL C 84 -4.69 40.98 12.71
C VAL C 84 -4.46 39.67 11.98
N VAL C 85 -4.67 39.64 10.66
CA VAL C 85 -4.41 38.43 9.90
C VAL C 85 -2.93 38.10 9.93
N VAL C 86 -2.08 39.13 9.87
CA VAL C 86 -0.64 38.90 9.92
C VAL C 86 -0.23 38.28 11.25
N GLU C 87 -0.80 38.77 12.35
CA GLU C 87 -0.48 38.20 13.66
C GLU C 87 -0.92 36.74 13.72
N VAL C 88 -2.11 36.44 13.22
CA VAL C 88 -2.58 35.05 13.26
C VAL C 88 -1.65 34.15 12.46
N MET C 89 -1.28 34.58 11.25
CA MET C 89 -0.44 33.74 10.41
C MET C 89 0.96 33.56 11.01
N GLU C 90 1.52 34.63 11.57
CA GLU C 90 2.85 34.51 12.18
C GLU C 90 2.82 33.59 13.38
N ALA C 91 1.78 33.70 14.21
CA ALA C 91 1.64 32.80 15.35
C ALA C 91 1.54 31.35 14.89
N LEU C 92 0.76 31.11 13.82
CA LEU C 92 0.64 29.75 13.30
C LEU C 92 1.97 29.23 12.78
N LEU C 93 2.73 30.07 12.07
CA LEU C 93 4.03 29.63 11.58
C LEU C 93 4.95 29.27 12.74
N HIS C 94 5.00 30.10 13.77
CA HIS C 94 5.86 29.79 14.91
C HIS C 94 5.41 28.50 15.59
N ALA C 95 4.10 28.32 15.76
CA ALA C 95 3.60 27.11 16.41
C ALA C 95 3.92 25.86 15.60
N VAL C 96 3.81 25.95 14.27
CA VAL C 96 4.01 24.80 13.42
C VAL C 96 5.50 24.51 13.29
N LEU C 97 6.33 25.50 13.62
CA LEU C 97 7.77 25.29 13.67
C LEU C 97 8.22 24.53 14.91
N ASP C 98 7.36 24.41 15.93
CA ASP C 98 7.80 23.82 17.19
C ASP C 98 7.85 22.29 17.11
N GLY C 99 6.71 21.66 16.81
CA GLY C 99 6.67 20.21 16.80
C GLY C 99 5.56 19.67 15.92
N GLY C 100 5.67 18.38 15.63
CA GLY C 100 4.68 17.70 14.81
C GLY C 100 5.30 16.94 13.65
N GLU C 101 4.55 16.02 13.06
CA GLU C 101 5.04 15.30 11.89
C GLU C 101 5.16 16.26 10.71
N PRO C 102 6.29 16.22 10.00
CA PRO C 102 6.51 17.24 8.94
C PRO C 102 5.43 17.27 7.88
N LEU C 103 4.92 16.12 7.44
CA LEU C 103 3.95 16.12 6.36
C LEU C 103 2.64 16.77 6.76
N LEU C 104 2.14 16.44 7.97
CA LEU C 104 0.92 17.06 8.45
C LEU C 104 1.09 18.56 8.61
N ASN C 105 2.24 18.99 9.13
CA ASN C 105 2.52 20.41 9.27
C ASN C 105 2.51 21.11 7.92
N LEU C 106 3.13 20.48 6.91
CA LEU C 106 3.18 21.10 5.60
C LEU C 106 1.78 21.20 4.98
N LYS C 107 0.97 20.17 5.13
CA LYS C 107 -0.38 20.22 4.58
C LYS C 107 -1.22 21.30 5.26
N VAL C 108 -1.13 21.39 6.59
CA VAL C 108 -1.85 22.44 7.29
C VAL C 108 -1.34 23.81 6.88
N LEU C 109 -0.03 23.93 6.66
CA LEU C 109 0.54 25.19 6.20
C LEU C 109 -0.04 25.58 4.84
N LEU C 110 -0.15 24.61 3.94
CA LEU C 110 -0.69 24.90 2.61
C LEU C 110 -2.14 25.37 2.70
N GLU C 111 -2.96 24.68 3.49
CA GLU C 111 -4.35 25.10 3.64
C GLU C 111 -4.46 26.48 4.26
N ALA C 112 -3.66 26.75 5.30
CA ALA C 112 -3.68 28.06 5.94
C ALA C 112 -3.21 29.14 4.98
N PHE C 113 -2.23 28.83 4.13
CA PHE C 113 -1.77 29.82 3.16
C PHE C 113 -2.84 30.12 2.12
N LYS C 114 -3.60 29.11 1.70
CA LYS C 114 -4.73 29.36 0.81
C LYS C 114 -5.75 30.28 1.48
N THR C 115 -6.07 30.01 2.74
CA THR C 115 -6.99 30.89 3.47
C THR C 115 -6.42 32.30 3.61
N PHE C 116 -5.11 32.41 3.82
CA PHE C 116 -4.45 33.70 3.93
C PHE C 116 -4.58 34.49 2.64
N ILE C 117 -4.36 33.81 1.50
CA ILE C 117 -4.50 34.48 0.20
C ILE C 117 -5.93 34.95 0.00
N ALA C 118 -6.90 34.11 0.35
CA ALA C 118 -8.30 34.50 0.21
C ALA C 118 -8.62 35.73 1.07
N ALA C 119 -8.11 35.73 2.31
CA ALA C 119 -8.35 36.87 3.19
C ALA C 119 -7.71 38.14 2.63
N LEU C 120 -6.48 38.04 2.13
CA LEU C 120 -5.84 39.21 1.55
C LEU C 120 -6.61 39.71 0.34
N LYS C 121 -7.15 38.80 -0.47
CA LYS C 121 -7.93 39.20 -1.63
C LYS C 121 -9.18 39.96 -1.22
N THR C 122 -9.94 39.43 -0.25
CA THR C 122 -11.19 40.08 0.12
C THR C 122 -10.93 41.41 0.82
N ILE C 123 -9.86 41.48 1.62
CA ILE C 123 -9.56 42.75 2.29
C ILE C 123 -9.14 43.82 1.27
N GLY C 124 -8.23 43.47 0.36
CA GLY C 124 -7.68 44.45 -0.55
C GLY C 124 -6.62 45.30 0.10
N PHE C 125 -5.64 45.79 -0.66
CA PHE C 125 -4.55 46.61 -0.14
C PHE C 125 -4.54 47.97 -0.83
N SER C 126 -4.32 49.01 -0.04
CA SER C 126 -4.15 50.35 -0.58
C SER C 126 -2.80 50.94 -0.20
N THR C 127 -2.44 50.85 1.09
CA THR C 127 -1.22 51.48 1.56
C THR C 127 -0.01 50.60 1.31
N GLU C 128 1.18 51.21 1.30
CA GLU C 128 2.41 50.47 1.06
C GLU C 128 2.78 49.61 2.26
N GLU C 129 2.48 50.06 3.48
CA GLU C 129 2.86 49.32 4.68
C GLU C 129 2.22 47.93 4.70
N GLU C 130 0.96 47.86 4.30
CA GLU C 130 0.28 46.56 4.24
C GLU C 130 0.95 45.66 3.22
N ARG C 131 1.36 46.23 2.08
CA ARG C 131 2.07 45.45 1.08
C ARG C 131 3.37 44.89 1.64
N LEU C 132 4.14 45.73 2.33
CA LEU C 132 5.40 45.24 2.89
C LEU C 132 5.16 44.17 3.95
N GLU C 133 4.10 44.32 4.75
CA GLU C 133 3.78 43.29 5.74
C GLU C 133 3.45 41.97 5.07
N ALA C 134 2.63 42.02 4.02
CA ALA C 134 2.26 40.80 3.30
C ALA C 134 3.48 40.15 2.66
N TYR C 135 4.36 40.97 2.08
CA TYR C 135 5.58 40.44 1.46
C TYR C 135 6.48 39.79 2.48
N ARG C 136 6.63 40.40 3.65
CA ARG C 136 7.43 39.80 4.72
C ARG C 136 6.82 38.48 5.17
N VAL C 137 5.49 38.43 5.30
CA VAL C 137 4.82 37.20 5.69
C VAL C 137 5.05 36.11 4.66
N LEU C 138 4.99 36.47 3.38
CA LEU C 138 5.23 35.51 2.31
C LEU C 138 6.65 34.95 2.38
N THR C 139 7.64 35.83 2.59
CA THR C 139 9.02 35.37 2.70
C THR C 139 9.19 34.42 3.89
N LEU C 140 8.59 34.78 5.03
CA LEU C 140 8.66 33.91 6.20
C LEU C 140 8.02 32.56 5.93
N PHE C 141 6.88 32.56 5.26
CA PHE C 141 6.19 31.32 4.92
C PHE C 141 7.06 30.45 4.03
N VAL C 142 7.69 31.05 3.01
CA VAL C 142 8.50 30.27 2.08
C VAL C 142 9.69 29.65 2.80
N HIS C 143 10.37 30.45 3.63
CA HIS C 143 11.53 29.92 4.35
C HIS C 143 11.13 28.81 5.30
N THR C 144 10.03 28.99 6.03
CA THR C 144 9.58 27.97 6.97
C THR C 144 9.19 26.69 6.24
N PHE C 145 8.48 26.83 5.11
CA PHE C 145 8.05 25.66 4.35
C PHE C 145 9.25 24.87 3.84
N ILE C 146 10.25 25.57 3.30
CA ILE C 146 11.44 24.89 2.82
C ILE C 146 12.14 24.17 3.97
N PHE C 147 12.29 24.87 5.10
CA PHE C 147 13.00 24.29 6.23
C PHE C 147 12.32 23.03 6.73
N ILE C 148 10.98 23.07 6.84
CA ILE C 148 10.25 21.90 7.31
C ILE C 148 10.32 20.77 6.30
N SER C 149 10.18 21.10 5.01
CA SER C 149 10.09 20.06 3.98
C SER C 149 11.45 19.46 3.67
N ARG C 150 12.52 20.04 4.22
CA ARG C 150 13.86 19.47 4.03
C ARG C 150 13.96 17.99 4.41
N THR C 151 13.22 17.57 5.44
CA THR C 151 13.45 16.24 6.02
C THR C 151 12.77 15.12 5.25
N LEU C 152 11.86 15.43 4.33
CA LEU C 152 11.09 14.39 3.66
C LEU C 152 11.96 13.60 2.69
N ASN C 153 11.36 12.56 2.12
CA ASN C 153 11.99 11.81 1.04
C ASN C 153 11.73 12.51 -0.29
N LEU C 154 12.14 11.86 -1.38
CA LEU C 154 12.22 12.55 -2.67
C LEU C 154 10.84 12.89 -3.23
N GLU C 155 9.93 11.92 -3.25
CA GLU C 155 8.66 12.11 -3.97
C GLU C 155 7.78 13.14 -3.27
N GLU C 156 7.62 13.01 -1.94
CA GLU C 156 6.85 14.00 -1.20
C GLU C 156 7.52 15.36 -1.27
N PHE C 157 8.84 15.40 -1.29
CA PHE C 157 9.57 16.66 -1.46
C PHE C 157 9.15 17.34 -2.76
N LEU C 158 9.18 16.59 -3.87
CA LEU C 158 8.82 17.16 -5.15
C LEU C 158 7.36 17.63 -5.14
N LYS C 159 6.47 16.81 -4.58
CA LYS C 159 5.05 17.19 -4.58
C LYS C 159 4.82 18.48 -3.81
N VAL C 160 5.38 18.57 -2.59
CA VAL C 160 5.16 19.77 -1.79
C VAL C 160 5.83 20.98 -2.42
N LEU C 161 6.98 20.78 -3.06
CA LEU C 161 7.63 21.91 -3.73
C LEU C 161 6.79 22.43 -4.89
N LEU C 162 6.20 21.53 -5.68
CA LEU C 162 5.33 21.99 -6.77
C LEU C 162 4.12 22.73 -6.22
N GLU C 163 3.51 22.20 -5.15
CA GLU C 163 2.37 22.89 -4.56
C GLU C 163 2.77 24.28 -4.05
N LEU C 164 3.95 24.38 -3.44
CA LEU C 164 4.44 25.66 -2.95
C LEU C 164 4.63 26.65 -4.09
N ILE C 165 5.18 26.18 -5.22
CA ILE C 165 5.38 27.07 -6.36
C ILE C 165 4.05 27.57 -6.89
N GLU C 166 3.07 26.67 -7.02
CA GLU C 166 1.76 27.09 -7.49
C GLU C 166 1.12 28.11 -6.55
N LEU C 167 1.18 27.87 -5.24
CA LEU C 167 0.58 28.82 -4.31
C LEU C 167 1.34 30.14 -4.30
N LEU C 168 2.65 30.10 -4.54
CA LEU C 168 3.42 31.33 -4.68
C LEU C 168 2.91 32.14 -5.86
N GLU C 169 2.66 31.47 -6.98
CA GLU C 169 2.13 32.16 -8.16
C GLU C 169 0.77 32.77 -7.85
N GLU C 170 -0.09 32.01 -7.17
CA GLU C 170 -1.41 32.54 -6.81
C GLU C 170 -1.30 33.76 -5.91
N PHE C 171 -0.44 33.71 -4.91
CA PHE C 171 -0.28 34.86 -4.02
C PHE C 171 0.22 36.07 -4.78
N PHE C 172 1.21 35.90 -5.64
CA PHE C 172 1.71 37.03 -6.41
C PHE C 172 0.70 37.54 -7.44
N LEU C 173 -0.27 36.71 -7.81
CA LEU C 173 -1.41 37.20 -8.59
C LEU C 173 -2.49 37.84 -7.72
N ALA C 174 -2.46 37.66 -6.41
CA ALA C 174 -3.48 38.18 -5.52
C ALA C 174 -3.21 39.60 -5.04
N VAL C 175 -1.97 39.92 -4.68
CA VAL C 175 -1.63 41.21 -4.07
C VAL C 175 -1.19 42.14 -5.20
N PRO C 176 -1.91 43.22 -5.47
CA PRO C 176 -1.50 44.16 -6.52
C PRO C 176 -0.51 45.19 -6.01
N GLY C 177 0.34 45.66 -6.92
CA GLY C 177 1.33 46.66 -6.59
C GLY C 177 2.29 46.92 -7.74
N PRO C 178 3.35 47.68 -7.47
CA PRO C 178 4.37 47.93 -8.50
C PRO C 178 4.99 46.63 -8.98
N PRO C 179 5.33 46.54 -10.26
CA PRO C 179 5.78 45.25 -10.81
C PRO C 179 7.24 44.92 -10.54
N GLU C 180 8.06 45.93 -10.21
CA GLU C 180 9.49 45.66 -10.03
C GLU C 180 9.75 44.77 -8.82
N GLN C 181 9.17 45.13 -7.67
CA GLN C 181 9.30 44.26 -6.50
C GLN C 181 8.59 42.94 -6.72
N ARG C 182 7.45 42.97 -7.42
CA ARG C 182 6.74 41.77 -7.80
C ARG C 182 7.62 40.80 -8.57
N ARG C 183 8.54 41.30 -9.39
CA ARG C 183 9.48 40.47 -10.13
C ARG C 183 10.66 40.04 -9.27
N VAL C 184 11.23 40.96 -8.52
CA VAL C 184 12.43 40.67 -7.74
C VAL C 184 12.14 39.60 -6.69
N LEU C 185 11.03 39.74 -5.97
CA LEU C 185 10.72 38.74 -4.95
C LEU C 185 10.47 37.38 -5.56
N PHE C 186 9.75 37.34 -6.68
CA PHE C 186 9.49 36.05 -7.33
C PHE C 186 10.79 35.38 -7.74
N GLU C 187 11.71 36.14 -8.34
CA GLU C 187 12.99 35.58 -8.73
C GLU C 187 13.76 35.06 -7.51
N SER C 188 13.79 35.83 -6.43
CA SER C 188 14.54 35.43 -5.26
C SER C 188 13.96 34.16 -4.63
N LEU C 189 12.63 34.09 -4.54
CA LEU C 189 12.00 32.92 -3.92
C LEU C 189 12.18 31.68 -4.78
N LEU C 190 12.06 31.82 -6.10
CA LEU C 190 12.31 30.69 -6.97
C LEU C 190 13.76 30.22 -6.87
N GLN C 191 14.69 31.17 -6.73
CA GLN C 191 16.08 30.80 -6.53
C GLN C 191 16.27 30.04 -5.22
N ASP C 192 15.59 30.48 -4.16
CA ASP C 192 15.66 29.76 -2.89
C ASP C 192 15.18 28.32 -3.04
N ILE C 193 14.05 28.15 -3.73
CA ILE C 193 13.50 26.81 -3.92
C ILE C 193 14.46 25.95 -4.73
N LEU C 194 15.04 26.51 -5.79
CA LEU C 194 15.98 25.75 -6.61
C LEU C 194 17.21 25.35 -5.82
N ASN C 195 17.75 26.27 -5.01
CA ASN C 195 18.92 25.93 -4.20
C ASN C 195 18.61 24.82 -3.23
N THR C 196 17.45 24.88 -2.57
CA THR C 196 17.08 23.81 -1.65
C THR C 196 16.92 22.48 -2.38
N PHE C 197 16.29 22.50 -3.56
CA PHE C 197 16.08 21.27 -4.30
C PHE C 197 17.40 20.65 -4.74
N LYS C 198 18.33 21.47 -5.23
CA LYS C 198 19.64 20.96 -5.61
C LYS C 198 20.37 20.38 -4.39
N LYS C 199 20.31 21.10 -3.27
CA LYS C 199 20.99 20.64 -2.05
C LYS C 199 20.46 19.27 -1.63
N LYS C 200 19.14 19.08 -1.70
CA LYS C 200 18.57 17.78 -1.37
C LYS C 200 18.97 16.73 -2.40
N LEU C 201 18.97 17.09 -3.68
CA LEU C 201 19.24 16.10 -4.73
C LEU C 201 20.67 15.59 -4.68
N LYS C 202 21.60 16.41 -4.19
CA LYS C 202 23.00 15.98 -4.15
C LYS C 202 23.24 14.80 -3.21
N LEU C 203 22.17 14.28 -2.59
CA LEU C 203 22.27 13.13 -1.69
C LEU C 203 21.87 11.82 -2.36
N TYR C 204 21.67 11.83 -3.67
CA TYR C 204 21.11 10.69 -4.38
C TYR C 204 21.95 10.40 -5.62
N PRO C 205 21.90 9.16 -6.12
CA PRO C 205 22.72 8.80 -7.28
C PRO C 205 22.43 9.66 -8.50
N VAL C 206 23.30 9.53 -9.50
CA VAL C 206 23.33 10.47 -10.63
C VAL C 206 22.06 10.40 -11.45
N GLU C 207 21.42 9.24 -11.52
CA GLU C 207 20.25 9.07 -12.38
C GLU C 207 19.09 9.96 -11.94
N ALA C 208 18.84 10.02 -10.63
CA ALA C 208 17.70 10.80 -10.12
C ALA C 208 17.89 12.29 -10.41
N GLN C 209 19.15 12.73 -10.47
CA GLN C 209 19.43 14.14 -10.76
C GLN C 209 18.75 14.56 -12.05
N ILE C 210 18.94 13.80 -13.12
CA ILE C 210 18.43 14.15 -14.45
C ILE C 210 16.91 14.32 -14.38
N LEU C 211 16.22 13.27 -13.92
CA LEU C 211 14.76 13.29 -13.89
C LEU C 211 14.23 14.46 -13.08
N TYR C 212 14.60 14.51 -11.80
CA TYR C 212 13.94 15.48 -10.92
C TYR C 212 14.39 16.90 -11.21
N LEU C 213 15.65 17.10 -11.59
CA LEU C 213 16.12 18.40 -12.01
C LEU C 213 15.33 18.89 -13.23
N GLU C 214 15.11 18.00 -14.21
CA GLU C 214 14.32 18.36 -15.37
C GLU C 214 12.91 18.78 -14.96
N ILE C 215 12.27 18.01 -14.09
CA ILE C 215 10.91 18.33 -13.70
C ILE C 215 10.84 19.71 -13.04
N ILE C 216 11.74 19.94 -12.08
CA ILE C 216 11.67 21.19 -11.32
C ILE C 216 12.00 22.38 -12.22
N LEU C 217 13.00 22.24 -13.10
CA LEU C 217 13.38 23.34 -13.97
C LEU C 217 12.26 23.68 -14.95
N GLU C 218 11.60 22.66 -15.51
CA GLU C 218 10.50 22.93 -16.43
C GLU C 218 9.36 23.62 -15.70
N LYS C 219 9.01 23.17 -14.50
CA LYS C 219 7.94 23.82 -13.75
C LYS C 219 8.26 25.27 -13.45
N VAL C 220 9.49 25.53 -13.04
CA VAL C 220 9.89 26.89 -12.68
C VAL C 220 9.88 27.80 -13.91
N GLU C 221 10.40 27.29 -15.04
CA GLU C 221 10.38 28.08 -16.26
C GLU C 221 8.95 28.39 -16.68
N ASP C 222 8.05 27.41 -16.57
CA ASP C 222 6.65 27.64 -16.95
C ASP C 222 6.01 28.71 -16.07
N VAL C 223 6.20 28.63 -14.75
CA VAL C 223 5.55 29.60 -13.88
C VAL C 223 6.15 30.99 -14.09
N ARG C 224 7.46 31.06 -14.33
CA ARG C 224 8.09 32.34 -14.62
C ARG C 224 7.52 32.95 -15.90
N LYS C 225 7.34 32.12 -16.94
CA LYS C 225 6.77 32.61 -18.18
C LYS C 225 5.35 33.11 -17.98
N HIS C 226 4.55 32.37 -17.19
CA HIS C 226 3.19 32.81 -16.92
C HIS C 226 3.17 34.16 -16.21
N PHE C 227 4.02 34.32 -15.20
CA PHE C 227 4.04 35.59 -14.47
C PHE C 227 4.50 36.74 -15.38
N PHE C 228 5.52 36.49 -16.20
CA PHE C 228 6.07 37.54 -17.04
C PHE C 228 5.09 37.93 -18.14
N GLU C 229 4.28 36.98 -18.60
CA GLU C 229 3.19 37.31 -19.51
C GLU C 229 2.11 38.10 -18.79
N LYS C 230 1.86 37.78 -17.52
CA LYS C 230 0.81 38.46 -16.78
C LYS C 230 1.14 39.93 -16.58
N TYR C 231 2.33 40.23 -16.04
CA TYR C 231 2.56 41.60 -15.58
C TYR C 231 2.75 42.54 -16.75
N PHE C 232 3.13 42.01 -17.91
CA PHE C 232 3.30 42.82 -19.11
C PHE C 232 1.95 43.36 -19.58
N ASN D 25 -23.89 -57.07 19.01
CA ASN D 25 -22.64 -56.94 19.75
C ASN D 25 -21.86 -55.70 19.30
N PRO D 26 -21.34 -54.94 20.26
CA PRO D 26 -20.66 -53.68 19.92
C PRO D 26 -19.49 -53.83 18.96
N LEU D 27 -18.72 -54.92 19.07
CA LEU D 27 -17.51 -55.05 18.27
C LEU D 27 -17.83 -55.16 16.79
N GLU D 28 -18.85 -55.96 16.45
CA GLU D 28 -19.25 -56.11 15.05
C GLU D 28 -19.74 -54.78 14.49
N LEU D 29 -20.48 -54.01 15.31
CA LEU D 29 -20.92 -52.69 14.89
C LEU D 29 -19.74 -51.77 14.64
N ALA D 30 -18.71 -51.84 15.49
CA ALA D 30 -17.52 -51.03 15.28
C ALA D 30 -16.85 -51.38 13.97
N LEU D 31 -16.71 -52.69 13.68
CA LEU D 31 -16.10 -53.09 12.41
C LEU D 31 -16.92 -52.64 11.21
N GLU D 32 -18.26 -52.77 11.27
CA GLU D 32 -19.06 -52.38 10.13
C GLU D 32 -19.01 -50.86 9.91
N LEU D 33 -18.98 -50.09 11.01
CA LEU D 33 -18.80 -48.65 10.88
C LEU D 33 -17.44 -48.32 10.27
N LYS D 34 -16.40 -49.06 10.67
CA LYS D 34 -15.09 -48.86 10.09
C LYS D 34 -15.11 -49.07 8.58
N GLU D 35 -15.70 -50.18 8.15
CA GLU D 35 -15.75 -50.47 6.71
C GLU D 35 -16.56 -49.41 5.97
N LYS D 36 -17.71 -49.01 6.54
CA LYS D 36 -18.51 -47.98 5.90
C LYS D 36 -17.70 -46.71 5.72
N VAL D 37 -16.93 -46.33 6.74
CA VAL D 37 -16.14 -45.10 6.65
C VAL D 37 -15.04 -45.26 5.60
N GLU D 38 -14.39 -46.42 5.55
CA GLU D 38 -13.31 -46.59 4.57
C GLU D 38 -13.83 -46.49 3.15
N LYS D 39 -14.95 -47.15 2.85
CA LYS D 39 -15.53 -47.03 1.51
C LYS D 39 -16.02 -45.62 1.24
N ALA D 40 -16.57 -44.94 2.25
CA ALA D 40 -17.01 -43.56 2.04
C ALA D 40 -15.83 -42.65 1.71
N ILE D 41 -14.72 -42.80 2.42
CA ILE D 41 -13.53 -42.00 2.16
C ILE D 41 -12.99 -42.31 0.76
N LYS D 42 -12.95 -43.60 0.40
CA LYS D 42 -12.47 -43.98 -0.92
C LYS D 42 -13.32 -43.36 -2.01
N GLU D 43 -14.65 -43.39 -1.84
CA GLU D 43 -15.54 -42.76 -2.80
C GLU D 43 -15.26 -41.27 -2.90
N ILE D 44 -15.24 -40.58 -1.76
CA ILE D 44 -15.12 -39.12 -1.76
C ILE D 44 -13.80 -38.69 -2.39
N LEU D 45 -12.73 -39.46 -2.15
CA LEU D 45 -11.43 -39.08 -2.68
C LEU D 45 -11.40 -39.10 -4.21
N GLU D 46 -12.20 -39.96 -4.83
CA GLU D 46 -12.20 -40.04 -6.29
C GLU D 46 -12.85 -38.84 -6.96
N ASN D 47 -13.58 -38.01 -6.20
CA ASN D 47 -14.24 -36.87 -6.79
C ASN D 47 -13.21 -35.87 -7.31
N PRO D 48 -13.41 -35.32 -8.50
CA PRO D 48 -12.40 -34.38 -9.04
C PRO D 48 -12.41 -33.04 -8.34
N ASN D 49 -13.58 -32.52 -7.96
CA ASN D 49 -13.67 -31.19 -7.38
C ASN D 49 -13.07 -31.19 -5.97
N ILE D 50 -12.26 -30.16 -5.69
CA ILE D 50 -11.61 -30.07 -4.38
C ILE D 50 -12.62 -29.64 -3.31
N GLU D 51 -13.39 -28.59 -3.59
CA GLU D 51 -14.33 -28.08 -2.60
C GLU D 51 -15.38 -29.13 -2.25
N THR D 52 -15.83 -29.89 -3.24
CA THR D 52 -16.74 -30.99 -2.95
C THR D 52 -16.09 -32.02 -2.03
N ARG D 53 -14.82 -32.34 -2.28
CA ARG D 53 -14.13 -33.28 -1.40
C ARG D 53 -14.11 -32.77 0.03
N ILE D 54 -13.78 -31.49 0.21
CA ILE D 54 -13.71 -30.92 1.55
C ILE D 54 -15.08 -30.99 2.24
N LEU D 55 -16.13 -30.58 1.52
CA LEU D 55 -17.45 -30.55 2.13
C LEU D 55 -17.96 -31.94 2.48
N ARG D 56 -17.78 -32.91 1.57
CA ARG D 56 -18.22 -34.27 1.87
C ARG D 56 -17.40 -34.88 3.01
N LEU D 57 -16.12 -34.52 3.12
CA LEU D 57 -15.35 -35.01 4.26
C LEU D 57 -15.88 -34.43 5.57
N LYS D 58 -16.25 -33.15 5.58
CA LYS D 58 -16.82 -32.57 6.80
C LYS D 58 -18.14 -33.26 7.16
N GLU D 59 -19.00 -33.50 6.15
CA GLU D 59 -20.24 -34.21 6.40
C GLU D 59 -19.97 -35.61 6.92
N LEU D 60 -18.96 -36.28 6.38
CA LEU D 60 -18.61 -37.61 6.82
C LEU D 60 -18.17 -37.59 8.28
N LEU D 61 -17.41 -36.58 8.67
CA LEU D 61 -17.00 -36.45 10.07
C LEU D 61 -18.21 -36.27 10.99
N ASP D 62 -19.15 -35.40 10.59
CA ASP D 62 -20.34 -35.21 11.42
C ASP D 62 -21.17 -36.49 11.51
N GLU D 63 -21.34 -37.19 10.39
CA GLU D 63 -22.10 -38.43 10.38
C GLU D 63 -21.40 -39.49 11.23
N VAL D 64 -20.08 -39.50 11.21
CA VAL D 64 -19.31 -40.43 12.04
C VAL D 64 -19.55 -40.13 13.52
N LEU D 65 -19.57 -38.84 13.88
CA LEU D 65 -19.88 -38.47 15.26
C LEU D 65 -21.25 -38.97 15.68
N HIS D 66 -22.26 -38.75 14.82
CA HIS D 66 -23.61 -39.21 15.14
C HIS D 66 -23.67 -40.73 15.25
N ALA D 67 -22.94 -41.43 14.38
CA ALA D 67 -22.92 -42.89 14.43
C ALA D 67 -22.29 -43.39 15.73
N ILE D 68 -21.18 -42.78 16.14
CA ILE D 68 -20.54 -43.16 17.40
C ILE D 68 -21.49 -42.92 18.56
N ALA D 69 -22.26 -41.84 18.50
CA ALA D 69 -23.21 -41.52 19.57
C ALA D 69 -24.16 -42.70 19.82
N LEU D 70 -24.66 -43.31 18.75
CA LEU D 70 -25.57 -44.45 18.91
C LEU D 70 -24.81 -45.73 19.27
N ILE D 71 -23.56 -45.84 18.81
CA ILE D 71 -22.82 -47.08 19.00
C ILE D 71 -22.56 -47.30 20.49
N PRO D 72 -22.84 -48.50 21.03
CA PRO D 72 -22.49 -48.77 22.43
C PRO D 72 -20.99 -48.62 22.66
N GLN D 73 -20.64 -48.08 23.81
CA GLN D 73 -19.26 -47.73 24.12
C GLN D 73 -18.72 -48.63 25.22
N ASN D 74 -17.58 -49.25 24.96
CA ASN D 74 -16.92 -50.10 25.94
C ASN D 74 -15.42 -50.09 25.62
N GLU D 75 -14.68 -51.01 26.24
CA GLU D 75 -13.23 -51.03 26.11
C GLU D 75 -12.77 -51.34 24.69
N GLU D 76 -13.33 -52.37 24.08
CA GLU D 76 -12.79 -52.87 22.80
C GLU D 76 -13.11 -51.91 21.66
N THR D 77 -14.30 -51.33 21.63
CA THR D 77 -14.70 -50.49 20.50
C THR D 77 -14.02 -49.14 20.54
N ARG D 78 -13.57 -48.71 21.73
CA ARG D 78 -13.01 -47.37 21.89
C ARG D 78 -11.78 -47.11 21.00
N PRO D 79 -10.76 -47.98 20.99
CA PRO D 79 -9.65 -47.74 20.06
C PRO D 79 -10.07 -47.74 18.61
N ILE D 80 -11.03 -48.58 18.23
CA ILE D 80 -11.49 -48.63 16.84
C ILE D 80 -12.11 -47.29 16.44
N LEU D 81 -12.96 -46.74 17.31
CA LEU D 81 -13.55 -45.44 17.02
C LEU D 81 -12.49 -44.36 16.95
N VAL D 82 -11.50 -44.42 17.85
CA VAL D 82 -10.42 -43.44 17.81
C VAL D 82 -9.69 -43.50 16.48
N ARG D 83 -9.37 -44.72 16.02
CA ARG D 83 -8.71 -44.86 14.72
C ARG D 83 -9.55 -44.25 13.61
N VAL D 84 -10.81 -44.67 13.48
CA VAL D 84 -11.58 -44.24 12.32
C VAL D 84 -11.71 -42.72 12.30
N VAL D 85 -11.92 -42.12 13.47
CA VAL D 85 -11.97 -40.66 13.53
C VAL D 85 -10.64 -40.05 13.10
N VAL D 86 -9.53 -40.64 13.53
CA VAL D 86 -8.21 -40.10 13.19
C VAL D 86 -7.97 -40.15 11.69
N GLU D 87 -8.31 -41.29 11.06
CA GLU D 87 -8.18 -41.41 9.61
C GLU D 87 -9.05 -40.39 8.89
N VAL D 88 -10.29 -40.19 9.35
CA VAL D 88 -11.15 -39.20 8.68
C VAL D 88 -10.52 -37.82 8.77
N MET D 89 -10.06 -37.44 9.96
CA MET D 89 -9.51 -36.10 10.14
C MET D 89 -8.22 -35.92 9.34
N GLU D 90 -7.36 -36.94 9.30
CA GLU D 90 -6.12 -36.85 8.55
C GLU D 90 -6.40 -36.71 7.05
N ALA D 91 -7.36 -37.48 6.54
CA ALA D 91 -7.73 -37.36 5.13
C ALA D 91 -8.25 -35.96 4.84
N LEU D 92 -9.07 -35.41 5.74
CA LEU D 92 -9.58 -34.06 5.54
C LEU D 92 -8.46 -33.03 5.54
N LEU D 93 -7.49 -33.17 6.45
CA LEU D 93 -6.37 -32.24 6.49
C LEU D 93 -5.58 -32.29 5.19
N HIS D 94 -5.30 -33.51 4.70
CA HIS D 94 -4.55 -33.63 3.46
C HIS D 94 -5.33 -33.04 2.28
N ALA D 95 -6.64 -33.27 2.24
CA ALA D 95 -7.45 -32.74 1.14
C ALA D 95 -7.49 -31.22 1.18
N VAL D 96 -7.58 -30.65 2.38
CA VAL D 96 -7.65 -29.20 2.54
C VAL D 96 -6.32 -28.59 2.12
N LEU D 97 -5.22 -29.30 2.42
CA LEU D 97 -3.90 -28.81 2.04
C LEU D 97 -3.68 -28.77 0.53
N ASP D 98 -4.53 -29.41 -0.27
CA ASP D 98 -4.30 -29.48 -1.70
C ASP D 98 -4.66 -28.18 -2.40
N GLY D 99 -5.93 -27.78 -2.34
CA GLY D 99 -6.37 -26.61 -3.05
C GLY D 99 -7.58 -25.97 -2.41
N GLY D 100 -7.88 -24.75 -2.87
CA GLY D 100 -9.02 -24.01 -2.37
C GLY D 100 -8.65 -22.65 -1.83
N GLU D 101 -9.64 -21.78 -1.67
CA GLU D 101 -9.39 -20.46 -1.09
C GLU D 101 -8.99 -20.62 0.38
N PRO D 102 -7.96 -19.89 0.83
CA PRO D 102 -7.47 -20.09 2.20
C PRO D 102 -8.52 -19.87 3.28
N LEU D 103 -9.32 -18.82 3.18
CA LEU D 103 -10.27 -18.51 4.25
C LEU D 103 -11.33 -19.59 4.40
N LEU D 104 -11.87 -20.08 3.28
CA LEU D 104 -12.87 -21.13 3.34
C LEU D 104 -12.29 -22.40 3.94
N ASN D 105 -11.07 -22.76 3.54
CA ASN D 105 -10.43 -23.95 4.10
C ASN D 105 -10.21 -23.79 5.60
N LEU D 106 -9.80 -22.61 6.03
CA LEU D 106 -9.56 -22.38 7.46
C LEU D 106 -10.86 -22.49 8.25
N LYS D 107 -11.94 -21.92 7.74
CA LYS D 107 -13.22 -22.01 8.45
C LYS D 107 -13.73 -23.44 8.52
N VAL D 108 -13.62 -24.18 7.41
CA VAL D 108 -14.01 -25.59 7.43
C VAL D 108 -13.14 -26.37 8.40
N LEU D 109 -11.86 -26.03 8.48
CA LEU D 109 -10.96 -26.69 9.42
C LEU D 109 -11.40 -26.42 10.85
N LEU D 110 -11.81 -25.19 11.14
CA LEU D 110 -12.25 -24.85 12.49
C LEU D 110 -13.49 -25.65 12.87
N GLU D 111 -14.48 -25.70 11.97
CA GLU D 111 -15.69 -26.46 12.26
C GLU D 111 -15.39 -27.95 12.42
N ALA D 112 -14.54 -28.49 11.56
CA ALA D 112 -14.19 -29.90 11.66
C ALA D 112 -13.42 -30.19 12.94
N PHE D 113 -12.58 -29.25 13.38
CA PHE D 113 -11.86 -29.44 14.63
C PHE D 113 -12.81 -29.43 15.83
N LYS D 114 -13.82 -28.56 15.79
CA LYS D 114 -14.84 -28.59 16.84
C LYS D 114 -15.55 -29.93 16.87
N THR D 115 -15.91 -30.45 15.70
CA THR D 115 -16.56 -31.76 15.63
C THR D 115 -15.62 -32.86 16.13
N PHE D 116 -14.33 -32.73 15.82
CA PHE D 116 -13.33 -33.70 16.29
C PHE D 116 -13.24 -33.70 17.81
N ILE D 117 -13.24 -32.52 18.41
CA ILE D 117 -13.19 -32.43 19.87
C ILE D 117 -14.44 -33.05 20.48
N ALA D 118 -15.61 -32.77 19.89
CA ALA D 118 -16.85 -33.36 20.40
C ALA D 118 -16.82 -34.88 20.30
N ALA D 119 -16.32 -35.42 19.18
CA ALA D 119 -16.23 -36.85 19.03
C ALA D 119 -15.28 -37.47 20.05
N LEU D 120 -14.13 -36.84 20.27
CA LEU D 120 -13.19 -37.36 21.26
C LEU D 120 -13.79 -37.32 22.67
N LYS D 121 -14.53 -36.27 22.99
CA LYS D 121 -15.20 -36.21 24.29
C LYS D 121 -16.21 -37.33 24.45
N THR D 122 -17.00 -37.58 23.39
CA THR D 122 -18.01 -38.63 23.47
C THR D 122 -17.36 -40.00 23.62
N ILE D 123 -16.29 -40.25 22.86
CA ILE D 123 -15.67 -41.58 22.89
C ILE D 123 -15.02 -41.84 24.25
N GLY D 124 -14.23 -40.89 24.74
CA GLY D 124 -13.45 -41.11 25.94
C GLY D 124 -12.13 -41.77 25.63
N PHE D 125 -11.12 -41.53 26.46
CA PHE D 125 -9.78 -42.07 26.24
C PHE D 125 -9.31 -42.84 27.47
N SER D 126 -8.83 -44.05 27.25
CA SER D 126 -8.29 -44.87 28.34
C SER D 126 -6.82 -45.20 28.13
N THR D 127 -6.49 -45.76 26.96
CA THR D 127 -5.14 -46.24 26.72
C THR D 127 -4.23 -45.11 26.24
N GLU D 128 -2.92 -45.33 26.37
CA GLU D 128 -1.96 -44.30 25.99
C GLU D 128 -1.84 -44.16 24.47
N GLU D 129 -2.07 -45.23 23.73
CA GLU D 129 -1.94 -45.16 22.27
C GLU D 129 -2.94 -44.19 21.67
N GLU D 130 -4.19 -44.25 22.12
CA GLU D 130 -5.20 -43.33 21.63
C GLU D 130 -4.85 -41.89 21.98
N ARG D 131 -4.35 -41.67 23.20
CA ARG D 131 -3.89 -40.35 23.57
C ARG D 131 -2.82 -39.84 22.60
N LEU D 132 -1.72 -40.59 22.48
CA LEU D 132 -0.62 -40.16 21.63
C LEU D 132 -1.09 -39.90 20.21
N GLU D 133 -2.02 -40.70 19.71
CA GLU D 133 -2.58 -40.45 18.38
C GLU D 133 -3.33 -39.12 18.35
N ALA D 134 -4.11 -38.82 19.38
CA ALA D 134 -4.83 -37.56 19.43
C ALA D 134 -3.89 -36.37 19.47
N TYR D 135 -2.84 -36.45 20.29
CA TYR D 135 -1.86 -35.38 20.34
C TYR D 135 -1.14 -35.20 19.00
N ARG D 136 -0.82 -36.31 18.33
CA ARG D 136 -0.21 -36.20 17.01
C ARG D 136 -1.15 -35.50 16.02
N VAL D 137 -2.43 -35.85 16.06
CA VAL D 137 -3.41 -35.21 15.18
C VAL D 137 -3.52 -33.73 15.51
N LEU D 138 -3.46 -33.38 16.79
CA LEU D 138 -3.52 -31.98 17.19
C LEU D 138 -2.33 -31.20 16.64
N THR D 139 -1.13 -31.78 16.74
CA THR D 139 0.06 -31.12 16.21
C THR D 139 -0.05 -30.93 14.70
N LEU D 140 -0.53 -31.97 14.01
CA LEU D 140 -0.72 -31.87 12.57
C LEU D 140 -1.71 -30.76 12.21
N PHE D 141 -2.81 -30.69 12.96
CA PHE D 141 -3.82 -29.65 12.71
C PHE D 141 -3.22 -28.27 12.93
N VAL D 142 -2.46 -28.08 14.00
CA VAL D 142 -1.89 -26.78 14.29
C VAL D 142 -0.93 -26.35 13.20
N HIS D 143 -0.05 -27.28 12.78
CA HIS D 143 0.91 -26.94 11.73
C HIS D 143 0.20 -26.60 10.43
N THR D 144 -0.79 -27.40 10.03
CA THR D 144 -1.51 -27.14 8.79
C THR D 144 -2.25 -25.81 8.85
N PHE D 145 -2.89 -25.52 9.98
CA PHE D 145 -3.63 -24.27 10.11
C PHE D 145 -2.69 -23.07 10.01
N ILE D 146 -1.53 -23.14 10.68
CA ILE D 146 -0.57 -22.05 10.60
C ILE D 146 -0.11 -21.86 9.16
N PHE D 147 0.24 -22.97 8.50
CA PHE D 147 0.76 -22.89 7.14
C PHE D 147 -0.24 -22.27 6.19
N ILE D 148 -1.52 -22.66 6.31
CA ILE D 148 -2.54 -22.11 5.42
C ILE D 148 -2.81 -20.65 5.75
N SER D 149 -2.88 -20.32 7.04
CA SER D 149 -3.24 -18.96 7.44
C SER D 149 -2.11 -17.98 7.20
N ARG D 150 -0.92 -18.48 6.85
CA ARG D 150 0.20 -17.61 6.52
C ARG D 150 -0.15 -16.56 5.46
N THR D 151 -0.98 -16.92 4.48
CA THR D 151 -1.14 -16.08 3.29
C THR D 151 -2.15 -14.94 3.47
N LEU D 152 -2.95 -14.97 4.53
CA LEU D 152 -4.00 -13.97 4.67
C LEU D 152 -3.42 -12.61 5.03
N ASN D 153 -4.30 -11.61 5.05
CA ASN D 153 -3.91 -10.28 5.51
C ASN D 153 -3.91 -10.25 7.05
N LEU D 154 -3.71 -9.04 7.59
CA LEU D 154 -3.42 -8.93 9.02
C LEU D 154 -4.64 -9.22 9.89
N GLU D 155 -5.79 -8.62 9.55
CA GLU D 155 -6.96 -8.74 10.42
C GLU D 155 -7.49 -10.16 10.44
N GLU D 156 -7.61 -10.79 9.27
CA GLU D 156 -8.03 -12.18 9.22
C GLU D 156 -7.02 -13.08 9.92
N PHE D 157 -5.74 -12.75 9.81
CA PHE D 157 -4.70 -13.49 10.53
C PHE D 157 -4.97 -13.44 12.03
N LEU D 158 -5.22 -12.24 12.56
CA LEU D 158 -5.49 -12.08 13.97
C LEU D 158 -6.71 -12.90 14.39
N LYS D 159 -7.79 -12.79 13.61
CA LYS D 159 -9.02 -13.49 13.96
C LYS D 159 -8.80 -15.01 13.99
N VAL D 160 -8.22 -15.56 12.93
CA VAL D 160 -8.07 -17.00 12.86
C VAL D 160 -7.11 -17.50 13.93
N LEU D 161 -6.08 -16.70 14.25
CA LEU D 161 -5.15 -17.10 15.29
C LEU D 161 -5.83 -17.15 16.66
N LEU D 162 -6.68 -16.16 16.95
CA LEU D 162 -7.39 -16.17 18.23
C LEU D 162 -8.33 -17.36 18.32
N GLU D 163 -9.06 -17.65 17.24
CA GLU D 163 -9.93 -18.83 17.26
C GLU D 163 -9.12 -20.11 17.42
N LEU D 164 -7.95 -20.18 16.79
CA LEU D 164 -7.11 -21.36 16.93
C LEU D 164 -6.66 -21.54 18.37
N ILE D 165 -6.26 -20.44 19.03
CA ILE D 165 -5.83 -20.53 20.42
C ILE D 165 -6.99 -21.00 21.30
N GLU D 166 -8.19 -20.45 21.07
CA GLU D 166 -9.33 -20.86 21.87
C GLU D 166 -9.65 -22.34 21.70
N LEU D 167 -9.64 -22.83 20.45
CA LEU D 167 -9.92 -24.25 20.23
C LEU D 167 -8.81 -25.12 20.77
N LEU D 168 -7.57 -24.62 20.76
CA LEU D 168 -6.47 -25.35 21.40
C LEU D 168 -6.75 -25.52 22.89
N GLU D 169 -7.22 -24.46 23.55
CA GLU D 169 -7.56 -24.53 24.96
C GLU D 169 -8.68 -25.54 25.19
N GLU D 170 -9.71 -25.51 24.33
CA GLU D 170 -10.82 -26.45 24.48
C GLU D 170 -10.35 -27.89 24.32
N PHE D 171 -9.53 -28.16 23.31
CA PHE D 171 -9.06 -29.53 23.10
C PHE D 171 -8.21 -29.99 24.28
N PHE D 172 -7.31 -29.14 24.78
CA PHE D 172 -6.48 -29.53 25.91
C PHE D 172 -7.28 -29.69 27.18
N LEU D 173 -8.47 -29.09 27.27
CA LEU D 173 -9.40 -29.41 28.35
C LEU D 173 -10.29 -30.60 28.05
N ALA D 174 -10.30 -31.10 26.81
CA ALA D 174 -11.17 -32.20 26.42
C ALA D 174 -10.56 -33.58 26.67
N VAL D 175 -9.26 -33.75 26.43
CA VAL D 175 -8.61 -35.04 26.53
C VAL D 175 -7.88 -35.10 27.88
N PRO D 176 -8.27 -35.96 28.80
CA PRO D 176 -7.57 -36.06 30.08
C PRO D 176 -6.34 -36.95 29.99
N GLY D 177 -5.41 -36.70 30.90
CA GLY D 177 -4.17 -37.45 30.97
C GLY D 177 -3.17 -36.84 31.92
N PRO D 178 -1.92 -37.32 31.87
CA PRO D 178 -0.86 -36.76 32.70
C PRO D 178 -0.66 -35.29 32.39
N PRO D 179 -0.33 -34.47 33.40
CA PRO D 179 -0.27 -33.02 33.16
C PRO D 179 1.04 -32.54 32.57
N GLU D 180 2.12 -33.33 32.68
CA GLU D 180 3.41 -32.88 32.16
C GLU D 180 3.37 -32.73 30.65
N GLN D 181 2.89 -33.75 29.95
CA GLN D 181 2.76 -33.65 28.50
C GLN D 181 1.73 -32.60 28.11
N ARG D 182 0.63 -32.51 28.86
CA ARG D 182 -0.38 -31.49 28.60
C ARG D 182 0.16 -30.08 28.77
N ARG D 183 1.22 -29.90 29.55
CA ARG D 183 1.87 -28.60 29.67
C ARG D 183 2.90 -28.38 28.56
N VAL D 184 3.74 -29.39 28.31
CA VAL D 184 4.82 -29.23 27.34
C VAL D 184 4.26 -29.00 25.95
N LEU D 185 3.25 -29.79 25.56
CA LEU D 185 2.68 -29.63 24.22
C LEU D 185 2.01 -28.27 24.07
N PHE D 186 1.30 -27.82 25.11
CA PHE D 186 0.66 -26.51 25.04
C PHE D 186 1.70 -25.41 24.88
N GLU D 187 2.79 -25.49 25.63
CA GLU D 187 3.84 -24.47 25.52
C GLU D 187 4.46 -24.48 24.12
N SER D 188 4.73 -25.67 23.59
CA SER D 188 5.34 -25.76 22.26
C SER D 188 4.42 -25.19 21.20
N LEU D 189 3.12 -25.51 21.26
CA LEU D 189 2.18 -25.02 20.26
C LEU D 189 2.02 -23.51 20.36
N LEU D 190 1.95 -22.97 21.58
CA LEU D 190 1.85 -21.53 21.72
C LEU D 190 3.11 -20.84 21.19
N GLN D 191 4.28 -21.45 21.41
CA GLN D 191 5.51 -20.90 20.86
C GLN D 191 5.49 -20.92 19.33
N ASP D 192 4.96 -22.00 18.75
CA ASP D 192 4.82 -22.06 17.30
C ASP D 192 3.96 -20.92 16.78
N ILE D 193 2.82 -20.69 17.43
CA ILE D 193 1.92 -19.63 17.01
C ILE D 193 2.60 -18.27 17.12
N LEU D 194 3.32 -18.05 18.24
CA LEU D 194 4.01 -16.77 18.42
C LEU D 194 5.08 -16.55 17.36
N ASN D 195 5.86 -17.58 17.05
CA ASN D 195 6.89 -17.44 16.03
C ASN D 195 6.27 -17.12 14.68
N THR D 196 5.20 -17.80 14.31
CA THR D 196 4.54 -17.50 13.04
C THR D 196 4.01 -16.07 13.02
N PHE D 197 3.41 -15.63 14.13
CA PHE D 197 2.85 -14.29 14.18
C PHE D 197 3.94 -13.24 14.04
N LYS D 198 5.06 -13.42 14.74
CA LYS D 198 6.17 -12.47 14.60
C LYS D 198 6.71 -12.47 13.18
N LYS D 199 6.84 -13.65 12.58
CA LYS D 199 7.34 -13.76 11.21
C LYS D 199 6.47 -12.98 10.26
N LYS D 200 5.15 -13.10 10.41
CA LYS D 200 4.23 -12.36 9.56
C LYS D 200 4.30 -10.86 9.85
N LEU D 201 4.40 -10.49 11.13
CA LEU D 201 4.35 -9.07 11.49
C LEU D 201 5.58 -8.32 11.01
N LYS D 202 6.71 -9.01 10.88
CA LYS D 202 7.94 -8.31 10.49
C LYS D 202 7.89 -7.74 9.08
N LEU D 203 6.76 -7.91 8.39
CA LEU D 203 6.59 -7.39 7.03
C LEU D 203 5.98 -5.99 7.00
N TYR D 204 5.57 -5.47 8.15
CA TYR D 204 4.73 -4.29 8.23
C TYR D 204 5.42 -3.20 9.05
N PRO D 205 5.01 -1.95 8.88
CA PRO D 205 5.68 -0.85 9.59
C PRO D 205 5.63 -1.02 11.11
N VAL D 206 6.45 -0.20 11.78
CA VAL D 206 6.67 -0.36 13.22
C VAL D 206 5.38 -0.12 14.01
N GLU D 207 4.44 0.64 13.45
CA GLU D 207 3.25 1.02 14.20
C GLU D 207 2.36 -0.19 14.50
N ALA D 208 2.15 -1.05 13.51
CA ALA D 208 1.26 -2.19 13.71
C ALA D 208 1.87 -3.21 14.68
N GLN D 209 3.20 -3.22 14.79
CA GLN D 209 3.87 -4.14 15.68
C GLN D 209 3.34 -4.01 17.10
N ILE D 210 3.31 -2.79 17.63
CA ILE D 210 2.91 -2.54 19.01
C ILE D 210 1.51 -3.11 19.25
N LEU D 211 0.54 -2.64 18.46
CA LEU D 211 -0.85 -3.05 18.64
C LEU D 211 -1.01 -4.56 18.59
N TYR D 212 -0.68 -5.16 17.45
CA TYR D 212 -1.02 -6.56 17.27
C TYR D 212 -0.15 -7.48 18.12
N LEU D 213 1.13 -7.15 18.31
CA LEU D 213 1.97 -7.91 19.22
C LEU D 213 1.39 -7.90 20.62
N GLU D 214 0.93 -6.74 21.09
CA GLU D 214 0.35 -6.69 22.42
C GLU D 214 -0.92 -7.52 22.52
N ILE D 215 -1.77 -7.45 21.49
CA ILE D 215 -3.01 -8.22 21.51
C ILE D 215 -2.70 -9.72 21.64
N ILE D 216 -1.80 -10.21 20.79
CA ILE D 216 -1.52 -11.63 20.78
C ILE D 216 -0.85 -12.06 22.09
N LEU D 217 0.08 -11.24 22.61
CA LEU D 217 0.75 -11.61 23.84
C LEU D 217 -0.22 -11.66 25.01
N GLU D 218 -1.13 -10.70 25.09
CA GLU D 218 -2.11 -10.72 26.18
C GLU D 218 -3.02 -11.94 26.08
N LYS D 219 -3.48 -12.26 24.86
CA LYS D 219 -4.34 -13.43 24.70
C LYS D 219 -3.61 -14.71 25.12
N VAL D 220 -2.35 -14.83 24.71
CA VAL D 220 -1.58 -16.03 25.03
C VAL D 220 -1.34 -16.13 26.53
N GLU D 221 -1.00 -15.01 27.17
CA GLU D 221 -0.80 -15.03 28.61
C GLU D 221 -2.08 -15.42 29.34
N ASP D 222 -3.23 -14.90 28.88
CA ASP D 222 -4.49 -15.22 29.52
C ASP D 222 -4.82 -16.70 29.40
N VAL D 223 -4.65 -17.28 28.20
CA VAL D 223 -4.99 -18.70 28.03
C VAL D 223 -4.02 -19.57 28.82
N ARG D 224 -2.74 -19.19 28.87
CA ARG D 224 -1.78 -19.93 29.67
C ARG D 224 -2.16 -19.90 31.14
N LYS D 225 -2.57 -18.73 31.63
CA LYS D 225 -2.98 -18.61 33.03
C LYS D 225 -4.20 -19.47 33.32
N HIS D 226 -5.17 -19.48 32.40
CA HIS D 226 -6.36 -20.30 32.59
C HIS D 226 -5.99 -21.78 32.68
N PHE D 227 -5.13 -22.24 31.76
CA PHE D 227 -4.74 -23.65 31.77
C PHE D 227 -3.99 -23.99 33.05
N PHE D 228 -3.07 -23.12 33.46
CA PHE D 228 -2.24 -23.40 34.63
C PHE D 228 -3.08 -23.38 35.91
N GLU D 229 -4.12 -22.57 35.93
CA GLU D 229 -5.06 -22.62 37.05
C GLU D 229 -5.88 -23.91 37.00
N LYS D 230 -6.22 -24.37 35.80
CA LYS D 230 -7.04 -25.57 35.70
C LYS D 230 -6.30 -26.80 36.18
N TYR D 231 -5.09 -27.03 35.66
CA TYR D 231 -4.46 -28.34 35.89
C TYR D 231 -4.02 -28.49 37.34
N PHE D 232 -3.77 -27.38 38.01
CA PHE D 232 -3.39 -27.38 39.42
C PHE D 232 -4.54 -27.91 40.27
N ASN E 25 -6.14 5.67 55.93
CA ASN E 25 -4.92 6.41 56.21
C ASN E 25 -4.01 6.31 54.98
N PRO E 26 -3.65 7.46 54.41
CA PRO E 26 -2.85 7.45 53.18
C PRO E 26 -1.53 6.70 53.28
N LEU E 27 -0.90 6.71 54.46
CA LEU E 27 0.42 6.12 54.60
C LEU E 27 0.39 4.61 54.36
N GLU E 28 -0.58 3.93 54.98
CA GLU E 28 -0.70 2.48 54.80
C GLU E 28 -0.99 2.14 53.35
N LEU E 29 -1.79 2.97 52.68
CA LEU E 29 -2.02 2.79 51.25
C LEU E 29 -0.73 2.93 50.46
N ALA E 30 0.12 3.87 50.87
CA ALA E 30 1.42 4.01 50.22
C ALA E 30 2.25 2.75 50.38
N LEU E 31 2.28 2.20 51.58
CA LEU E 31 3.03 0.98 51.83
C LEU E 31 2.51 -0.16 50.98
N GLU E 32 1.18 -0.33 50.93
CA GLU E 32 0.61 -1.47 50.22
C GLU E 32 0.83 -1.33 48.72
N LEU E 33 0.75 -0.11 48.19
CA LEU E 33 1.07 0.11 46.79
C LEU E 33 2.53 -0.21 46.51
N LYS E 34 3.43 0.19 47.42
CA LYS E 34 4.85 -0.13 47.26
C LYS E 34 5.07 -1.62 47.18
N GLU E 35 4.49 -2.37 48.12
CA GLU E 35 4.67 -3.82 48.12
C GLU E 35 4.08 -4.46 46.86
N LYS E 36 2.90 -4.00 46.45
CA LYS E 36 2.28 -4.53 45.24
C LYS E 36 3.19 -4.33 44.04
N VAL E 37 3.77 -3.13 43.92
CA VAL E 37 4.64 -2.84 42.79
C VAL E 37 5.91 -3.69 42.86
N GLU E 38 6.45 -3.90 44.07
CA GLU E 38 7.65 -4.73 44.19
C GLU E 38 7.37 -6.16 43.73
N LYS E 39 6.26 -6.75 44.19
CA LYS E 39 5.94 -8.10 43.76
C LYS E 39 5.67 -8.15 42.27
N ALA E 40 5.02 -7.12 41.72
CA ALA E 40 4.77 -7.09 40.28
C ALA E 40 6.07 -7.05 39.50
N ILE E 41 7.01 -6.19 39.91
CA ILE E 41 8.29 -6.08 39.22
C ILE E 41 9.03 -7.41 39.29
N LYS E 42 9.04 -8.02 40.48
CA LYS E 42 9.71 -9.31 40.63
C LYS E 42 9.13 -10.35 39.69
N GLU E 43 7.80 -10.49 39.69
CA GLU E 43 7.16 -11.50 38.86
C GLU E 43 7.44 -11.23 37.38
N ILE E 44 7.38 -9.96 36.96
CA ILE E 44 7.60 -9.63 35.56
C ILE E 44 9.04 -9.94 35.15
N LEU E 45 10.00 -9.73 36.06
CA LEU E 45 11.39 -9.96 35.70
C LEU E 45 11.67 -11.43 35.42
N GLU E 46 10.93 -12.33 36.07
CA GLU E 46 11.15 -13.76 35.85
C GLU E 46 10.70 -14.21 34.47
N ASN E 47 9.94 -13.39 33.75
CA ASN E 47 9.45 -13.81 32.45
C ASN E 47 10.60 -13.93 31.46
N PRO E 48 10.62 -14.99 30.63
CA PRO E 48 11.75 -15.14 29.70
C PRO E 48 11.69 -14.19 28.52
N ASN E 49 10.50 -13.91 27.99
CA ASN E 49 10.37 -13.09 26.79
C ASN E 49 10.72 -11.65 27.10
N ILE E 50 11.60 -11.05 26.29
CA ILE E 50 12.03 -9.68 26.54
C ILE E 50 10.93 -8.69 26.19
N GLU E 51 10.31 -8.86 25.01
CA GLU E 51 9.26 -7.94 24.59
C GLU E 51 8.08 -7.98 25.56
N THR E 52 7.75 -9.16 26.07
CA THR E 52 6.73 -9.26 27.09
C THR E 52 7.13 -8.46 28.33
N ARG E 53 8.40 -8.56 28.74
CA ARG E 53 8.86 -7.79 29.88
C ARG E 53 8.66 -6.30 29.65
N ILE E 54 9.05 -5.81 28.48
CA ILE E 54 8.95 -4.39 28.19
C ILE E 54 7.49 -3.93 28.22
N LEU E 55 6.61 -4.66 27.53
CA LEU E 55 5.22 -4.25 27.45
C LEU E 55 4.53 -4.30 28.82
N ARG E 56 4.80 -5.34 29.59
CA ARG E 56 4.19 -5.46 30.91
C ARG E 56 4.73 -4.40 31.87
N LEU E 57 6.01 -4.04 31.73
CA LEU E 57 6.53 -2.93 32.55
C LEU E 57 5.86 -1.62 32.18
N LYS E 58 5.60 -1.39 30.89
CA LYS E 58 4.89 -0.18 30.50
C LYS E 58 3.48 -0.15 31.09
N GLU E 59 2.78 -1.28 31.02
CA GLU E 59 1.46 -1.35 31.64
C GLU E 59 1.53 -1.13 33.15
N LEU E 60 2.56 -1.68 33.79
CA LEU E 60 2.71 -1.49 35.22
C LEU E 60 2.91 -0.02 35.55
N LEU E 61 3.68 0.69 34.72
CA LEU E 61 3.86 2.12 34.92
C LEU E 61 2.54 2.87 34.79
N ASP E 62 1.75 2.53 33.77
CA ASP E 62 0.44 3.19 33.61
C ASP E 62 -0.48 2.90 34.78
N GLU E 63 -0.51 1.64 35.23
CA GLU E 63 -1.36 1.27 36.36
C GLU E 63 -0.89 1.96 37.63
N VAL E 64 0.42 2.13 37.78
CA VAL E 64 0.96 2.87 38.91
C VAL E 64 0.47 4.32 38.88
N LEU E 65 0.49 4.93 37.70
CA LEU E 65 -0.01 6.30 37.57
C LEU E 65 -1.49 6.37 38.00
N HIS E 66 -2.30 5.44 37.51
CA HIS E 66 -3.71 5.44 37.88
C HIS E 66 -3.90 5.20 39.36
N ALA E 67 -3.06 4.35 39.97
CA ALA E 67 -3.16 4.10 41.40
C ALA E 67 -2.82 5.35 42.20
N ILE E 68 -1.76 6.05 41.82
CA ILE E 68 -1.39 7.29 42.52
C ILE E 68 -2.51 8.32 42.38
N ALA E 69 -3.16 8.34 41.21
CA ALA E 69 -4.27 9.28 41.01
C ALA E 69 -5.31 9.12 42.11
N LEU E 70 -5.63 7.89 42.49
CA LEU E 70 -6.64 7.67 43.52
C LEU E 70 -6.07 7.83 44.92
N ILE E 71 -4.78 7.61 45.09
CA ILE E 71 -4.18 7.62 46.43
C ILE E 71 -4.27 9.02 47.02
N PRO E 72 -4.78 9.20 48.24
CA PRO E 72 -4.74 10.52 48.87
C PRO E 72 -3.30 11.00 49.01
N GLN E 73 -3.10 12.28 48.75
CA GLN E 73 -1.79 12.85 48.50
C GLN E 73 -1.44 13.84 49.60
N ASN E 74 -0.28 13.66 50.22
CA ASN E 74 0.17 14.57 51.28
C ASN E 74 1.69 14.53 51.33
N GLU E 75 2.26 15.10 52.39
CA GLU E 75 3.70 15.26 52.51
C GLU E 75 4.45 13.93 52.58
N GLU E 76 4.00 13.03 53.45
CA GLU E 76 4.78 11.82 53.72
C GLU E 76 4.69 10.82 52.57
N THR E 77 3.55 10.77 51.88
CA THR E 77 3.38 9.81 50.80
C THR E 77 4.15 10.23 49.55
N ARG E 78 4.44 11.53 49.40
CA ARG E 78 5.12 12.01 48.21
C ARG E 78 6.45 11.32 47.98
N PRO E 79 7.37 11.24 48.96
CA PRO E 79 8.64 10.54 48.71
C PRO E 79 8.44 9.07 48.37
N ILE E 80 7.46 8.41 48.98
CA ILE E 80 7.22 6.99 48.71
C ILE E 80 6.79 6.80 47.25
N LEU E 81 5.84 7.62 46.79
CA LEU E 81 5.39 7.52 45.41
C LEU E 81 6.52 7.85 44.44
N VAL E 82 7.31 8.87 44.75
CA VAL E 82 8.43 9.21 43.88
C VAL E 82 9.40 8.03 43.79
N ARG E 83 9.70 7.41 44.93
CA ARG E 83 10.63 6.28 44.94
C ARG E 83 10.09 5.13 44.10
N VAL E 84 8.82 4.77 44.27
CA VAL E 84 8.30 3.61 43.56
C VAL E 84 8.26 3.85 42.06
N VAL E 85 7.88 5.07 41.65
CA VAL E 85 7.90 5.39 40.22
C VAL E 85 9.33 5.33 39.68
N VAL E 86 10.30 5.79 40.49
CA VAL E 86 11.70 5.74 40.06
C VAL E 86 12.14 4.29 39.86
N GLU E 87 11.77 3.41 40.79
CA GLU E 87 12.14 2.00 40.65
C GLU E 87 11.55 1.41 39.38
N VAL E 88 10.28 1.68 39.13
CA VAL E 88 9.66 1.16 37.91
C VAL E 88 10.39 1.66 36.68
N MET E 89 10.71 2.96 36.65
CA MET E 89 11.37 3.53 35.49
C MET E 89 12.75 2.94 35.27
N GLU E 90 13.54 2.78 36.33
CA GLU E 90 14.89 2.27 36.12
C GLU E 90 14.87 0.79 35.74
N ALA E 91 13.92 0.03 36.30
CA ALA E 91 13.77 -1.35 35.89
C ALA E 91 13.42 -1.44 34.41
N LEU E 92 12.52 -0.57 33.95
CA LEU E 92 12.16 -0.57 32.54
C LEU E 92 13.34 -0.18 31.67
N LEU E 93 14.13 0.81 32.08
CA LEU E 93 15.28 1.21 31.30
C LEU E 93 16.28 0.06 31.17
N HIS E 94 16.55 -0.63 32.29
CA HIS E 94 17.46 -1.78 32.22
C HIS E 94 16.91 -2.87 31.33
N ALA E 95 15.59 -3.13 31.41
CA ALA E 95 14.99 -4.18 30.58
C ALA E 95 15.10 -3.84 29.10
N VAL E 96 14.87 -2.57 28.75
CA VAL E 96 14.97 -2.12 27.37
C VAL E 96 16.41 -2.23 26.89
N LEU E 97 17.37 -1.95 27.78
CA LEU E 97 18.77 -2.04 27.41
C LEU E 97 19.23 -3.46 27.10
N ASP E 98 18.45 -4.49 27.46
CA ASP E 98 18.90 -5.86 27.29
C ASP E 98 18.75 -6.32 25.84
N GLY E 99 17.52 -6.36 25.34
CA GLY E 99 17.30 -6.87 24.00
C GLY E 99 16.05 -6.31 23.38
N GLY E 100 15.93 -6.53 22.07
CA GLY E 100 14.78 -6.06 21.32
C GLY E 100 15.15 -5.19 20.14
N GLU E 101 14.21 -4.97 19.22
CA GLU E 101 14.45 -4.11 18.09
C GLU E 101 14.63 -2.67 18.56
N PRO E 102 15.62 -1.95 18.02
CA PRO E 102 15.89 -0.59 18.52
C PRO E 102 14.71 0.36 18.40
N LEU E 103 14.02 0.39 17.26
CA LEU E 103 12.99 1.39 17.05
C LEU E 103 11.78 1.16 17.95
N LEU E 104 11.36 -0.10 18.09
CA LEU E 104 10.25 -0.41 18.99
C LEU E 104 10.61 -0.06 20.43
N ASN E 105 11.85 -0.36 20.83
CA ASN E 105 12.31 0.00 22.17
C ASN E 105 12.26 1.51 22.38
N LEU E 106 12.69 2.27 21.37
CA LEU E 106 12.68 3.72 21.50
C LEU E 106 11.26 4.26 21.61
N LYS E 107 10.33 3.72 20.83
CA LYS E 107 8.95 4.18 20.92
C LYS E 107 8.34 3.87 22.28
N VAL E 108 8.60 2.66 22.80
CA VAL E 108 8.11 2.32 24.13
C VAL E 108 8.74 3.23 25.17
N LEU E 109 10.02 3.55 25.01
CA LEU E 109 10.69 4.46 25.93
C LEU E 109 10.04 5.84 25.92
N LEU E 110 9.69 6.33 24.73
CA LEU E 110 9.04 7.64 24.65
C LEU E 110 7.68 7.63 25.34
N GLU E 111 6.88 6.60 25.10
CA GLU E 111 5.58 6.53 25.75
C GLU E 111 5.72 6.43 27.27
N ALA E 112 6.66 5.60 27.73
CA ALA E 112 6.87 5.45 29.17
C ALA E 112 7.39 6.75 29.79
N PHE E 113 8.21 7.50 29.06
CA PHE E 113 8.70 8.77 29.57
C PHE E 113 7.57 9.78 29.68
N LYS E 114 6.66 9.79 28.71
CA LYS E 114 5.49 10.66 28.82
C LYS E 114 4.67 10.31 30.05
N THR E 115 4.45 9.01 30.28
CA THR E 115 3.72 8.58 31.48
C THR E 115 4.47 8.98 32.75
N PHE E 116 5.80 8.87 32.72
CA PHE E 116 6.62 9.24 33.87
C PHE E 116 6.48 10.73 34.18
N ILE E 117 6.48 11.57 33.14
CA ILE E 117 6.31 13.01 33.33
C ILE E 117 4.94 13.30 33.93
N ALA E 118 3.91 12.63 33.42
CA ALA E 118 2.56 12.83 33.97
C ALA E 118 2.50 12.43 35.43
N ALA E 119 3.13 11.30 35.78
CA ALA E 119 3.14 10.84 37.16
C ALA E 119 3.87 11.83 38.06
N LEU E 120 5.01 12.34 37.61
CA LEU E 120 5.73 13.33 38.41
C LEU E 120 4.91 14.61 38.58
N LYS E 121 4.18 15.00 37.54
CA LYS E 121 3.33 16.18 37.64
C LYS E 121 2.24 15.99 38.69
N THR E 122 1.55 14.86 38.65
CA THR E 122 0.43 14.67 39.57
C THR E 122 0.91 14.45 41.00
N ILE E 123 2.08 13.82 41.16
CA ILE E 123 2.60 13.58 42.51
C ILE E 123 3.00 14.89 43.17
N GLY E 124 3.75 15.73 42.47
CA GLY E 124 4.28 16.94 43.06
C GLY E 124 5.64 16.73 43.69
N PHE E 125 6.42 17.80 43.85
CA PHE E 125 7.77 17.70 44.38
C PHE E 125 8.02 18.83 45.38
N SER E 126 8.42 18.45 46.59
CA SER E 126 8.74 19.44 47.62
C SER E 126 10.19 19.30 48.09
N THR E 127 10.60 18.09 48.43
CA THR E 127 11.92 17.89 49.01
C THR E 127 12.99 17.83 47.93
N GLU E 128 14.23 18.14 48.32
CA GLU E 128 15.33 18.14 47.38
C GLU E 128 15.73 16.73 46.94
N GLU E 129 15.60 15.75 47.83
CA GLU E 129 16.00 14.39 47.51
C GLU E 129 15.18 13.83 46.35
N GLU E 130 13.86 14.06 46.38
CA GLU E 130 13.02 13.61 45.28
C GLU E 130 13.40 14.30 43.99
N ARG E 131 13.71 15.60 44.05
CA ARG E 131 14.18 16.32 42.88
C ARG E 131 15.42 15.67 42.29
N LEU E 132 16.43 15.43 43.15
CA LEU E 132 17.67 14.84 42.65
C LEU E 132 17.42 13.45 42.06
N GLU E 133 16.52 12.68 42.66
CA GLU E 133 16.17 11.39 42.09
C GLU E 133 15.57 11.55 40.69
N ALA E 134 14.66 12.52 40.53
CA ALA E 134 14.04 12.73 39.22
C ALA E 134 15.06 13.17 38.18
N TYR E 135 15.97 14.07 38.56
CA TYR E 135 17.00 14.52 37.63
C TYR E 135 17.95 13.40 37.24
N ARG E 136 18.31 12.54 38.21
CA ARG E 136 19.14 11.38 37.89
C ARG E 136 18.43 10.45 36.93
N VAL E 137 17.14 10.22 37.14
CA VAL E 137 16.37 9.37 36.23
C VAL E 137 16.33 9.98 34.84
N LEU E 138 16.17 11.30 34.75
CA LEU E 138 16.17 11.97 33.45
C LEU E 138 17.50 11.80 32.74
N THR E 139 18.61 11.96 33.47
CA THR E 139 19.92 11.77 32.87
C THR E 139 20.11 10.35 32.37
N LEU E 140 19.68 9.37 33.16
CA LEU E 140 19.77 7.97 32.75
C LEU E 140 18.95 7.73 31.49
N PHE E 141 17.74 8.29 31.45
CA PHE E 141 16.88 8.13 30.28
C PHE E 141 17.53 8.72 29.04
N VAL E 142 18.12 9.91 29.16
CA VAL E 142 18.73 10.56 28.01
C VAL E 142 19.89 9.72 27.49
N HIS E 143 20.76 9.27 28.39
CA HIS E 143 21.92 8.49 27.97
C HIS E 143 21.48 7.18 27.32
N THR E 144 20.50 6.50 27.91
CA THR E 144 20.02 5.24 27.34
C THR E 144 19.40 5.46 25.97
N PHE E 145 18.60 6.52 25.82
CA PHE E 145 17.96 6.80 24.54
C PHE E 145 18.99 7.08 23.47
N ILE E 146 20.01 7.88 23.79
CA ILE E 146 21.06 8.17 22.82
C ILE E 146 21.77 6.88 22.42
N PHE E 147 22.12 6.06 23.41
CA PHE E 147 22.87 4.84 23.13
C PHE E 147 22.07 3.90 22.23
N ILE E 148 20.78 3.75 22.50
CA ILE E 148 19.95 2.86 21.69
C ILE E 148 19.76 3.43 20.30
N SER E 149 19.51 4.74 20.20
CA SER E 149 19.18 5.34 18.91
C SER E 149 20.41 5.48 18.02
N ARG E 150 21.60 5.23 18.58
CA ARG E 150 22.82 5.27 17.77
C ARG E 150 22.76 4.40 16.52
N THR E 151 22.08 3.24 16.59
CA THR E 151 22.20 2.25 15.51
C THR E 151 21.27 2.51 14.34
N LEU E 152 20.31 3.42 14.47
CA LEU E 152 19.32 3.62 13.40
C LEU E 152 19.95 4.30 12.19
N ASN E 153 19.14 4.44 11.15
CA ASN E 153 19.53 5.21 9.98
C ASN E 153 19.24 6.69 10.21
N LEU E 154 19.49 7.51 9.18
CA LEU E 154 19.53 8.95 9.37
C LEU E 154 18.17 9.52 9.71
N GLU E 155 17.14 9.18 8.93
CA GLU E 155 15.84 9.83 9.08
C GLU E 155 15.19 9.47 10.41
N GLU E 156 15.19 8.18 10.76
CA GLU E 156 14.66 7.76 12.05
C GLU E 156 15.45 8.38 13.20
N PHE E 157 16.77 8.49 13.02
CA PHE E 157 17.61 9.13 14.03
C PHE E 157 17.15 10.56 14.27
N LEU E 158 16.98 11.34 13.20
CA LEU E 158 16.54 12.71 13.34
C LEU E 158 15.18 12.80 14.00
N LYS E 159 14.24 11.94 13.57
CA LYS E 159 12.89 11.98 14.14
C LYS E 159 12.92 11.71 15.63
N VAL E 160 13.59 10.63 16.05
CA VAL E 160 13.59 10.27 17.47
C VAL E 160 14.34 11.32 18.28
N LEU E 161 15.38 11.92 17.70
CA LEU E 161 16.11 12.97 18.41
C LEU E 161 15.24 14.18 18.65
N LEU E 162 14.45 14.59 17.65
CA LEU E 162 13.56 15.73 17.83
C LEU E 162 12.50 15.41 18.90
N GLU E 163 11.92 14.21 18.86
CA GLU E 163 10.97 13.84 19.90
C GLU E 163 11.61 13.85 21.28
N LEU E 164 12.87 13.39 21.37
CA LEU E 164 13.57 13.40 22.65
C LEU E 164 13.76 14.83 23.15
N ILE E 165 14.12 15.75 22.26
CA ILE E 165 14.32 17.14 22.67
C ILE E 165 13.01 17.73 23.18
N GLU E 166 11.91 17.47 22.46
CA GLU E 166 10.61 17.99 22.90
C GLU E 166 10.22 17.42 24.27
N LEU E 167 10.42 16.12 24.46
CA LEU E 167 10.07 15.53 25.76
C LEU E 167 10.97 16.05 26.86
N LEU E 168 12.23 16.34 26.54
CA LEU E 168 13.13 16.95 27.50
C LEU E 168 12.61 18.31 27.94
N GLU E 169 12.15 19.12 26.99
CA GLU E 169 11.60 20.42 27.32
C GLU E 169 10.37 20.27 28.20
N GLU E 170 9.50 19.31 27.86
CA GLU E 170 8.30 19.09 28.66
C GLU E 170 8.65 18.69 30.09
N PHE E 171 9.61 17.77 30.26
CA PHE E 171 9.99 17.35 31.60
C PHE E 171 10.57 18.51 32.39
N PHE E 172 11.43 19.32 31.77
CA PHE E 172 12.00 20.46 32.47
C PHE E 172 10.95 21.53 32.77
N LEU E 173 9.84 21.55 32.04
CA LEU E 173 8.69 22.35 32.43
C LEU E 173 7.82 21.69 33.49
N ALA E 174 7.99 20.39 33.75
CA ALA E 174 7.14 19.66 34.68
C ALA E 174 7.59 19.76 36.13
N VAL E 175 8.87 19.52 36.42
CA VAL E 175 9.36 19.45 37.79
C VAL E 175 9.85 20.84 38.19
N PRO E 176 9.25 21.48 39.20
CA PRO E 176 9.70 22.81 39.60
C PRO E 176 10.89 22.75 40.55
N GLY E 177 11.68 23.81 40.53
CA GLY E 177 12.84 23.93 41.39
C GLY E 177 13.68 25.16 41.08
N PRO E 178 14.86 25.23 41.70
CA PRO E 178 15.78 26.35 41.42
C PRO E 178 16.16 26.38 39.95
N PRO E 179 16.35 27.56 39.37
CA PRO E 179 16.56 27.65 37.92
C PRO E 179 17.98 27.39 37.48
N GLU E 180 18.96 27.49 38.39
CA GLU E 180 20.36 27.32 37.98
C GLU E 180 20.63 25.89 37.51
N GLN E 181 20.23 24.90 38.31
CA GLN E 181 20.39 23.52 37.89
C GLN E 181 19.51 23.22 36.68
N ARG E 182 18.31 23.81 36.65
CA ARG E 182 17.43 23.70 35.50
C ARG E 182 18.10 24.15 34.21
N ARG E 183 18.96 25.17 34.27
CA ARG E 183 19.71 25.63 33.11
C ARG E 183 20.91 24.74 32.82
N VAL E 184 21.66 24.37 33.86
CA VAL E 184 22.90 23.62 33.65
C VAL E 184 22.60 22.25 33.05
N LEU E 185 21.62 21.54 33.61
CA LEU E 185 21.31 20.20 33.09
C LEU E 185 20.77 20.28 31.67
N PHE E 186 19.93 21.27 31.38
CA PHE E 186 19.42 21.42 30.02
C PHE E 186 20.56 21.65 29.04
N GLU E 187 21.50 22.52 29.39
CA GLU E 187 22.63 22.78 28.51
C GLU E 187 23.46 21.51 28.30
N SER E 188 23.73 20.77 29.38
CA SER E 188 24.55 19.57 29.27
C SER E 188 23.87 18.51 28.41
N LEU E 189 22.56 18.31 28.61
CA LEU E 189 21.85 17.30 27.84
C LEU E 189 21.77 17.68 26.36
N LEU E 190 21.52 18.96 26.07
CA LEU E 190 21.53 19.39 24.68
C LEU E 190 22.90 19.21 24.05
N GLN E 191 23.96 19.46 24.82
CA GLN E 191 25.31 19.23 24.31
C GLN E 191 25.53 17.75 24.02
N ASP E 192 25.05 16.87 24.89
CA ASP E 192 25.18 15.43 24.65
C ASP E 192 24.48 15.04 23.36
N ILE E 193 23.26 15.53 23.16
CA ILE E 193 22.52 15.20 21.95
C ILE E 193 23.25 15.71 20.71
N LEU E 194 23.77 16.94 20.77
CA LEU E 194 24.47 17.51 19.63
C LEU E 194 25.74 16.72 19.31
N ASN E 195 26.50 16.34 20.33
CA ASN E 195 27.71 15.56 20.10
C ASN E 195 27.39 14.22 19.47
N THR E 196 26.34 13.54 19.95
CA THR E 196 25.95 12.27 19.35
C THR E 196 25.53 12.46 17.90
N PHE E 197 24.78 13.52 17.62
CA PHE E 197 24.32 13.76 16.25
C PHE E 197 25.50 14.02 15.32
N LYS E 198 26.47 14.82 15.77
CA LYS E 198 27.66 15.06 14.95
C LYS E 198 28.43 13.77 14.71
N LYS E 199 28.58 12.95 15.76
CA LYS E 199 29.30 11.70 15.63
C LYS E 199 28.64 10.80 14.59
N LYS E 200 27.31 10.71 14.62
CA LYS E 200 26.61 9.90 13.63
C LYS E 200 26.74 10.50 12.23
N LEU E 201 26.64 11.83 12.12
CA LEU E 201 26.67 12.47 10.82
C LEU E 201 28.02 12.31 10.14
N LYS E 202 29.09 12.19 10.93
CA LYS E 202 30.43 12.08 10.35
C LYS E 202 30.61 10.80 9.53
N LEU E 203 29.58 9.96 9.45
CA LEU E 203 29.63 8.72 8.68
C LEU E 203 29.17 8.92 7.23
N TYR E 204 28.75 10.12 6.87
CA TYR E 204 28.00 10.36 5.65
C TYR E 204 28.64 11.47 4.82
N PRO E 205 28.36 11.52 3.52
CA PRO E 205 28.96 12.54 2.67
C PRO E 205 28.65 13.97 3.13
N VAL E 206 29.34 14.92 2.53
CA VAL E 206 29.29 16.31 2.98
C VAL E 206 27.91 16.92 2.78
N GLU E 207 27.13 16.39 1.85
CA GLU E 207 25.83 16.99 1.53
C GLU E 207 24.87 16.87 2.71
N ALA E 208 24.83 15.71 3.37
CA ALA E 208 23.90 15.50 4.47
C ALA E 208 24.24 16.40 5.65
N GLN E 209 25.53 16.73 5.82
CA GLN E 209 25.97 17.56 6.92
C GLN E 209 25.20 18.87 6.95
N ILE E 210 25.18 19.58 5.82
CA ILE E 210 24.54 20.89 5.73
C ILE E 210 23.09 20.81 6.21
N LEU E 211 22.29 20.01 5.52
CA LEU E 211 20.86 19.93 5.80
C LEU E 211 20.60 19.54 7.26
N TYR E 212 21.17 18.42 7.69
CA TYR E 212 20.76 17.87 8.97
C TYR E 212 21.36 18.65 10.13
N LEU E 213 22.59 19.14 9.99
CA LEU E 213 23.16 20.03 11.00
C LEU E 213 22.31 21.28 11.13
N GLU E 214 21.87 21.85 10.00
CA GLU E 214 20.98 23.01 10.04
C GLU E 214 19.72 22.71 10.84
N ILE E 215 19.06 21.58 10.53
CA ILE E 215 17.80 21.27 11.19
C ILE E 215 18.01 21.12 12.70
N ILE E 216 19.03 20.34 13.09
CA ILE E 216 19.22 20.06 14.51
C ILE E 216 19.62 21.32 15.26
N LEU E 217 20.49 22.15 14.68
CA LEU E 217 20.92 23.37 15.36
C LEU E 217 19.75 24.34 15.52
N GLU E 218 18.92 24.47 14.50
CA GLU E 218 17.77 25.36 14.62
C GLU E 218 16.81 24.87 15.70
N LYS E 219 16.56 23.57 15.75
CA LYS E 219 15.66 23.03 16.78
C LYS E 219 16.23 23.26 18.17
N VAL E 220 17.54 23.04 18.33
CA VAL E 220 18.17 23.22 19.64
C VAL E 220 18.09 24.68 20.06
N GLU E 221 18.38 25.60 19.13
CA GLU E 221 18.30 27.02 19.46
C GLU E 221 16.89 27.42 19.84
N ASP E 222 15.89 26.91 19.12
CA ASP E 222 14.51 27.26 19.41
C ASP E 222 14.10 26.78 20.80
N VAL E 223 14.44 25.53 21.15
CA VAL E 223 14.03 25.02 22.45
C VAL E 223 14.77 25.74 23.57
N ARG E 224 16.04 26.08 23.34
CA ARG E 224 16.80 26.85 24.32
C ARG E 224 16.16 28.22 24.54
N LYS E 225 15.76 28.87 23.46
CA LYS E 225 15.11 30.18 23.58
C LYS E 225 13.80 30.08 24.34
N HIS E 226 13.01 29.04 24.04
CA HIS E 226 11.75 28.85 24.75
C HIS E 226 11.99 28.68 26.25
N PHE E 227 12.94 27.83 26.62
CA PHE E 227 13.23 27.61 28.04
C PHE E 227 13.71 28.89 28.71
N PHE E 228 14.60 29.63 28.02
CA PHE E 228 15.17 30.82 28.63
C PHE E 228 14.13 31.92 28.79
N GLU E 229 13.16 31.98 27.88
CA GLU E 229 12.04 32.89 28.06
C GLU E 229 11.14 32.42 29.20
N LYS E 230 11.02 31.09 29.36
CA LYS E 230 10.15 30.57 30.41
C LYS E 230 10.68 30.92 31.80
N TYR E 231 11.95 30.61 32.06
CA TYR E 231 12.41 30.67 33.45
C TYR E 231 12.59 32.11 33.91
N PHE E 232 12.77 33.04 32.97
CA PHE E 232 12.91 34.45 33.28
C PHE E 232 11.60 35.00 33.82
N ASN F 25 -36.03 -6.85 57.60
CA ASN F 25 -34.76 -6.22 57.95
C ASN F 25 -33.87 -6.15 56.71
N PRO F 26 -33.49 -4.93 56.31
CA PRO F 26 -32.73 -4.77 55.06
C PRO F 26 -31.41 -5.54 55.02
N LEU F 27 -30.75 -5.71 56.17
CA LEU F 27 -29.44 -6.37 56.18
C LEU F 27 -29.55 -7.83 55.72
N GLU F 28 -30.56 -8.55 56.21
CA GLU F 28 -30.75 -9.94 55.82
C GLU F 28 -31.07 -10.05 54.34
N LEU F 29 -31.88 -9.12 53.82
CA LEU F 29 -32.20 -9.12 52.41
C LEU F 29 -30.96 -8.87 51.56
N ALA F 30 -30.11 -7.94 52.00
CA ALA F 30 -28.86 -7.69 51.27
C ALA F 30 -27.97 -8.93 51.27
N LEU F 31 -27.88 -9.60 52.42
CA LEU F 31 -27.08 -10.82 52.49
C LEU F 31 -27.62 -11.90 51.55
N GLU F 32 -28.94 -12.11 51.56
CA GLU F 32 -29.51 -13.17 50.72
C GLU F 32 -29.35 -12.84 49.23
N LEU F 33 -29.48 -11.55 48.88
CA LEU F 33 -29.20 -11.14 47.51
C LEU F 33 -27.75 -11.42 47.13
N LYS F 34 -26.82 -11.10 48.03
CA LYS F 34 -25.42 -11.42 47.80
C LYS F 34 -25.24 -12.91 47.52
N GLU F 35 -25.81 -13.76 48.38
CA GLU F 35 -25.66 -15.20 48.21
C GLU F 35 -26.26 -15.68 46.89
N LYS F 36 -27.44 -15.18 46.56
CA LYS F 36 -28.07 -15.55 45.30
C LYS F 36 -27.17 -15.18 44.13
N VAL F 37 -26.55 -14.00 44.20
CA VAL F 37 -25.67 -13.57 43.12
C VAL F 37 -24.44 -14.45 43.04
N GLU F 38 -23.92 -14.87 44.20
CA GLU F 38 -22.71 -15.70 44.18
C GLU F 38 -22.95 -17.03 43.50
N LYS F 39 -24.01 -17.76 43.90
CA LYS F 39 -24.31 -18.99 43.18
C LYS F 39 -24.76 -18.74 41.74
N ALA F 40 -25.38 -17.60 41.47
CA ALA F 40 -25.71 -17.31 40.06
C ALA F 40 -24.45 -17.19 39.22
N ILE F 41 -23.46 -16.42 39.69
CA ILE F 41 -22.21 -16.27 38.96
C ILE F 41 -21.50 -17.61 38.84
N LYS F 42 -21.48 -18.37 39.93
CA LYS F 42 -20.82 -19.67 39.92
C LYS F 42 -21.45 -20.60 38.88
N GLU F 43 -22.78 -20.65 38.84
CA GLU F 43 -23.47 -21.47 37.86
C GLU F 43 -23.19 -21.00 36.44
N ILE F 44 -23.19 -19.68 36.22
CA ILE F 44 -23.02 -19.15 34.87
C ILE F 44 -21.60 -19.43 34.36
N LEU F 45 -20.60 -19.33 35.23
CA LEU F 45 -19.22 -19.49 34.81
C LEU F 45 -18.95 -20.91 34.30
N GLU F 46 -19.69 -21.90 34.80
CA GLU F 46 -19.44 -23.28 34.39
C GLU F 46 -19.91 -23.56 32.96
N ASN F 47 -20.68 -22.66 32.36
CA ASN F 47 -21.18 -22.91 31.02
C ASN F 47 -20.03 -22.92 30.02
N PRO F 48 -20.05 -23.82 29.03
CA PRO F 48 -18.95 -23.85 28.05
C PRO F 48 -19.03 -22.72 27.03
N ASN F 49 -20.24 -22.35 26.59
CA ASN F 49 -20.37 -21.35 25.53
C ASN F 49 -20.03 -19.96 26.06
N ILE F 50 -19.09 -19.29 25.39
CA ILE F 50 -18.63 -17.99 25.85
C ILE F 50 -19.73 -16.94 25.70
N GLU F 51 -20.38 -16.92 24.53
CA GLU F 51 -21.43 -15.94 24.30
C GLU F 51 -22.58 -16.12 25.27
N THR F 52 -22.89 -17.38 25.62
CA THR F 52 -23.90 -17.62 26.64
C THR F 52 -23.49 -17.01 27.97
N ARG F 53 -22.22 -17.15 28.34
CA ARG F 53 -21.73 -16.54 29.57
C ARG F 53 -21.91 -15.02 29.53
N ILE F 54 -21.54 -14.40 28.41
CA ILE F 54 -21.63 -12.94 28.30
C ILE F 54 -23.09 -12.49 28.45
N LEU F 55 -23.98 -13.11 27.68
CA LEU F 55 -25.38 -12.70 27.70
C LEU F 55 -26.02 -12.92 29.07
N ARG F 56 -25.74 -14.07 29.69
CA ARG F 56 -26.35 -14.35 30.98
C ARG F 56 -25.77 -13.47 32.07
N LEU F 57 -24.51 -13.07 31.94
CA LEU F 57 -23.95 -12.10 32.88
C LEU F 57 -24.62 -10.74 32.73
N LYS F 58 -24.91 -10.33 31.49
CA LYS F 58 -25.64 -9.08 31.30
C LYS F 58 -27.04 -9.15 31.93
N GLU F 59 -27.72 -10.28 31.73
CA GLU F 59 -29.03 -10.46 32.37
C GLU F 59 -28.90 -10.44 33.89
N LEU F 60 -27.84 -11.05 34.42
CA LEU F 60 -27.62 -11.04 35.85
C LEU F 60 -27.45 -9.62 36.36
N LEU F 61 -26.71 -8.79 35.62
CA LEU F 61 -26.55 -7.40 36.01
C LEU F 61 -27.88 -6.66 36.03
N ASP F 62 -28.70 -6.87 34.99
CA ASP F 62 -30.00 -6.20 34.95
C ASP F 62 -30.90 -6.66 36.09
N GLU F 63 -30.91 -7.97 36.36
CA GLU F 63 -31.73 -8.50 37.45
C GLU F 63 -31.23 -8.00 38.79
N VAL F 64 -29.91 -7.84 38.93
CA VAL F 64 -29.35 -7.27 40.16
C VAL F 64 -29.83 -5.85 40.34
N LEU F 65 -29.84 -5.06 39.27
CA LEU F 65 -30.36 -3.70 39.34
C LEU F 65 -31.81 -3.69 39.80
N HIS F 66 -32.63 -4.53 39.19
CA HIS F 66 -34.05 -4.58 39.57
C HIS F 66 -34.24 -5.01 41.01
N ALA F 67 -33.46 -6.00 41.46
CA ALA F 67 -33.55 -6.45 42.84
C ALA F 67 -33.13 -5.36 43.81
N ILE F 68 -32.07 -4.63 43.49
CA ILE F 68 -31.61 -3.53 44.35
C ILE F 68 -32.70 -2.47 44.45
N ALA F 69 -33.39 -2.21 43.33
CA ALA F 69 -34.46 -1.22 43.34
C ALA F 69 -35.49 -1.54 44.41
N LEU F 70 -35.86 -2.81 44.56
CA LEU F 70 -36.84 -3.19 45.57
C LEU F 70 -36.23 -3.20 46.97
N ILE F 71 -34.93 -3.46 47.06
CA ILE F 71 -34.29 -3.64 48.38
C ILE F 71 -34.33 -2.31 49.13
N PRO F 72 -34.79 -2.29 50.38
CA PRO F 72 -34.72 -1.05 51.16
C PRO F 72 -33.27 -0.59 51.31
N GLN F 73 -33.09 0.73 51.26
CA GLN F 73 -31.78 1.34 51.15
C GLN F 73 -31.46 2.10 52.43
N ASN F 74 -30.31 1.79 53.03
CA ASN F 74 -29.85 2.49 54.21
C ASN F 74 -28.32 2.41 54.25
N GLU F 75 -27.73 2.76 55.39
CA GLU F 75 -26.28 2.85 55.52
C GLU F 75 -25.59 1.51 55.34
N GLU F 76 -26.08 0.47 56.03
CA GLU F 76 -25.35 -0.79 56.07
C GLU F 76 -25.45 -1.56 54.76
N THR F 77 -26.60 -1.47 54.08
CA THR F 77 -26.78 -2.27 52.87
C THR F 77 -26.02 -1.68 51.69
N ARG F 78 -25.76 -0.37 51.72
CA ARG F 78 -25.11 0.31 50.58
C ARG F 78 -23.76 -0.30 50.23
N PRO F 79 -22.83 -0.49 51.17
CA PRO F 79 -21.56 -1.15 50.79
C PRO F 79 -21.76 -2.54 50.23
N ILE F 80 -22.69 -3.31 50.78
CA ILE F 80 -22.90 -4.69 50.30
C ILE F 80 -23.37 -4.67 48.85
N LEU F 81 -24.32 -3.79 48.53
CA LEU F 81 -24.78 -3.68 47.16
C LEU F 81 -23.64 -3.23 46.23
N VAL F 82 -22.81 -2.30 46.71
CA VAL F 82 -21.68 -1.87 45.89
C VAL F 82 -20.76 -3.05 45.58
N ARG F 83 -20.45 -3.86 46.59
CA ARG F 83 -19.58 -5.01 46.37
C ARG F 83 -20.18 -5.98 45.38
N VAL F 84 -21.47 -6.30 45.53
CA VAL F 84 -22.04 -7.34 44.66
C VAL F 84 -22.06 -6.85 43.21
N VAL F 85 -22.43 -5.57 43.00
CA VAL F 85 -22.41 -5.05 41.64
C VAL F 85 -21.00 -5.04 41.08
N VAL F 86 -20.00 -4.73 41.92
CA VAL F 86 -18.62 -4.72 41.45
C VAL F 86 -18.19 -6.11 41.03
N GLU F 87 -18.53 -7.13 41.81
CA GLU F 87 -18.17 -8.50 41.45
C GLU F 87 -18.82 -8.90 40.13
N VAL F 88 -20.11 -8.58 39.96
CA VAL F 88 -20.77 -8.93 38.71
C VAL F 88 -20.08 -8.25 37.53
N MET F 89 -19.77 -6.96 37.67
CA MET F 89 -19.16 -6.24 36.56
C MET F 89 -17.77 -6.77 36.23
N GLU F 90 -16.95 -7.06 37.25
CA GLU F 90 -15.60 -7.52 36.95
C GLU F 90 -15.61 -8.93 36.37
N ALA F 91 -16.56 -9.77 36.81
CA ALA F 91 -16.70 -11.09 36.21
C ALA F 91 -17.09 -10.96 34.75
N LEU F 92 -18.00 -10.04 34.44
CA LEU F 92 -18.40 -9.84 33.05
C LEU F 92 -17.23 -9.33 32.21
N LEU F 93 -16.44 -8.40 32.76
CA LEU F 93 -15.28 -7.90 32.02
C LEU F 93 -14.29 -9.02 31.72
N HIS F 94 -14.01 -9.86 32.72
CA HIS F 94 -13.09 -10.98 32.48
C HIS F 94 -13.66 -11.95 31.45
N ALA F 95 -14.96 -12.24 31.53
CA ALA F 95 -15.56 -13.17 30.58
C ALA F 95 -15.52 -12.61 29.16
N VAL F 96 -15.74 -11.31 29.01
CA VAL F 96 -15.75 -10.66 27.70
C VAL F 96 -14.33 -10.68 27.14
N LEU F 97 -13.34 -10.51 28.01
CA LEU F 97 -11.95 -10.54 27.59
C LEU F 97 -11.50 -11.90 27.08
N ASP F 98 -12.24 -12.97 27.36
CA ASP F 98 -11.78 -14.30 26.99
C ASP F 98 -11.98 -14.57 25.51
N GLY F 99 -13.22 -14.52 25.03
CA GLY F 99 -13.49 -14.84 23.64
C GLY F 99 -14.74 -14.16 23.13
N GLY F 100 -14.91 -14.22 21.82
CA GLY F 100 -16.06 -13.63 21.17
C GLY F 100 -15.68 -12.61 20.11
N GLU F 101 -16.63 -12.24 19.27
CA GLU F 101 -16.37 -11.22 18.26
C GLU F 101 -16.15 -9.87 18.93
N PRO F 102 -15.20 -9.08 18.44
CA PRO F 102 -14.88 -7.79 19.11
C PRO F 102 -16.06 -6.84 19.20
N LEU F 103 -16.75 -6.58 18.07
CA LEU F 103 -17.79 -5.55 18.07
C LEU F 103 -18.96 -5.94 18.95
N LEU F 104 -19.36 -7.21 18.91
CA LEU F 104 -20.45 -7.67 19.77
C LEU F 104 -20.09 -7.52 21.23
N ASN F 105 -18.86 -7.89 21.60
CA ASN F 105 -18.41 -7.74 22.98
C ASN F 105 -18.42 -6.27 23.38
N LEU F 106 -17.99 -5.39 22.49
CA LEU F 106 -17.98 -3.96 22.80
C LEU F 106 -19.39 -3.43 23.03
N LYS F 107 -20.34 -3.84 22.19
CA LYS F 107 -21.72 -3.39 22.37
C LYS F 107 -22.31 -3.90 23.68
N VAL F 108 -22.07 -5.17 24.00
CA VAL F 108 -22.55 -5.71 25.27
C VAL F 108 -21.91 -4.97 26.44
N LEU F 109 -20.63 -4.63 26.30
CA LEU F 109 -19.94 -3.88 27.34
C LEU F 109 -20.56 -2.50 27.52
N LEU F 110 -20.93 -1.85 26.42
CA LEU F 110 -21.56 -0.54 26.52
C LEU F 110 -22.89 -0.61 27.25
N GLU F 111 -23.72 -1.59 26.89
CA GLU F 111 -25.02 -1.75 27.56
C GLU F 111 -24.84 -2.07 29.03
N ALA F 112 -23.90 -2.96 29.35
CA ALA F 112 -23.66 -3.32 30.74
C ALA F 112 -23.12 -2.15 31.54
N PHE F 113 -22.30 -1.31 30.91
CA PHE F 113 -21.77 -0.14 31.62
C PHE F 113 -22.88 0.88 31.89
N LYS F 114 -23.81 1.03 30.94
CA LYS F 114 -24.96 1.89 31.19
C LYS F 114 -25.78 1.35 32.37
N THR F 115 -26.00 0.04 32.42
CA THR F 115 -26.71 -0.55 33.54
C THR F 115 -25.94 -0.35 34.85
N PHE F 116 -24.61 -0.44 34.79
CA PHE F 116 -23.77 -0.23 35.96
C PHE F 116 -23.93 1.20 36.48
N ILE F 117 -23.96 2.18 35.57
CA ILE F 117 -24.15 3.57 35.98
C ILE F 117 -25.52 3.74 36.64
N ALA F 118 -26.55 3.15 36.04
CA ALA F 118 -27.88 3.25 36.63
C ALA F 118 -27.92 2.63 38.02
N ALA F 119 -27.29 1.47 38.18
CA ALA F 119 -27.26 0.81 39.49
C ALA F 119 -26.52 1.66 40.51
N LEU F 120 -25.39 2.25 40.13
CA LEU F 120 -24.66 3.09 41.05
C LEU F 120 -25.46 4.32 41.45
N LYS F 121 -26.19 4.91 40.49
CA LYS F 121 -27.03 6.06 40.82
C LYS F 121 -28.13 5.66 41.81
N THR F 122 -28.75 4.51 41.60
CA THR F 122 -29.83 4.07 42.49
C THR F 122 -29.29 3.77 43.89
N ILE F 123 -28.12 3.14 43.97
CA ILE F 123 -27.60 2.69 45.27
C ILE F 123 -27.26 3.87 46.17
N GLY F 124 -26.60 4.88 45.62
CA GLY F 124 -26.09 5.96 46.46
C GLY F 124 -24.63 5.76 46.79
N PHE F 125 -23.97 6.77 47.35
CA PHE F 125 -22.53 6.71 47.56
C PHE F 125 -22.13 7.62 48.70
N SER F 126 -21.67 7.02 49.81
CA SER F 126 -21.26 7.80 50.97
C SER F 126 -19.81 7.57 51.35
N THR F 127 -19.39 6.31 51.46
CA THR F 127 -18.07 6.00 51.99
C THR F 127 -17.01 6.12 50.91
N GLU F 128 -15.77 6.39 51.35
CA GLU F 128 -14.67 6.56 50.41
C GLU F 128 -14.25 5.25 49.77
N GLU F 129 -14.34 4.14 50.51
CA GLU F 129 -13.92 2.84 49.97
C GLU F 129 -14.75 2.46 48.77
N GLU F 130 -16.07 2.68 48.84
CA GLU F 130 -16.93 2.40 47.70
C GLU F 130 -16.57 3.27 46.51
N ARG F 131 -16.26 4.55 46.75
CA ARG F 131 -15.86 5.44 45.68
C ARG F 131 -14.60 4.92 45.00
N LEU F 132 -13.61 4.52 45.80
CA LEU F 132 -12.37 4.00 45.23
C LEU F 132 -12.63 2.73 44.42
N GLU F 133 -13.51 1.86 44.91
CA GLU F 133 -13.84 0.64 44.17
C GLU F 133 -14.50 0.97 42.85
N ALA F 134 -15.42 1.94 42.85
CA ALA F 134 -16.11 2.32 41.62
C ALA F 134 -15.13 2.91 40.62
N TYR F 135 -14.22 3.77 41.08
CA TYR F 135 -13.21 4.34 40.18
C TYR F 135 -12.30 3.25 39.62
N ARG F 136 -11.92 2.27 40.45
CA ARG F 136 -11.11 1.17 39.96
C ARG F 136 -11.85 0.39 38.88
N VAL F 137 -13.15 0.14 39.09
CA VAL F 137 -13.95 -0.55 38.09
C VAL F 137 -14.01 0.26 36.80
N LEU F 138 -14.15 1.58 36.92
CA LEU F 138 -14.19 2.43 35.72
C LEU F 138 -12.88 2.36 34.95
N THR F 139 -11.75 2.40 35.66
CA THR F 139 -10.46 2.31 34.98
C THR F 139 -10.30 0.96 34.30
N LEU F 140 -10.72 -0.12 34.96
CA LEU F 140 -10.67 -1.44 34.36
C LEU F 140 -11.52 -1.49 33.09
N PHE F 141 -12.72 -0.92 33.16
CA PHE F 141 -13.60 -0.89 32.00
C PHE F 141 -12.96 -0.14 30.84
N VAL F 142 -12.37 1.02 31.13
CA VAL F 142 -11.78 1.83 30.06
C VAL F 142 -10.63 1.09 29.41
N HIS F 143 -9.75 0.48 30.22
CA HIS F 143 -8.62 -0.24 29.66
C HIS F 143 -9.07 -1.42 28.82
N THR F 144 -10.04 -2.19 29.33
CA THR F 144 -10.54 -3.34 28.59
C THR F 144 -11.19 -2.92 27.28
N PHE F 145 -11.99 -1.85 27.31
CA PHE F 145 -12.65 -1.37 26.10
C PHE F 145 -11.63 -0.93 25.06
N ILE F 146 -10.61 -0.20 25.48
CA ILE F 146 -9.56 0.21 24.56
C ILE F 146 -8.89 -1.00 23.94
N PHE F 147 -8.51 -1.96 24.78
CA PHE F 147 -7.78 -3.13 24.31
C PHE F 147 -8.59 -3.91 23.30
N ILE F 148 -9.89 -4.09 23.57
CA ILE F 148 -10.73 -4.85 22.66
C ILE F 148 -10.97 -4.08 21.36
N SER F 149 -11.20 -2.77 21.47
CA SER F 149 -11.57 -1.99 20.30
C SER F 149 -10.36 -1.70 19.42
N ARG F 150 -9.16 -2.03 19.89
CA ARG F 150 -7.97 -1.87 19.06
C ARG F 150 -8.09 -2.54 17.69
N THR F 151 -8.76 -3.68 17.61
CA THR F 151 -8.68 -4.52 16.41
C THR F 151 -9.63 -4.07 15.29
N LEU F 152 -10.60 -3.20 15.58
CA LEU F 152 -11.59 -2.85 14.58
C LEU F 152 -10.98 -1.97 13.49
N ASN F 153 -11.79 -1.69 12.46
CA ASN F 153 -11.40 -0.76 11.42
C ASN F 153 -11.66 0.67 11.89
N LEU F 154 -11.46 1.62 10.98
CA LEU F 154 -11.42 3.04 11.37
C LEU F 154 -12.78 3.55 11.81
N GLU F 155 -13.82 3.31 11.01
CA GLU F 155 -15.11 3.93 11.28
C GLU F 155 -15.73 3.40 12.56
N GLU F 156 -15.72 2.08 12.74
CA GLU F 156 -16.21 1.50 13.98
C GLU F 156 -15.38 1.96 15.17
N PHE F 157 -14.08 2.14 14.96
CA PHE F 157 -13.22 2.68 16.01
C PHE F 157 -13.71 4.05 16.45
N LEU F 158 -13.92 4.95 15.50
CA LEU F 158 -14.43 6.28 15.84
C LEU F 158 -15.75 6.19 16.59
N LYS F 159 -16.67 5.38 16.08
CA LYS F 159 -17.99 5.30 16.70
C LYS F 159 -17.89 4.82 18.15
N VAL F 160 -17.17 3.71 18.37
CA VAL F 160 -17.11 3.15 19.72
C VAL F 160 -16.36 4.08 20.65
N LEU F 161 -15.33 4.77 20.15
CA LEU F 161 -14.61 5.72 21.01
C LEU F 161 -15.50 6.87 21.43
N LEU F 162 -16.31 7.40 20.51
CA LEU F 162 -17.21 8.48 20.88
C LEU F 162 -18.24 8.04 21.91
N GLU F 163 -18.81 6.84 21.72
CA GLU F 163 -19.74 6.33 22.73
C GLU F 163 -19.05 6.14 24.08
N LEU F 164 -17.82 5.64 24.06
CA LEU F 164 -17.09 5.45 25.31
C LEU F 164 -16.87 6.77 26.02
N ILE F 165 -16.50 7.82 25.27
CA ILE F 165 -16.28 9.12 25.89
C ILE F 165 -17.57 9.66 26.49
N GLU F 166 -18.68 9.51 25.75
CA GLU F 166 -19.95 10.00 26.27
C GLU F 166 -20.35 9.29 27.57
N LEU F 167 -20.26 7.96 27.60
CA LEU F 167 -20.66 7.26 28.82
C LEU F 167 -19.66 7.49 29.95
N LEU F 168 -18.40 7.76 29.61
CA LEU F 168 -17.43 8.15 30.63
C LEU F 168 -17.85 9.46 31.29
N GLU F 169 -18.28 10.42 30.49
CA GLU F 169 -18.79 11.68 31.03
C GLU F 169 -20.02 11.44 31.90
N GLU F 170 -20.92 10.56 31.44
CA GLU F 170 -22.11 10.26 32.24
C GLU F 170 -21.73 9.64 33.58
N PHE F 171 -20.80 8.69 33.59
CA PHE F 171 -20.39 8.09 34.86
C PHE F 171 -19.76 9.11 35.78
N PHE F 172 -18.89 9.97 35.26
CA PHE F 172 -18.28 11.00 36.10
C PHE F 172 -19.29 12.02 36.59
N LEU F 173 -20.43 12.17 35.90
CA LEU F 173 -21.53 12.94 36.44
C LEU F 173 -22.45 12.15 37.38
N ALA F 174 -22.29 10.82 37.45
CA ALA F 174 -23.17 9.98 38.24
C ALA F 174 -22.73 9.82 39.69
N VAL F 175 -21.44 9.60 39.94
CA VAL F 175 -20.94 9.30 41.28
C VAL F 175 -20.46 10.59 41.91
N PRO F 176 -21.05 11.04 43.02
CA PRO F 176 -20.59 12.27 43.66
C PRO F 176 -19.36 12.06 44.52
N GLY F 177 -18.57 13.13 44.64
CA GLY F 177 -17.37 13.09 45.44
C GLY F 177 -16.53 14.35 45.29
N PRO F 178 -15.34 14.35 45.89
CA PRO F 178 -14.43 15.49 45.74
C PRO F 178 -14.06 15.73 44.29
N PRO F 179 -13.87 16.98 43.89
CA PRO F 179 -13.68 17.26 42.45
C PRO F 179 -12.25 17.10 41.96
N GLU F 180 -11.25 17.10 42.85
CA GLU F 180 -9.87 16.98 42.38
C GLU F 180 -9.62 15.62 41.74
N GLN F 181 -10.08 14.55 42.38
CA GLN F 181 -9.94 13.23 41.77
C GLN F 181 -10.83 13.10 40.55
N ARG F 182 -12.02 13.71 40.59
CA ARG F 182 -12.88 13.77 39.41
C ARG F 182 -12.19 14.39 38.22
N ARG F 183 -11.33 15.38 38.43
CA ARG F 183 -10.58 16.00 37.35
C ARG F 183 -9.40 15.15 36.92
N VAL F 184 -8.61 14.66 37.88
CA VAL F 184 -7.40 13.91 37.54
C VAL F 184 -7.74 12.64 36.79
N LEU F 185 -8.73 11.89 37.29
CA LEU F 185 -9.11 10.64 36.64
C LEU F 185 -9.63 10.88 35.24
N PHE F 186 -10.46 11.91 35.07
CA PHE F 186 -10.99 12.23 33.74
C PHE F 186 -9.86 12.58 32.77
N GLU F 187 -8.91 13.40 33.23
CA GLU F 187 -7.81 13.78 32.36
C GLU F 187 -6.98 12.55 31.97
N SER F 188 -6.70 11.68 32.93
CA SER F 188 -5.91 10.49 32.64
C SER F 188 -6.61 9.58 31.64
N LEU F 189 -7.92 9.37 31.83
CA LEU F 189 -8.65 8.48 30.93
C LEU F 189 -8.75 9.07 29.53
N LEU F 190 -9.01 10.38 29.43
CA LEU F 190 -9.04 11.01 28.12
C LEU F 190 -7.67 10.91 27.44
N GLN F 191 -6.59 11.05 28.21
CA GLN F 191 -5.26 10.90 27.64
C GLN F 191 -5.04 9.48 27.13
N ASP F 192 -5.52 8.48 27.88
CA ASP F 192 -5.40 7.10 27.43
C ASP F 192 -6.11 6.90 26.10
N ILE F 193 -7.35 7.42 26.01
CA ILE F 193 -8.11 7.28 24.78
C ILE F 193 -7.39 7.97 23.61
N LEU F 194 -6.88 9.17 23.86
CA LEU F 194 -6.21 9.92 22.80
C LEU F 194 -4.94 9.21 22.33
N ASN F 195 -4.16 8.67 23.26
CA ASN F 195 -2.95 7.96 22.88
C ASN F 195 -3.29 6.72 22.06
N THR F 196 -4.31 5.97 22.47
CA THR F 196 -4.71 4.80 21.69
C THR F 196 -5.17 5.20 20.29
N PHE F 197 -5.94 6.29 20.20
CA PHE F 197 -6.44 6.73 18.89
C PHE F 197 -5.29 7.13 17.97
N LYS F 198 -4.31 7.86 18.51
CA LYS F 198 -3.14 8.22 17.71
C LYS F 198 -2.37 6.98 17.28
N LYS F 199 -2.20 6.03 18.19
CA LYS F 199 -1.48 4.80 17.86
C LYS F 199 -2.15 4.06 16.72
N LYS F 200 -3.48 3.98 16.74
CA LYS F 200 -4.20 3.31 15.66
C LYS F 200 -4.10 4.11 14.37
N LEU F 201 -4.20 5.44 14.46
CA LEU F 201 -4.19 6.26 13.26
C LEU F 201 -2.85 6.20 12.54
N LYS F 202 -1.76 5.99 13.28
CA LYS F 202 -0.44 5.99 12.66
C LYS F 202 -0.25 4.84 11.67
N LEU F 203 -1.27 3.99 11.48
CA LEU F 203 -1.22 2.89 10.54
C LEU F 203 -1.76 3.27 9.17
N TYR F 204 -2.20 4.50 8.98
CA TYR F 204 -2.99 4.90 7.84
C TYR F 204 -2.38 6.11 7.16
N PRO F 205 -2.69 6.33 5.88
CA PRO F 205 -2.10 7.46 5.14
C PRO F 205 -2.41 8.80 5.78
N VAL F 206 -1.73 9.83 5.27
CA VAL F 206 -1.70 11.13 5.93
C VAL F 206 -3.05 11.82 5.93
N GLU F 207 -3.86 11.58 4.90
CA GLU F 207 -5.13 12.30 4.77
C GLU F 207 -6.09 11.98 5.91
N ALA F 208 -6.16 10.70 6.31
CA ALA F 208 -7.09 10.32 7.37
C ALA F 208 -6.70 10.95 8.70
N GLN F 209 -5.41 11.21 8.90
CA GLN F 209 -4.95 11.84 10.13
C GLN F 209 -5.70 13.13 10.38
N ILE F 210 -5.74 14.02 9.39
CA ILE F 210 -6.37 15.33 9.53
C ILE F 210 -7.81 15.15 9.99
N LEU F 211 -8.61 14.46 9.20
CA LEU F 211 -10.04 14.31 9.49
C LEU F 211 -10.28 13.74 10.87
N TYR F 212 -9.81 12.51 11.11
CA TYR F 212 -10.21 11.83 12.33
C TYR F 212 -9.55 12.44 13.57
N LEU F 213 -8.31 12.90 13.45
CA LEU F 213 -7.66 13.59 14.56
C LEU F 213 -8.43 14.84 14.93
N GLU F 214 -8.87 15.60 13.92
CA GLU F 214 -9.69 16.78 14.18
C GLU F 214 -10.97 16.42 14.93
N ILE F 215 -11.66 15.37 14.46
CA ILE F 215 -12.94 14.99 15.07
C ILE F 215 -12.72 14.62 16.53
N ILE F 216 -11.71 13.79 16.81
CA ILE F 216 -11.51 13.31 18.17
C ILE F 216 -11.08 14.46 19.08
N LEU F 217 -10.23 15.37 18.58
CA LEU F 217 -9.80 16.49 19.40
C LEU F 217 -10.97 17.39 19.76
N GLU F 218 -11.85 17.67 18.80
CA GLU F 218 -13.00 18.50 19.11
C GLU F 218 -13.92 17.80 20.12
N LYS F 219 -14.12 16.50 19.97
CA LYS F 219 -14.98 15.78 20.91
C LYS F 219 -14.42 15.84 22.33
N VAL F 220 -13.12 15.58 22.49
CA VAL F 220 -12.53 15.56 23.83
C VAL F 220 -12.53 16.97 24.41
N GLU F 221 -12.28 17.99 23.58
CA GLU F 221 -12.31 19.36 24.07
C GLU F 221 -13.71 19.73 24.56
N ASP F 222 -14.74 19.34 23.80
CA ASP F 222 -16.11 19.65 24.19
C ASP F 222 -16.48 18.97 25.50
N VAL F 223 -16.13 17.68 25.65
CA VAL F 223 -16.52 16.98 26.87
C VAL F 223 -15.76 17.54 28.07
N ARG F 224 -14.48 17.90 27.87
CA ARG F 224 -13.71 18.50 28.94
C ARG F 224 -14.32 19.83 29.36
N LYS F 225 -14.74 20.65 28.38
CA LYS F 225 -15.37 21.93 28.70
C LYS F 225 -16.67 21.73 29.46
N HIS F 226 -17.48 20.75 29.04
CA HIS F 226 -18.73 20.48 29.74
C HIS F 226 -18.47 20.08 31.19
N PHE F 227 -17.50 19.18 31.41
CA PHE F 227 -17.21 18.75 32.78
C PHE F 227 -16.68 19.90 33.62
N PHE F 228 -15.80 20.72 33.04
CA PHE F 228 -15.19 21.80 33.81
C PHE F 228 -16.22 22.89 34.12
N GLU F 229 -17.21 23.07 33.26
CA GLU F 229 -18.32 23.95 33.60
C GLU F 229 -19.19 23.33 34.68
N LYS F 230 -19.34 22.00 34.65
CA LYS F 230 -20.19 21.34 35.63
C LYS F 230 -19.63 21.47 37.04
N TYR F 231 -18.35 21.10 37.23
CA TYR F 231 -17.86 20.96 38.60
C TYR F 231 -17.66 22.32 39.25
N PHE F 232 -17.49 23.37 38.45
CA PHE F 232 -17.34 24.72 38.96
C PHE F 232 -18.62 25.18 39.62
N ASN G 25 7.16 -49.34 25.62
CA ASN G 25 8.46 -49.19 26.28
C ASN G 25 9.25 -48.04 25.66
N PRO G 26 9.76 -47.13 26.51
CA PRO G 26 10.42 -45.92 26.00
C PRO G 26 11.62 -46.20 25.08
N LEU G 27 12.38 -47.26 25.36
CA LEU G 27 13.59 -47.53 24.60
C LEU G 27 13.26 -47.82 23.14
N GLU G 28 12.23 -48.63 22.89
CA GLU G 28 11.84 -48.95 21.53
C GLU G 28 11.35 -47.70 20.80
N LEU G 29 10.59 -46.85 21.49
CA LEU G 29 10.13 -45.61 20.88
C LEU G 29 11.30 -44.71 20.50
N ALA G 30 12.29 -44.59 21.39
CA ALA G 30 13.46 -43.79 21.08
C ALA G 30 14.21 -44.35 19.88
N LEU G 31 14.34 -45.68 19.81
CA LEU G 31 15.02 -46.29 18.68
C LEU G 31 14.27 -46.03 17.37
N GLU G 32 12.94 -46.19 17.38
CA GLU G 32 12.18 -45.99 16.15
C GLU G 32 12.21 -44.53 15.71
N LEU G 33 12.18 -43.61 16.68
CA LEU G 33 12.35 -42.20 16.34
C LEU G 33 13.72 -41.94 15.72
N LYS G 34 14.77 -42.55 16.29
CA LYS G 34 16.09 -42.45 15.69
C LYS G 34 16.09 -42.91 14.25
N GLU G 35 15.53 -44.09 13.99
CA GLU G 35 15.52 -44.65 12.65
C GLU G 35 14.73 -43.75 11.69
N LYS G 36 13.58 -43.26 12.13
CA LYS G 36 12.79 -42.37 11.29
C LYS G 36 13.60 -41.13 10.93
N VAL G 37 14.32 -40.58 11.90
CA VAL G 37 15.12 -39.39 11.63
C VAL G 37 16.25 -39.72 10.66
N GLU G 38 16.85 -40.91 10.77
CA GLU G 38 17.95 -41.25 9.88
C GLU G 38 17.49 -41.32 8.43
N LYS G 39 16.40 -42.05 8.15
CA LYS G 39 15.94 -42.04 6.75
C LYS G 39 15.38 -40.68 6.34
N ALA G 40 14.86 -39.90 7.29
CA ALA G 40 14.43 -38.56 6.93
C ALA G 40 15.60 -37.72 6.44
N ILE G 41 16.71 -37.75 7.17
CA ILE G 41 17.91 -37.00 6.77
C ILE G 41 18.44 -37.53 5.45
N LYS G 42 18.46 -38.86 5.30
CA LYS G 42 18.98 -39.46 4.07
C LYS G 42 18.14 -39.05 2.86
N GLU G 43 16.81 -39.05 3.01
CA GLU G 43 15.95 -38.59 1.93
C GLU G 43 16.17 -37.11 1.64
N ILE G 44 16.29 -36.29 2.68
CA ILE G 44 16.31 -34.85 2.50
C ILE G 44 17.61 -34.41 1.84
N LEU G 45 18.73 -35.01 2.26
CA LEU G 45 20.03 -34.63 1.69
C LEU G 45 20.10 -34.96 0.20
N GLU G 46 19.28 -35.91 -0.27
CA GLU G 46 19.29 -36.28 -1.67
C GLU G 46 18.76 -35.16 -2.56
N ASN G 47 17.92 -34.27 -2.02
CA ASN G 47 17.29 -33.24 -2.84
C ASN G 47 18.33 -32.31 -3.45
N PRO G 48 18.18 -31.94 -4.72
CA PRO G 48 19.18 -31.05 -5.34
C PRO G 48 19.11 -29.62 -4.84
N ASN G 49 17.91 -29.08 -4.62
CA ASN G 49 17.76 -27.68 -4.25
C ASN G 49 18.27 -27.46 -2.83
N ILE G 50 19.18 -26.49 -2.67
CA ILE G 50 19.78 -26.24 -1.36
C ILE G 50 18.78 -25.61 -0.41
N GLU G 51 18.02 -24.61 -0.89
CA GLU G 51 17.07 -23.93 -0.01
C GLU G 51 16.00 -24.87 0.49
N THR G 52 15.53 -25.79 -0.36
CA THR G 52 14.62 -26.82 0.09
C THR G 52 15.26 -27.68 1.17
N ARG G 53 16.53 -28.03 1.00
CA ARG G 53 17.22 -28.82 2.02
C ARG G 53 17.21 -28.08 3.35
N ILE G 54 17.53 -26.80 3.34
CA ILE G 54 17.59 -26.03 4.58
C ILE G 54 16.22 -25.97 5.25
N LEU G 55 15.18 -25.62 4.48
CA LEU G 55 13.86 -25.47 5.07
C LEU G 55 13.32 -26.79 5.60
N ARG G 56 13.52 -27.88 4.84
CA ARG G 56 13.03 -29.17 5.30
C ARG G 56 13.81 -29.67 6.50
N LEU G 57 15.10 -29.34 6.59
CA LEU G 57 15.85 -29.68 7.79
C LEU G 57 15.32 -28.92 9.00
N LYS G 58 14.95 -27.65 8.82
CA LYS G 58 14.35 -26.90 9.92
C LYS G 58 13.03 -27.54 10.37
N GLU G 59 12.20 -27.93 9.41
CA GLU G 59 10.95 -28.61 9.77
C GLU G 59 11.23 -29.93 10.46
N LEU G 60 12.26 -30.66 10.01
CA LEU G 60 12.60 -31.91 10.65
C LEU G 60 13.01 -31.69 12.09
N LEU G 61 13.76 -30.62 12.36
CA LEU G 61 14.13 -30.29 13.73
C LEU G 61 12.90 -30.01 14.57
N ASP G 62 11.96 -29.22 14.03
CA ASP G 62 10.74 -28.91 14.78
C ASP G 62 9.92 -30.17 15.06
N GLU G 63 9.78 -31.04 14.04
CA GLU G 63 9.02 -32.27 14.22
C GLU G 63 9.72 -33.20 15.21
N VAL G 64 11.06 -33.20 15.22
CA VAL G 64 11.79 -33.98 16.20
C VAL G 64 11.49 -33.47 17.60
N LEU G 65 11.47 -32.14 17.77
CA LEU G 65 11.12 -31.58 19.07
C LEU G 65 9.75 -32.03 19.53
N HIS G 66 8.76 -31.95 18.62
CA HIS G 66 7.41 -32.37 18.97
C HIS G 66 7.37 -33.87 19.27
N ALA G 67 8.19 -34.66 18.60
CA ALA G 67 8.24 -36.10 18.86
C ALA G 67 8.79 -36.38 20.26
N ILE G 68 9.89 -35.73 20.63
CA ILE G 68 10.45 -35.89 21.97
C ILE G 68 9.45 -35.44 23.02
N ALA G 69 8.63 -34.43 22.69
CA ALA G 69 7.62 -33.97 23.63
C ALA G 69 6.70 -35.11 24.06
N LEU G 70 6.27 -35.94 23.11
CA LEU G 70 5.37 -37.04 23.43
C LEU G 70 6.12 -38.23 24.01
N ILE G 71 7.36 -38.43 23.61
CA ILE G 71 8.10 -39.64 24.00
C ILE G 71 8.32 -39.61 25.52
N PRO G 72 8.05 -40.71 26.24
CA PRO G 72 8.37 -40.74 27.67
C PRO G 72 9.86 -40.54 27.90
N GLN G 73 10.18 -39.83 28.97
CA GLN G 73 11.55 -39.41 29.24
C GLN G 73 12.06 -40.11 30.49
N ASN G 74 13.22 -40.72 30.38
CA ASN G 74 13.87 -41.40 31.50
C ASN G 74 15.37 -41.44 31.22
N GLU G 75 16.10 -42.25 31.98
CA GLU G 75 17.55 -42.30 31.89
C GLU G 75 18.05 -42.72 30.51
N GLU G 76 17.68 -43.92 30.06
CA GLU G 76 18.31 -44.50 28.88
C GLU G 76 17.95 -43.76 27.60
N THR G 77 16.73 -43.26 27.49
CA THR G 77 16.30 -42.60 26.27
C THR G 77 16.96 -41.24 26.08
N ARG G 78 17.35 -40.60 27.18
CA ARG G 78 17.88 -39.24 27.12
C ARG G 78 19.12 -39.12 26.25
N PRO G 79 20.15 -39.96 26.41
CA PRO G 79 21.29 -39.87 25.48
C PRO G 79 20.91 -40.12 24.03
N ILE G 80 19.97 -41.03 23.77
CA ILE G 80 19.54 -41.30 22.40
C ILE G 80 18.94 -40.05 21.78
N LEU G 81 18.06 -39.38 22.53
CA LEU G 81 17.46 -38.14 22.04
C LEU G 81 18.52 -37.07 21.82
N VAL G 82 19.50 -36.98 22.72
CA VAL G 82 20.56 -35.99 22.54
C VAL G 82 21.33 -36.27 21.25
N ARG G 83 21.68 -37.54 21.02
CA ARG G 83 22.41 -37.88 19.80
C ARG G 83 21.62 -37.53 18.55
N VAL G 84 20.33 -37.89 18.50
CA VAL G 84 19.58 -37.65 17.27
C VAL G 84 19.44 -36.16 17.01
N VAL G 85 19.19 -35.37 18.06
CA VAL G 85 19.09 -33.92 17.88
C VAL G 85 20.43 -33.37 17.40
N VAL G 86 21.53 -33.88 17.94
CA VAL G 86 22.86 -33.41 17.54
C VAL G 86 23.12 -33.71 16.06
N GLU G 87 22.75 -34.91 15.61
CA GLU G 87 22.93 -35.23 14.20
C GLU G 87 22.12 -34.31 13.31
N VAL G 88 20.86 -34.04 13.70
CA VAL G 88 20.03 -33.15 12.89
C VAL G 88 20.66 -31.77 12.81
N MET G 89 21.10 -31.23 13.95
CA MET G 89 21.66 -29.89 13.96
C MET G 89 22.96 -29.83 13.15
N GLU G 90 23.82 -30.84 13.28
CA GLU G 90 25.07 -30.85 12.53
C GLU G 90 24.82 -30.93 11.03
N ALA G 91 23.86 -31.77 10.62
CA ALA G 91 23.52 -31.86 9.21
C ALA G 91 23.00 -30.53 8.69
N LEU G 92 22.16 -29.85 9.49
CA LEU G 92 21.65 -28.56 9.07
C LEU G 92 22.77 -27.52 8.95
N LEU G 93 23.70 -27.51 9.89
CA LEU G 93 24.82 -26.58 9.81
C LEU G 93 25.64 -26.81 8.55
N HIS G 94 25.95 -28.08 8.26
CA HIS G 94 26.71 -28.38 7.06
C HIS G 94 25.96 -27.97 5.80
N ALA G 95 24.65 -28.24 5.76
CA ALA G 95 23.85 -27.89 4.58
C ALA G 95 23.79 -26.39 4.39
N VAL G 96 23.67 -25.63 5.49
CA VAL G 96 23.59 -24.19 5.43
C VAL G 96 24.93 -23.63 4.95
N LEU G 97 26.03 -24.26 5.36
CA LEU G 97 27.35 -23.83 4.92
C LEU G 97 27.60 -24.02 3.43
N ASP G 98 26.78 -24.82 2.74
CA ASP G 98 27.04 -25.12 1.34
C ASP G 98 26.67 -23.94 0.44
N GLY G 99 25.40 -23.55 0.42
CA GLY G 99 24.97 -22.50 -0.47
C GLY G 99 23.75 -21.79 0.04
N GLY G 100 23.45 -20.66 -0.59
CA GLY G 100 22.30 -19.85 -0.23
C GLY G 100 22.67 -18.42 0.10
N GLU G 101 21.66 -17.54 0.15
CA GLU G 101 21.91 -16.16 0.53
C GLU G 101 22.31 -16.09 2.00
N PRO G 102 23.33 -15.29 2.33
CA PRO G 102 23.83 -15.27 3.71
C PRO G 102 22.78 -14.90 4.75
N LEU G 103 21.99 -13.85 4.51
CA LEU G 103 21.08 -13.37 5.54
C LEU G 103 19.96 -14.36 5.82
N LEU G 104 19.43 -14.98 4.77
CA LEU G 104 18.40 -15.99 4.95
C LEU G 104 18.94 -17.18 5.73
N ASN G 105 20.16 -17.61 5.40
CA ASN G 105 20.79 -18.71 6.14
C ASN G 105 20.96 -18.35 7.60
N LEU G 106 21.37 -17.10 7.88
CA LEU G 106 21.55 -16.68 9.26
C LEU G 106 20.24 -16.69 10.03
N LYS G 107 19.17 -16.21 9.41
CA LYS G 107 17.87 -16.21 10.08
C LYS G 107 17.39 -17.63 10.35
N VAL G 108 17.54 -18.52 9.37
CA VAL G 108 17.15 -19.92 9.58
C VAL G 108 18.00 -20.54 10.68
N LEU G 109 19.29 -20.18 10.74
CA LEU G 109 20.17 -20.69 11.78
C LEU G 109 19.70 -20.23 13.15
N LEU G 110 19.30 -18.96 13.25
CA LEU G 110 18.82 -18.44 14.53
C LEU G 110 17.57 -19.18 14.99
N GLU G 111 16.61 -19.36 14.09
CA GLU G 111 15.38 -20.06 14.45
C GLU G 111 15.67 -21.51 14.85
N ALA G 112 16.54 -22.19 14.09
CA ALA G 112 16.88 -23.57 14.40
C ALA G 112 17.62 -23.66 15.73
N PHE G 113 18.45 -22.67 16.05
CA PHE G 113 19.15 -22.67 17.32
C PHE G 113 18.19 -22.49 18.48
N LYS G 114 17.17 -21.64 18.30
CA LYS G 114 16.14 -21.51 19.32
C LYS G 114 15.42 -22.84 19.54
N THR G 115 15.08 -23.52 18.45
CA THR G 115 14.46 -24.83 18.57
C THR G 115 15.38 -25.83 19.25
N PHE G 116 16.68 -25.75 18.95
CA PHE G 116 17.67 -26.63 19.56
C PHE G 116 17.73 -26.40 21.07
N ILE G 117 17.71 -25.14 21.49
CA ILE G 117 17.72 -24.83 22.92
C ILE G 117 16.47 -25.38 23.59
N ALA G 118 15.31 -25.21 22.94
CA ALA G 118 14.08 -25.75 23.51
C ALA G 118 14.14 -27.26 23.65
N ALA G 119 14.67 -27.94 22.63
CA ALA G 119 14.80 -29.39 22.69
C ALA G 119 15.73 -29.83 23.81
N LEU G 120 16.86 -29.14 23.96
CA LEU G 120 17.78 -29.49 25.04
C LEU G 120 17.14 -29.25 26.40
N LYS G 121 16.35 -28.19 26.52
CA LYS G 121 15.67 -27.92 27.78
C LYS G 121 14.68 -29.03 28.12
N THR G 122 13.88 -29.45 27.14
CA THR G 122 12.82 -30.43 27.44
C THR G 122 13.41 -31.82 27.63
N ILE G 123 14.55 -32.11 27.00
CA ILE G 123 15.15 -33.44 27.13
C ILE G 123 15.71 -33.64 28.54
N GLY G 124 16.41 -32.64 29.07
CA GLY G 124 17.11 -32.81 30.32
C GLY G 124 18.54 -33.25 30.08
N PHE G 125 19.41 -33.11 31.08
CA PHE G 125 20.83 -33.33 30.88
C PHE G 125 21.45 -33.88 32.15
N SER G 126 21.95 -35.12 32.07
CA SER G 126 22.55 -35.76 33.25
C SER G 126 24.02 -36.11 33.06
N THR G 127 24.33 -36.84 31.98
CA THR G 127 25.68 -37.38 31.83
C THR G 127 26.63 -36.35 31.24
N GLU G 128 27.93 -36.56 31.46
CA GLU G 128 28.93 -35.61 30.99
C GLU G 128 29.14 -35.70 29.49
N GLU G 129 28.97 -36.88 28.90
CA GLU G 129 29.17 -37.04 27.46
C GLU G 129 28.18 -36.19 26.68
N GLU G 130 26.92 -36.18 27.11
CA GLU G 130 25.92 -35.35 26.45
C GLU G 130 26.26 -33.87 26.59
N ARG G 131 26.77 -33.48 27.76
CA ARG G 131 27.18 -32.09 27.96
C ARG G 131 28.30 -31.72 26.99
N LEU G 132 29.30 -32.58 26.86
CA LEU G 132 30.40 -32.30 25.94
C LEU G 132 29.89 -32.20 24.51
N GLU G 133 28.95 -33.07 24.14
CA GLU G 133 28.38 -33.01 22.79
C GLU G 133 27.64 -31.69 22.55
N ALA G 134 26.86 -31.26 23.54
CA ALA G 134 26.12 -30.01 23.40
C ALA G 134 27.06 -28.81 23.30
N TYR G 135 28.13 -28.81 24.12
CA TYR G 135 29.10 -27.73 24.05
C TYR G 135 29.81 -27.71 22.71
N ARG G 136 30.17 -28.89 22.18
CA ARG G 136 30.77 -28.96 20.85
C ARG G 136 29.83 -28.41 19.79
N VAL G 137 28.55 -28.76 19.87
CA VAL G 137 27.57 -28.26 18.90
C VAL G 137 27.47 -26.74 19.01
N LEU G 138 27.48 -26.22 20.23
CA LEU G 138 27.41 -24.77 20.41
C LEU G 138 28.61 -24.07 19.78
N THR G 139 29.81 -24.62 19.99
CA THR G 139 31.00 -24.02 19.41
C THR G 139 30.94 -24.06 17.89
N LEU G 140 30.49 -25.18 17.33
CA LEU G 140 30.33 -25.29 15.88
C LEU G 140 29.36 -24.26 15.35
N PHE G 141 28.23 -24.10 16.05
CA PHE G 141 27.23 -23.11 15.65
C PHE G 141 27.81 -21.71 15.66
N VAL G 142 28.54 -21.36 16.72
CA VAL G 142 29.10 -20.01 16.83
C VAL G 142 30.09 -19.75 15.70
N HIS G 143 30.98 -20.72 15.45
CA HIS G 143 31.97 -20.53 14.39
C HIS G 143 31.31 -20.39 13.03
N THR G 144 30.32 -21.25 12.75
CA THR G 144 29.63 -21.19 11.46
C THR G 144 28.89 -19.87 11.29
N PHE G 145 28.21 -19.42 12.35
CA PHE G 145 27.47 -18.17 12.29
C PHE G 145 28.41 -17.00 12.02
N ILE G 146 29.54 -16.96 12.72
CA ILE G 146 30.51 -15.89 12.49
C ILE G 146 31.01 -15.93 11.06
N PHE G 147 31.36 -17.12 10.56
CA PHE G 147 31.92 -17.23 9.23
C PHE G 147 30.93 -16.76 8.17
N ILE G 148 29.65 -17.14 8.33
CA ILE G 148 28.65 -16.75 7.34
C ILE G 148 28.36 -15.24 7.45
N SER G 149 28.26 -14.73 8.67
CA SER G 149 27.87 -13.34 8.86
C SER G 149 29.00 -12.39 8.52
N ARG G 150 30.20 -12.92 8.27
CA ARG G 150 31.32 -12.09 7.83
C ARG G 150 30.99 -11.22 6.62
N THR G 151 30.13 -11.72 5.73
CA THR G 151 29.94 -11.08 4.43
C THR G 151 29.07 -9.83 4.49
N LEU G 152 28.15 -9.74 5.43
CA LEU G 152 27.14 -8.69 5.41
C LEU G 152 27.74 -7.30 5.61
N ASN G 153 26.89 -6.29 5.46
CA ASN G 153 27.28 -4.92 5.76
C ASN G 153 27.16 -4.65 7.26
N LEU G 154 27.36 -3.39 7.64
CA LEU G 154 27.53 -3.05 9.06
C LEU G 154 26.26 -3.27 9.86
N GLU G 155 25.13 -2.74 9.39
CA GLU G 155 23.92 -2.76 10.20
C GLU G 155 23.41 -4.17 10.43
N GLU G 156 23.33 -4.97 9.37
CA GLU G 156 22.93 -6.36 9.52
C GLU G 156 23.94 -7.13 10.36
N PHE G 157 25.22 -6.80 10.23
CA PHE G 157 26.24 -7.43 11.07
C PHE G 157 25.96 -7.18 12.55
N LEU G 158 25.69 -5.92 12.89
CA LEU G 158 25.39 -5.57 14.28
C LEU G 158 24.16 -6.33 14.77
N LYS G 159 23.10 -6.34 13.96
CA LYS G 159 21.87 -7.00 14.36
C LYS G 159 22.09 -8.48 14.63
N VAL G 160 22.70 -9.18 13.67
CA VAL G 160 22.87 -10.62 13.81
C VAL G 160 23.82 -10.93 14.96
N LEU G 161 24.83 -10.09 15.18
CA LEU G 161 25.76 -10.33 16.29
C LEU G 161 25.05 -10.18 17.64
N LEU G 162 24.21 -9.16 17.78
CA LEU G 162 23.48 -8.99 19.03
C LEU G 162 22.52 -10.16 19.27
N GLU G 163 21.82 -10.61 18.23
CA GLU G 163 20.96 -11.78 18.39
C GLU G 163 21.77 -13.02 18.76
N LEU G 164 22.96 -13.17 18.17
CA LEU G 164 23.81 -14.31 18.49
C LEU G 164 24.24 -14.27 19.96
N ILE G 165 24.59 -13.09 20.46
CA ILE G 165 25.01 -12.97 21.86
C ILE G 165 23.85 -13.30 22.79
N GLU G 166 22.65 -12.80 22.46
CA GLU G 166 21.49 -13.10 23.30
C GLU G 166 21.19 -14.60 23.31
N LEU G 167 21.24 -15.24 22.14
CA LEU G 167 20.98 -16.68 22.10
C LEU G 167 22.08 -17.46 22.81
N LEU G 168 23.31 -16.96 22.76
CA LEU G 168 24.40 -17.59 23.52
C LEU G 168 24.08 -17.56 25.01
N GLU G 169 23.62 -16.41 25.51
CA GLU G 169 23.26 -16.31 26.91
C GLU G 169 22.12 -17.26 27.25
N GLU G 170 21.11 -17.34 26.37
CA GLU G 170 19.99 -18.24 26.62
C GLU G 170 20.44 -19.69 26.68
N PHE G 171 21.30 -20.12 25.74
CA PHE G 171 21.77 -21.49 25.76
C PHE G 171 22.58 -21.78 27.01
N PHE G 172 23.46 -20.87 27.40
CA PHE G 172 24.26 -21.10 28.59
C PHE G 172 23.42 -21.06 29.87
N LEU G 173 22.25 -20.43 29.82
CA LEU G 173 21.28 -20.56 30.90
C LEU G 173 20.41 -21.81 30.79
N ALA G 174 20.42 -22.49 29.65
CA ALA G 174 19.57 -23.67 29.43
C ALA G 174 20.17 -24.97 29.93
N VAL G 175 21.47 -25.18 29.73
CA VAL G 175 22.11 -26.47 30.04
C VAL G 175 22.78 -26.34 31.40
N PRO G 176 22.37 -27.11 32.40
CA PRO G 176 23.03 -27.04 33.71
C PRO G 176 24.30 -27.88 33.77
N GLY G 177 25.22 -27.47 34.63
CA GLY G 177 26.47 -28.16 34.81
C GLY G 177 27.44 -27.41 35.70
N PRO G 178 28.68 -27.89 35.77
CA PRO G 178 29.71 -27.19 36.55
C PRO G 178 29.94 -25.79 36.01
N PRO G 179 30.24 -24.82 36.88
CA PRO G 179 30.29 -23.42 36.42
C PRO G 179 31.61 -23.00 35.80
N GLU G 180 32.70 -23.72 36.07
CA GLU G 180 33.99 -23.32 35.53
C GLU G 180 34.00 -23.40 34.01
N GLN G 181 33.52 -24.52 33.46
CA GLN G 181 33.43 -24.64 32.01
C GLN G 181 32.42 -23.66 31.44
N ARG G 182 31.29 -23.47 32.14
CA ARG G 182 30.30 -22.49 31.71
C ARG G 182 30.87 -21.09 31.65
N ARG G 183 31.90 -20.79 32.44
CA ARG G 183 32.57 -19.50 32.40
C ARG G 183 33.60 -19.44 31.28
N VAL G 184 34.45 -20.46 31.20
CA VAL G 184 35.55 -20.44 30.24
C VAL G 184 35.01 -20.42 28.81
N LEU G 185 34.02 -21.26 28.52
CA LEU G 185 33.47 -21.31 27.18
C LEU G 185 32.81 -19.99 26.80
N PHE G 186 32.08 -19.39 27.75
CA PHE G 186 31.44 -18.11 27.48
C PHE G 186 32.48 -17.04 27.16
N GLU G 187 33.54 -16.96 27.96
CA GLU G 187 34.58 -15.98 27.68
C GLU G 187 35.22 -16.21 26.33
N SER G 188 35.51 -17.47 25.99
CA SER G 188 36.14 -17.76 24.70
C SER G 188 35.24 -17.37 23.54
N LEU G 189 33.95 -17.69 23.63
CA LEU G 189 33.03 -17.36 22.54
C LEU G 189 32.86 -15.85 22.39
N LEU G 190 32.75 -15.14 23.51
CA LEU G 190 32.66 -13.69 23.44
C LEU G 190 33.92 -13.09 22.83
N GLN G 191 35.08 -13.68 23.15
CA GLN G 191 36.33 -13.22 22.54
C GLN G 191 36.33 -13.45 21.04
N ASP G 192 35.83 -14.61 20.59
CA ASP G 192 35.72 -14.85 19.16
C ASP G 192 34.86 -13.80 18.49
N ILE G 193 33.71 -13.50 19.09
CA ILE G 193 32.80 -12.51 18.51
C ILE G 193 33.47 -11.14 18.45
N LEU G 194 34.16 -10.76 19.53
CA LEU G 194 34.82 -9.45 19.56
C LEU G 194 35.93 -9.36 18.51
N ASN G 195 36.72 -10.42 18.37
CA ASN G 195 37.79 -10.40 17.39
C ASN G 195 37.23 -10.28 15.98
N THR G 196 36.17 -11.02 15.68
CA THR G 196 35.56 -10.91 14.36
C THR G 196 35.00 -9.51 14.12
N PHE G 197 34.37 -8.93 15.14
CA PHE G 197 33.79 -7.60 14.99
C PHE G 197 34.87 -6.56 14.73
N LYS G 198 35.97 -6.64 15.47
CA LYS G 198 37.08 -5.71 15.23
C LYS G 198 37.65 -5.91 13.83
N LYS G 199 37.82 -7.16 13.41
CA LYS G 199 38.35 -7.44 12.08
C LYS G 199 37.49 -6.82 11.00
N LYS G 200 36.16 -6.94 11.15
CA LYS G 200 35.26 -6.34 10.17
C LYS G 200 35.31 -4.83 10.22
N LEU G 201 35.34 -4.25 11.43
CA LEU G 201 35.30 -2.80 11.57
C LEU G 201 36.56 -2.15 11.01
N LYS G 202 37.67 -2.87 11.00
CA LYS G 202 38.92 -2.29 10.52
C LYS G 202 38.88 -1.97 9.03
N LEU G 203 37.75 -2.22 8.37
CA LEU G 203 37.59 -1.94 6.95
C LEU G 203 37.08 -0.54 6.68
N TYR G 204 36.71 0.20 7.72
CA TYR G 204 35.84 1.35 7.60
C TYR G 204 36.48 2.57 8.25
N PRO G 205 36.03 3.77 7.87
CA PRO G 205 36.63 5.00 8.43
C PRO G 205 36.56 5.05 9.95
N VAL G 206 37.31 6.00 10.51
CA VAL G 206 37.58 6.01 11.94
C VAL G 206 36.32 6.32 12.75
N GLU G 207 35.40 7.10 12.19
CA GLU G 207 34.24 7.55 12.96
C GLU G 207 33.33 6.39 13.34
N ALA G 208 33.11 5.45 12.42
CA ALA G 208 32.22 4.32 12.71
C ALA G 208 32.79 3.43 13.79
N GLN G 209 34.12 3.37 13.89
CA GLN G 209 34.77 2.57 14.92
C GLN G 209 34.24 2.92 16.30
N ILE G 210 34.19 4.22 16.62
CA ILE G 210 33.76 4.70 17.92
C ILE G 210 32.37 4.15 18.24
N LEU G 211 31.40 4.48 17.39
CA LEU G 211 30.01 4.12 17.65
C LEU G 211 29.84 2.62 17.82
N TYR G 212 30.29 1.85 16.83
CA TYR G 212 29.95 0.43 16.84
C TYR G 212 30.77 -0.33 17.87
N LEU G 213 32.04 0.06 18.08
CA LEU G 213 32.83 -0.53 19.14
C LEU G 213 32.18 -0.28 20.50
N GLU G 214 31.71 0.95 20.73
CA GLU G 214 31.02 1.24 21.98
C GLU G 214 29.80 0.35 22.16
N ILE G 215 28.98 0.23 21.11
CA ILE G 215 27.75 -0.57 21.23
C ILE G 215 28.10 -2.01 21.58
N ILE G 216 29.03 -2.62 20.84
CA ILE G 216 29.33 -4.04 21.05
C ILE G 216 29.96 -4.26 22.43
N LEU G 217 30.87 -3.37 22.84
CA LEU G 217 31.52 -3.55 24.13
C LEU G 217 30.53 -3.44 25.27
N GLU G 218 29.60 -2.46 25.19
CA GLU G 218 28.60 -2.35 26.23
C GLU G 218 27.70 -3.58 26.28
N LYS G 219 27.32 -4.10 25.11
CA LYS G 219 26.46 -5.28 25.08
C LYS G 219 27.15 -6.49 25.72
N VAL G 220 28.42 -6.72 25.37
CA VAL G 220 29.12 -7.89 25.89
C VAL G 220 29.38 -7.72 27.38
N GLU G 221 29.67 -6.49 27.84
CA GLU G 221 29.85 -6.27 29.26
C GLU G 221 28.55 -6.55 30.02
N ASP G 222 27.42 -6.12 29.46
CA ASP G 222 26.14 -6.35 30.12
C ASP G 222 25.83 -7.84 30.21
N VAL G 223 26.04 -8.58 29.13
CA VAL G 223 25.70 -10.01 29.16
C VAL G 223 26.65 -10.76 30.10
N ARG G 224 27.92 -10.34 30.13
CA ARG G 224 28.86 -10.95 31.06
C ARG G 224 28.45 -10.71 32.50
N LYS G 225 28.01 -9.48 32.80
CA LYS G 225 27.55 -9.16 34.15
C LYS G 225 26.33 -9.99 34.52
N HIS G 226 25.39 -10.13 33.58
CA HIS G 226 24.19 -10.93 33.85
C HIS G 226 24.57 -12.37 34.16
N PHE G 227 25.45 -12.97 33.34
CA PHE G 227 25.84 -14.35 33.57
C PHE G 227 26.57 -14.50 34.91
N PHE G 228 27.46 -13.55 35.23
CA PHE G 228 28.25 -13.65 36.44
C PHE G 228 27.38 -13.48 37.67
N GLU G 229 26.34 -12.67 37.58
CA GLU G 229 25.37 -12.59 38.66
C GLU G 229 24.57 -13.88 38.76
N LYS G 230 24.28 -14.50 37.61
CA LYS G 230 23.47 -15.71 37.62
C LYS G 230 24.20 -16.85 38.32
N TYR G 231 25.45 -17.14 37.92
CA TYR G 231 26.06 -18.38 38.36
C TYR G 231 26.48 -18.29 39.83
N PHE G 232 26.68 -17.07 40.33
CA PHE G 232 27.02 -16.86 41.72
C PHE G 232 25.87 -17.27 42.64
N ASN H 25 -51.28 44.53 22.55
CA ASN H 25 -50.09 45.20 22.06
C ASN H 25 -49.03 44.18 21.65
N PRO H 26 -48.52 44.31 20.42
CA PRO H 26 -47.56 43.30 19.91
C PRO H 26 -46.31 43.13 20.75
N LEU H 27 -45.82 44.23 21.34
CA LEU H 27 -44.54 44.19 22.03
C LEU H 27 -44.59 43.25 23.23
N GLU H 28 -45.63 43.38 24.06
CA GLU H 28 -45.78 42.52 25.24
C GLU H 28 -45.89 41.06 24.82
N LEU H 29 -46.59 40.79 23.72
CA LEU H 29 -46.65 39.44 23.21
C LEU H 29 -45.26 38.94 22.81
N ALA H 30 -44.44 39.82 22.24
CA ALA H 30 -43.07 39.43 21.92
C ALA H 30 -42.29 39.07 23.17
N LEU H 31 -42.45 39.85 24.22
CA LEU H 31 -41.75 39.56 25.46
C LEU H 31 -42.20 38.23 26.02
N GLU H 32 -43.51 37.99 26.05
CA GLU H 32 -44.01 36.78 26.67
C GLU H 32 -43.61 35.54 25.88
N LEU H 33 -43.59 35.66 24.54
CA LEU H 33 -43.07 34.56 23.71
C LEU H 33 -41.60 34.31 24.02
N LYS H 34 -40.81 35.38 24.17
CA LYS H 34 -39.41 35.21 24.54
C LYS H 34 -39.27 34.45 25.84
N GLU H 35 -40.03 34.84 26.86
CA GLU H 35 -39.95 34.16 28.16
C GLU H 35 -40.36 32.70 28.07
N LYS H 36 -41.45 32.43 27.35
CA LYS H 36 -41.89 31.05 27.18
C LYS H 36 -40.81 30.22 26.53
N VAL H 37 -40.16 30.77 25.50
CA VAL H 37 -39.09 30.04 24.83
C VAL H 37 -37.90 29.83 25.76
N GLU H 38 -37.60 30.82 26.61
CA GLU H 38 -36.46 30.69 27.50
C GLU H 38 -36.64 29.55 28.49
N LYS H 39 -37.77 29.52 29.20
CA LYS H 39 -38.03 28.38 30.07
C LYS H 39 -38.22 27.08 29.30
N ALA H 40 -38.72 27.13 28.07
CA ALA H 40 -38.79 25.91 27.28
C ALA H 40 -37.40 25.33 27.03
N ILE H 41 -36.47 26.17 26.59
CA ILE H 41 -35.10 25.72 26.35
C ILE H 41 -34.46 25.24 27.65
N LYS H 42 -34.67 25.99 28.74
CA LYS H 42 -34.09 25.62 30.02
C LYS H 42 -34.60 24.26 30.48
N GLU H 43 -35.90 24.02 30.33
CA GLU H 43 -36.47 22.72 30.68
C GLU H 43 -35.86 21.61 29.82
N ILE H 44 -35.87 21.80 28.50
CA ILE H 44 -35.46 20.73 27.60
C ILE H 44 -33.99 20.39 27.79
N LEU H 45 -33.16 21.40 28.08
CA LEU H 45 -31.73 21.15 28.25
C LEU H 45 -31.44 20.22 29.43
N GLU H 46 -32.30 20.26 30.46
CA GLU H 46 -32.06 19.43 31.63
C GLU H 46 -32.31 17.95 31.37
N ASN H 47 -32.93 17.61 30.24
CA ASN H 47 -33.23 16.21 29.96
C ASN H 47 -31.94 15.42 29.76
N PRO H 48 -31.83 14.22 30.34
CA PRO H 48 -30.59 13.45 30.17
C PRO H 48 -30.41 12.89 28.78
N ASN H 49 -31.47 12.42 28.15
CA ASN H 49 -31.36 11.77 26.85
C ASN H 49 -31.08 12.81 25.77
N ILE H 50 -30.04 12.55 24.96
CA ILE H 50 -29.62 13.52 23.95
C ILE H 50 -30.60 13.54 22.78
N GLU H 51 -31.04 12.35 22.33
CA GLU H 51 -31.97 12.29 21.20
C GLU H 51 -33.27 13.00 21.52
N THR H 52 -33.76 12.82 22.76
CA THR H 52 -34.93 13.58 23.18
C THR H 52 -34.66 15.08 23.14
N ARG H 53 -33.48 15.50 23.58
CA ARG H 53 -33.14 16.91 23.52
C ARG H 53 -33.25 17.43 22.09
N ILE H 54 -32.68 16.70 21.14
CA ILE H 54 -32.70 17.13 19.74
C ILE H 54 -34.13 17.21 19.23
N LEU H 55 -34.93 16.18 19.48
CA LEU H 55 -36.28 16.13 18.93
C LEU H 55 -37.17 17.22 19.54
N ARG H 56 -37.08 17.43 20.85
CA ARG H 56 -37.87 18.48 21.48
C ARG H 56 -37.39 19.86 21.04
N LEU H 57 -36.09 20.02 20.75
CA LEU H 57 -35.64 21.30 20.22
C LEU H 57 -36.22 21.55 18.82
N LYS H 58 -36.28 20.51 17.99
CA LYS H 58 -36.90 20.69 16.67
C LYS H 58 -38.39 21.04 16.81
N GLU H 59 -39.09 20.37 17.72
CA GLU H 59 -40.49 20.70 17.95
C GLU H 59 -40.63 22.13 18.47
N LEU H 60 -39.72 22.56 19.34
CA LEU H 60 -39.75 23.92 19.85
C LEU H 60 -39.56 24.91 18.71
N LEU H 61 -38.66 24.62 17.78
CA LEU H 61 -38.47 25.50 16.63
C LEU H 61 -39.74 25.60 15.80
N ASP H 62 -40.40 24.47 15.54
CA ASP H 62 -41.62 24.51 14.75
C ASP H 62 -42.73 25.28 15.48
N GLU H 63 -42.87 25.05 16.78
CA GLU H 63 -43.89 25.76 17.55
C GLU H 63 -43.58 27.25 17.61
N VAL H 64 -42.31 27.61 17.67
CA VAL H 64 -41.90 29.01 17.65
C VAL H 64 -42.30 29.64 16.32
N LEU H 65 -42.07 28.93 15.22
CA LEU H 65 -42.49 29.41 13.91
C LEU H 65 -43.98 29.68 13.87
N HIS H 66 -44.78 28.71 14.36
CA HIS H 66 -46.22 28.91 14.39
C HIS H 66 -46.60 30.06 15.31
N ALA H 67 -45.81 30.30 16.36
CA ALA H 67 -46.08 31.42 17.26
C ALA H 67 -45.87 32.75 16.57
N ILE H 68 -44.75 32.91 15.85
CA ILE H 68 -44.52 34.15 15.10
C ILE H 68 -45.61 34.33 14.05
N ALA H 69 -46.06 33.22 13.44
CA ALA H 69 -47.11 33.31 12.43
C ALA H 69 -48.33 34.04 12.97
N LEU H 70 -48.66 33.84 14.25
CA LEU H 70 -49.82 34.49 14.83
C LEU H 70 -49.46 35.87 15.37
N ILE H 71 -48.21 36.08 15.78
CA ILE H 71 -47.83 37.32 16.43
C ILE H 71 -47.91 38.47 15.43
N PRO H 72 -48.57 39.58 15.77
CA PRO H 72 -48.54 40.75 14.88
C PRO H 72 -47.11 41.24 14.67
N GLN H 73 -46.82 41.65 13.44
CA GLN H 73 -45.45 41.92 13.01
C GLN H 73 -45.30 43.41 12.75
N ASN H 74 -44.31 44.02 13.39
CA ASN H 74 -43.99 45.43 13.18
C ASN H 74 -42.51 45.64 13.46
N GLU H 75 -42.09 46.89 13.55
CA GLU H 75 -40.68 47.23 13.68
C GLU H 75 -40.06 46.69 14.97
N GLU H 76 -40.71 46.94 16.11
CA GLU H 76 -40.08 46.63 17.39
C GLU H 76 -40.01 45.13 17.64
N THR H 77 -41.05 44.38 17.27
CA THR H 77 -41.08 42.95 17.58
C THR H 77 -40.13 42.16 16.70
N ARG H 78 -39.78 42.69 15.53
CA ARG H 78 -38.98 41.94 14.57
C ARG H 78 -37.62 41.53 15.13
N PRO H 79 -36.81 42.44 15.69
CA PRO H 79 -35.54 41.98 16.29
C PRO H 79 -35.73 40.99 17.43
N ILE H 80 -36.81 41.13 18.20
CA ILE H 80 -37.06 40.19 19.31
C ILE H 80 -37.26 38.79 18.77
N LEU H 81 -38.10 38.66 17.74
CA LEU H 81 -38.32 37.35 17.13
C LEU H 81 -37.03 36.82 16.51
N VAL H 82 -36.26 37.69 15.86
CA VAL H 82 -35.01 37.24 15.25
C VAL H 82 -34.07 36.69 16.32
N ARG H 83 -33.93 37.40 17.43
CA ARG H 83 -33.02 36.95 18.47
C ARG H 83 -33.49 35.62 19.06
N VAL H 84 -34.79 35.47 19.31
CA VAL H 84 -35.25 34.24 19.96
C VAL H 84 -35.06 33.05 19.03
N VAL H 85 -35.33 33.23 17.73
CA VAL H 85 -35.09 32.14 16.79
C VAL H 85 -33.61 31.82 16.73
N VAL H 86 -32.75 32.84 16.81
CA VAL H 86 -31.30 32.61 16.81
C VAL H 86 -30.89 31.77 18.02
N GLU H 87 -31.43 32.10 19.20
CA GLU H 87 -31.10 31.33 20.39
C GLU H 87 -31.52 29.87 20.24
N VAL H 88 -32.73 29.65 19.72
CA VAL H 88 -33.21 28.27 19.56
C VAL H 88 -32.31 27.51 18.60
N MET H 89 -31.96 28.13 17.47
CA MET H 89 -31.12 27.47 16.47
C MET H 89 -29.74 27.16 17.03
N GLU H 90 -29.13 28.11 17.75
CA GLU H 90 -27.79 27.88 18.28
C GLU H 90 -27.81 26.78 19.34
N ALA H 91 -28.84 26.77 20.18
CA ALA H 91 -28.97 25.70 21.17
C ALA H 91 -29.10 24.34 20.49
N LEU H 92 -29.88 24.27 19.42
CA LEU H 92 -30.03 22.99 18.72
C LEU H 92 -28.73 22.56 18.08
N LEU H 93 -27.98 23.50 17.49
CA LEU H 93 -26.68 23.14 16.91
C LEU H 93 -25.73 22.59 17.98
N HIS H 94 -25.68 23.26 19.13
CA HIS H 94 -24.82 22.76 20.20
C HIS H 94 -25.27 21.38 20.67
N ALA H 95 -26.58 21.16 20.76
CA ALA H 95 -27.10 19.87 21.21
C ALA H 95 -26.73 18.76 20.24
N VAL H 96 -26.86 19.02 18.93
CA VAL H 96 -26.57 17.98 17.94
C VAL H 96 -25.07 17.80 17.80
N LEU H 97 -24.30 18.77 18.29
CA LEU H 97 -22.85 18.60 18.34
C LEU H 97 -22.39 17.69 19.47
N ASP H 98 -23.27 17.32 20.41
CA ASP H 98 -22.83 16.57 21.58
C ASP H 98 -22.78 15.08 21.28
N GLY H 99 -23.90 14.48 20.90
CA GLY H 99 -23.93 13.05 20.68
C GLY H 99 -25.07 12.63 19.78
N GLY H 100 -25.00 11.38 19.33
CA GLY H 100 -26.01 10.82 18.46
C GLY H 100 -25.44 10.26 17.18
N GLU H 101 -26.20 9.42 16.48
CA GLU H 101 -25.76 8.90 15.19
C GLU H 101 -25.65 10.05 14.19
N PRO H 102 -24.53 10.15 13.48
CA PRO H 102 -24.30 11.34 12.64
C PRO H 102 -25.40 11.57 11.60
N LEU H 103 -25.89 10.51 10.96
CA LEU H 103 -26.84 10.70 9.87
C LEU H 103 -28.18 11.25 10.38
N LEU H 104 -28.65 10.74 11.52
CA LEU H 104 -29.89 11.25 12.09
C LEU H 104 -29.77 12.71 12.48
N ASN H 105 -28.65 13.09 13.10
CA ASN H 105 -28.44 14.49 13.43
C ASN H 105 -28.39 15.36 12.18
N LEU H 106 -27.77 14.85 11.12
CA LEU H 106 -27.71 15.63 9.88
C LEU H 106 -29.10 15.84 9.30
N LYS H 107 -29.94 14.80 9.31
CA LYS H 107 -31.29 14.95 8.80
C LYS H 107 -32.11 15.93 9.63
N VAL H 108 -31.99 15.83 10.96
CA VAL H 108 -32.69 16.78 11.82
C VAL H 108 -32.18 18.20 11.59
N LEU H 109 -30.88 18.34 11.36
CA LEU H 109 -30.32 19.65 11.06
C LEU H 109 -30.89 20.21 9.77
N LEU H 110 -31.05 19.36 8.75
CA LEU H 110 -31.62 19.82 7.49
C LEU H 110 -33.05 20.31 7.68
N GLU H 111 -33.87 19.51 8.40
CA GLU H 111 -35.25 19.92 8.62
C GLU H 111 -35.34 21.21 9.44
N ALA H 112 -34.50 21.32 10.47
CA ALA H 112 -34.51 22.52 11.31
C ALA H 112 -34.03 23.73 10.53
N PHE H 113 -33.08 23.55 9.63
CA PHE H 113 -32.62 24.66 8.80
C PHE H 113 -33.71 25.12 7.84
N LYS H 114 -34.47 24.17 7.29
CA LYS H 114 -35.62 24.56 6.46
C LYS H 114 -36.63 25.37 7.27
N THR H 115 -36.92 24.92 8.49
CA THR H 115 -37.82 25.67 9.36
C THR H 115 -37.26 27.06 9.69
N PHE H 116 -35.95 27.13 9.91
CA PHE H 116 -35.30 28.40 10.20
C PHE H 116 -35.43 29.36 9.03
N ILE H 117 -35.25 28.86 7.81
CA ILE H 117 -35.41 29.70 6.62
C ILE H 117 -36.84 30.21 6.52
N ALA H 118 -37.82 29.32 6.76
CA ALA H 118 -39.21 29.75 6.71
C ALA H 118 -39.49 30.82 7.76
N ALA H 119 -38.96 30.65 8.97
CA ALA H 119 -39.17 31.64 10.02
C ALA H 119 -38.55 32.97 9.65
N LEU H 120 -37.33 32.96 9.11
CA LEU H 120 -36.69 34.20 8.69
C LEU H 120 -37.49 34.88 7.58
N LYS H 121 -38.06 34.08 6.67
CA LYS H 121 -38.87 34.65 5.61
C LYS H 121 -40.11 35.35 6.16
N THR H 122 -40.82 34.69 7.07
CA THR H 122 -42.07 35.27 7.55
C THR H 122 -41.82 36.47 8.47
N ILE H 123 -40.71 36.43 9.23
CA ILE H 123 -40.41 37.55 10.13
C ILE H 123 -40.12 38.81 9.34
N GLY H 124 -39.31 38.71 8.29
CA GLY H 124 -38.85 39.89 7.58
C GLY H 124 -37.57 40.43 8.18
N PHE H 125 -36.80 41.20 7.40
CA PHE H 125 -35.48 41.65 7.83
C PHE H 125 -35.29 43.11 7.42
N SER H 126 -35.05 43.96 8.41
CA SER H 126 -34.85 45.38 8.15
C SER H 126 -33.47 45.87 8.57
N THR H 127 -33.10 45.64 9.83
CA THR H 127 -31.88 46.23 10.38
C THR H 127 -30.66 45.38 10.03
N GLU H 128 -29.49 46.03 10.04
CA GLU H 128 -28.25 45.34 9.71
C GLU H 128 -27.84 44.34 10.78
N GLU H 129 -28.16 44.62 12.05
CA GLU H 129 -27.77 43.72 13.14
C GLU H 129 -28.42 42.36 12.96
N GLU H 130 -29.71 42.35 12.60
CA GLU H 130 -30.39 41.07 12.37
C GLU H 130 -29.76 40.32 11.21
N ARG H 131 -29.38 41.05 10.15
CA ARG H 131 -28.72 40.41 9.02
C ARG H 131 -27.40 39.77 9.46
N LEU H 132 -26.62 40.49 10.26
CA LEU H 132 -25.35 39.93 10.72
C LEU H 132 -25.58 38.70 11.59
N GLU H 133 -26.60 38.74 12.44
CA GLU H 133 -26.91 37.58 13.29
C GLU H 133 -27.28 36.38 12.43
N ALA H 134 -28.13 36.59 11.42
CA ALA H 134 -28.55 35.49 10.55
C ALA H 134 -27.37 34.92 9.78
N TYR H 135 -26.48 35.80 9.29
CA TYR H 135 -25.31 35.35 8.54
C TYR H 135 -24.37 34.55 9.43
N ARG H 136 -24.19 35.00 10.68
CA ARG H 136 -23.37 34.24 11.63
C ARG H 136 -23.99 32.87 11.89
N VAL H 137 -25.31 32.82 12.05
CA VAL H 137 -25.97 31.54 12.27
C VAL H 137 -25.78 30.62 11.07
N LEU H 138 -25.86 31.17 9.86
CA LEU H 138 -25.65 30.37 8.66
C LEU H 138 -24.24 29.80 8.61
N THR H 139 -23.24 30.61 8.94
CA THR H 139 -21.86 30.13 8.95
C THR H 139 -21.67 29.03 9.99
N LEU H 140 -22.26 29.22 11.17
CA LEU H 140 -22.20 28.20 12.21
C LEU H 140 -22.82 26.90 11.75
N PHE H 141 -23.99 26.99 11.10
CA PHE H 141 -24.67 25.82 10.59
C PHE H 141 -23.81 25.09 9.56
N VAL H 142 -23.19 25.85 8.65
CA VAL H 142 -22.37 25.24 7.61
C VAL H 142 -21.20 24.49 8.23
N HIS H 143 -20.50 25.14 9.17
CA HIS H 143 -19.34 24.51 9.78
C HIS H 143 -19.74 23.26 10.56
N THR H 144 -20.83 23.34 11.32
CA THR H 144 -21.28 22.19 12.09
C THR H 144 -21.70 21.04 11.18
N PHE H 145 -22.42 21.34 10.11
CA PHE H 145 -22.85 20.31 9.18
C PHE H 145 -21.65 19.62 8.54
N ILE H 146 -20.66 20.39 8.11
CA ILE H 146 -19.46 19.81 7.52
C ILE H 146 -18.77 18.90 8.53
N PHE H 147 -18.60 19.40 9.76
CA PHE H 147 -17.87 18.64 10.78
C PHE H 147 -18.58 17.32 11.08
N ILE H 148 -19.91 17.35 11.20
CA ILE H 148 -20.65 16.13 11.52
C ILE H 148 -20.61 15.17 10.33
N SER H 149 -20.77 15.70 9.11
CA SER H 149 -20.88 14.83 7.95
C SER H 149 -19.52 14.28 7.52
N ARG H 150 -18.45 14.76 8.13
CA ARG H 150 -17.12 14.23 7.83
C ARG H 150 -17.02 12.71 7.97
N THR H 151 -17.74 12.12 8.94
CA THR H 151 -17.51 10.72 9.29
C THR H 151 -18.22 9.73 8.38
N LEU H 152 -19.13 10.19 7.53
CA LEU H 152 -19.92 9.27 6.72
C LEU H 152 -19.09 8.65 5.61
N ASN H 153 -19.70 7.71 4.89
CA ASN H 153 -19.09 7.15 3.69
C ASN H 153 -19.41 8.02 2.48
N LEU H 154 -19.05 7.53 1.29
CA LEU H 154 -19.06 8.37 0.10
C LEU H 154 -20.47 8.76 -0.32
N GLU H 155 -21.38 7.80 -0.41
CA GLU H 155 -22.69 8.08 -1.00
C GLU H 155 -23.51 9.02 -0.14
N GLU H 156 -23.60 8.74 1.16
CA GLU H 156 -24.30 9.63 2.06
C GLU H 156 -23.63 10.99 2.13
N PHE H 157 -22.30 11.02 2.04
CA PHE H 157 -21.58 12.29 1.99
C PHE H 157 -22.03 13.12 0.79
N LEU H 158 -22.08 12.49 -0.39
CA LEU H 158 -22.51 13.18 -1.60
C LEU H 158 -23.91 13.72 -1.43
N LYS H 159 -24.82 12.87 -0.93
CA LYS H 159 -26.22 13.26 -0.80
C LYS H 159 -26.37 14.46 0.14
N VAL H 160 -25.77 14.36 1.33
CA VAL H 160 -25.94 15.44 2.31
C VAL H 160 -25.27 16.72 1.83
N LEU H 161 -24.15 16.60 1.12
CA LEU H 161 -23.51 17.81 0.59
C LEU H 161 -24.39 18.49 -0.45
N LEU H 162 -25.02 17.71 -1.33
CA LEU H 162 -25.91 18.32 -2.32
C LEU H 162 -27.10 19.00 -1.66
N GLU H 163 -27.72 18.34 -0.67
CA GLU H 163 -28.83 19.00 0.04
C GLU H 163 -28.36 20.25 0.75
N LEU H 164 -27.16 20.24 1.33
CA LEU H 164 -26.63 21.42 1.99
C LEU H 164 -26.46 22.57 1.01
N ILE H 165 -25.94 22.28 -0.19
CA ILE H 165 -25.76 23.33 -1.18
C ILE H 165 -27.10 23.90 -1.61
N GLU H 166 -28.09 23.03 -1.84
CA GLU H 166 -29.41 23.52 -2.23
C GLU H 166 -30.03 24.40 -1.16
N LEU H 167 -29.95 23.99 0.10
CA LEU H 167 -30.53 24.80 1.17
C LEU H 167 -29.74 26.10 1.36
N LEU H 168 -28.44 26.07 1.09
CA LEU H 168 -27.66 27.30 1.11
C LEU H 168 -28.18 28.29 0.07
N GLU H 169 -28.44 27.78 -1.14
CA GLU H 169 -28.99 28.63 -2.19
C GLU H 169 -30.35 29.20 -1.76
N GLU H 170 -31.18 28.34 -1.17
CA GLU H 170 -32.50 28.80 -0.71
C GLU H 170 -32.37 29.90 0.34
N PHE H 171 -31.50 29.69 1.33
CA PHE H 171 -31.33 30.71 2.37
C PHE H 171 -30.82 32.01 1.80
N PHE H 172 -29.85 31.95 0.90
CA PHE H 172 -29.34 33.18 0.30
C PHE H 172 -30.36 33.86 -0.59
N LEU H 173 -31.36 33.13 -1.08
CA LEU H 173 -32.52 33.75 -1.70
C LEU H 173 -33.56 34.24 -0.70
N ALA H 174 -33.49 33.80 0.56
CA ALA H 174 -34.50 34.15 1.54
C ALA H 174 -34.25 35.49 2.23
N VAL H 175 -33.01 35.84 2.52
CA VAL H 175 -32.68 37.04 3.28
C VAL H 175 -32.25 38.13 2.29
N PRO H 176 -32.98 39.23 2.20
CA PRO H 176 -32.57 40.32 1.30
C PRO H 176 -31.54 41.23 1.95
N GLY H 177 -30.70 41.84 1.11
CA GLY H 177 -29.68 42.75 1.56
C GLY H 177 -28.74 43.17 0.45
N PRO H 178 -27.66 43.87 0.81
CA PRO H 178 -26.65 44.26 -0.18
C PRO H 178 -26.05 43.04 -0.85
N PRO H 179 -25.71 43.13 -2.14
CA PRO H 179 -25.32 41.93 -2.87
C PRO H 179 -23.85 41.55 -2.72
N GLU H 180 -22.99 42.49 -2.32
CA GLU H 180 -21.57 42.17 -2.21
C GLU H 180 -21.32 41.13 -1.13
N GLN H 181 -21.91 41.31 0.05
CA GLN H 181 -21.77 40.32 1.11
C GLN H 181 -22.44 39.01 0.73
N ARG H 182 -23.60 39.09 0.06
CA ARG H 182 -24.28 37.90 -0.43
C ARG H 182 -23.42 37.11 -1.40
N ARG H 183 -22.55 37.77 -2.16
CA ARG H 183 -21.63 37.08 -3.04
C ARG H 183 -20.43 36.51 -2.28
N VAL H 184 -19.83 37.33 -1.41
CA VAL H 184 -18.60 36.91 -0.72
C VAL H 184 -18.88 35.71 0.18
N LEU H 185 -19.97 35.75 0.95
CA LEU H 185 -20.26 34.64 1.84
C LEU H 185 -20.57 33.37 1.07
N PHE H 186 -21.31 33.49 -0.04
CA PHE H 186 -21.60 32.32 -0.86
C PHE H 186 -20.31 31.71 -1.40
N GLU H 187 -19.40 32.54 -1.89
CA GLU H 187 -18.13 32.03 -2.40
C GLU H 187 -17.34 31.33 -1.31
N SER H 188 -17.28 31.94 -0.12
CA SER H 188 -16.50 31.36 0.97
C SER H 188 -17.09 30.02 1.41
N LEU H 189 -18.42 29.94 1.52
CA LEU H 189 -19.05 28.70 1.96
C LEU H 189 -18.88 27.60 0.92
N LEU H 190 -19.03 27.94 -0.36
CA LEU H 190 -18.80 26.95 -1.40
C LEU H 190 -17.35 26.47 -1.38
N GLN H 191 -16.41 27.38 -1.12
CA GLN H 191 -15.01 26.97 -1.00
C GLN H 191 -14.80 26.02 0.17
N ASP H 192 -15.46 26.31 1.30
CA ASP H 192 -15.36 25.41 2.45
C ASP H 192 -15.85 24.01 2.10
N ILE H 193 -17.01 23.94 1.43
CA ILE H 193 -17.58 22.65 1.05
C ILE H 193 -16.64 21.92 0.10
N LEU H 194 -16.08 22.64 -0.88
CA LEU H 194 -15.18 22.01 -1.83
C LEU H 194 -13.92 21.49 -1.15
N ASN H 195 -13.34 22.27 -0.24
CA ASN H 195 -12.15 21.81 0.45
C ASN H 195 -12.43 20.57 1.28
N THR H 196 -13.57 20.55 1.98
CA THR H 196 -13.91 19.35 2.76
C THR H 196 -14.11 18.15 1.84
N PHE H 197 -14.76 18.36 0.70
CA PHE H 197 -15.02 17.27 -0.23
C PHE H 197 -13.71 16.69 -0.76
N LYS H 198 -12.77 17.56 -1.14
CA LYS H 198 -11.47 17.08 -1.62
C LYS H 198 -10.73 16.35 -0.52
N LYS H 199 -10.77 16.88 0.71
CA LYS H 199 -10.08 16.24 1.83
C LYS H 199 -10.60 14.84 2.05
N LYS H 200 -11.93 14.67 2.00
CA LYS H 200 -12.51 13.34 2.16
C LYS H 200 -12.16 12.43 0.99
N LEU H 201 -12.21 12.97 -0.23
CA LEU H 201 -12.00 12.14 -1.41
C LEU H 201 -10.57 11.65 -1.51
N LYS H 202 -9.62 12.37 -0.92
CA LYS H 202 -8.22 11.96 -1.01
C LYS H 202 -7.93 10.66 -0.28
N LEU H 203 -8.95 10.03 0.32
CA LEU H 203 -8.79 8.78 1.04
C LEU H 203 -9.06 7.55 0.18
N TYR H 204 -9.42 7.74 -1.08
CA TYR H 204 -9.97 6.67 -1.90
C TYR H 204 -9.22 6.59 -3.22
N PRO H 205 -9.29 5.45 -3.91
CA PRO H 205 -8.52 5.27 -5.15
C PRO H 205 -8.84 6.34 -6.20
N VAL H 206 -7.98 6.38 -7.22
CA VAL H 206 -8.02 7.46 -8.21
C VAL H 206 -9.32 7.44 -9.00
N GLU H 207 -9.98 6.29 -9.09
CA GLU H 207 -11.14 6.16 -9.94
C GLU H 207 -12.31 7.00 -9.42
N ALA H 208 -12.58 6.93 -8.11
CA ALA H 208 -13.72 7.64 -7.55
C ALA H 208 -13.53 9.15 -7.62
N GLN H 209 -12.27 9.60 -7.63
CA GLN H 209 -11.97 11.01 -7.71
C GLN H 209 -12.66 11.65 -8.91
N ILE H 210 -12.48 11.05 -10.09
CA ILE H 210 -13.02 11.58 -11.33
C ILE H 210 -14.52 11.78 -11.20
N LEU H 211 -15.24 10.69 -10.92
CA LEU H 211 -16.69 10.73 -10.85
C LEU H 211 -17.19 11.78 -9.87
N TYR H 212 -16.82 11.62 -8.59
CA TYR H 212 -17.42 12.46 -7.57
C TYR H 212 -16.96 13.90 -7.65
N LEU H 213 -15.69 14.14 -8.02
CA LEU H 213 -15.22 15.49 -8.23
C LEU H 213 -16.00 16.17 -9.35
N GLU H 214 -16.23 15.45 -10.46
CA GLU H 214 -17.02 16.02 -11.54
C GLU H 214 -18.42 16.39 -11.07
N ILE H 215 -19.06 15.48 -10.32
CA ILE H 215 -20.42 15.74 -9.86
C ILE H 215 -20.47 16.99 -9.01
N ILE H 216 -19.57 17.08 -8.03
CA ILE H 216 -19.60 18.21 -7.10
C ILE H 216 -19.27 19.52 -7.81
N LEU H 217 -18.29 19.49 -8.73
CA LEU H 217 -17.92 20.72 -9.42
C LEU H 217 -19.07 21.22 -10.29
N GLU H 218 -19.74 20.31 -11.01
CA GLU H 218 -20.88 20.74 -11.81
C GLU H 218 -22.00 21.30 -10.94
N LYS H 219 -22.27 20.67 -9.80
CA LYS H 219 -23.32 21.17 -8.93
C LYS H 219 -23.01 22.58 -8.43
N VAL H 220 -21.78 22.80 -7.96
CA VAL H 220 -21.44 24.11 -7.42
C VAL H 220 -21.41 25.16 -8.53
N GLU H 221 -20.96 24.78 -9.73
CA GLU H 221 -20.97 25.72 -10.84
C GLU H 221 -22.40 26.11 -11.20
N ASP H 222 -23.31 25.14 -11.21
CA ASP H 222 -24.70 25.43 -11.55
C ASP H 222 -25.33 26.36 -10.51
N VAL H 223 -25.11 26.08 -9.22
CA VAL H 223 -25.73 26.92 -8.20
C VAL H 223 -25.12 28.33 -8.22
N ARG H 224 -23.82 28.43 -8.49
CA ARG H 224 -23.19 29.74 -8.61
C ARG H 224 -23.77 30.52 -9.78
N LYS H 225 -23.99 29.85 -10.92
CA LYS H 225 -24.58 30.50 -12.07
C LYS H 225 -26.00 30.98 -11.76
N HIS H 226 -26.78 30.14 -11.07
CA HIS H 226 -28.14 30.54 -10.71
C HIS H 226 -28.13 31.77 -9.83
N PHE H 227 -27.26 31.79 -8.81
CA PHE H 227 -27.21 32.95 -7.92
C PHE H 227 -26.76 34.20 -8.66
N PHE H 228 -25.75 34.07 -9.53
CA PHE H 228 -25.22 35.24 -10.22
C PHE H 228 -26.23 35.78 -11.22
N GLU H 229 -27.04 34.90 -11.80
CA GLU H 229 -28.14 35.37 -12.63
C GLU H 229 -29.21 36.05 -11.78
N LYS H 230 -29.43 35.55 -10.56
CA LYS H 230 -30.45 36.12 -9.71
C LYS H 230 -30.11 37.55 -9.32
N TYR H 231 -28.91 37.76 -8.76
CA TYR H 231 -28.65 39.04 -8.11
C TYR H 231 -28.48 40.15 -9.13
N PHE H 232 -28.14 39.80 -10.36
CA PHE H 232 -27.99 40.78 -11.43
C PHE H 232 -29.34 41.38 -11.79
N ASN I 25 9.70 -39.62 -37.70
CA ASN I 25 11.10 -40.02 -37.57
C ASN I 25 11.90 -38.93 -36.85
N PRO I 26 12.61 -39.33 -35.78
CA PRO I 26 13.33 -38.33 -34.97
C PRO I 26 14.35 -37.51 -35.74
N LEU I 27 15.01 -38.11 -36.74
CA LEU I 27 16.10 -37.42 -37.44
C LEU I 27 15.59 -36.18 -38.17
N GLU I 28 14.44 -36.31 -38.85
CA GLU I 28 13.88 -35.16 -39.56
C GLU I 28 13.47 -34.06 -38.59
N LEU I 29 12.92 -34.45 -37.44
CA LEU I 29 12.56 -33.47 -36.42
C LEU I 29 13.80 -32.74 -35.91
N ALA I 30 14.88 -33.47 -35.68
CA ALA I 30 16.12 -32.83 -35.26
C ALA I 30 16.64 -31.85 -36.31
N LEU I 31 16.58 -32.25 -37.59
CA LEU I 31 17.03 -31.35 -38.64
C LEU I 31 16.18 -30.09 -38.73
N GLU I 32 14.85 -30.24 -38.64
CA GLU I 32 13.99 -29.07 -38.74
C GLU I 32 14.18 -28.16 -37.53
N LEU I 33 14.40 -28.74 -36.35
CA LEU I 33 14.72 -27.92 -35.18
C LEU I 33 16.03 -27.17 -35.39
N LYS I 34 17.02 -27.84 -35.97
CA LYS I 34 18.30 -27.18 -36.26
C LYS I 34 18.10 -25.98 -37.17
N GLU I 35 17.35 -26.18 -38.27
CA GLU I 35 17.13 -25.08 -39.21
C GLU I 35 16.37 -23.94 -38.55
N LYS I 36 15.34 -24.27 -37.75
CA LYS I 36 14.59 -23.24 -37.06
C LYS I 36 15.48 -22.44 -36.12
N VAL I 37 16.37 -23.13 -35.41
CA VAL I 37 17.25 -22.44 -34.47
C VAL I 37 18.23 -21.56 -35.20
N GLU I 38 18.79 -22.03 -36.32
CA GLU I 38 19.70 -21.18 -37.09
C GLU I 38 18.98 -19.93 -37.59
N LYS I 39 17.75 -20.09 -38.09
CA LYS I 39 16.99 -18.93 -38.55
C LYS I 39 16.72 -17.97 -37.40
N ALA I 40 16.36 -18.50 -36.23
CA ALA I 40 16.07 -17.64 -35.08
C ALA I 40 17.32 -16.89 -34.62
N ILE I 41 18.47 -17.58 -34.60
CA ILE I 41 19.72 -16.93 -34.21
C ILE I 41 20.05 -15.82 -35.19
N LYS I 42 19.91 -16.09 -36.50
CA LYS I 42 20.16 -15.07 -37.50
C LYS I 42 19.26 -13.87 -37.29
N GLU I 43 17.97 -14.11 -37.07
CA GLU I 43 17.02 -13.01 -36.87
C GLU I 43 17.38 -12.19 -35.64
N ILE I 44 17.72 -12.86 -34.54
CA ILE I 44 18.04 -12.16 -33.30
C ILE I 44 19.30 -11.32 -33.47
N LEU I 45 20.30 -11.85 -34.20
CA LEU I 45 21.56 -11.15 -34.34
C LEU I 45 21.40 -9.83 -35.08
N GLU I 46 20.49 -9.78 -36.06
CA GLU I 46 20.29 -8.54 -36.82
C GLU I 46 19.67 -7.43 -35.98
N ASN I 47 19.16 -7.73 -34.79
CA ASN I 47 18.55 -6.70 -33.97
C ASN I 47 19.62 -5.71 -33.49
N PRO I 48 19.34 -4.41 -33.55
CA PRO I 48 20.35 -3.43 -33.11
C PRO I 48 20.55 -3.39 -31.61
N ASN I 49 19.47 -3.50 -30.83
CA ASN I 49 19.56 -3.35 -29.38
C ASN I 49 20.26 -4.57 -28.79
N ILE I 50 21.33 -4.32 -28.02
CA ILE I 50 22.12 -5.41 -27.46
C ILE I 50 21.34 -6.14 -26.37
N GLU I 51 20.68 -5.39 -25.47
CA GLU I 51 19.91 -6.03 -24.41
C GLU I 51 18.80 -6.89 -24.97
N THR I 52 18.16 -6.43 -26.06
CA THR I 52 17.18 -7.25 -26.74
C THR I 52 17.81 -8.53 -27.26
N ARG I 53 19.02 -8.43 -27.84
CA ARG I 53 19.71 -9.62 -28.30
C ARG I 53 19.90 -10.62 -27.17
N ILE I 54 20.37 -10.14 -26.02
CA ILE I 54 20.65 -11.03 -24.90
C ILE I 54 19.37 -11.70 -24.41
N LEU I 55 18.30 -10.92 -24.24
CA LEU I 55 17.06 -11.48 -23.72
C LEU I 55 16.44 -12.48 -24.70
N ARG I 56 16.44 -12.14 -25.99
CA ARG I 56 15.89 -13.07 -26.98
C ARG I 56 16.72 -14.34 -27.07
N LEU I 57 18.05 -14.22 -26.91
CA LEU I 57 18.87 -15.43 -26.90
C LEU I 57 18.55 -16.32 -25.70
N LYS I 58 18.33 -15.72 -24.53
CA LYS I 58 17.95 -16.51 -23.36
C LYS I 58 16.61 -17.22 -23.59
N GLU I 59 15.63 -16.49 -24.13
CA GLU I 59 14.35 -17.11 -24.43
C GLU I 59 14.50 -18.22 -25.46
N LEU I 60 15.35 -18.02 -26.46
CA LEU I 60 15.58 -19.04 -27.46
C LEU I 60 16.19 -20.28 -26.82
N LEU I 61 17.10 -20.11 -25.87
CA LEU I 61 17.67 -21.24 -25.16
C LEU I 61 16.59 -22.01 -24.40
N ASP I 62 15.72 -21.29 -23.70
CA ASP I 62 14.65 -21.96 -22.95
C ASP I 62 13.69 -22.70 -23.89
N GLU I 63 13.32 -22.06 -25.00
CA GLU I 63 12.42 -22.69 -25.96
C GLU I 63 13.09 -23.90 -26.60
N VAL I 64 14.40 -23.84 -26.84
CA VAL I 64 15.13 -24.98 -27.36
C VAL I 64 15.08 -26.14 -26.37
N LEU I 65 15.27 -25.84 -25.09
CA LEU I 65 15.16 -26.88 -24.06
C LEU I 65 13.79 -27.54 -24.10
N HIS I 66 12.73 -26.73 -24.14
CA HIS I 66 11.39 -27.28 -24.21
C HIS I 66 11.19 -28.07 -25.50
N ALA I 67 11.91 -27.71 -26.56
CA ALA I 67 11.83 -28.45 -27.82
C ALA I 67 12.45 -29.84 -27.68
N ILE I 68 13.66 -29.92 -27.10
CA ILE I 68 14.27 -31.22 -26.88
C ILE I 68 13.41 -32.07 -25.95
N ALA I 69 12.70 -31.41 -25.04
CA ALA I 69 11.82 -32.14 -24.11
C ALA I 69 10.82 -33.01 -24.88
N LEU I 70 10.24 -32.46 -25.95
CA LEU I 70 9.25 -33.22 -26.71
C LEU I 70 9.91 -34.11 -27.76
N ILE I 71 11.10 -33.73 -28.21
CA ILE I 71 11.75 -34.46 -29.31
C ILE I 71 12.11 -35.86 -28.83
N PRO I 72 11.76 -36.92 -29.59
CA PRO I 72 12.21 -38.26 -29.22
C PRO I 72 13.72 -38.34 -29.18
N GLN I 73 14.24 -39.08 -28.20
CA GLN I 73 15.67 -39.12 -27.92
C GLN I 73 16.22 -40.49 -28.27
N ASN I 74 17.27 -40.51 -29.09
CA ASN I 74 17.94 -41.75 -29.46
C ASN I 74 19.39 -41.40 -29.79
N GLU I 75 20.10 -42.35 -30.41
CA GLU I 75 21.51 -42.18 -30.70
C GLU I 75 21.77 -41.04 -31.68
N GLU I 76 21.13 -41.07 -32.85
CA GLU I 76 21.51 -40.18 -33.93
C GLU I 76 21.17 -38.72 -33.61
N THR I 77 20.03 -38.48 -32.96
CA THR I 77 19.60 -37.11 -32.72
C THR I 77 20.42 -36.45 -31.62
N ARG I 78 21.02 -37.25 -30.73
CA ARG I 78 21.72 -36.71 -29.58
C ARG I 78 22.86 -35.77 -29.96
N PRO I 79 23.79 -36.13 -30.86
CA PRO I 79 24.81 -35.15 -31.26
C PRO I 79 24.23 -33.91 -31.90
N ILE I 80 23.15 -34.04 -32.68
CA ILE I 80 22.55 -32.87 -33.32
C ILE I 80 22.05 -31.89 -32.28
N LEU I 81 21.34 -32.41 -31.26
CA LEU I 81 20.86 -31.55 -30.18
C LEU I 81 22.02 -30.91 -29.43
N VAL I 82 23.10 -31.69 -29.20
CA VAL I 82 24.25 -31.12 -28.50
C VAL I 82 24.83 -29.96 -29.30
N ARG I 83 24.99 -30.15 -30.62
CA ARG I 83 25.53 -29.08 -31.46
C ARG I 83 24.66 -27.84 -31.42
N VAL I 84 23.34 -28.01 -31.56
CA VAL I 84 22.49 -26.82 -31.65
C VAL I 84 22.52 -26.05 -30.32
N VAL I 85 22.48 -26.78 -29.20
CA VAL I 85 22.57 -26.09 -27.90
C VAL I 85 23.91 -25.39 -27.76
N VAL I 86 24.98 -26.01 -28.24
CA VAL I 86 26.31 -25.40 -28.15
C VAL I 86 26.36 -24.11 -28.96
N GLU I 87 25.82 -24.12 -30.18
CA GLU I 87 25.80 -22.90 -30.99
C GLU I 87 25.00 -21.81 -30.30
N VAL I 88 23.85 -22.15 -29.73
CA VAL I 88 23.04 -21.14 -29.07
C VAL I 88 23.81 -20.51 -27.90
N MET I 89 24.43 -21.35 -27.07
CA MET I 89 25.15 -20.83 -25.91
C MET I 89 26.37 -20.01 -26.33
N GLU I 90 27.09 -20.46 -27.36
CA GLU I 90 28.25 -19.70 -27.82
C GLU I 90 27.84 -18.33 -28.36
N ALA I 91 26.75 -18.29 -29.14
CA ALA I 91 26.27 -17.02 -29.64
C ALA I 91 25.86 -16.10 -28.49
N LEU I 92 25.22 -16.66 -27.47
CA LEU I 92 24.83 -15.84 -26.32
C LEU I 92 26.04 -15.31 -25.58
N LEU I 93 27.08 -16.13 -25.41
CA LEU I 93 28.29 -15.66 -24.74
C LEU I 93 28.93 -14.53 -25.52
N HIS I 94 29.03 -14.68 -26.85
CA HIS I 94 29.62 -13.62 -27.66
C HIS I 94 28.78 -12.34 -27.58
N ALA I 95 27.45 -12.46 -27.62
CA ALA I 95 26.60 -11.29 -27.56
C ALA I 95 26.72 -10.59 -26.22
N VAL I 96 26.81 -11.36 -25.14
CA VAL I 96 26.92 -10.80 -23.79
C VAL I 96 28.25 -10.09 -23.65
N LEU I 97 29.30 -10.63 -24.28
CA LEU I 97 30.61 -10.01 -24.23
C LEU I 97 30.68 -8.67 -24.95
N ASP I 98 29.69 -8.35 -25.79
CA ASP I 98 29.76 -7.12 -26.58
C ASP I 98 29.46 -5.90 -25.73
N GLY I 99 28.24 -5.81 -25.19
CA GLY I 99 27.86 -4.63 -24.44
C GLY I 99 26.79 -4.94 -23.42
N GLY I 100 26.59 -3.97 -22.52
CA GLY I 100 25.60 -4.12 -21.46
C GLY I 100 26.18 -3.90 -20.08
N GLU I 101 25.31 -3.70 -19.10
CA GLU I 101 25.77 -3.55 -17.72
C GLU I 101 26.35 -4.87 -17.22
N PRO I 102 27.45 -4.82 -16.47
CA PRO I 102 28.08 -6.09 -16.02
C PRO I 102 27.17 -6.96 -15.17
N LEU I 103 26.48 -6.38 -14.18
CA LEU I 103 25.70 -7.20 -13.26
C LEU I 103 24.55 -7.90 -13.97
N LEU I 104 23.81 -7.16 -14.81
CA LEU I 104 22.70 -7.77 -15.54
C LEU I 104 23.20 -8.88 -16.46
N ASN I 105 24.32 -8.65 -17.13
CA ASN I 105 24.91 -9.66 -18.00
C ASN I 105 25.26 -10.91 -17.19
N LEU I 106 25.83 -10.72 -16.00
CA LEU I 106 26.22 -11.86 -15.17
C LEU I 106 25.01 -12.67 -14.72
N LYS I 107 23.93 -11.98 -14.31
CA LYS I 107 22.73 -12.72 -13.90
C LYS I 107 22.12 -13.48 -15.07
N VAL I 108 22.05 -12.85 -16.24
CA VAL I 108 21.53 -13.55 -17.41
C VAL I 108 22.42 -14.74 -17.75
N LEU I 109 23.74 -14.59 -17.60
CA LEU I 109 24.65 -15.69 -17.85
C LEU I 109 24.39 -16.84 -16.89
N LEU I 110 24.14 -16.53 -15.62
CA LEU I 110 23.88 -17.57 -14.64
C LEU I 110 22.61 -18.34 -14.98
N GLU I 111 21.53 -17.62 -15.31
CA GLU I 111 20.29 -18.30 -15.67
C GLU I 111 20.47 -19.13 -16.93
N ALA I 112 21.17 -18.60 -17.92
CA ALA I 112 21.41 -19.36 -19.15
C ALA I 112 22.24 -20.60 -18.90
N PHE I 113 23.23 -20.51 -18.01
CA PHE I 113 24.05 -21.66 -17.70
C PHE I 113 23.24 -22.72 -16.97
N LYS I 114 22.33 -22.31 -16.09
CA LYS I 114 21.44 -23.27 -15.45
C LYS I 114 20.58 -23.99 -16.48
N THR I 115 20.03 -23.24 -17.44
CA THR I 115 19.25 -23.86 -18.50
C THR I 115 20.11 -24.79 -19.35
N PHE I 116 21.37 -24.41 -19.57
CA PHE I 116 22.29 -25.24 -20.35
C PHE I 116 22.55 -26.56 -19.64
N ILE I 117 22.75 -26.52 -18.32
CA ILE I 117 22.95 -27.74 -17.55
C ILE I 117 21.70 -28.62 -17.63
N ALA I 118 20.53 -28.01 -17.49
CA ALA I 118 19.29 -28.79 -17.57
C ALA I 118 19.15 -29.46 -18.94
N ALA I 119 19.45 -28.72 -20.01
CA ALA I 119 19.36 -29.28 -21.35
C ALA I 119 20.35 -30.42 -21.54
N LEU I 120 21.57 -30.26 -21.05
CA LEU I 120 22.56 -31.32 -21.17
C LEU I 120 22.13 -32.56 -20.41
N LYS I 121 21.56 -32.38 -19.22
CA LYS I 121 21.04 -33.52 -18.46
C LYS I 121 19.93 -34.22 -19.22
N THR I 122 19.02 -33.44 -19.82
CA THR I 122 17.91 -34.03 -20.55
C THR I 122 18.41 -34.83 -21.76
N ILE I 123 19.36 -34.26 -22.50
CA ILE I 123 19.82 -34.90 -23.74
C ILE I 123 20.52 -36.22 -23.44
N GLY I 124 21.43 -36.22 -22.46
CA GLY I 124 22.27 -37.38 -22.23
C GLY I 124 23.53 -37.31 -23.05
N PHE I 125 24.58 -38.04 -22.64
CA PHE I 125 25.88 -37.95 -23.29
C PHE I 125 26.43 -39.35 -23.51
N SER I 126 26.78 -39.65 -24.76
CA SER I 126 27.35 -40.95 -25.09
C SER I 126 28.76 -40.84 -25.67
N THR I 127 28.92 -40.05 -26.71
CA THR I 127 30.18 -40.03 -27.45
C THR I 127 31.17 -39.04 -26.82
N GLU I 128 32.45 -39.24 -27.10
CA GLU I 128 33.49 -38.39 -26.53
C GLU I 128 33.49 -36.99 -27.13
N GLU I 129 33.10 -36.87 -28.40
CA GLU I 129 33.08 -35.56 -29.05
C GLU I 129 32.14 -34.60 -28.34
N GLU I 130 30.97 -35.10 -27.94
CA GLU I 130 30.02 -34.26 -27.22
C GLU I 130 30.60 -33.84 -25.87
N ARG I 131 31.30 -34.74 -25.18
CA ARG I 131 31.91 -34.41 -23.91
C ARG I 131 32.96 -33.32 -24.08
N LEU I 132 33.79 -33.43 -25.12
CA LEU I 132 34.80 -32.41 -25.37
C LEU I 132 34.16 -31.07 -25.70
N GLU I 133 33.08 -31.09 -26.49
CA GLU I 133 32.40 -29.85 -26.81
C GLU I 133 31.81 -29.20 -25.56
N ALA I 134 31.20 -30.00 -24.69
CA ALA I 134 30.65 -29.47 -23.45
C ALA I 134 31.74 -28.89 -22.57
N TYR I 135 32.89 -29.58 -22.49
CA TYR I 135 34.00 -29.07 -21.67
C TYR I 135 34.53 -27.75 -22.24
N ARG I 136 34.64 -27.66 -23.56
CA ARG I 136 35.07 -26.41 -24.17
C ARG I 136 34.09 -25.29 -23.88
N VAL I 137 32.80 -25.58 -23.96
CA VAL I 137 31.78 -24.56 -23.66
C VAL I 137 31.89 -24.13 -22.20
N LEU I 138 32.13 -25.08 -21.29
CA LEU I 138 32.27 -24.75 -19.88
C LEU I 138 33.47 -23.85 -19.64
N THR I 139 34.60 -24.16 -20.28
CA THR I 139 35.78 -23.32 -20.12
C THR I 139 35.54 -21.92 -20.67
N LEU I 140 34.88 -21.83 -21.82
CA LEU I 140 34.54 -20.53 -22.37
C LEU I 140 33.65 -19.73 -21.43
N PHE I 141 32.65 -20.40 -20.85
CA PHE I 141 31.74 -19.74 -19.91
C PHE I 141 32.51 -19.23 -18.70
N VAL I 142 33.39 -20.06 -18.15
CA VAL I 142 34.14 -19.65 -16.96
C VAL I 142 35.02 -18.44 -17.26
N HIS I 143 35.74 -18.48 -18.38
CA HIS I 143 36.61 -17.37 -18.73
C HIS I 143 35.82 -16.09 -18.94
N THR I 144 34.71 -16.19 -19.67
CA THR I 144 33.89 -15.01 -19.93
C THR I 144 33.31 -14.44 -18.64
N PHE I 145 32.83 -15.32 -17.76
CA PHE I 145 32.26 -14.87 -16.49
C PHE I 145 33.30 -14.15 -15.66
N ILE I 146 34.51 -14.71 -15.57
CA ILE I 146 35.59 -14.07 -14.83
C ILE I 146 35.89 -12.70 -15.41
N PHE I 147 36.05 -12.64 -16.74
CA PHE I 147 36.43 -11.40 -17.38
C PHE I 147 35.39 -10.30 -17.15
N ILE I 148 34.10 -10.67 -17.25
CA ILE I 148 33.05 -9.68 -17.05
C ILE I 148 32.96 -9.26 -15.59
N SER I 149 33.12 -10.22 -14.67
CA SER I 149 32.93 -9.92 -13.25
C SER I 149 34.13 -9.20 -12.67
N ARG I 150 35.21 -9.08 -13.44
CA ARG I 150 36.37 -8.31 -12.97
C ARG I 150 36.03 -6.91 -12.47
N THR I 151 35.09 -6.22 -13.12
CA THR I 151 34.94 -4.78 -12.91
C THR I 151 34.10 -4.43 -11.68
N LEU I 152 33.48 -5.41 -11.02
CA LEU I 152 32.57 -5.11 -9.92
C LEU I 152 33.33 -4.72 -8.66
N ASN I 153 32.58 -4.39 -7.61
CA ASN I 153 33.14 -4.15 -6.29
C ASN I 153 33.24 -5.47 -5.52
N LEU I 154 33.60 -5.38 -4.24
CA LEU I 154 33.94 -6.57 -3.48
C LEU I 154 32.72 -7.47 -3.26
N GLU I 155 31.62 -6.90 -2.77
CA GLU I 155 30.50 -7.73 -2.32
C GLU I 155 29.87 -8.48 -3.48
N GLU I 156 29.57 -7.79 -4.58
CA GLU I 156 29.03 -8.45 -5.76
C GLU I 156 30.03 -9.45 -6.33
N PHE I 157 31.32 -9.12 -6.28
CA PHE I 157 32.35 -10.05 -6.75
C PHE I 157 32.29 -11.36 -5.97
N LEU I 158 32.30 -11.27 -4.65
CA LEU I 158 32.19 -12.46 -3.81
C LEU I 158 30.94 -13.25 -4.14
N LYS I 159 29.80 -12.56 -4.21
CA LYS I 159 28.55 -13.25 -4.47
C LYS I 159 28.61 -14.03 -5.79
N VAL I 160 28.94 -13.33 -6.88
CA VAL I 160 28.90 -13.96 -8.20
C VAL I 160 29.93 -15.07 -8.30
N LEU I 161 31.09 -14.91 -7.67
CA LEU I 161 32.08 -15.99 -7.67
C LEU I 161 31.53 -17.21 -6.94
N LEU I 162 30.82 -17.01 -5.83
CA LEU I 162 30.25 -18.15 -5.13
C LEU I 162 29.23 -18.88 -5.99
N GLU I 163 28.28 -18.17 -6.59
CA GLU I 163 27.31 -18.89 -7.42
C GLU I 163 27.97 -19.53 -8.63
N LEU I 164 29.05 -18.91 -9.14
CA LEU I 164 29.80 -19.55 -10.22
C LEU I 164 30.38 -20.88 -9.76
N ILE I 165 30.90 -20.92 -8.53
CA ILE I 165 31.45 -22.17 -8.01
C ILE I 165 30.36 -23.22 -7.84
N GLU I 166 29.20 -22.82 -7.30
CA GLU I 166 28.10 -23.78 -7.19
C GLU I 166 27.69 -24.33 -8.54
N LEU I 167 27.55 -23.46 -9.55
CA LEU I 167 27.14 -23.92 -10.86
C LEU I 167 28.20 -24.80 -11.51
N LEU I 168 29.47 -24.51 -11.23
CA LEU I 168 30.55 -25.38 -11.71
C LEU I 168 30.39 -26.78 -11.12
N GLU I 169 30.11 -26.85 -9.82
CA GLU I 169 29.91 -28.14 -9.16
C GLU I 169 28.71 -28.88 -9.76
N GLU I 170 27.62 -28.15 -10.00
CA GLU I 170 26.43 -28.76 -10.58
C GLU I 170 26.71 -29.30 -11.98
N PHE I 171 27.38 -28.51 -12.81
CA PHE I 171 27.69 -28.98 -14.16
C PHE I 171 28.59 -30.21 -14.13
N PHE I 172 29.61 -30.20 -13.27
CA PHE I 172 30.50 -31.35 -13.20
C PHE I 172 29.82 -32.57 -12.61
N LEU I 173 28.74 -32.40 -11.85
CA LEU I 173 27.89 -33.52 -11.47
C LEU I 173 26.87 -33.90 -12.54
N ALA I 174 26.65 -33.06 -13.54
CA ALA I 174 25.62 -33.31 -14.56
C ALA I 174 26.11 -34.15 -15.72
N VAL I 175 27.35 -33.95 -16.17
CA VAL I 175 27.88 -34.61 -17.37
C VAL I 175 28.64 -35.85 -16.92
N PRO I 176 28.24 -37.05 -17.32
CA PRO I 176 28.99 -38.25 -16.96
C PRO I 176 30.17 -38.49 -17.89
N GLY I 177 31.23 -39.09 -17.33
CA GLY I 177 32.41 -39.40 -18.09
C GLY I 177 33.54 -39.91 -17.22
N PRO I 178 34.73 -40.08 -17.81
CA PRO I 178 35.89 -40.52 -17.05
C PRO I 178 36.25 -39.53 -15.95
N PRO I 179 36.76 -40.01 -14.82
CA PRO I 179 36.96 -39.11 -13.67
C PRO I 179 38.26 -38.33 -13.73
N GLU I 180 39.27 -38.77 -14.49
CA GLU I 180 40.54 -38.05 -14.50
C GLU I 180 40.38 -36.67 -15.10
N GLN I 181 39.69 -36.56 -16.23
CA GLN I 181 39.43 -35.26 -16.82
C GLN I 181 38.48 -34.44 -15.94
N ARG I 182 37.49 -35.11 -15.36
CA ARG I 182 36.59 -34.46 -14.40
C ARG I 182 37.36 -33.83 -13.23
N ARG I 183 38.49 -34.41 -12.84
CA ARG I 183 39.31 -33.86 -11.77
C ARG I 183 40.21 -32.73 -12.28
N VAL I 184 40.92 -32.97 -13.39
CA VAL I 184 41.88 -31.99 -13.89
C VAL I 184 41.18 -30.69 -14.27
N LEU I 185 40.06 -30.80 -14.97
CA LEU I 185 39.32 -29.61 -15.39
C LEU I 185 38.84 -28.82 -14.19
N PHE I 186 38.32 -29.51 -13.18
CA PHE I 186 37.84 -28.84 -11.97
C PHE I 186 38.97 -28.11 -11.26
N GLU I 187 40.12 -28.76 -11.12
CA GLU I 187 41.26 -28.11 -10.48
C GLU I 187 41.69 -26.88 -11.26
N SER I 188 41.76 -26.98 -12.59
CA SER I 188 42.19 -25.84 -13.40
C SER I 188 41.22 -24.68 -13.26
N LEU I 189 39.91 -24.95 -13.30
CA LEU I 189 38.94 -23.87 -13.20
C LEU I 189 38.96 -23.22 -11.83
N LEU I 190 39.08 -24.03 -10.76
CA LEU I 190 39.17 -23.46 -9.43
C LEU I 190 40.43 -22.61 -9.27
N GLN I 191 41.54 -23.05 -9.88
CA GLN I 191 42.76 -22.25 -9.85
C GLN I 191 42.56 -20.93 -10.58
N ASP I 192 41.87 -20.95 -11.73
CA ASP I 192 41.57 -19.71 -12.44
C ASP I 192 40.79 -18.75 -11.55
N ILE I 193 39.76 -19.27 -10.89
CA ILE I 193 38.93 -18.42 -10.03
C ILE I 193 39.77 -17.84 -8.88
N LEU I 194 40.60 -18.68 -8.26
CA LEU I 194 41.43 -18.20 -7.15
C LEU I 194 42.41 -17.14 -7.59
N ASN I 195 43.05 -17.33 -8.75
CA ASN I 195 44.00 -16.33 -9.24
C ASN I 195 43.30 -15.00 -9.51
N THR I 196 42.12 -15.06 -10.14
CA THR I 196 41.39 -13.82 -10.38
C THR I 196 40.99 -13.13 -9.08
N PHE I 197 40.55 -13.92 -8.10
CA PHE I 197 40.14 -13.34 -6.82
C PHE I 197 41.31 -12.66 -6.12
N LYS I 198 42.48 -13.31 -6.12
CA LYS I 198 43.66 -12.69 -5.52
C LYS I 198 44.04 -11.43 -6.26
N LYS I 199 43.98 -11.47 -7.60
CA LYS I 199 44.34 -10.30 -8.41
C LYS I 199 43.44 -9.12 -8.06
N LYS I 200 42.14 -9.37 -7.90
CA LYS I 200 41.23 -8.30 -7.54
C LYS I 200 41.49 -7.81 -6.11
N LEU I 201 41.77 -8.74 -5.19
CA LEU I 201 41.94 -8.37 -3.80
C LEU I 201 43.19 -7.51 -3.59
N LYS I 202 44.21 -7.69 -4.42
CA LYS I 202 45.46 -6.96 -4.22
C LYS I 202 45.32 -5.46 -4.39
N LEU I 203 44.12 -4.97 -4.69
CA LEU I 203 43.87 -3.54 -4.87
C LEU I 203 43.49 -2.84 -3.58
N TYR I 204 43.22 -3.59 -2.52
CA TYR I 204 42.53 -3.09 -1.35
C TYR I 204 43.38 -3.31 -0.10
N PRO I 205 43.10 -2.58 0.98
CA PRO I 205 43.95 -2.66 2.17
C PRO I 205 44.03 -4.07 2.75
N VAL I 206 44.98 -4.23 3.67
CA VAL I 206 45.35 -5.56 4.17
C VAL I 206 44.21 -6.20 4.95
N GLU I 207 43.29 -5.39 5.47
CA GLU I 207 42.24 -5.94 6.34
C GLU I 207 41.28 -6.83 5.57
N ALA I 208 40.84 -6.38 4.39
CA ALA I 208 39.86 -7.15 3.62
C ALA I 208 40.44 -8.46 3.12
N GLN I 209 41.77 -8.50 2.95
CA GLN I 209 42.43 -9.72 2.49
C GLN I 209 42.07 -10.90 3.37
N ILE I 210 42.24 -10.75 4.68
CA ILE I 210 42.02 -11.85 5.62
C ILE I 210 40.62 -12.40 5.45
N LEU I 211 39.62 -11.53 5.61
CA LEU I 211 38.22 -11.95 5.55
C LEU I 211 37.90 -12.65 4.24
N TYR I 212 38.03 -11.93 3.13
CA TYR I 212 37.54 -12.47 1.86
C TYR I 212 38.38 -13.65 1.37
N LEU I 213 39.69 -13.60 1.59
CA LEU I 213 40.54 -14.74 1.26
C LEU I 213 40.10 -15.98 2.02
N GLU I 214 39.83 -15.85 3.32
CA GLU I 214 39.40 -17.02 4.07
C GLU I 214 38.07 -17.54 3.56
N ILE I 215 37.13 -16.63 3.26
CA ILE I 215 35.82 -17.08 2.76
C ILE I 215 35.99 -17.90 1.49
N ILE I 216 36.75 -17.36 0.53
CA ILE I 216 36.87 -18.05 -0.76
C ILE I 216 37.62 -19.36 -0.60
N LEU I 217 38.67 -19.38 0.22
CA LEU I 217 39.44 -20.60 0.39
C LEU I 217 38.61 -21.69 1.03
N GLU I 218 37.83 -21.35 2.05
CA GLU I 218 36.96 -22.35 2.67
C GLU I 218 35.93 -22.86 1.68
N LYS I 219 35.34 -21.97 0.87
CA LYS I 219 34.34 -22.41 -0.09
C LYS I 219 34.93 -23.38 -1.11
N VAL I 220 36.10 -23.05 -1.65
CA VAL I 220 36.70 -23.92 -2.67
C VAL I 220 37.14 -25.24 -2.05
N GLU I 221 37.64 -25.21 -0.82
CA GLU I 221 38.00 -26.45 -0.15
C GLU I 221 36.78 -27.34 0.05
N ASP I 222 35.66 -26.74 0.46
CA ASP I 222 34.44 -27.51 0.67
C ASP I 222 33.94 -28.14 -0.62
N VAL I 223 33.93 -27.36 -1.72
CA VAL I 223 33.42 -27.91 -2.97
C VAL I 223 34.35 -28.99 -3.51
N ARG I 224 35.66 -28.79 -3.34
CA ARG I 224 36.62 -29.82 -3.74
C ARG I 224 36.41 -31.10 -2.96
N LYS I 225 36.18 -30.99 -1.65
CA LYS I 225 35.92 -32.16 -0.83
C LYS I 225 34.65 -32.87 -1.27
N HIS I 226 33.60 -32.10 -1.56
CA HIS I 226 32.36 -32.71 -2.01
C HIS I 226 32.56 -33.48 -3.31
N PHE I 227 33.25 -32.87 -4.28
CA PHE I 227 33.49 -33.55 -5.55
C PHE I 227 34.33 -34.81 -5.36
N PHE I 228 35.37 -34.72 -4.53
CA PHE I 228 36.28 -35.84 -4.35
C PHE I 228 35.59 -36.99 -3.62
N GLU I 229 34.66 -36.67 -2.72
CA GLU I 229 33.83 -37.71 -2.13
C GLU I 229 32.88 -38.30 -3.17
N LYS I 230 32.39 -37.46 -4.08
CA LYS I 230 31.44 -37.94 -5.07
C LYS I 230 32.09 -38.95 -6.01
N TYR I 231 33.23 -38.61 -6.62
CA TYR I 231 33.72 -39.42 -7.72
C TYR I 231 34.30 -40.74 -7.20
N PHE I 232 34.70 -40.77 -5.93
CA PHE I 232 35.23 -41.97 -5.31
C PHE I 232 34.14 -43.03 -5.20
N ASN J 25 -57.59 28.10 -39.20
CA ASN J 25 -56.28 28.05 -39.83
C ASN J 25 -55.25 27.46 -38.87
N PRO J 26 -54.53 26.43 -39.34
CA PRO J 26 -53.57 25.76 -38.45
C PRO J 26 -52.48 26.66 -37.88
N LEU J 27 -52.05 27.67 -38.65
CA LEU J 27 -50.92 28.49 -38.23
C LEU J 27 -51.24 29.28 -36.97
N GLU J 28 -52.42 29.90 -36.93
CA GLU J 28 -52.83 30.65 -35.75
C GLU J 28 -52.93 29.74 -34.53
N LEU J 29 -53.43 28.52 -34.74
CA LEU J 29 -53.47 27.55 -33.65
C LEU J 29 -52.07 27.22 -33.16
N ALA J 30 -51.11 27.09 -34.07
CA ALA J 30 -49.74 26.83 -33.68
C ALA J 30 -49.18 27.98 -32.83
N LEU J 31 -49.42 29.22 -33.25
CA LEU J 31 -48.96 30.35 -32.46
C LEU J 31 -49.62 30.41 -31.09
N GLU J 32 -50.93 30.17 -31.02
CA GLU J 32 -51.60 30.26 -29.72
C GLU J 32 -51.13 29.15 -28.79
N LEU J 33 -50.88 27.96 -29.35
CA LEU J 33 -50.30 26.89 -28.54
C LEU J 33 -48.91 27.27 -28.05
N LYS J 34 -48.11 27.92 -28.91
CA LYS J 34 -46.79 28.38 -28.50
C LYS J 34 -46.87 29.33 -27.33
N GLU J 35 -47.76 30.33 -27.41
CA GLU J 35 -47.90 31.29 -26.31
C GLU J 35 -48.39 30.61 -25.05
N LYS J 36 -49.35 29.69 -25.18
CA LYS J 36 -49.86 28.98 -24.01
C LYS J 36 -48.75 28.20 -23.33
N VAL J 37 -47.91 27.52 -24.12
CA VAL J 37 -46.84 26.71 -23.54
C VAL J 37 -45.79 27.60 -22.90
N GLU J 38 -45.48 28.73 -23.53
CA GLU J 38 -44.52 29.66 -22.91
C GLU J 38 -45.02 30.15 -21.58
N LYS J 39 -46.30 30.53 -21.51
CA LYS J 39 -46.87 30.99 -20.24
C LYS J 39 -46.85 29.87 -19.20
N ALA J 40 -47.17 28.64 -19.61
CA ALA J 40 -47.18 27.53 -18.67
C ALA J 40 -45.77 27.25 -18.15
N ILE J 41 -44.77 27.29 -19.02
CA ILE J 41 -43.39 27.07 -18.60
C ILE J 41 -42.97 28.15 -17.61
N LYS J 42 -43.30 29.41 -17.92
CA LYS J 42 -42.97 30.50 -17.00
C LYS J 42 -43.63 30.26 -15.64
N GLU J 43 -44.91 29.95 -15.63
CA GLU J 43 -45.63 29.76 -14.37
C GLU J 43 -45.04 28.62 -13.57
N ILE J 44 -44.70 27.51 -14.24
CA ILE J 44 -44.12 26.37 -13.54
C ILE J 44 -42.77 26.73 -12.95
N LEU J 45 -41.97 27.49 -13.68
CA LEU J 45 -40.62 27.80 -13.23
C LEU J 45 -40.62 28.64 -11.96
N GLU J 46 -41.63 29.50 -11.78
CA GLU J 46 -41.70 30.30 -10.56
C GLU J 46 -42.02 29.48 -9.32
N ASN J 47 -42.44 28.23 -9.48
CA ASN J 47 -42.76 27.41 -8.31
C ASN J 47 -41.49 27.12 -7.51
N PRO J 48 -41.54 27.23 -6.18
CA PRO J 48 -40.33 26.96 -5.39
C PRO J 48 -39.97 25.49 -5.30
N ASN J 49 -40.96 24.61 -5.22
CA ASN J 49 -40.69 23.19 -5.02
C ASN J 49 -40.13 22.58 -6.31
N ILE J 50 -38.98 21.92 -6.20
CA ILE J 50 -38.33 21.36 -7.38
C ILE J 50 -39.09 20.15 -7.90
N GLU J 51 -39.52 19.26 -7.00
CA GLU J 51 -40.26 18.08 -7.42
C GLU J 51 -41.57 18.46 -8.09
N THR J 52 -42.25 19.48 -7.56
CA THR J 52 -43.44 19.99 -8.22
C THR J 52 -43.11 20.51 -9.61
N ARG J 53 -41.97 21.20 -9.76
CA ARG J 53 -41.56 21.68 -11.07
C ARG J 53 -41.41 20.52 -12.05
N ILE J 54 -40.72 19.45 -11.62
CA ILE J 54 -40.50 18.31 -12.50
C ILE J 54 -41.83 17.68 -12.90
N LEU J 55 -42.71 17.45 -11.93
CA LEU J 55 -43.97 16.78 -12.23
C LEU J 55 -44.87 17.62 -13.14
N ARG J 56 -44.95 18.93 -12.87
CA ARG J 56 -45.75 19.79 -13.73
C ARG J 56 -45.16 19.89 -15.13
N LEU J 57 -43.83 19.86 -15.25
CA LEU J 57 -43.23 19.86 -16.58
C LEU J 57 -43.56 18.58 -17.34
N LYS J 58 -43.53 17.43 -16.66
CA LYS J 58 -43.90 16.19 -17.33
C LYS J 58 -45.36 16.22 -17.79
N GLU J 59 -46.26 16.70 -16.93
CA GLU J 59 -47.66 16.78 -17.32
C GLU J 59 -47.85 17.79 -18.46
N LEU J 60 -47.08 18.87 -18.45
CA LEU J 60 -47.15 19.83 -19.54
C LEU J 60 -46.71 19.20 -20.85
N LEU J 61 -45.67 18.36 -20.79
CA LEU J 61 -45.23 17.65 -21.99
C LEU J 61 -46.33 16.74 -22.52
N ASP J 62 -46.99 16.00 -21.62
CA ASP J 62 -48.07 15.12 -22.05
C ASP J 62 -49.23 15.92 -22.66
N GLU J 63 -49.59 17.03 -22.02
CA GLU J 63 -50.67 17.87 -22.53
C GLU J 63 -50.30 18.48 -23.87
N VAL J 64 -49.02 18.83 -24.05
CA VAL J 64 -48.55 19.34 -25.32
C VAL J 64 -48.69 18.29 -26.41
N LEU J 65 -48.32 17.04 -26.09
CA LEU J 65 -48.50 15.95 -27.04
C LEU J 65 -49.96 15.82 -27.46
N HIS J 66 -50.86 15.83 -26.47
CA HIS J 66 -52.29 15.73 -26.79
C HIS J 66 -52.75 16.94 -27.59
N ALA J 67 -52.13 18.10 -27.38
CA ALA J 67 -52.48 19.29 -28.14
C ALA J 67 -52.10 19.15 -29.61
N ILE J 68 -50.86 18.71 -29.88
CA ILE J 68 -50.47 18.48 -31.28
C ILE J 68 -51.34 17.41 -31.91
N ALA J 69 -51.76 16.41 -31.11
CA ALA J 69 -52.62 15.36 -31.64
C ALA J 69 -53.86 15.94 -32.32
N LEU J 70 -54.44 16.99 -31.73
CA LEU J 70 -55.65 17.57 -32.31
C LEU J 70 -55.32 18.64 -33.35
N ILE J 71 -54.14 19.23 -33.27
CA ILE J 71 -53.82 20.38 -34.13
C ILE J 71 -53.71 19.91 -35.58
N PRO J 72 -54.36 20.58 -36.53
CA PRO J 72 -54.16 20.23 -37.94
C PRO J 72 -52.69 20.38 -38.31
N GLN J 73 -52.20 19.42 -39.09
CA GLN J 73 -50.76 19.22 -39.24
C GLN J 73 -50.42 19.45 -40.71
N ASN J 74 -49.47 20.35 -40.96
CA ASN J 74 -49.07 20.70 -42.32
C ASN J 74 -47.64 21.25 -42.27
N GLU J 75 -47.22 21.91 -43.34
CA GLU J 75 -45.82 22.32 -43.49
C GLU J 75 -45.39 23.33 -42.44
N GLU J 76 -46.03 24.50 -42.42
CA GLU J 76 -45.55 25.59 -41.57
C GLU J 76 -45.66 25.24 -40.09
N THR J 77 -46.64 24.42 -39.73
CA THR J 77 -46.84 24.11 -38.31
C THR J 77 -45.80 23.12 -37.79
N ARG J 78 -45.22 22.30 -38.67
CA ARG J 78 -44.27 21.29 -38.20
C ARG J 78 -43.09 21.90 -37.45
N PRO J 79 -42.38 22.90 -38.01
CA PRO J 79 -41.26 23.49 -37.26
C PRO J 79 -41.69 24.15 -35.96
N ILE J 80 -42.88 24.76 -35.93
CA ILE J 80 -43.35 25.42 -34.71
C ILE J 80 -43.57 24.38 -33.60
N LEU J 81 -44.24 23.27 -33.94
CA LEU J 81 -44.46 22.22 -32.95
C LEU J 81 -43.14 21.61 -32.50
N VAL J 82 -42.22 21.38 -33.44
CA VAL J 82 -40.91 20.83 -33.08
C VAL J 82 -40.21 21.78 -32.10
N ARG J 83 -40.25 23.08 -32.40
CA ARG J 83 -39.58 24.06 -31.55
C ARG J 83 -40.15 24.06 -30.15
N VAL J 84 -41.49 24.09 -30.03
CA VAL J 84 -42.09 24.19 -28.71
C VAL J 84 -41.81 22.93 -27.89
N VAL J 85 -41.87 21.76 -28.54
CA VAL J 85 -41.54 20.53 -27.84
C VAL J 85 -40.08 20.55 -27.37
N VAL J 86 -39.19 21.08 -28.20
CA VAL J 86 -37.78 21.16 -27.83
C VAL J 86 -37.59 22.07 -26.62
N GLU J 87 -38.28 23.21 -26.60
CA GLU J 87 -38.18 24.11 -25.45
C GLU J 87 -38.67 23.42 -24.17
N VAL J 88 -39.79 22.71 -24.26
CA VAL J 88 -40.31 22.03 -23.08
C VAL J 88 -39.32 21.00 -22.58
N MET J 89 -38.77 20.19 -23.48
CA MET J 89 -37.84 19.14 -23.06
C MET J 89 -36.56 19.73 -22.48
N GLU J 90 -36.04 20.79 -23.08
CA GLU J 90 -34.81 21.40 -22.57
C GLU J 90 -35.05 21.98 -21.18
N ALA J 91 -36.18 22.66 -20.99
CA ALA J 91 -36.50 23.20 -19.67
C ALA J 91 -36.62 22.09 -18.65
N LEU J 92 -37.26 20.98 -19.03
CA LEU J 92 -37.38 19.86 -18.10
C LEU J 92 -36.03 19.27 -17.74
N LEU J 93 -35.14 19.13 -18.72
CA LEU J 93 -33.81 18.60 -18.43
C LEU J 93 -33.06 19.51 -17.46
N HIS J 94 -33.14 20.83 -17.69
CA HIS J 94 -32.48 21.75 -16.78
C HIS J 94 -33.06 21.67 -15.38
N ALA J 95 -34.39 21.55 -15.28
CA ALA J 95 -35.03 21.47 -13.96
C ALA J 95 -34.62 20.18 -13.24
N VAL J 96 -34.53 19.07 -13.98
CA VAL J 96 -34.13 17.79 -13.42
C VAL J 96 -32.70 17.86 -12.94
N LEU J 97 -31.85 18.59 -13.66
CA LEU J 97 -30.45 18.72 -13.27
C LEU J 97 -30.25 19.49 -11.97
N ASP J 98 -31.27 20.19 -11.48
CA ASP J 98 -31.09 21.05 -10.31
C ASP J 98 -31.05 20.25 -9.02
N GLY J 99 -32.13 19.52 -8.72
CA GLY J 99 -32.20 18.80 -7.46
C GLY J 99 -33.21 17.69 -7.48
N GLY J 100 -33.11 16.83 -6.47
CA GLY J 100 -34.00 15.69 -6.33
C GLY J 100 -33.26 14.38 -6.16
N GLU J 101 -33.96 13.35 -5.67
CA GLU J 101 -33.36 12.04 -5.56
C GLU J 101 -33.04 11.48 -6.96
N PRO J 102 -31.82 10.99 -7.17
CA PRO J 102 -31.40 10.65 -8.54
C PRO J 102 -32.31 9.65 -9.24
N LEU J 103 -32.76 8.61 -8.53
CA LEU J 103 -33.52 7.56 -9.18
C LEU J 103 -34.88 8.07 -9.66
N LEU J 104 -35.53 8.89 -8.84
CA LEU J 104 -36.83 9.44 -9.23
C LEU J 104 -36.72 10.30 -10.47
N ASN J 105 -35.70 11.17 -10.52
CA ASN J 105 -35.53 12.01 -11.71
C ASN J 105 -35.17 11.17 -12.93
N LEU J 106 -34.41 10.09 -12.73
CA LEU J 106 -34.10 9.22 -13.86
C LEU J 106 -35.37 8.57 -14.42
N LYS J 107 -36.25 8.10 -13.54
CA LYS J 107 -37.50 7.50 -14.02
C LYS J 107 -38.37 8.53 -14.73
N VAL J 108 -38.48 9.73 -14.16
CA VAL J 108 -39.26 10.79 -14.81
C VAL J 108 -38.65 11.15 -16.16
N LEU J 109 -37.32 11.15 -16.24
CA LEU J 109 -36.63 11.43 -17.49
C LEU J 109 -36.97 10.37 -18.53
N LEU J 110 -37.00 9.10 -18.11
CA LEU J 110 -37.33 8.02 -19.05
C LEU J 110 -38.75 8.19 -19.58
N GLU J 111 -39.71 8.46 -18.69
CA GLU J 111 -41.09 8.64 -19.15
C GLU J 111 -41.22 9.85 -20.07
N ALA J 112 -40.55 10.95 -19.72
CA ALA J 112 -40.62 12.15 -20.56
C ALA J 112 -39.97 11.90 -21.91
N PHE J 113 -38.89 11.13 -21.95
CA PHE J 113 -38.23 10.82 -23.22
C PHE J 113 -39.13 9.95 -24.09
N LYS J 114 -39.85 9.01 -23.48
CA LYS J 114 -40.82 8.22 -24.25
C LYS J 114 -41.89 9.12 -24.84
N THR J 115 -42.41 10.05 -24.05
CA THR J 115 -43.41 11.00 -24.56
C THR J 115 -42.82 11.86 -25.68
N PHE J 116 -41.57 12.28 -25.52
CA PHE J 116 -40.89 13.08 -26.54
C PHE J 116 -40.77 12.33 -27.85
N ILE J 117 -40.39 11.05 -27.78
CA ILE J 117 -40.30 10.23 -28.98
C ILE J 117 -41.66 10.09 -29.65
N ALA J 118 -42.70 9.86 -28.85
CA ALA J 118 -44.04 9.74 -29.42
C ALA J 118 -44.45 11.04 -30.10
N ALA J 119 -44.19 12.18 -29.47
CA ALA J 119 -44.54 13.46 -30.06
C ALA J 119 -43.80 13.68 -31.37
N LEU J 120 -42.51 13.36 -31.40
CA LEU J 120 -41.75 13.50 -32.64
C LEU J 120 -42.30 12.59 -33.72
N LYS J 121 -42.75 11.39 -33.34
CA LYS J 121 -43.34 10.48 -34.32
C LYS J 121 -44.60 11.06 -34.94
N THR J 122 -45.51 11.58 -34.10
CA THR J 122 -46.75 12.15 -34.64
C THR J 122 -46.49 13.40 -35.47
N ILE J 123 -45.55 14.24 -35.03
CA ILE J 123 -45.32 15.50 -35.75
C ILE J 123 -44.78 15.24 -37.14
N GLY J 124 -43.79 14.37 -37.27
CA GLY J 124 -43.14 14.14 -38.55
C GLY J 124 -42.02 15.12 -38.81
N PHE J 125 -41.03 14.72 -39.60
CA PHE J 125 -39.85 15.53 -39.82
C PHE J 125 -39.59 15.69 -41.32
N SER J 126 -39.45 16.94 -41.76
CA SER J 126 -39.18 17.21 -43.16
C SER J 126 -37.85 17.94 -43.35
N THR J 127 -37.66 19.05 -42.66
CA THR J 127 -36.50 19.90 -42.90
C THR J 127 -35.31 19.45 -42.06
N GLU J 128 -34.11 19.87 -42.48
CA GLU J 128 -32.90 19.46 -41.79
C GLU J 128 -32.75 20.14 -40.43
N GLU J 129 -33.25 21.38 -40.30
CA GLU J 129 -33.08 22.11 -39.04
C GLU J 129 -33.75 21.39 -37.89
N GLU J 130 -34.96 20.87 -38.12
CA GLU J 130 -35.65 20.11 -37.09
C GLU J 130 -34.89 18.84 -36.73
N ARG J 131 -34.30 18.18 -37.73
CA ARG J 131 -33.50 17.00 -37.47
C ARG J 131 -32.31 17.34 -36.58
N LEU J 132 -31.61 18.43 -36.89
CA LEU J 132 -30.47 18.82 -36.06
C LEU J 132 -30.91 19.18 -34.65
N GLU J 133 -32.06 19.85 -34.52
CA GLU J 133 -32.57 20.17 -33.18
C GLU J 133 -32.86 18.92 -32.39
N ALA J 134 -33.51 17.93 -33.02
CA ALA J 134 -33.84 16.69 -32.33
C ALA J 134 -32.58 15.93 -31.94
N TYR J 135 -31.59 15.90 -32.83
CA TYR J 135 -30.34 15.21 -32.53
C TYR J 135 -29.60 15.89 -31.37
N ARG J 136 -29.59 17.23 -31.35
CA ARG J 136 -28.99 17.95 -30.23
C ARG J 136 -29.71 17.64 -28.93
N VAL J 137 -31.04 17.61 -28.97
CA VAL J 137 -31.81 17.29 -27.76
C VAL J 137 -31.50 15.88 -27.29
N LEU J 138 -31.36 14.94 -28.22
CA LEU J 138 -31.01 13.57 -27.85
C LEU J 138 -29.64 13.51 -27.18
N THR J 139 -28.67 14.23 -27.74
CA THR J 139 -27.33 14.26 -27.15
C THR J 139 -27.37 14.84 -25.74
N LEU J 140 -28.11 15.93 -25.57
CA LEU J 140 -28.23 16.55 -24.25
C LEU J 140 -28.88 15.59 -23.26
N PHE J 141 -29.93 14.90 -23.70
CA PHE J 141 -30.61 13.93 -22.84
C PHE J 141 -29.66 12.82 -22.42
N VAL J 142 -28.89 12.30 -23.36
CA VAL J 142 -27.98 11.20 -23.04
C VAL J 142 -26.94 11.65 -22.02
N HIS J 143 -26.34 12.82 -22.25
CA HIS J 143 -25.32 13.32 -21.33
C HIS J 143 -25.90 13.56 -19.95
N THR J 144 -27.08 14.17 -19.88
CA THR J 144 -27.70 14.44 -18.58
C THR J 144 -28.04 13.15 -17.85
N PHE J 145 -28.58 12.16 -18.58
CA PHE J 145 -28.93 10.89 -17.97
C PHE J 145 -27.70 10.20 -17.41
N ILE J 146 -26.60 10.19 -18.17
CA ILE J 146 -25.36 9.59 -17.69
C ILE J 146 -24.88 10.30 -16.44
N PHE J 147 -24.88 11.63 -16.48
CA PHE J 147 -24.37 12.41 -15.35
C PHE J 147 -25.17 12.13 -14.09
N ILE J 148 -26.49 12.07 -14.21
CA ILE J 148 -27.33 11.84 -13.04
C ILE J 148 -27.17 10.41 -12.54
N SER J 149 -27.12 9.44 -13.46
CA SER J 149 -27.09 8.03 -13.06
C SER J 149 -25.71 7.63 -12.56
N ARG J 150 -24.72 8.51 -12.68
CA ARG J 150 -23.40 8.23 -12.14
C ARG J 150 -23.41 7.85 -10.67
N THR J 151 -24.31 8.43 -9.87
CA THR J 151 -24.21 8.32 -8.43
C THR J 151 -24.83 7.05 -7.86
N LEU J 152 -25.58 6.29 -8.66
CA LEU J 152 -26.28 5.13 -8.14
C LEU J 152 -25.31 3.98 -7.85
N ASN J 153 -25.85 2.92 -7.25
CA ASN J 153 -25.11 1.67 -7.08
C ASN J 153 -25.17 0.83 -8.35
N LEU J 154 -24.63 -0.38 -8.27
CA LEU J 154 -24.40 -1.17 -9.49
C LEU J 154 -25.70 -1.61 -10.15
N GLU J 155 -26.60 -2.23 -9.40
CA GLU J 155 -27.76 -2.88 -10.03
C GLU J 155 -28.68 -1.86 -10.70
N GLU J 156 -29.02 -0.79 -9.98
CA GLU J 156 -29.83 0.26 -10.60
C GLU J 156 -29.09 0.92 -11.74
N PHE J 157 -27.77 1.05 -11.64
CA PHE J 157 -26.98 1.59 -12.74
C PHE J 157 -27.17 0.76 -14.00
N LEU J 158 -27.01 -0.56 -13.89
CA LEU J 158 -27.18 -1.42 -15.06
C LEU J 158 -28.61 -1.35 -15.58
N LYS J 159 -29.59 -1.35 -14.68
CA LYS J 159 -30.98 -1.31 -15.12
C LYS J 159 -31.27 -0.05 -15.92
N VAL J 160 -30.90 1.11 -15.38
CA VAL J 160 -31.20 2.37 -16.07
C VAL J 160 -30.38 2.48 -17.34
N LEU J 161 -29.16 1.94 -17.36
CA LEU J 161 -28.36 2.00 -18.57
C LEU J 161 -28.98 1.16 -19.69
N LEU J 162 -29.47 -0.04 -19.36
CA LEU J 162 -30.13 -0.85 -20.37
C LEU J 162 -31.40 -0.17 -20.88
N GLU J 163 -32.18 0.43 -19.98
CA GLU J 163 -33.35 1.17 -20.41
C GLU J 163 -32.97 2.32 -21.33
N LEU J 164 -31.88 3.02 -21.02
CA LEU J 164 -31.42 4.11 -21.85
C LEU J 164 -31.01 3.62 -23.24
N ILE J 165 -30.34 2.48 -23.30
CA ILE J 165 -29.92 1.95 -24.60
C ILE J 165 -31.15 1.58 -25.44
N GLU J 166 -32.13 0.93 -24.81
CA GLU J 166 -33.34 0.58 -25.55
C GLU J 166 -34.07 1.82 -26.05
N LEU J 167 -34.18 2.86 -25.21
CA LEU J 167 -34.84 4.08 -25.65
C LEU J 167 -34.05 4.78 -26.74
N LEU J 168 -32.72 4.68 -26.68
CA LEU J 168 -31.88 5.21 -27.76
C LEU J 168 -32.22 4.53 -29.08
N GLU J 169 -32.34 3.20 -29.05
CA GLU J 169 -32.69 2.46 -30.26
C GLU J 169 -34.07 2.89 -30.77
N GLU J 170 -35.03 3.05 -29.86
CA GLU J 170 -36.37 3.47 -30.27
C GLU J 170 -36.35 4.85 -30.91
N PHE J 171 -35.64 5.80 -30.30
CA PHE J 171 -35.58 7.14 -30.88
C PHE J 171 -34.92 7.12 -32.24
N PHE J 172 -33.82 6.39 -32.39
CA PHE J 172 -33.15 6.33 -33.69
C PHE J 172 -33.97 5.58 -34.74
N LEU J 173 -34.91 4.75 -34.31
CA LEU J 173 -35.91 4.20 -35.23
C LEU J 173 -37.07 5.14 -35.49
N ALA J 174 -37.24 6.18 -34.67
CA ALA J 174 -38.38 7.09 -34.80
C ALA J 174 -38.16 8.21 -35.81
N VAL J 175 -37.00 8.85 -35.79
CA VAL J 175 -36.73 10.04 -36.60
C VAL J 175 -36.10 9.59 -37.91
N PRO J 176 -36.74 9.85 -39.06
CA PRO J 176 -36.13 9.47 -40.35
C PRO J 176 -35.13 10.51 -40.83
N GLY J 177 -34.15 10.04 -41.59
CA GLY J 177 -33.14 10.89 -42.15
C GLY J 177 -32.02 10.12 -42.84
N PRO J 178 -30.95 10.82 -43.22
CA PRO J 178 -29.80 10.15 -43.82
C PRO J 178 -29.19 9.14 -42.88
N PRO J 179 -28.65 8.04 -43.40
CA PRO J 179 -28.18 6.96 -42.52
C PRO J 179 -26.80 7.18 -41.95
N GLU J 180 -25.96 8.00 -42.59
CA GLU J 180 -24.59 8.17 -42.12
C GLU J 180 -24.56 8.84 -40.75
N GLN J 181 -25.30 9.94 -40.59
CA GLN J 181 -25.37 10.58 -39.28
C GLN J 181 -26.07 9.67 -38.27
N ARG J 182 -27.09 8.95 -38.71
CA ARG J 182 -27.76 7.96 -37.88
C ARG J 182 -26.78 6.94 -37.33
N ARG J 183 -25.79 6.53 -38.10
CA ARG J 183 -24.77 5.60 -37.64
C ARG J 183 -23.74 6.26 -36.73
N VAL J 184 -23.25 7.44 -37.12
CA VAL J 184 -22.18 8.09 -36.37
C VAL J 184 -22.65 8.47 -34.98
N LEU J 185 -23.85 9.07 -34.89
CA LEU J 185 -24.35 9.48 -33.58
C LEU J 185 -24.60 8.27 -32.69
N PHE J 186 -25.14 7.20 -33.25
CA PHE J 186 -25.37 6.00 -32.46
C PHE J 186 -24.07 5.44 -31.91
N GLU J 187 -23.04 5.38 -32.76
CA GLU J 187 -21.75 4.88 -32.29
C GLU J 187 -21.18 5.77 -31.20
N SER J 188 -21.27 7.09 -31.36
CA SER J 188 -20.72 8.00 -30.36
C SER J 188 -21.44 7.85 -29.03
N LEU J 189 -22.78 7.75 -29.07
CA LEU J 189 -23.54 7.62 -27.82
C LEU J 189 -23.26 6.29 -27.13
N LEU J 190 -23.17 5.21 -27.91
CA LEU J 190 -22.83 3.92 -27.30
C LEU J 190 -21.44 3.96 -26.68
N GLN J 191 -20.50 4.64 -27.34
CA GLN J 191 -19.17 4.79 -26.77
C GLN J 191 -19.20 5.57 -25.47
N ASP J 192 -20.01 6.63 -25.41
CA ASP J 192 -20.16 7.39 -24.18
C ASP J 192 -20.66 6.50 -23.05
N ILE J 193 -21.69 5.71 -23.34
CA ILE J 193 -22.27 4.82 -22.32
C ILE J 193 -21.23 3.80 -21.86
N LEU J 194 -20.48 3.23 -22.80
CA LEU J 194 -19.46 2.24 -22.44
C LEU J 194 -18.37 2.86 -21.58
N ASN J 195 -17.91 4.05 -21.92
CA ASN J 195 -16.87 4.70 -21.13
C ASN J 195 -17.36 4.97 -19.72
N THR J 196 -18.60 5.46 -19.58
CA THR J 196 -19.14 5.69 -18.24
C THR J 196 -19.26 4.40 -17.45
N PHE J 197 -19.71 3.32 -18.10
CA PHE J 197 -19.87 2.06 -17.40
C PHE J 197 -18.53 1.53 -16.93
N LYS J 198 -17.50 1.61 -17.77
CA LYS J 198 -16.17 1.18 -17.35
C LYS J 198 -15.65 2.04 -16.21
N LYS J 199 -15.86 3.35 -16.28
CA LYS J 199 -15.42 4.24 -15.23
C LYS J 199 -16.04 3.87 -13.90
N LYS J 200 -17.34 3.58 -13.90
CA LYS J 200 -18.02 3.19 -12.67
C LYS J 200 -17.54 1.83 -12.18
N LEU J 201 -17.36 0.88 -13.10
CA LEU J 201 -16.96 -0.47 -12.70
C LEU J 201 -15.57 -0.49 -12.09
N LYS J 202 -14.71 0.44 -12.50
CA LYS J 202 -13.34 0.44 -11.98
C LYS J 202 -13.26 0.75 -10.49
N LEU J 203 -14.40 0.97 -9.83
CA LEU J 203 -14.45 1.25 -8.40
C LEU J 203 -14.65 -0.01 -7.57
N TYR J 204 -14.78 -1.18 -8.21
CA TYR J 204 -15.28 -2.37 -7.58
C TYR J 204 -14.34 -3.54 -7.82
N PRO J 205 -14.42 -4.59 -7.00
CA PRO J 205 -13.51 -5.73 -7.16
C PRO J 205 -13.61 -6.37 -8.54
N VAL J 206 -12.61 -7.21 -8.84
CA VAL J 206 -12.40 -7.70 -10.19
C VAL J 206 -13.52 -8.63 -10.65
N GLU J 207 -14.13 -9.38 -9.73
CA GLU J 207 -15.12 -10.38 -10.12
C GLU J 207 -16.34 -9.73 -10.77
N ALA J 208 -16.79 -8.60 -10.22
CA ALA J 208 -17.97 -7.93 -10.78
C ALA J 208 -17.69 -7.41 -12.18
N GLN J 209 -16.42 -7.09 -12.46
CA GLN J 209 -16.06 -6.59 -13.78
C GLN J 209 -16.46 -7.58 -14.87
N ILE J 210 -16.12 -8.85 -14.67
CA ILE J 210 -16.41 -9.90 -15.65
C ILE J 210 -17.90 -9.91 -15.96
N LEU J 211 -18.73 -10.13 -14.93
CA LEU J 211 -20.16 -10.26 -15.11
C LEU J 211 -20.76 -9.04 -15.80
N TYR J 212 -20.60 -7.87 -15.19
CA TYR J 212 -21.33 -6.71 -15.68
C TYR J 212 -20.78 -6.21 -17.01
N LEU J 213 -19.46 -6.29 -17.21
CA LEU J 213 -18.88 -5.95 -18.51
C LEU J 213 -19.42 -6.86 -19.59
N GLU J 214 -19.51 -8.17 -19.31
CA GLU J 214 -20.09 -9.09 -20.28
C GLU J 214 -21.53 -8.70 -20.63
N ILE J 215 -22.33 -8.40 -19.61
CA ILE J 215 -23.74 -8.08 -19.85
C ILE J 215 -23.85 -6.84 -20.74
N ILE J 216 -23.11 -5.78 -20.39
CA ILE J 216 -23.24 -4.53 -21.13
C ILE J 216 -22.73 -4.69 -22.55
N LEU J 217 -21.61 -5.41 -22.73
CA LEU J 217 -21.07 -5.59 -24.07
C LEU J 217 -22.01 -6.38 -24.95
N GLU J 218 -22.62 -7.44 -24.40
CA GLU J 218 -23.56 -8.22 -25.20
C GLU J 218 -24.78 -7.38 -25.59
N LYS J 219 -25.30 -6.60 -24.64
CA LYS J 219 -26.46 -5.75 -24.96
C LYS J 219 -26.12 -4.75 -26.05
N VAL J 220 -24.94 -4.12 -25.95
CA VAL J 220 -24.54 -3.12 -26.93
C VAL J 220 -24.35 -3.75 -28.30
N GLU J 221 -23.72 -4.93 -28.35
CA GLU J 221 -23.52 -5.62 -29.62
C GLU J 221 -24.86 -5.97 -30.24
N ASP J 222 -25.81 -6.44 -29.42
CA ASP J 222 -27.13 -6.81 -29.94
C ASP J 222 -27.84 -5.59 -30.54
N VAL J 223 -27.84 -4.47 -29.82
CA VAL J 223 -28.57 -3.30 -30.32
C VAL J 223 -27.88 -2.76 -31.58
N ARG J 224 -26.55 -2.80 -31.62
CA ARG J 224 -25.83 -2.38 -32.82
C ARG J 224 -26.19 -3.26 -34.00
N LYS J 225 -26.26 -4.57 -33.79
CA LYS J 225 -26.63 -5.48 -34.86
C LYS J 225 -28.04 -5.21 -35.35
N HIS J 226 -28.97 -4.97 -34.42
CA HIS J 226 -30.34 -4.66 -34.82
C HIS J 226 -30.40 -3.39 -35.67
N PHE J 227 -29.69 -2.33 -35.25
CA PHE J 227 -29.70 -1.09 -36.01
C PHE J 227 -29.09 -1.28 -37.39
N PHE J 228 -27.97 -2.01 -37.46
CA PHE J 228 -27.27 -2.18 -38.73
C PHE J 228 -28.07 -3.06 -39.68
N GLU J 229 -28.85 -4.00 -39.14
CA GLU J 229 -29.77 -4.75 -39.98
C GLU J 229 -30.92 -3.86 -40.44
N LYS J 230 -31.35 -2.93 -39.59
CA LYS J 230 -32.48 -2.07 -39.94
C LYS J 230 -32.12 -1.15 -41.10
N TYR J 231 -31.01 -0.42 -40.98
CA TYR J 231 -30.79 0.69 -41.93
C TYR J 231 -30.39 0.15 -43.29
N PHE J 232 -29.86 -1.07 -43.35
CA PHE J 232 -29.50 -1.70 -44.61
C PHE J 232 -30.74 -2.01 -45.43
N ASN K 25 6.46 23.43 -50.31
CA ASN K 25 7.74 23.10 -50.92
C ASN K 25 8.80 22.82 -49.84
N PRO K 26 9.54 21.72 -50.02
CA PRO K 26 10.50 21.31 -48.99
C PRO K 26 11.57 22.35 -48.67
N LEU K 27 12.01 23.12 -49.67
CA LEU K 27 13.10 24.06 -49.45
C LEU K 27 12.71 25.16 -48.47
N GLU K 28 11.49 25.69 -48.64
CA GLU K 28 11.00 26.73 -47.73
C GLU K 28 10.85 26.19 -46.32
N LEU K 29 10.38 24.95 -46.19
CA LEU K 29 10.26 24.33 -44.87
C LEU K 29 11.62 24.16 -44.22
N ALA K 30 12.62 23.75 -44.99
CA ALA K 30 13.97 23.64 -44.45
C ALA K 30 14.49 24.99 -43.98
N LEU K 31 14.25 26.04 -44.77
CA LEU K 31 14.69 27.38 -44.35
C LEU K 31 14.00 27.82 -43.08
N GLU K 32 12.69 27.61 -42.97
CA GLU K 32 11.97 28.06 -41.78
C GLU K 32 12.39 27.27 -40.55
N LEU K 33 12.65 25.97 -40.72
CA LEU K 33 13.21 25.19 -39.62
C LEU K 33 14.57 25.70 -39.19
N LYS K 34 15.42 26.05 -40.16
CA LYS K 34 16.71 26.64 -39.85
C LYS K 34 16.55 27.91 -39.02
N GLU K 35 15.66 28.81 -39.46
CA GLU K 35 15.45 30.07 -38.76
C GLU K 35 14.94 29.84 -37.34
N LYS K 36 13.97 28.93 -37.20
CA LYS K 36 13.45 28.61 -35.87
C LYS K 36 14.55 28.10 -34.97
N VAL K 37 15.43 27.26 -35.51
CA VAL K 37 16.52 26.71 -34.70
C VAL K 37 17.49 27.81 -34.31
N GLU K 38 17.76 28.75 -35.21
CA GLU K 38 18.71 29.82 -34.88
C GLU K 38 18.21 30.68 -33.74
N LYS K 39 16.95 31.14 -33.82
CA LYS K 39 16.41 31.89 -32.68
C LYS K 39 16.26 31.03 -31.43
N ALA K 40 16.00 29.73 -31.58
CA ALA K 40 15.96 28.87 -30.41
C ALA K 40 17.31 28.82 -29.71
N ILE K 41 18.39 28.66 -30.48
CA ILE K 41 19.73 28.64 -29.90
C ILE K 41 20.07 29.97 -29.27
N LYS K 42 19.71 31.07 -29.95
CA LYS K 42 19.99 32.40 -29.43
C LYS K 42 19.27 32.63 -28.10
N GLU K 43 18.01 32.20 -28.01
CA GLU K 43 17.28 32.32 -26.77
C GLU K 43 17.90 31.45 -25.67
N ILE K 44 18.31 30.23 -26.02
CA ILE K 44 18.80 29.30 -25.02
C ILE K 44 20.13 29.78 -24.44
N LEU K 45 21.03 30.25 -25.31
CA LEU K 45 22.35 30.68 -24.85
C LEU K 45 22.25 31.88 -23.92
N GLU K 46 21.17 32.65 -24.01
CA GLU K 46 21.00 33.81 -23.15
C GLU K 46 20.80 33.43 -21.69
N ASN K 47 20.26 32.24 -21.42
CA ASN K 47 19.92 31.87 -20.06
C ASN K 47 21.17 31.78 -19.18
N PRO K 48 21.11 32.27 -17.94
CA PRO K 48 22.30 32.23 -17.09
C PRO K 48 22.63 30.83 -16.58
N ASN K 49 21.62 30.05 -16.21
CA ASN K 49 21.86 28.74 -15.60
C ASN K 49 22.46 27.78 -16.62
N ILE K 50 23.60 27.18 -16.28
CA ILE K 50 24.30 26.30 -17.21
C ILE K 50 23.52 25.00 -17.42
N GLU K 51 23.04 24.40 -16.34
CA GLU K 51 22.31 23.14 -16.45
C GLU K 51 21.05 23.32 -17.27
N THR K 52 20.37 24.45 -17.10
CA THR K 52 19.21 24.74 -17.95
C THR K 52 19.62 24.82 -19.42
N ARG K 53 20.76 25.45 -19.71
CA ARG K 53 21.23 25.52 -21.09
C ARG K 53 21.44 24.13 -21.65
N ILE K 54 22.10 23.26 -20.89
CA ILE K 54 22.39 21.91 -21.38
C ILE K 54 21.09 21.15 -21.64
N LEU K 55 20.16 21.19 -20.68
CA LEU K 55 18.93 20.43 -20.84
C LEU K 55 18.10 20.95 -22.01
N ARG K 56 17.97 22.27 -22.14
CA ARG K 56 17.17 22.81 -23.22
C ARG K 56 17.82 22.56 -24.58
N LEU K 57 19.16 22.53 -24.63
CA LEU K 57 19.81 22.15 -25.88
C LEU K 57 19.53 20.71 -26.24
N LYS K 58 19.51 19.82 -25.25
CA LYS K 58 19.15 18.43 -25.53
C LYS K 58 17.72 18.31 -26.05
N GLU K 59 16.79 19.04 -25.43
CA GLU K 59 15.42 19.05 -25.93
C GLU K 59 15.35 19.62 -27.34
N LEU K 60 16.16 20.64 -27.62
CA LEU K 60 16.19 21.21 -28.96
C LEU K 60 16.68 20.18 -29.97
N LEU K 61 17.69 19.38 -29.60
CA LEU K 61 18.13 18.30 -30.48
C LEU K 61 17.01 17.31 -30.76
N ASP K 62 16.29 16.89 -29.71
CA ASP K 62 15.21 15.92 -29.90
C ASP K 62 14.10 16.50 -30.79
N GLU K 63 13.72 17.75 -30.53
CA GLU K 63 12.67 18.37 -31.33
C GLU K 63 13.12 18.58 -32.77
N VAL K 64 14.41 18.86 -32.97
CA VAL K 64 14.95 18.97 -34.32
C VAL K 64 14.84 17.64 -35.05
N LEU K 65 15.16 16.55 -34.36
CA LEU K 65 15.02 15.23 -34.95
C LEU K 65 13.56 14.96 -35.36
N HIS K 66 12.63 15.28 -34.46
CA HIS K 66 11.22 15.05 -34.77
C HIS K 66 10.76 15.92 -35.94
N ALA K 67 11.25 17.17 -35.99
CA ALA K 67 10.89 18.06 -37.09
C ALA K 67 11.41 17.54 -38.42
N ILE K 68 12.67 17.06 -38.44
CA ILE K 68 13.25 16.51 -39.65
C ILE K 68 12.44 15.30 -40.11
N ALA K 69 11.97 14.49 -39.16
CA ALA K 69 11.18 13.32 -39.50
C ALA K 69 9.98 13.69 -40.36
N LEU K 70 9.30 14.79 -40.01
CA LEU K 70 8.12 15.20 -40.77
C LEU K 70 8.51 15.92 -42.06
N ILE K 71 9.67 16.55 -42.08
CA ILE K 71 10.05 17.39 -43.24
C ILE K 71 10.22 16.49 -44.46
N PRO K 72 9.63 16.83 -45.61
CA PRO K 72 9.90 16.06 -46.83
C PRO K 72 11.38 16.06 -47.16
N GLN K 73 11.88 14.92 -47.62
CA GLN K 73 13.30 14.69 -47.74
C GLN K 73 13.67 14.54 -49.21
N ASN K 74 14.66 15.32 -49.64
CA ASN K 74 15.15 15.26 -51.02
C ASN K 74 16.59 15.79 -51.02
N GLU K 75 17.11 16.08 -52.21
CA GLU K 75 18.50 16.48 -52.37
C GLU K 75 18.84 17.78 -51.65
N GLU K 76 18.18 18.87 -52.04
CA GLU K 76 18.61 20.20 -51.59
C GLU K 76 18.42 20.39 -50.10
N THR K 77 17.45 19.68 -49.51
CA THR K 77 17.20 19.84 -48.08
C THR K 77 18.27 19.15 -47.23
N ARG K 78 18.88 18.08 -47.75
CA ARG K 78 19.85 17.31 -46.98
C ARG K 78 20.99 18.16 -46.44
N PRO K 79 21.68 18.98 -47.24
CA PRO K 79 22.73 19.83 -46.66
C PRO K 79 22.22 20.77 -45.58
N ILE K 80 21.03 21.34 -45.75
CA ILE K 80 20.49 22.29 -44.78
C ILE K 80 20.26 21.59 -43.44
N LEU K 81 19.65 20.40 -43.48
CA LEU K 81 19.44 19.65 -42.25
C LEU K 81 20.76 19.27 -41.60
N VAL K 82 21.74 18.88 -42.42
CA VAL K 82 23.05 18.52 -41.85
C VAL K 82 23.65 19.72 -41.13
N ARG K 83 23.60 20.90 -41.75
CA ARG K 83 24.13 22.09 -41.08
C ARG K 83 23.41 22.32 -39.76
N VAL K 84 22.08 22.43 -39.78
CA VAL K 84 21.39 22.84 -38.56
C VAL K 84 21.68 21.86 -37.42
N VAL K 85 21.71 20.56 -37.73
CA VAL K 85 22.04 19.59 -36.69
C VAL K 85 23.48 19.80 -36.20
N VAL K 86 24.41 20.08 -37.11
CA VAL K 86 25.81 20.27 -36.73
C VAL K 86 25.95 21.48 -35.80
N GLU K 87 25.32 22.59 -36.16
CA GLU K 87 25.34 23.78 -35.31
C GLU K 87 24.75 23.51 -33.94
N VAL K 88 23.62 22.80 -33.88
CA VAL K 88 23.02 22.52 -32.57
C VAL K 88 23.97 21.68 -31.72
N MET K 89 24.54 20.63 -32.32
CA MET K 89 25.42 19.75 -31.56
C MET K 89 26.69 20.48 -31.11
N GLU K 90 27.25 21.32 -31.98
CA GLU K 90 28.44 22.08 -31.62
C GLU K 90 28.15 23.05 -30.47
N ALA K 91 27.00 23.72 -30.52
CA ALA K 91 26.62 24.61 -29.43
C ALA K 91 26.47 23.84 -28.13
N LEU K 92 25.87 22.65 -28.21
CA LEU K 92 25.72 21.84 -27.00
C LEU K 92 27.08 21.42 -26.44
N LEU K 93 28.00 21.02 -27.32
CA LEU K 93 29.33 20.63 -26.85
C LEU K 93 30.03 21.79 -26.17
N HIS K 94 29.96 22.98 -26.77
CA HIS K 94 30.60 24.14 -26.16
C HIS K 94 29.95 24.48 -24.82
N ALA K 95 28.62 24.40 -24.74
CA ALA K 95 27.94 24.70 -23.48
C ALA K 95 28.30 23.70 -22.40
N VAL K 96 28.42 22.43 -22.76
CA VAL K 96 28.74 21.38 -21.80
C VAL K 96 30.16 21.57 -21.31
N LEU K 97 31.05 22.01 -22.20
CA LEU K 97 32.43 22.28 -21.82
C LEU K 97 32.58 23.43 -20.83
N ASP K 98 31.56 24.26 -20.66
CA ASP K 98 31.71 25.44 -19.80
C ASP K 98 31.65 25.06 -18.32
N GLY K 99 30.52 24.50 -17.88
CA GLY K 99 30.37 24.19 -16.47
C GLY K 99 29.40 23.06 -16.23
N GLY K 100 29.43 22.54 -15.02
CA GLY K 100 28.55 21.45 -14.62
C GLY K 100 29.30 20.27 -14.04
N GLU K 101 28.58 19.39 -13.36
CA GLU K 101 29.20 18.19 -12.82
C GLU K 101 29.64 17.28 -13.97
N PRO K 102 30.83 16.68 -13.86
CA PRO K 102 31.33 15.86 -14.99
C PRO K 102 30.41 14.72 -15.39
N LEU K 103 29.90 13.95 -14.42
CA LEU K 103 29.12 12.76 -14.75
C LEU K 103 27.83 13.13 -15.47
N LEU K 104 27.12 14.14 -14.97
CA LEU K 104 25.88 14.56 -15.61
C LEU K 104 26.14 15.05 -17.03
N ASN K 105 27.20 15.84 -17.21
CA ASN K 105 27.54 16.31 -18.54
C ASN K 105 27.85 15.16 -19.48
N LEU K 106 28.59 14.17 -19.00
CA LEU K 106 28.93 13.02 -19.83
C LEU K 106 27.68 12.24 -20.24
N LYS K 107 26.77 12.03 -19.29
CA LYS K 107 25.55 11.28 -19.63
C LYS K 107 24.69 12.05 -20.63
N VAL K 108 24.53 13.35 -20.42
CA VAL K 108 23.77 14.15 -21.38
C VAL K 108 24.44 14.11 -22.75
N LEU K 109 25.78 14.12 -22.77
CA LEU K 109 26.50 14.00 -24.03
C LEU K 109 26.21 12.67 -24.69
N LEU K 110 26.12 11.60 -23.91
CA LEU K 110 25.83 10.27 -24.48
C LEU K 110 24.46 10.25 -25.14
N GLU K 111 23.44 10.71 -24.42
CA GLU K 111 22.10 10.72 -25.02
C GLU K 111 22.03 11.65 -26.23
N ALA K 112 22.69 12.80 -26.16
CA ALA K 112 22.71 13.71 -27.30
C ALA K 112 23.40 13.08 -28.50
N PHE K 113 24.47 12.33 -28.27
CA PHE K 113 25.16 11.66 -29.36
C PHE K 113 24.29 10.58 -29.99
N LYS K 114 23.54 9.85 -29.17
CA LYS K 114 22.60 8.88 -29.73
C LYS K 114 21.56 9.56 -30.60
N THR K 115 21.03 10.69 -30.13
CA THR K 115 20.07 11.44 -30.94
C THR K 115 20.70 11.94 -32.23
N PHE K 116 21.96 12.38 -32.15
CA PHE K 116 22.68 12.85 -33.31
C PHE K 116 22.85 11.74 -34.35
N ILE K 117 23.17 10.53 -33.88
CA ILE K 117 23.30 9.39 -34.79
C ILE K 117 21.96 9.08 -35.45
N ALA K 118 20.89 9.10 -34.67
CA ALA K 118 19.57 8.85 -35.25
C ALA K 118 19.21 9.88 -36.29
N ALA K 119 19.50 11.16 -36.01
CA ALA K 119 19.21 12.22 -36.96
C ALA K 119 20.02 12.05 -38.24
N LEU K 120 21.31 11.71 -38.11
CA LEU K 120 22.12 11.50 -39.30
C LEU K 120 21.62 10.31 -40.11
N LYS K 121 21.14 9.28 -39.42
CA LYS K 121 20.58 8.12 -40.13
C LYS K 121 19.34 8.50 -40.93
N THR K 122 18.42 9.23 -40.31
CA THR K 122 17.16 9.54 -41.01
C THR K 122 17.37 10.55 -42.13
N ILE K 123 18.31 11.49 -41.94
CA ILE K 123 18.54 12.51 -42.96
C ILE K 123 19.07 11.89 -44.25
N GLY K 124 20.05 11.00 -44.13
CA GLY K 124 20.71 10.47 -45.31
C GLY K 124 21.93 11.29 -45.69
N PHE K 125 22.88 10.69 -46.40
CA PHE K 125 24.16 11.31 -46.65
C PHE K 125 24.63 11.01 -48.06
N SER K 126 24.75 12.07 -48.88
CA SER K 126 25.17 11.90 -50.26
C SER K 126 26.48 12.65 -50.55
N THR K 127 26.52 13.94 -50.26
CA THR K 127 27.64 14.77 -50.67
C THR K 127 28.82 14.59 -49.72
N GLU K 128 30.02 14.88 -50.23
CA GLU K 128 31.23 14.69 -49.44
C GLU K 128 31.36 15.74 -48.35
N GLU K 129 30.93 16.97 -48.60
CA GLU K 129 31.09 18.04 -47.61
C GLU K 129 30.35 17.71 -46.33
N GLU K 130 29.12 17.19 -46.45
CA GLU K 130 28.38 16.78 -45.27
C GLU K 130 29.11 15.66 -44.53
N ARG K 131 29.72 14.75 -45.27
CA ARG K 131 30.49 13.68 -44.64
C ARG K 131 31.64 14.25 -43.82
N LEU K 132 32.41 15.17 -44.41
CA LEU K 132 33.53 15.74 -43.67
C LEU K 132 33.04 16.51 -42.44
N GLU K 133 31.89 17.19 -42.56
CA GLU K 133 31.35 17.89 -41.41
C GLU K 133 30.97 16.92 -40.30
N ALA K 134 30.34 15.80 -40.67
CA ALA K 134 29.94 14.81 -39.66
C ALA K 134 31.16 14.19 -38.98
N TYR K 135 32.19 13.86 -39.76
CA TYR K 135 33.42 13.32 -39.17
C TYR K 135 34.09 14.34 -38.26
N ARG K 136 34.09 15.62 -38.64
CA ARG K 136 34.64 16.65 -37.76
C ARG K 136 33.85 16.73 -36.46
N VAL K 137 32.53 16.65 -36.54
CA VAL K 137 31.70 16.68 -35.33
C VAL K 137 32.01 15.48 -34.44
N LEU K 138 32.19 14.31 -35.05
CA LEU K 138 32.54 13.11 -34.28
C LEU K 138 33.87 13.29 -33.57
N THR K 139 34.87 13.85 -34.27
CA THR K 139 36.17 14.08 -33.65
C THR K 139 36.06 15.05 -32.48
N LEU K 140 35.28 16.13 -32.66
CA LEU K 140 35.06 17.08 -31.58
C LEU K 140 34.41 16.41 -30.39
N PHE K 141 33.39 15.57 -30.64
CA PHE K 141 32.71 14.86 -29.57
C PHE K 141 33.68 13.96 -28.81
N VAL K 142 34.51 13.23 -29.54
CA VAL K 142 35.44 12.30 -28.89
C VAL K 142 36.42 13.06 -28.00
N HIS K 143 37.00 14.14 -28.53
CA HIS K 143 37.97 14.90 -27.75
C HIS K 143 37.32 15.52 -26.51
N THR K 144 36.13 16.09 -26.67
CA THR K 144 35.45 16.71 -25.54
C THR K 144 35.09 15.67 -24.48
N PHE K 145 34.60 14.51 -24.91
CA PHE K 145 34.23 13.47 -23.97
C PHE K 145 35.44 12.98 -23.19
N ILE K 146 36.56 12.76 -23.88
CA ILE K 146 37.78 12.34 -23.21
C ILE K 146 38.22 13.38 -22.19
N PHE K 147 38.24 14.65 -22.60
CA PHE K 147 38.71 15.71 -21.73
C PHE K 147 37.85 15.82 -20.47
N ILE K 148 36.53 15.71 -20.63
CA ILE K 148 35.65 15.83 -19.47
C ILE K 148 35.78 14.60 -18.58
N SER K 149 35.88 13.41 -19.19
CA SER K 149 35.88 12.18 -18.40
C SER K 149 37.22 11.95 -17.72
N ARG K 150 38.22 12.76 -18.05
CA ARG K 150 39.52 12.66 -17.38
C ARG K 150 39.44 12.68 -15.86
N THR K 151 38.49 13.43 -15.30
CA THR K 151 38.53 13.73 -13.87
C THR K 151 37.87 12.66 -13.00
N LEU K 152 37.19 11.67 -13.58
CA LEU K 152 36.44 10.71 -12.78
C LEU K 152 37.37 9.68 -12.14
N ASN K 153 36.77 8.76 -11.38
CA ASN K 153 37.49 7.64 -10.81
C ASN K 153 37.49 6.46 -11.79
N LEU K 154 38.11 5.36 -11.38
CA LEU K 154 38.35 4.24 -12.30
C LEU K 154 37.06 3.59 -12.79
N GLU K 155 36.12 3.34 -11.88
CA GLU K 155 34.91 2.63 -12.28
C GLU K 155 34.09 3.44 -13.27
N GLU K 156 33.83 4.71 -12.94
CA GLU K 156 33.09 5.57 -13.87
C GLU K 156 33.87 5.77 -15.16
N PHE K 157 35.19 5.89 -15.06
CA PHE K 157 36.02 6.03 -16.25
C PHE K 157 35.84 4.85 -17.18
N LEU K 158 35.94 3.63 -16.64
CA LEU K 158 35.78 2.42 -17.44
C LEU K 158 34.40 2.38 -18.08
N LYS K 159 33.36 2.66 -17.28
CA LYS K 159 32.00 2.58 -17.80
C LYS K 159 31.80 3.57 -18.96
N VAL K 160 32.16 4.83 -18.75
CA VAL K 160 31.91 5.84 -19.78
C VAL K 160 32.77 5.55 -21.01
N LEU K 161 33.99 5.05 -20.81
CA LEU K 161 34.83 4.74 -21.96
C LEU K 161 34.24 3.60 -22.80
N LEU K 162 33.71 2.57 -22.14
CA LEU K 162 33.09 1.48 -22.90
C LEU K 162 31.87 1.97 -23.65
N GLU K 163 31.03 2.79 -23.02
CA GLU K 163 29.88 3.35 -23.74
C GLU K 163 30.32 4.20 -24.91
N LEU K 164 31.40 4.98 -24.74
CA LEU K 164 31.91 5.80 -25.83
C LEU K 164 32.36 4.94 -27.00
N ILE K 165 33.06 3.83 -26.71
CA ILE K 165 33.52 2.95 -27.78
C ILE K 165 32.33 2.34 -28.51
N GLU K 166 31.30 1.91 -27.76
CA GLU K 166 30.13 1.33 -28.41
C GLU K 166 29.43 2.34 -29.31
N LEU K 167 29.23 3.57 -28.84
CA LEU K 167 28.58 4.56 -29.68
C LEU K 167 29.46 4.95 -30.86
N LEU K 168 30.78 4.89 -30.69
CA LEU K 168 31.67 5.11 -31.83
C LEU K 168 31.43 4.06 -32.91
N GLU K 169 31.30 2.80 -32.48
CA GLU K 169 31.00 1.73 -33.43
C GLU K 169 29.67 1.97 -34.12
N GLU K 170 28.66 2.38 -33.36
CA GLU K 170 27.35 2.65 -33.95
C GLU K 170 27.42 3.79 -34.97
N PHE K 171 28.11 4.87 -34.63
CA PHE K 171 28.21 5.99 -35.57
C PHE K 171 28.95 5.59 -36.84
N PHE K 172 30.06 4.87 -36.70
CA PHE K 172 30.77 4.42 -37.89
C PHE K 172 29.99 3.41 -38.71
N LEU K 173 29.02 2.73 -38.11
CA LEU K 173 28.08 1.92 -38.87
C LEU K 173 26.90 2.71 -39.40
N ALA K 174 26.70 3.96 -38.98
CA ALA K 174 25.56 4.77 -39.38
C ALA K 174 25.80 5.58 -40.65
N VAL K 175 26.99 6.14 -40.83
CA VAL K 175 27.27 7.03 -41.95
C VAL K 175 27.98 6.23 -43.04
N PRO K 176 27.39 6.07 -44.22
CA PRO K 176 28.06 5.35 -45.30
C PRO K 176 29.06 6.23 -46.05
N GLY K 177 30.08 5.57 -46.59
CA GLY K 177 31.11 6.26 -47.35
C GLY K 177 32.26 5.36 -47.72
N PRO K 178 33.33 5.95 -48.26
CA PRO K 178 34.52 5.16 -48.58
C PRO K 178 35.11 4.51 -47.35
N PRO K 179 35.67 3.30 -47.48
CA PRO K 179 36.08 2.56 -46.27
C PRO K 179 37.44 2.96 -45.73
N GLU K 180 38.30 3.56 -46.55
CA GLU K 180 39.65 3.90 -46.08
C GLU K 180 39.60 4.94 -44.98
N GLN K 181 38.82 6.01 -45.17
CA GLN K 181 38.66 7.01 -44.12
C GLN K 181 37.96 6.42 -42.91
N ARG K 182 36.95 5.58 -43.14
CA ARG K 182 36.25 4.90 -42.05
C ARG K 182 37.18 4.04 -41.21
N ARG K 183 38.25 3.51 -41.82
CA ARG K 183 39.25 2.75 -41.07
C ARG K 183 40.22 3.66 -40.35
N VAL K 184 40.75 4.67 -41.05
CA VAL K 184 41.78 5.52 -40.47
C VAL K 184 41.24 6.30 -39.28
N LEU K 185 40.05 6.87 -39.42
CA LEU K 185 39.48 7.65 -38.33
C LEU K 185 39.19 6.76 -37.11
N PHE K 186 38.66 5.57 -37.36
CA PHE K 186 38.39 4.65 -36.26
C PHE K 186 39.67 4.29 -35.53
N GLU K 187 40.74 3.99 -36.28
CA GLU K 187 42.00 3.65 -35.63
C GLU K 187 42.53 4.81 -34.82
N SER K 188 42.47 6.02 -35.38
CA SER K 188 42.98 7.19 -34.67
C SER K 188 42.21 7.44 -33.39
N LEU K 189 40.88 7.34 -33.44
CA LEU K 189 40.07 7.59 -32.26
C LEU K 189 40.31 6.53 -31.19
N LEU K 190 40.42 5.27 -31.60
CA LEU K 190 40.72 4.23 -30.62
C LEU K 190 42.10 4.45 -29.99
N GLN K 191 43.06 4.92 -30.78
CA GLN K 191 44.37 5.23 -30.23
C GLN K 191 44.29 6.38 -29.22
N ASP K 192 43.49 7.39 -29.52
CA ASP K 192 43.29 8.49 -28.56
C ASP K 192 42.72 7.96 -27.25
N ILE K 193 41.71 7.10 -27.33
CA ILE K 193 41.10 6.53 -26.13
C ILE K 193 42.12 5.73 -25.34
N LEU K 194 42.92 4.91 -26.04
CA LEU K 194 43.92 4.10 -25.35
C LEU K 194 44.97 4.96 -24.67
N ASN K 195 45.44 6.01 -25.34
CA ASN K 195 46.43 6.89 -24.72
C ASN K 195 45.87 7.56 -23.48
N THR K 196 44.63 8.04 -23.55
CA THR K 196 44.03 8.66 -22.37
C THR K 196 43.88 7.65 -21.24
N PHE K 197 43.47 6.43 -21.57
CA PHE K 197 43.28 5.42 -20.53
C PHE K 197 44.60 5.08 -19.85
N LYS K 198 45.66 4.91 -20.64
CA LYS K 198 46.98 4.64 -20.04
C LYS K 198 47.44 5.81 -19.18
N LYS K 199 47.22 7.04 -19.66
CA LYS K 199 47.63 8.21 -18.90
C LYS K 199 46.94 8.25 -17.55
N LYS K 200 45.64 7.95 -17.53
CA LYS K 200 44.91 7.93 -16.27
C LYS K 200 45.37 6.78 -15.38
N LEU K 201 45.61 5.61 -15.98
CA LEU K 201 45.95 4.43 -15.18
C LEU K 201 47.33 4.56 -14.54
N LYS K 202 48.22 5.35 -15.15
CA LYS K 202 49.57 5.48 -14.60
C LYS K 202 49.60 6.15 -13.22
N LEU K 203 48.45 6.53 -12.68
CA LEU K 203 48.36 7.18 -11.38
C LEU K 203 48.21 6.18 -10.22
N TYR K 204 48.03 4.90 -10.52
CA TYR K 204 47.56 3.94 -9.55
C TYR K 204 48.47 2.73 -9.49
N PRO K 205 48.45 1.99 -8.37
CA PRO K 205 49.41 0.89 -8.20
C PRO K 205 49.32 -0.16 -9.31
N VAL K 206 50.31 -1.07 -9.29
CA VAL K 206 50.57 -1.95 -10.42
C VAL K 206 49.44 -2.95 -10.64
N GLU K 207 48.73 -3.33 -9.58
CA GLU K 207 47.71 -4.37 -9.72
C GLU K 207 46.57 -3.92 -10.61
N ALA K 208 46.14 -2.66 -10.48
CA ALA K 208 45.02 -2.18 -11.29
C ALA K 208 45.37 -2.14 -12.78
N GLN K 209 46.65 -1.93 -13.08
CA GLN K 209 47.09 -1.91 -14.46
C GLN K 209 46.67 -3.17 -15.19
N ILE K 210 46.98 -4.33 -14.62
CA ILE K 210 46.68 -5.62 -15.24
C ILE K 210 45.19 -5.70 -15.56
N LEU K 211 44.34 -5.59 -14.54
CA LEU K 211 42.90 -5.75 -14.71
C LEU K 211 42.34 -4.81 -15.76
N TYR K 212 42.44 -3.50 -15.50
CA TYR K 212 41.73 -2.56 -16.36
C TYR K 212 42.36 -2.47 -17.75
N LEU K 213 43.69 -2.60 -17.84
CA LEU K 213 44.34 -2.63 -19.15
C LEU K 213 43.83 -3.81 -19.96
N GLU K 214 43.72 -4.99 -19.34
CA GLU K 214 43.20 -6.15 -20.05
C GLU K 214 41.77 -5.92 -20.53
N ILE K 215 40.94 -5.35 -19.66
CA ILE K 215 39.54 -5.12 -20.04
C ILE K 215 39.46 -4.21 -21.25
N ILE K 216 40.17 -3.07 -21.19
CA ILE K 216 40.07 -2.10 -22.28
C ILE K 216 40.66 -2.66 -23.57
N LEU K 217 41.78 -3.39 -23.48
CA LEU K 217 42.39 -3.94 -24.68
C LEU K 217 41.48 -4.97 -25.34
N GLU K 218 40.84 -5.83 -24.54
CA GLU K 218 39.93 -6.81 -25.12
C GLU K 218 38.74 -6.13 -25.77
N LYS K 219 38.17 -5.11 -25.12
CA LYS K 219 37.04 -4.41 -25.72
C LYS K 219 37.42 -3.77 -27.05
N VAL K 220 38.59 -3.14 -27.08
CA VAL K 220 39.04 -2.45 -28.29
C VAL K 220 39.30 -3.46 -29.41
N GLU K 221 39.94 -4.58 -29.08
CA GLU K 221 40.19 -5.61 -30.08
C GLU K 221 38.87 -6.16 -30.63
N ASP K 222 37.90 -6.38 -29.75
CA ASP K 222 36.61 -6.91 -30.20
C ASP K 222 35.91 -5.95 -31.15
N VAL K 223 35.87 -4.66 -30.79
CA VAL K 223 35.17 -3.71 -31.65
C VAL K 223 35.91 -3.53 -32.97
N ARG K 224 37.24 -3.57 -32.95
CA ARG K 224 38.01 -3.50 -34.18
C ARG K 224 37.71 -4.70 -35.07
N LYS K 225 37.63 -5.89 -34.49
CA LYS K 225 37.32 -7.08 -35.27
C LYS K 225 35.93 -6.99 -35.86
N HIS K 226 34.96 -6.50 -35.09
CA HIS K 226 33.60 -6.35 -35.62
C HIS K 226 33.58 -5.40 -36.80
N PHE K 227 34.24 -4.25 -36.67
CA PHE K 227 34.24 -3.28 -37.78
C PHE K 227 34.94 -3.85 -39.00
N PHE K 228 36.07 -4.54 -38.79
CA PHE K 228 36.84 -5.05 -39.93
C PHE K 228 36.11 -6.18 -40.63
N GLU K 229 35.30 -6.94 -39.88
CA GLU K 229 34.42 -7.91 -40.52
C GLU K 229 33.30 -7.21 -41.26
N LYS K 230 32.81 -6.09 -40.73
CA LYS K 230 31.70 -5.39 -41.36
C LYS K 230 32.11 -4.82 -42.72
N TYR K 231 33.21 -4.07 -42.76
CA TYR K 231 33.48 -3.28 -43.98
C TYR K 231 33.93 -4.19 -45.12
N PHE K 232 34.46 -5.36 -44.78
CA PHE K 232 34.89 -6.32 -45.79
C PHE K 232 33.69 -6.86 -46.55
N ASN L 25 -54.98 -35.51 -45.46
CA ASN L 25 -53.64 -36.11 -45.41
C ASN L 25 -52.74 -35.36 -44.45
N PRO L 26 -52.01 -36.11 -43.62
CA PRO L 26 -51.18 -35.46 -42.57
C PRO L 26 -50.15 -34.48 -43.10
N LEU L 27 -49.56 -34.76 -44.27
CA LEU L 27 -48.49 -33.92 -44.77
C LEU L 27 -49.00 -32.51 -45.10
N GLU L 28 -50.16 -32.42 -45.74
CA GLU L 28 -50.74 -31.13 -46.06
C GLU L 28 -51.08 -30.34 -44.79
N LEU L 29 -51.58 -31.04 -43.78
CA LEU L 29 -51.88 -30.39 -42.51
C LEU L 29 -50.61 -29.86 -41.85
N ALA L 30 -49.53 -30.63 -41.91
CA ALA L 30 -48.26 -30.16 -41.37
C ALA L 30 -47.77 -28.92 -42.09
N LEU L 31 -47.87 -28.92 -43.43
CA LEU L 31 -47.47 -27.74 -44.20
C LEU L 31 -48.31 -26.52 -43.83
N GLU L 32 -49.62 -26.68 -43.74
CA GLU L 32 -50.48 -25.54 -43.46
C GLU L 32 -50.23 -25.01 -42.05
N LEU L 33 -49.98 -25.90 -41.10
CA LEU L 33 -49.60 -25.46 -39.76
C LEU L 33 -48.28 -24.69 -39.79
N LYS L 34 -47.30 -25.18 -40.56
CA LYS L 34 -46.05 -24.45 -40.71
C LYS L 34 -46.29 -23.04 -41.23
N GLU L 35 -47.08 -22.92 -42.30
CA GLU L 35 -47.34 -21.61 -42.89
C GLU L 35 -48.05 -20.68 -41.91
N LYS L 36 -49.06 -21.20 -41.21
CA LYS L 36 -49.77 -20.41 -40.22
C LYS L 36 -48.82 -19.90 -39.16
N VAL L 37 -47.91 -20.75 -38.71
CA VAL L 37 -46.95 -20.35 -37.69
C VAL L 37 -46.00 -19.30 -38.23
N GLU L 38 -45.62 -19.40 -39.51
CA GLU L 38 -44.69 -18.43 -40.08
C GLU L 38 -45.31 -17.03 -40.10
N LYS L 39 -46.52 -16.89 -40.63
CA LYS L 39 -47.17 -15.57 -40.55
C LYS L 39 -47.48 -15.15 -39.12
N ALA L 40 -47.77 -16.11 -38.23
CA ALA L 40 -47.97 -15.73 -36.83
C ALA L 40 -46.71 -15.10 -36.25
N ILE L 41 -45.56 -15.73 -36.45
CA ILE L 41 -44.30 -15.19 -35.94
C ILE L 41 -44.00 -13.85 -36.58
N LYS L 42 -44.21 -13.75 -37.90
CA LYS L 42 -43.95 -12.50 -38.60
C LYS L 42 -44.80 -11.37 -38.01
N GLU L 43 -46.11 -11.60 -37.89
CA GLU L 43 -47.02 -10.58 -37.38
C GLU L 43 -46.61 -10.17 -35.97
N ILE L 44 -46.29 -11.16 -35.12
CA ILE L 44 -45.93 -10.84 -33.74
C ILE L 44 -44.65 -10.02 -33.70
N LEU L 45 -43.72 -10.30 -34.61
CA LEU L 45 -42.44 -9.58 -34.59
C LEU L 45 -42.61 -8.11 -34.96
N GLU L 46 -43.62 -7.78 -35.77
CA GLU L 46 -43.83 -6.38 -36.11
C GLU L 46 -44.36 -5.56 -34.94
N ASN L 47 -44.79 -6.19 -33.86
CA ASN L 47 -45.31 -5.43 -32.73
C ASN L 47 -44.19 -4.64 -32.05
N PRO L 48 -44.43 -3.38 -31.71
CA PRO L 48 -43.36 -2.59 -31.08
C PRO L 48 -43.09 -2.96 -29.64
N ASN L 49 -44.13 -3.29 -28.87
CA ASN L 49 -43.97 -3.56 -27.44
C ASN L 49 -43.26 -4.89 -27.23
N ILE L 50 -42.27 -4.90 -26.35
CA ILE L 50 -41.49 -6.11 -26.11
C ILE L 50 -42.29 -7.12 -25.29
N GLU L 51 -42.94 -6.65 -24.22
CA GLU L 51 -43.69 -7.57 -23.36
C GLU L 51 -44.82 -8.24 -24.12
N THR L 52 -45.51 -7.48 -24.98
CA THR L 52 -46.52 -8.10 -25.84
C THR L 52 -45.91 -9.15 -26.75
N ARG L 53 -44.72 -8.86 -27.30
CA ARG L 53 -44.04 -9.85 -28.12
C ARG L 53 -43.81 -11.15 -27.36
N ILE L 54 -43.29 -11.03 -26.13
CA ILE L 54 -43.00 -12.23 -25.34
C ILE L 54 -44.27 -13.00 -25.04
N LEU L 55 -45.32 -12.30 -24.59
CA LEU L 55 -46.55 -12.98 -24.21
C LEU L 55 -47.21 -13.65 -25.41
N ARG L 56 -47.24 -12.98 -26.56
CA ARG L 56 -47.86 -13.57 -27.73
C ARG L 56 -47.04 -14.74 -28.27
N LEU L 57 -45.72 -14.67 -28.14
CA LEU L 57 -44.90 -15.82 -28.52
C LEU L 57 -45.18 -17.02 -27.63
N LYS L 58 -45.34 -16.79 -26.32
CA LYS L 58 -45.68 -17.89 -25.43
C LYS L 58 -47.05 -18.47 -25.78
N GLU L 59 -48.02 -17.61 -26.06
CA GLU L 59 -49.33 -18.10 -26.49
C GLU L 59 -49.24 -18.90 -27.76
N LEU L 60 -48.43 -18.44 -28.72
CA LEU L 60 -48.26 -19.15 -29.97
C LEU L 60 -47.64 -20.52 -29.73
N LEU L 61 -46.68 -20.61 -28.82
CA LEU L 61 -46.09 -21.90 -28.49
C LEU L 61 -47.14 -22.86 -27.92
N ASP L 62 -47.98 -22.36 -27.01
CA ASP L 62 -49.03 -23.21 -26.44
C ASP L 62 -50.03 -23.65 -27.52
N GLU L 63 -50.43 -22.71 -28.38
CA GLU L 63 -51.37 -23.04 -29.44
C GLU L 63 -50.76 -24.03 -30.43
N VAL L 64 -49.45 -23.91 -30.69
CA VAL L 64 -48.77 -24.86 -31.55
C VAL L 64 -48.79 -26.25 -30.93
N LEU L 65 -48.56 -26.34 -29.62
CA LEU L 65 -48.65 -27.61 -28.92
C LEU L 65 -50.03 -28.23 -29.10
N HIS L 66 -51.08 -27.43 -28.86
CA HIS L 66 -52.44 -27.93 -29.02
C HIS L 66 -52.72 -28.33 -30.47
N ALA L 67 -52.07 -27.65 -31.42
CA ALA L 67 -52.26 -27.98 -32.83
C ALA L 67 -51.64 -29.34 -33.14
N ILE L 68 -50.41 -29.58 -32.70
CA ILE L 68 -49.78 -30.89 -32.92
C ILE L 68 -50.59 -31.98 -32.24
N ALA L 69 -51.21 -31.65 -31.11
CA ALA L 69 -52.03 -32.64 -30.41
C ALA L 69 -53.11 -33.21 -31.33
N LEU L 70 -53.72 -32.37 -32.16
CA LEU L 70 -54.77 -32.85 -33.05
C LEU L 70 -54.20 -33.36 -34.37
N ILE L 71 -53.02 -32.89 -34.75
CA ILE L 71 -52.46 -33.26 -36.05
C ILE L 71 -52.14 -34.75 -36.06
N PRO L 72 -52.54 -35.51 -37.08
CA PRO L 72 -52.11 -36.91 -37.18
C PRO L 72 -50.60 -37.01 -37.23
N GLN L 73 -50.07 -38.00 -36.53
CA GLN L 73 -48.64 -38.10 -36.29
C GLN L 73 -48.09 -39.34 -36.99
N ASN L 74 -47.08 -39.15 -37.83
CA ASN L 74 -46.44 -40.24 -38.54
C ASN L 74 -44.99 -39.84 -38.84
N GLU L 75 -44.34 -40.59 -39.71
CA GLU L 75 -42.93 -40.40 -40.00
C GLU L 75 -42.64 -39.04 -40.64
N GLU L 76 -43.40 -38.68 -41.68
CA GLU L 76 -43.05 -37.49 -42.46
C GLU L 76 -43.38 -36.20 -41.72
N THR L 77 -44.44 -36.20 -40.93
CA THR L 77 -44.84 -34.97 -40.23
C THR L 77 -43.93 -34.65 -39.06
N ARG L 78 -43.30 -35.69 -38.49
CA ARG L 78 -42.46 -35.49 -37.30
C ARG L 78 -41.35 -34.46 -37.52
N PRO L 79 -40.53 -34.55 -38.58
CA PRO L 79 -39.53 -33.50 -38.78
C PRO L 79 -40.12 -32.11 -38.93
N ILE L 80 -41.24 -31.98 -39.64
CA ILE L 80 -41.84 -30.67 -39.86
C ILE L 80 -42.26 -30.06 -38.53
N LEU L 81 -42.91 -30.86 -37.68
CA LEU L 81 -43.33 -30.36 -36.38
C LEU L 81 -42.13 -29.98 -35.54
N VAL L 82 -41.06 -30.78 -35.58
CA VAL L 82 -39.86 -30.44 -34.81
C VAL L 82 -39.30 -29.10 -35.27
N ARG L 83 -39.22 -28.90 -36.60
CA ARG L 83 -38.69 -27.65 -37.12
C ARG L 83 -39.54 -26.46 -36.66
N VAL L 84 -40.86 -26.55 -36.80
CA VAL L 84 -41.69 -25.38 -36.49
C VAL L 84 -41.61 -25.05 -35.01
N VAL L 85 -41.61 -26.08 -34.15
CA VAL L 85 -41.47 -25.83 -32.72
C VAL L 85 -40.13 -25.17 -32.43
N VAL L 86 -39.07 -25.62 -33.09
CA VAL L 86 -37.75 -25.02 -32.88
C VAL L 86 -37.74 -23.55 -33.30
N GLU L 87 -38.41 -23.24 -34.42
CA GLU L 87 -38.48 -21.85 -34.85
C GLU L 87 -39.19 -20.98 -33.81
N VAL L 88 -40.34 -21.44 -33.33
CA VAL L 88 -41.04 -20.68 -32.31
C VAL L 88 -40.15 -20.48 -31.09
N MET L 89 -39.44 -21.54 -30.68
CA MET L 89 -38.63 -21.44 -29.48
C MET L 89 -37.47 -20.46 -29.63
N GLU L 90 -36.72 -20.51 -30.74
CA GLU L 90 -35.54 -19.65 -30.76
C GLU L 90 -35.94 -18.22 -31.05
N ALA L 91 -37.07 -18.02 -31.76
CA ALA L 91 -37.61 -16.68 -31.90
C ALA L 91 -37.98 -16.11 -30.53
N LEU L 92 -38.59 -16.92 -29.68
CA LEU L 92 -38.92 -16.45 -28.33
C LEU L 92 -37.66 -16.15 -27.53
N LEU L 93 -36.64 -16.99 -27.65
CA LEU L 93 -35.40 -16.74 -26.92
C LEU L 93 -34.77 -15.42 -27.35
N HIS L 94 -34.71 -15.16 -28.66
CA HIS L 94 -34.15 -13.91 -29.13
C HIS L 94 -34.98 -12.72 -28.68
N ALA L 95 -36.32 -12.84 -28.71
CA ALA L 95 -37.17 -11.75 -28.29
C ALA L 95 -36.99 -11.46 -26.80
N VAL L 96 -36.83 -12.50 -25.99
CA VAL L 96 -36.66 -12.35 -24.55
C VAL L 96 -35.32 -11.70 -24.27
N LEU L 97 -34.30 -12.05 -25.05
CA LEU L 97 -32.98 -11.47 -24.88
C LEU L 97 -32.92 -9.98 -25.19
N ASP L 98 -33.93 -9.42 -25.86
CA ASP L 98 -33.87 -8.03 -26.27
C ASP L 98 -34.14 -7.08 -25.10
N GLY L 99 -35.31 -7.19 -24.49
CA GLY L 99 -35.66 -6.27 -23.41
C GLY L 99 -36.67 -6.86 -22.47
N GLY L 100 -36.83 -6.19 -21.33
CA GLY L 100 -37.76 -6.63 -20.31
C GLY L 100 -37.12 -6.81 -18.96
N GLU L 101 -37.94 -6.87 -17.91
CA GLU L 101 -37.41 -7.12 -16.57
C GLU L 101 -36.89 -8.55 -16.48
N PRO L 102 -35.72 -8.74 -15.86
CA PRO L 102 -35.11 -10.09 -15.86
C PRO L 102 -35.98 -11.17 -15.25
N LEU L 103 -36.63 -10.89 -14.12
CA LEU L 103 -37.37 -11.94 -13.42
C LEU L 103 -38.57 -12.42 -14.22
N LEU L 104 -39.33 -11.49 -14.79
CA LEU L 104 -40.47 -11.87 -15.62
C LEU L 104 -40.03 -12.65 -16.84
N ASN L 105 -38.93 -12.22 -17.46
CA ASN L 105 -38.40 -12.93 -18.61
C ASN L 105 -38.01 -14.36 -18.23
N LEU L 106 -37.37 -14.52 -17.08
CA LEU L 106 -36.95 -15.86 -16.65
C LEU L 106 -38.15 -16.75 -16.38
N LYS L 107 -39.20 -16.20 -15.74
CA LYS L 107 -40.38 -17.00 -15.47
C LYS L 107 -41.08 -17.43 -16.76
N VAL L 108 -41.21 -16.50 -17.71
CA VAL L 108 -41.80 -16.85 -19.00
C VAL L 108 -40.95 -17.89 -19.70
N LEU L 109 -39.62 -17.76 -19.61
CA LEU L 109 -38.74 -18.74 -20.21
C LEU L 109 -38.96 -20.12 -19.61
N LEU L 110 -39.11 -20.19 -18.29
CA LEU L 110 -39.32 -21.49 -17.64
C LEU L 110 -40.62 -22.12 -18.11
N GLU L 111 -41.71 -21.33 -18.13
CA GLU L 111 -42.99 -21.89 -18.56
C GLU L 111 -42.95 -22.33 -20.02
N ALA L 112 -42.32 -21.52 -20.89
CA ALA L 112 -42.23 -21.88 -22.29
C ALA L 112 -41.36 -23.11 -22.49
N PHE L 113 -40.32 -23.28 -21.67
CA PHE L 113 -39.47 -24.45 -21.78
C PHE L 113 -40.20 -25.70 -21.34
N LYS L 114 -41.05 -25.58 -20.31
CA LYS L 114 -41.90 -26.70 -19.94
C LYS L 114 -42.84 -27.08 -21.08
N THR L 115 -43.43 -26.08 -21.72
CA THR L 115 -44.28 -26.35 -22.89
C THR L 115 -43.47 -27.00 -24.01
N PHE L 116 -42.21 -26.59 -24.16
CA PHE L 116 -41.34 -27.17 -25.17
C PHE L 116 -41.09 -28.65 -24.90
N ILE L 117 -40.85 -29.00 -23.63
CA ILE L 117 -40.67 -30.41 -23.27
C ILE L 117 -41.94 -31.19 -23.60
N ALA L 118 -43.10 -30.63 -23.25
CA ALA L 118 -44.35 -31.33 -23.53
C ALA L 118 -44.54 -31.53 -25.03
N ALA L 119 -44.25 -30.51 -25.83
CA ALA L 119 -44.37 -30.64 -27.28
C ALA L 119 -43.44 -31.70 -27.83
N LEU L 120 -42.19 -31.71 -27.36
CA LEU L 120 -41.24 -32.72 -27.84
C LEU L 120 -41.69 -34.13 -27.46
N LYS L 121 -42.22 -34.29 -26.24
CA LYS L 121 -42.72 -35.60 -25.83
C LYS L 121 -43.87 -36.05 -26.70
N THR L 122 -44.80 -35.14 -27.01
CA THR L 122 -45.94 -35.50 -27.86
C THR L 122 -45.49 -35.86 -29.26
N ILE L 123 -44.56 -35.09 -29.82
CA ILE L 123 -44.13 -35.33 -31.20
C ILE L 123 -43.40 -36.66 -31.34
N GLY L 124 -42.44 -36.92 -30.46
CA GLY L 124 -41.58 -38.08 -30.60
C GLY L 124 -40.35 -37.77 -31.43
N PHE L 125 -39.30 -38.59 -31.31
CA PHE L 125 -38.05 -38.36 -32.01
C PHE L 125 -37.52 -39.68 -32.56
N SER L 126 -37.26 -39.71 -33.86
CA SER L 126 -36.70 -40.90 -34.48
C SER L 126 -35.34 -40.61 -35.12
N THR L 127 -35.28 -39.61 -35.99
CA THR L 127 -34.06 -39.35 -36.76
C THR L 127 -33.05 -38.57 -35.92
N GLU L 128 -31.79 -38.64 -36.33
CA GLU L 128 -30.73 -38.00 -35.56
C GLU L 128 -30.74 -36.48 -35.70
N GLU L 129 -31.15 -35.96 -36.87
CA GLU L 129 -31.12 -34.52 -37.10
C GLU L 129 -32.00 -33.78 -36.10
N GLU L 130 -33.21 -34.31 -35.87
CA GLU L 130 -34.11 -33.69 -34.90
C GLU L 130 -33.53 -33.75 -33.49
N ARG L 131 -32.86 -34.86 -33.17
CA ARG L 131 -32.19 -34.95 -31.88
C ARG L 131 -31.15 -33.86 -31.72
N LEU L 132 -30.29 -33.69 -32.73
CA LEU L 132 -29.25 -32.65 -32.64
C LEU L 132 -29.88 -31.27 -32.56
N GLU L 133 -30.97 -31.04 -33.27
CA GLU L 133 -31.64 -29.74 -33.20
C GLU L 133 -32.18 -29.48 -31.79
N ALA L 134 -32.78 -30.50 -31.18
CA ALA L 134 -33.31 -30.36 -29.83
C ALA L 134 -32.18 -30.09 -28.83
N TYR L 135 -31.07 -30.80 -28.98
CA TYR L 135 -29.92 -30.57 -28.09
C TYR L 135 -29.36 -29.16 -28.27
N ARG L 136 -29.28 -28.68 -29.50
CA ARG L 136 -28.82 -27.31 -29.74
C ARG L 136 -29.76 -26.30 -29.11
N VAL L 137 -31.07 -26.53 -29.22
CA VAL L 137 -32.04 -25.63 -28.60
C VAL L 137 -31.89 -25.63 -27.09
N LEU L 138 -31.65 -26.80 -26.51
CA LEU L 138 -31.44 -26.89 -25.07
C LEU L 138 -30.20 -26.12 -24.64
N THR L 139 -29.12 -26.25 -25.40
CA THR L 139 -27.89 -25.52 -25.08
C THR L 139 -28.11 -24.02 -25.16
N LEU L 140 -28.81 -23.57 -26.21
CA LEU L 140 -29.11 -22.14 -26.36
C LEU L 140 -29.95 -21.64 -25.19
N PHE L 141 -30.96 -22.43 -24.80
CA PHE L 141 -31.81 -22.05 -23.67
C PHE L 141 -31.00 -21.94 -22.39
N VAL L 142 -30.11 -22.90 -22.13
CA VAL L 142 -29.32 -22.87 -20.91
C VAL L 142 -28.42 -21.64 -20.88
N HIS L 143 -27.75 -21.36 -22.00
CA HIS L 143 -26.85 -20.21 -22.03
C HIS L 143 -27.62 -18.90 -21.84
N THR L 144 -28.77 -18.77 -22.53
CA THR L 144 -29.57 -17.56 -22.40
C THR L 144 -30.08 -17.38 -20.98
N PHE L 145 -30.55 -18.46 -20.37
CA PHE L 145 -31.07 -18.39 -19.00
C PHE L 145 -29.97 -17.97 -18.03
N ILE L 146 -28.78 -18.55 -18.17
CA ILE L 146 -27.67 -18.16 -17.31
C ILE L 146 -27.35 -16.68 -17.48
N PHE L 147 -27.26 -16.24 -18.74
CA PHE L 147 -26.89 -14.86 -19.01
C PHE L 147 -27.90 -13.88 -18.42
N ILE L 148 -29.19 -14.19 -18.56
CA ILE L 148 -30.22 -13.29 -18.05
C ILE L 148 -30.24 -13.31 -16.53
N SER L 149 -30.06 -14.49 -15.93
CA SER L 149 -30.18 -14.62 -14.48
C SER L 149 -28.94 -14.11 -13.77
N ARG L 150 -27.88 -13.78 -14.52
CA ARG L 150 -26.70 -13.20 -13.90
C ARG L 150 -26.99 -11.98 -13.04
N THR L 151 -27.96 -11.15 -13.46
CA THR L 151 -28.11 -9.83 -12.84
C THR L 151 -28.90 -9.84 -11.54
N LEU L 152 -29.58 -10.94 -11.22
CA LEU L 152 -30.44 -10.95 -10.05
C LEU L 152 -29.63 -10.92 -8.75
N ASN L 153 -30.35 -10.84 -7.63
CA ASN L 153 -29.73 -10.97 -6.33
C ASN L 153 -29.59 -12.46 -5.97
N LEU L 154 -29.10 -12.72 -4.76
CA LEU L 154 -28.65 -14.06 -4.40
C LEU L 154 -29.81 -15.06 -4.34
N GLU L 155 -30.87 -14.71 -3.61
CA GLU L 155 -31.94 -15.69 -3.34
C GLU L 155 -32.69 -16.05 -4.62
N GLU L 156 -33.07 -15.05 -5.41
CA GLU L 156 -33.71 -15.33 -6.69
C GLU L 156 -32.78 -16.08 -7.62
N PHE L 157 -31.49 -15.77 -7.58
CA PHE L 157 -30.51 -16.53 -8.35
C PHE L 157 -30.57 -18.00 -8.01
N LEU L 158 -30.52 -18.32 -6.72
CA LEU L 158 -30.57 -19.71 -6.30
C LEU L 158 -31.86 -20.38 -6.72
N LYS L 159 -32.99 -19.68 -6.54
CA LYS L 159 -34.28 -20.24 -6.90
C LYS L 159 -34.32 -20.60 -8.39
N VAL L 160 -33.98 -19.63 -9.25
CA VAL L 160 -34.07 -19.86 -10.68
C VAL L 160 -33.08 -20.92 -11.13
N LEU L 161 -31.89 -20.97 -10.49
CA LEU L 161 -30.93 -22.01 -10.85
C LEU L 161 -31.44 -23.39 -10.50
N LEU L 162 -32.07 -23.55 -9.34
CA LEU L 162 -32.62 -24.85 -8.98
C LEU L 162 -33.73 -25.26 -9.94
N GLU L 163 -34.61 -24.32 -10.29
CA GLU L 163 -35.66 -24.65 -11.26
C GLU L 163 -35.06 -25.03 -12.60
N LEU L 164 -33.99 -24.34 -13.01
CA LEU L 164 -33.32 -24.66 -14.27
C LEU L 164 -32.74 -26.08 -14.24
N ILE L 165 -32.12 -26.45 -13.12
CA ILE L 165 -31.54 -27.79 -13.02
C ILE L 165 -32.64 -28.85 -13.09
N GLU L 166 -33.75 -28.61 -12.38
CA GLU L 166 -34.85 -29.57 -12.41
C GLU L 166 -35.41 -29.73 -13.82
N LEU L 167 -35.64 -28.61 -14.53
CA LEU L 167 -36.18 -28.71 -15.88
C LEU L 167 -35.15 -29.34 -16.83
N LEU L 168 -33.87 -29.14 -16.56
CA LEU L 168 -32.84 -29.82 -17.33
C LEU L 168 -32.97 -31.33 -17.19
N GLU L 169 -33.16 -31.78 -15.95
CA GLU L 169 -33.34 -33.21 -15.71
C GLU L 169 -34.58 -33.72 -16.43
N GLU L 170 -35.68 -32.96 -16.37
CA GLU L 170 -36.90 -33.39 -17.04
C GLU L 170 -36.70 -33.49 -18.56
N PHE L 171 -36.05 -32.49 -19.16
CA PHE L 171 -35.82 -32.55 -20.60
C PHE L 171 -34.95 -33.73 -20.97
N PHE L 172 -33.88 -33.97 -20.21
CA PHE L 172 -33.01 -35.10 -20.52
C PHE L 172 -33.69 -36.44 -20.27
N LEU L 173 -34.74 -36.48 -19.45
CA LEU L 173 -35.60 -37.64 -19.36
C LEU L 173 -36.65 -37.71 -20.45
N ALA L 174 -36.90 -36.61 -21.18
CA ALA L 174 -37.94 -36.55 -22.19
C ALA L 174 -37.51 -37.08 -23.55
N VAL L 175 -36.29 -36.77 -24.00
CA VAL L 175 -35.84 -37.09 -25.35
C VAL L 175 -35.02 -38.37 -25.29
N PRO L 176 -35.46 -39.45 -25.94
CA PRO L 176 -34.67 -40.69 -25.93
C PRO L 176 -33.57 -40.68 -26.98
N GLY L 177 -32.52 -41.45 -26.70
CA GLY L 177 -31.39 -41.56 -27.61
C GLY L 177 -30.21 -42.28 -26.99
N PRO L 178 -29.09 -42.29 -27.69
CA PRO L 178 -27.86 -42.90 -27.15
C PRO L 178 -27.45 -42.23 -25.85
N PRO L 179 -26.89 -42.98 -24.90
CA PRO L 179 -26.67 -42.41 -23.57
C PRO L 179 -25.37 -41.65 -23.41
N GLU L 180 -24.40 -41.85 -24.31
CA GLU L 180 -23.12 -41.16 -24.17
C GLU L 180 -23.27 -39.66 -24.31
N GLN L 181 -23.98 -39.22 -25.34
CA GLN L 181 -24.22 -37.79 -25.51
C GLN L 181 -25.12 -37.26 -24.40
N ARG L 182 -26.11 -38.06 -23.98
CA ARG L 182 -26.96 -37.69 -22.85
C ARG L 182 -26.17 -37.48 -21.58
N ARG L 183 -25.03 -38.15 -21.42
CA ARG L 183 -24.16 -37.95 -20.28
C ARG L 183 -23.26 -36.73 -20.46
N VAL L 184 -22.62 -36.63 -21.63
CA VAL L 184 -21.64 -35.56 -21.86
C VAL L 184 -22.32 -34.19 -21.81
N LEU L 185 -23.47 -34.06 -22.48
CA LEU L 185 -24.15 -32.77 -22.48
C LEU L 185 -24.62 -32.39 -21.09
N PHE L 186 -25.14 -33.36 -20.33
CA PHE L 186 -25.57 -33.08 -18.97
C PHE L 186 -24.42 -32.60 -18.12
N GLU L 187 -23.26 -33.27 -18.21
CA GLU L 187 -22.10 -32.85 -17.45
C GLU L 187 -21.66 -31.44 -17.83
N SER L 188 -21.63 -31.16 -19.14
CA SER L 188 -21.20 -29.83 -19.58
C SER L 188 -22.15 -28.74 -19.09
N LEU L 189 -23.45 -28.98 -19.17
CA LEU L 189 -24.42 -27.98 -18.72
C LEU L 189 -24.33 -27.76 -17.22
N LEU L 190 -24.20 -28.84 -16.44
CA LEU L 190 -24.05 -28.68 -15.00
C LEU L 190 -22.78 -27.92 -14.67
N GLN L 191 -21.70 -28.16 -15.43
CA GLN L 191 -20.47 -27.41 -15.21
C GLN L 191 -20.67 -25.94 -15.52
N ASP L 192 -21.40 -25.62 -16.58
CA ASP L 192 -21.71 -24.22 -16.89
C ASP L 192 -22.44 -23.56 -15.74
N ILE L 193 -23.45 -24.25 -15.20
CA ILE L 193 -24.23 -23.68 -14.10
C ILE L 193 -23.34 -23.47 -12.87
N LEU L 194 -22.50 -24.46 -12.56
CA LEU L 194 -21.62 -24.34 -11.40
C LEU L 194 -20.63 -23.18 -11.56
N ASN L 195 -20.05 -23.03 -12.75
CA ASN L 195 -19.12 -21.93 -12.98
C ASN L 195 -19.81 -20.59 -12.82
N THR L 196 -21.02 -20.46 -13.36
CA THR L 196 -21.76 -19.21 -13.21
C THR L 196 -22.06 -18.92 -11.74
N PHE L 197 -22.46 -19.96 -11.00
CA PHE L 197 -22.79 -19.77 -9.59
C PHE L 197 -21.57 -19.33 -8.79
N LYS L 198 -20.42 -19.95 -9.05
CA LYS L 198 -19.20 -19.54 -8.37
C LYS L 198 -18.83 -18.10 -8.73
N LYS L 199 -18.95 -17.75 -10.01
CA LYS L 199 -18.63 -16.41 -10.45
C LYS L 199 -19.49 -15.37 -9.74
N LYS L 200 -20.78 -15.65 -9.60
CA LYS L 200 -21.66 -14.73 -8.90
C LYS L 200 -21.36 -14.68 -7.41
N LEU L 201 -21.10 -15.85 -6.81
CA LEU L 201 -20.87 -15.90 -5.37
C LEU L 201 -19.58 -15.20 -4.98
N LYS L 202 -18.64 -15.08 -5.92
CA LYS L 202 -17.37 -14.42 -5.60
C LYS L 202 -17.54 -12.94 -5.30
N LEU L 203 -18.77 -12.42 -5.35
CA LEU L 203 -19.05 -11.02 -5.08
C LEU L 203 -19.47 -10.75 -3.63
N TYR L 204 -19.48 -11.78 -2.80
CA TYR L 204 -20.12 -11.72 -1.50
C TYR L 204 -19.18 -12.21 -0.42
N PRO L 205 -19.41 -11.82 0.83
CA PRO L 205 -18.51 -12.22 1.92
C PRO L 205 -18.43 -13.73 2.07
N VAL L 206 -17.47 -14.16 2.89
CA VAL L 206 -17.11 -15.58 2.99
C VAL L 206 -18.26 -16.42 3.52
N GLU L 207 -19.16 -15.82 4.30
CA GLU L 207 -20.21 -16.60 4.93
C GLU L 207 -21.17 -17.19 3.90
N ALA L 208 -21.53 -16.39 2.88
CA ALA L 208 -22.47 -16.88 1.87
C ALA L 208 -21.90 -18.04 1.09
N GLN L 209 -20.57 -18.05 0.92
CA GLN L 209 -19.92 -19.10 0.14
C GLN L 209 -20.29 -20.48 0.67
N ILE L 210 -20.10 -20.69 1.98
CA ILE L 210 -20.33 -21.99 2.59
C ILE L 210 -21.75 -22.46 2.33
N LEU L 211 -22.73 -21.67 2.78
CA LEU L 211 -24.13 -22.05 2.69
C LEU L 211 -24.54 -22.34 1.24
N TYR L 212 -24.39 -21.34 0.37
CA TYR L 212 -24.97 -21.49 -0.96
C TYR L 212 -24.18 -22.47 -1.82
N LEU L 213 -22.86 -22.53 -1.66
CA LEU L 213 -22.07 -23.55 -2.34
C LEU L 213 -22.51 -24.94 -1.92
N GLU L 214 -22.74 -25.14 -0.62
CA GLU L 214 -23.24 -26.43 -0.15
C GLU L 214 -24.57 -26.77 -0.81
N ILE L 215 -25.49 -25.81 -0.84
CA ILE L 215 -26.82 -26.09 -1.40
C ILE L 215 -26.70 -26.50 -2.87
N ILE L 216 -25.96 -25.72 -3.65
CA ILE L 216 -25.89 -25.99 -5.09
C ILE L 216 -25.17 -27.30 -5.36
N LEU L 217 -24.07 -27.57 -4.63
CA LEU L 217 -23.32 -28.80 -4.86
C LEU L 217 -24.15 -30.02 -4.51
N GLU L 218 -24.90 -29.96 -3.40
CA GLU L 218 -25.74 -31.09 -3.05
C GLU L 218 -26.83 -31.31 -4.09
N LYS L 219 -27.44 -30.22 -4.59
CA LYS L 219 -28.48 -30.37 -5.59
C LYS L 219 -27.94 -31.01 -6.87
N VAL L 220 -26.78 -30.54 -7.34
CA VAL L 220 -26.24 -31.06 -8.60
C VAL L 220 -25.80 -32.51 -8.42
N GLU L 221 -25.25 -32.84 -7.25
CA GLU L 221 -24.87 -34.23 -7.00
C GLU L 221 -26.10 -35.13 -7.00
N ASP L 222 -27.19 -34.67 -6.39
CA ASP L 222 -28.41 -35.47 -6.35
C ASP L 222 -28.97 -35.69 -7.75
N VAL L 223 -29.02 -34.63 -8.56
CA VAL L 223 -29.60 -34.80 -9.90
C VAL L 223 -28.69 -35.68 -10.76
N ARG L 224 -27.38 -35.55 -10.60
CA ARG L 224 -26.46 -36.41 -11.33
C ARG L 224 -26.65 -37.87 -10.94
N LYS L 225 -26.83 -38.13 -9.64
CA LYS L 225 -27.07 -39.50 -9.18
C LYS L 225 -28.38 -40.04 -9.76
N HIS L 226 -29.43 -39.22 -9.77
CA HIS L 226 -30.70 -39.67 -10.33
C HIS L 226 -30.55 -40.02 -11.80
N PHE L 227 -29.89 -39.17 -12.58
CA PHE L 227 -29.71 -39.45 -14.01
C PHE L 227 -28.88 -40.71 -14.22
N PHE L 228 -27.81 -40.86 -13.43
CA PHE L 228 -26.92 -42.01 -13.62
C PHE L 228 -27.59 -43.30 -13.23
N GLU L 229 -28.49 -43.25 -12.25
CA GLU L 229 -29.31 -44.42 -11.94
C GLU L 229 -30.31 -44.68 -13.05
N LYS L 230 -30.84 -43.62 -13.66
CA LYS L 230 -31.84 -43.79 -14.72
C LYS L 230 -31.25 -44.49 -15.93
N TYR L 231 -30.13 -43.98 -16.46
CA TYR L 231 -29.70 -44.44 -17.77
C TYR L 231 -29.12 -45.85 -17.70
N PHE L 232 -28.66 -46.25 -16.51
CA PHE L 232 -28.12 -47.59 -16.31
C PHE L 232 -29.23 -48.63 -16.44
N ASN M 25 9.98 56.99 4.18
CA ASN M 25 11.15 57.50 3.45
C ASN M 25 12.23 56.44 3.37
N PRO M 26 12.79 56.24 2.17
CA PRO M 26 13.78 55.17 1.99
C PRO M 26 15.00 55.29 2.88
N LEU M 27 15.44 56.52 3.17
CA LEU M 27 16.68 56.70 3.93
C LEU M 27 16.53 56.13 5.35
N GLU M 28 15.44 56.47 6.04
CA GLU M 28 15.24 55.99 7.40
C GLU M 28 15.17 54.47 7.42
N LEU M 29 14.53 53.87 6.41
CA LEU M 29 14.51 52.42 6.30
C LEU M 29 15.93 51.88 6.13
N ALA M 30 16.77 52.58 5.37
CA ALA M 30 18.15 52.15 5.21
C ALA M 30 18.88 52.16 6.55
N LEU M 31 18.71 53.22 7.31
CA LEU M 31 19.36 53.30 8.61
C LEU M 31 18.88 52.20 9.53
N GLU M 32 17.57 51.97 9.58
CA GLU M 32 17.03 50.98 10.51
C GLU M 32 17.47 49.58 10.13
N LEU M 33 17.55 49.28 8.82
CA LEU M 33 18.11 48.00 8.39
C LEU M 33 19.57 47.88 8.80
N LYS M 34 20.34 48.95 8.65
CA LYS M 34 21.73 48.93 9.10
C LYS M 34 21.83 48.58 10.57
N GLU M 35 21.03 49.25 11.41
CA GLU M 35 21.08 49.01 12.85
C GLU M 35 20.68 47.58 13.19
N LYS M 36 19.60 47.10 12.56
CA LYS M 36 19.19 45.72 12.80
C LYS M 36 20.30 44.75 12.46
N VAL M 37 20.99 44.98 11.34
CA VAL M 37 22.08 44.09 10.95
C VAL M 37 23.24 44.19 11.93
N GLU M 38 23.50 45.39 12.45
CA GLU M 38 24.62 45.54 13.37
C GLU M 38 24.40 44.74 14.65
N LYS M 39 23.25 44.89 15.30
CA LYS M 39 23.01 44.05 16.48
C LYS M 39 22.83 42.59 16.12
N ALA M 40 22.36 42.28 14.91
CA ALA M 40 22.31 40.87 14.52
C ALA M 40 23.70 40.27 14.47
N ILE M 41 24.65 40.95 13.83
CA ILE M 41 26.02 40.46 13.77
C ILE M 41 26.62 40.38 15.16
N LYS M 42 26.38 41.41 15.98
CA LYS M 42 26.91 41.42 17.34
C LYS M 42 26.41 40.21 18.13
N GLU M 43 25.09 39.99 18.12
CA GLU M 43 24.52 38.85 18.82
C GLU M 43 25.14 37.55 18.32
N ILE M 44 25.16 37.34 17.00
CA ILE M 44 25.63 36.07 16.46
C ILE M 44 27.09 35.84 16.80
N LEU M 45 27.88 36.91 16.89
CA LEU M 45 29.31 36.76 17.18
C LEU M 45 29.55 36.24 18.60
N GLU M 46 28.67 36.59 19.54
CA GLU M 46 28.84 36.09 20.90
C GLU M 46 28.58 34.59 21.03
N ASN M 47 28.02 33.96 20.01
CA ASN M 47 27.75 32.53 20.10
C ASN M 47 29.07 31.76 20.17
N PRO M 48 29.16 30.76 21.06
CA PRO M 48 30.43 30.03 21.19
C PRO M 48 30.71 29.08 20.04
N ASN M 49 29.68 28.40 19.54
CA ASN M 49 29.87 27.39 18.51
C ASN M 49 30.26 28.04 17.19
N ILE M 50 31.25 27.45 16.50
CA ILE M 50 31.73 28.03 15.25
C ILE M 50 30.75 27.74 14.12
N GLU M 51 30.33 26.48 13.99
CA GLU M 51 29.44 26.11 12.89
C GLU M 51 28.12 26.86 12.97
N THR M 52 27.59 27.05 14.18
CA THR M 52 26.40 27.87 14.34
C THR M 52 26.64 29.29 13.86
N ARG M 53 27.80 29.87 14.20
CA ARG M 53 28.10 31.21 13.74
C ARG M 53 28.09 31.29 12.22
N ILE M 54 28.73 30.32 11.57
CA ILE M 54 28.79 30.33 10.10
C ILE M 54 27.39 30.22 9.51
N LEU M 55 26.59 29.28 10.01
CA LEU M 55 25.27 29.05 9.44
C LEU M 55 24.37 30.27 9.64
N ARG M 56 24.37 30.85 10.84
CA ARG M 56 23.51 32.01 11.09
C ARG M 56 24.00 33.23 10.32
N LEU M 57 25.30 33.34 10.07
CA LEU M 57 25.77 34.42 9.22
C LEU M 57 25.25 34.25 7.80
N LYS M 58 25.23 33.01 7.29
CA LYS M 58 24.66 32.78 5.97
C LYS M 58 23.17 33.13 5.93
N GLU M 59 22.43 32.74 6.98
CA GLU M 59 21.02 33.13 7.06
C GLU M 59 20.86 34.64 7.09
N LEU M 60 21.73 35.32 7.84
CA LEU M 60 21.67 36.78 7.91
C LEU M 60 21.92 37.40 6.55
N LEU M 61 22.86 36.85 5.79
CA LEU M 61 23.11 37.36 4.44
C LEU M 61 21.88 37.20 3.56
N ASP M 62 21.25 36.01 3.60
CA ASP M 62 20.05 35.80 2.78
C ASP M 62 18.91 36.74 3.20
N GLU M 63 18.72 36.90 4.51
CA GLU M 63 17.65 37.78 4.98
C GLU M 63 17.94 39.23 4.63
N VAL M 64 19.22 39.61 4.64
CA VAL M 64 19.61 40.95 4.22
C VAL M 64 19.27 41.16 2.75
N LEU M 65 19.54 40.16 1.91
CA LEU M 65 19.17 40.24 0.50
C LEU M 65 17.67 40.45 0.35
N HIS M 66 16.88 39.66 1.05
CA HIS M 66 15.43 39.81 0.99
C HIS M 66 15.00 41.18 1.52
N ALA M 67 15.76 41.74 2.47
CA ALA M 67 15.43 43.05 3.00
C ALA M 67 15.65 44.14 1.95
N ILE M 68 16.80 44.10 1.26
CA ILE M 68 17.04 45.07 0.19
C ILE M 68 16.00 44.91 -0.90
N ALA M 69 15.56 43.68 -1.15
CA ALA M 69 14.54 43.44 -2.17
C ALA M 69 13.29 44.30 -1.92
N LEU M 70 12.91 44.46 -0.66
CA LEU M 70 11.71 45.24 -0.34
C LEU M 70 12.03 46.73 -0.20
N ILE M 71 13.25 47.06 0.21
CA ILE M 71 13.59 48.45 0.53
C ILE M 71 13.54 49.28 -0.75
N PRO M 72 12.83 50.42 -0.76
CA PRO M 72 12.91 51.31 -1.92
C PRO M 72 14.34 51.75 -2.14
N GLN M 73 14.76 51.76 -3.41
CA GLN M 73 16.16 51.92 -3.76
C GLN M 73 16.30 53.21 -4.57
N ASN M 74 17.29 54.00 -4.20
CA ASN M 74 17.59 55.26 -4.88
C ASN M 74 19.07 55.59 -4.63
N GLU M 75 19.46 56.83 -4.92
CA GLU M 75 20.86 57.24 -4.85
C GLU M 75 21.46 57.10 -3.46
N GLU M 76 20.78 57.64 -2.44
CA GLU M 76 21.39 57.72 -1.12
C GLU M 76 21.41 56.37 -0.41
N THR M 77 20.42 55.53 -0.65
CA THR M 77 20.36 54.24 0.04
C THR M 77 21.37 53.25 -0.55
N ARG M 78 21.75 53.44 -1.81
CA ARG M 78 22.66 52.51 -2.47
C ARG M 78 23.96 52.31 -1.70
N PRO M 79 24.70 53.37 -1.35
CA PRO M 79 25.95 53.14 -0.59
C PRO M 79 25.71 52.48 0.76
N ILE M 80 24.62 52.82 1.43
CA ILE M 80 24.35 52.23 2.75
C ILE M 80 24.16 50.73 2.63
N LEU M 81 23.36 50.30 1.64
CA LEU M 81 23.18 48.87 1.43
C LEU M 81 24.49 48.20 1.05
N VAL M 82 25.31 48.86 0.23
CA VAL M 82 26.59 48.27 -0.15
C VAL M 82 27.46 48.06 1.10
N ARG M 83 27.52 49.08 1.96
CA ARG M 83 28.32 48.97 3.19
C ARG M 83 27.83 47.83 4.06
N VAL M 84 26.52 47.73 4.29
CA VAL M 84 26.03 46.72 5.22
C VAL M 84 26.30 45.31 4.67
N VAL M 85 26.10 45.12 3.36
CA VAL M 85 26.40 43.81 2.77
C VAL M 85 27.88 43.50 2.89
N VAL M 86 28.73 44.52 2.70
CA VAL M 86 30.18 44.31 2.82
C VAL M 86 30.55 43.88 4.22
N GLU M 87 29.98 44.55 5.24
CA GLU M 87 30.26 44.17 6.62
C GLU M 87 29.85 42.73 6.89
N VAL M 88 28.65 42.35 6.42
CA VAL M 88 28.18 40.98 6.66
C VAL M 88 29.13 39.98 6.02
N MET M 89 29.50 40.21 4.77
CA MET M 89 30.36 39.26 4.07
C MET M 89 31.74 39.18 4.71
N GLU M 90 32.30 40.32 5.12
CA GLU M 90 33.62 40.32 5.76
C GLU M 90 33.58 39.58 7.09
N ALA M 91 32.52 39.80 7.88
CA ALA M 91 32.38 39.08 9.14
C ALA M 91 32.29 37.59 8.91
N LEU M 92 31.53 37.19 7.88
CA LEU M 92 31.42 35.76 7.58
C LEU M 92 32.75 35.18 7.16
N LEU M 93 33.51 35.91 6.35
CA LEU M 93 34.83 35.41 5.93
C LEU M 93 35.74 35.23 7.14
N HIS M 94 35.76 36.21 8.05
CA HIS M 94 36.59 36.08 9.23
C HIS M 94 36.16 34.90 10.09
N ALA M 95 34.84 34.72 10.26
CA ALA M 95 34.35 33.61 11.07
C ALA M 95 34.70 32.27 10.46
N VAL M 96 34.62 32.17 9.13
CA VAL M 96 34.91 30.93 8.43
C VAL M 96 36.39 30.62 8.55
N LEU M 97 37.22 31.66 8.54
CA LEU M 97 38.66 31.48 8.71
C LEU M 97 39.06 30.94 10.08
N ASP M 98 38.17 30.99 11.07
CA ASP M 98 38.55 30.61 12.43
C ASP M 98 38.60 29.10 12.59
N GLY M 99 37.48 28.42 12.39
CA GLY M 99 37.44 26.98 12.60
C GLY M 99 36.37 26.32 11.78
N GLY M 100 36.43 24.99 11.75
CA GLY M 100 35.48 24.19 11.00
C GLY M 100 36.13 23.29 9.97
N GLU M 101 35.38 22.33 9.46
CA GLU M 101 35.90 21.46 8.41
C GLU M 101 36.12 22.25 7.13
N PRO M 102 37.23 21.99 6.42
CA PRO M 102 37.51 22.78 5.21
C PRO M 102 36.43 22.70 4.15
N LEU M 103 35.97 21.50 3.80
CA LEU M 103 35.04 21.35 2.68
C LEU M 103 33.70 22.02 2.98
N LEU M 104 33.19 21.84 4.19
CA LEU M 104 31.93 22.47 4.56
C LEU M 104 32.05 23.99 4.53
N ASN M 105 33.18 24.52 5.02
CA ASN M 105 33.40 25.95 4.99
C ASN M 105 33.45 26.45 3.56
N LEU M 106 34.10 25.71 2.66
CA LEU M 106 34.19 26.13 1.27
C LEU M 106 32.81 26.14 0.62
N LYS M 107 31.99 25.12 0.88
CA LYS M 107 30.66 25.09 0.29
C LYS M 107 29.79 26.24 0.80
N VAL M 108 29.84 26.51 2.11
CA VAL M 108 29.10 27.64 2.66
C VAL M 108 29.59 28.94 2.06
N LEU M 109 30.91 29.05 1.86
CA LEU M 109 31.48 30.24 1.24
C LEU M 109 30.93 30.43 -0.18
N LEU M 110 30.85 29.34 -0.94
CA LEU M 110 30.33 29.43 -2.31
C LEU M 110 28.88 29.90 -2.32
N GLU M 111 28.05 29.30 -1.46
CA GLU M 111 26.64 29.71 -1.43
C GLU M 111 26.49 31.17 -1.00
N ALA M 112 27.21 31.57 0.04
CA ALA M 112 27.11 32.95 0.51
C ALA M 112 27.63 33.93 -0.53
N PHE M 113 28.67 33.55 -1.27
CA PHE M 113 29.21 34.46 -2.27
C PHE M 113 28.27 34.58 -3.45
N LYS M 114 27.58 33.50 -3.82
CA LYS M 114 26.54 33.59 -4.83
C LYS M 114 25.44 34.55 -4.38
N THR M 115 25.04 34.44 -3.11
CA THR M 115 24.08 35.41 -2.57
C THR M 115 24.65 36.83 -2.62
N PHE M 116 25.96 36.96 -2.46
CA PHE M 116 26.61 38.27 -2.54
C PHE M 116 26.46 38.87 -3.94
N ILE M 117 26.70 38.06 -4.98
CA ILE M 117 26.48 38.56 -6.34
C ILE M 117 25.03 38.94 -6.54
N ALA M 118 24.10 38.12 -6.04
CA ALA M 118 22.68 38.44 -6.20
C ALA M 118 22.35 39.78 -5.55
N ALA M 119 22.83 40.00 -4.33
CA ALA M 119 22.57 41.25 -3.64
C ALA M 119 23.18 42.44 -4.38
N LEU M 120 24.41 42.29 -4.86
CA LEU M 120 25.05 43.39 -5.59
C LEU M 120 24.29 43.71 -6.87
N LYS M 121 23.82 42.68 -7.58
CA LYS M 121 23.03 42.91 -8.78
C LYS M 121 21.73 43.64 -8.46
N THR M 122 21.06 43.25 -7.38
CA THR M 122 19.83 43.94 -7.01
C THR M 122 20.08 45.39 -6.64
N ILE M 123 21.16 45.65 -5.90
CA ILE M 123 21.42 47.02 -5.44
C ILE M 123 21.80 47.92 -6.61
N GLY M 124 22.74 47.47 -7.44
CA GLY M 124 23.27 48.32 -8.49
C GLY M 124 24.38 49.21 -7.98
N PHE M 125 25.33 49.56 -8.85
CA PHE M 125 26.48 50.36 -8.46
C PHE M 125 26.57 51.61 -9.34
N SER M 126 26.76 52.76 -8.70
CA SER M 126 26.98 54.01 -9.43
C SER M 126 28.32 54.64 -9.05
N THR M 127 28.58 54.78 -7.75
CA THR M 127 29.76 55.50 -7.30
C THR M 127 31.00 54.62 -7.35
N GLU M 128 32.17 55.26 -7.41
CA GLU M 128 33.42 54.52 -7.50
C GLU M 128 33.78 53.86 -6.17
N GLU M 129 33.41 54.46 -5.04
CA GLU M 129 33.78 53.90 -3.75
C GLU M 129 33.13 52.54 -3.54
N GLU M 130 31.86 52.41 -3.93
CA GLU M 130 31.18 51.12 -3.82
C GLU M 130 31.86 50.08 -4.71
N ARG M 131 32.26 50.48 -5.92
CA ARG M 131 32.97 49.57 -6.80
C ARG M 131 34.25 49.08 -6.16
N LEU M 132 35.08 50.00 -5.65
CA LEU M 132 36.34 49.60 -5.05
C LEU M 132 36.12 48.70 -3.85
N GLU M 133 35.07 48.97 -3.07
CA GLU M 133 34.77 48.10 -1.93
C GLU M 133 34.41 46.70 -2.41
N ALA M 134 33.61 46.59 -3.47
CA ALA M 134 33.25 45.28 -4.00
C ALA M 134 34.47 44.53 -4.52
N TYR M 135 35.36 45.22 -5.22
CA TYR M 135 36.58 44.59 -5.71
C TYR M 135 37.46 44.12 -4.55
N ARG M 136 37.56 44.93 -3.49
CA ARG M 136 38.33 44.50 -2.32
C ARG M 136 37.72 43.27 -1.68
N VAL M 137 36.39 43.23 -1.57
CA VAL M 137 35.73 42.06 -1.00
C VAL M 137 35.96 40.82 -1.86
N LEU M 138 35.93 40.99 -3.18
CA LEU M 138 36.19 39.86 -4.07
C LEU M 138 37.62 39.35 -3.90
N THR M 139 38.58 40.26 -3.78
CA THR M 139 39.96 39.86 -3.57
C THR M 139 40.11 39.09 -2.26
N LEU M 140 39.48 39.59 -1.19
CA LEU M 140 39.53 38.91 0.10
C LEU M 140 38.93 37.52 0.00
N PHE M 141 37.79 37.41 -0.69
CA PHE M 141 37.13 36.11 -0.85
C PHE M 141 38.02 35.14 -1.60
N VAL M 142 38.66 35.60 -2.68
CA VAL M 142 39.49 34.72 -3.48
C VAL M 142 40.67 34.21 -2.66
N HIS M 143 41.35 35.12 -1.94
CA HIS M 143 42.50 34.72 -1.14
C HIS M 143 42.08 33.75 -0.04
N THR M 144 40.98 34.03 0.65
CA THR M 144 40.52 33.15 1.72
C THR M 144 40.15 31.77 1.17
N PHE M 145 39.46 31.74 0.02
CA PHE M 145 39.06 30.47 -0.57
C PHE M 145 40.28 29.63 -0.94
N ILE M 146 41.28 30.26 -1.56
CA ILE M 146 42.49 29.52 -1.91
C ILE M 146 43.16 28.98 -0.66
N PHE M 147 43.29 29.83 0.36
CA PHE M 147 43.98 29.43 1.58
C PHE M 147 43.30 28.25 2.25
N ILE M 148 41.96 28.28 2.31
CA ILE M 148 41.23 27.20 2.94
C ILE M 148 41.30 25.93 2.11
N SER M 149 41.17 26.07 0.79
CA SER M 149 41.10 24.89 -0.08
C SER M 149 42.46 24.27 -0.29
N ARG M 150 43.53 24.92 0.20
CA ARG M 150 44.87 24.33 0.12
C ARG M 150 44.95 22.92 0.71
N THR M 151 44.19 22.64 1.76
CA THR M 151 44.41 21.42 2.52
C THR M 151 43.74 20.19 1.91
N LEU M 152 42.84 20.36 0.95
CA LEU M 152 42.09 19.23 0.42
C LEU M 152 42.95 18.35 -0.49
N ASN M 153 42.33 17.28 -0.99
CA ASN M 153 42.99 16.44 -1.98
C ASN M 153 42.61 16.88 -3.40
N LEU M 154 43.25 16.24 -4.39
CA LEU M 154 43.24 16.76 -5.76
C LEU M 154 41.85 16.78 -6.38
N GLU M 155 41.03 15.76 -6.14
CA GLU M 155 39.70 15.77 -6.74
C GLU M 155 38.87 16.93 -6.24
N GLU M 156 38.75 17.07 -4.91
CA GLU M 156 37.97 18.16 -4.35
C GLU M 156 38.66 19.50 -4.61
N PHE M 157 39.99 19.53 -4.62
CA PHE M 157 40.71 20.75 -4.94
C PHE M 157 40.34 21.24 -6.33
N LEU M 158 40.41 20.35 -7.32
CA LEU M 158 40.08 20.72 -8.68
C LEU M 158 38.63 21.17 -8.78
N LYS M 159 37.72 20.43 -8.13
CA LYS M 159 36.31 20.81 -8.19
C LYS M 159 36.11 22.23 -7.66
N VAL M 160 36.59 22.49 -6.45
CA VAL M 160 36.35 23.78 -5.80
C VAL M 160 37.00 24.89 -6.60
N LEU M 161 38.18 24.63 -7.17
CA LEU M 161 38.81 25.64 -8.01
C LEU M 161 37.97 25.94 -9.25
N LEU M 162 37.35 24.91 -9.83
CA LEU M 162 36.54 25.14 -11.02
C LEU M 162 35.32 26.01 -10.71
N GLU M 163 34.55 25.67 -9.66
CA GLU M 163 33.41 26.56 -9.41
C GLU M 163 33.86 27.92 -8.87
N LEU M 164 35.06 27.99 -8.28
CA LEU M 164 35.59 29.30 -7.90
C LEU M 164 35.81 30.15 -9.14
N ILE M 165 36.39 29.58 -10.19
CA ILE M 165 36.63 30.32 -11.43
C ILE M 165 35.31 30.73 -12.06
N GLU M 166 34.34 29.81 -12.08
CA GLU M 166 33.04 30.14 -12.67
C GLU M 166 32.36 31.27 -11.91
N LEU M 167 32.40 31.24 -10.57
CA LEU M 167 31.78 32.31 -9.79
C LEU M 167 32.54 33.61 -9.96
N LEU M 168 33.87 33.55 -10.16
CA LEU M 168 34.62 34.74 -10.48
C LEU M 168 34.10 35.37 -11.77
N GLU M 169 33.87 34.52 -12.78
CA GLU M 169 33.34 35.02 -14.06
C GLU M 169 31.97 35.66 -13.87
N GLU M 170 31.11 35.01 -13.08
CA GLU M 170 29.78 35.57 -12.83
C GLU M 170 29.86 36.91 -12.13
N PHE M 171 30.70 37.02 -11.10
CA PHE M 171 30.82 38.29 -10.39
C PHE M 171 31.34 39.38 -11.31
N PHE M 172 32.36 39.08 -12.11
CA PHE M 172 32.90 40.08 -13.00
C PHE M 172 31.94 40.45 -14.12
N LEU M 173 30.97 39.59 -14.43
CA LEU M 173 29.86 39.97 -15.29
C LEU M 173 28.74 40.70 -14.55
N ALA M 174 28.74 40.68 -13.22
CA ALA M 174 27.67 41.30 -12.44
C ALA M 174 27.89 42.78 -12.16
N VAL M 175 29.12 43.19 -11.88
CA VAL M 175 29.41 44.57 -11.48
C VAL M 175 29.94 45.31 -12.70
N PRO M 176 29.23 46.30 -13.22
CA PRO M 176 29.73 47.06 -14.37
C PRO M 176 30.70 48.15 -13.95
N GLY M 177 31.56 48.54 -14.90
CA GLY M 177 32.53 49.57 -14.66
C GLY M 177 33.53 49.70 -15.80
N PRO M 178 34.61 50.44 -15.57
CA PRO M 178 35.66 50.57 -16.59
C PRO M 178 36.26 49.22 -16.91
N PRO M 179 36.68 49.01 -18.16
CA PRO M 179 37.13 47.67 -18.55
C PRO M 179 38.58 47.37 -18.19
N GLU M 180 39.43 48.39 -18.02
CA GLU M 180 40.83 48.13 -17.74
C GLU M 180 41.01 47.45 -16.38
N GLN M 181 40.35 47.98 -15.35
CA GLN M 181 40.42 47.35 -14.04
C GLN M 181 39.75 45.98 -14.06
N ARG M 182 38.61 45.87 -14.75
CA ARG M 182 37.92 44.59 -14.88
C ARG M 182 38.79 43.53 -15.57
N ARG M 183 39.75 43.95 -16.40
CA ARG M 183 40.68 43.03 -17.02
C ARG M 183 41.86 42.71 -16.09
N VAL M 184 42.45 43.74 -15.49
CA VAL M 184 43.65 43.55 -14.69
C VAL M 184 43.36 42.68 -13.48
N LEU M 185 42.24 42.97 -12.78
CA LEU M 185 41.92 42.18 -11.60
C LEU M 185 41.65 40.72 -11.96
N PHE M 186 40.94 40.49 -13.07
CA PHE M 186 40.68 39.13 -13.50
C PHE M 186 41.97 38.39 -13.80
N GLU M 187 42.90 39.03 -14.51
CA GLU M 187 44.17 38.39 -14.81
C GLU M 187 44.94 38.07 -13.53
N SER M 188 44.96 39.01 -12.59
CA SER M 188 45.70 38.78 -11.34
C SER M 188 45.10 37.62 -10.55
N LEU M 189 43.77 37.57 -10.47
CA LEU M 189 43.13 36.50 -9.71
C LEU M 189 43.34 35.14 -10.37
N LEU M 190 43.25 35.09 -11.70
CA LEU M 190 43.53 33.84 -12.40
C LEU M 190 44.97 33.41 -12.20
N GLN M 191 45.91 34.37 -12.18
CA GLN M 191 47.30 34.04 -11.90
C GLN M 191 47.45 33.48 -10.49
N ASP M 192 46.76 34.06 -9.51
CA ASP M 192 46.81 33.54 -8.15
C ASP M 192 46.32 32.09 -8.11
N ILE M 193 45.20 31.82 -8.78
CA ILE M 193 44.66 30.46 -8.79
C ILE M 193 45.63 29.50 -9.44
N LEU M 194 46.23 29.90 -10.57
CA LEU M 194 47.18 29.03 -11.26
C LEU M 194 48.40 28.75 -10.39
N ASN M 195 48.93 29.76 -9.72
CA ASN M 195 50.09 29.55 -8.86
C ASN M 195 49.75 28.59 -7.72
N THR M 196 48.58 28.76 -7.11
CA THR M 196 48.18 27.83 -6.05
C THR M 196 48.05 26.41 -6.58
N PHE M 197 47.45 26.26 -7.76
CA PHE M 197 47.27 24.92 -8.32
C PHE M 197 48.61 24.26 -8.60
N LYS M 198 49.56 25.00 -9.18
CA LYS M 198 50.88 24.44 -9.42
C LYS M 198 51.57 24.07 -8.12
N LYS M 199 51.47 24.95 -7.11
CA LYS M 199 52.10 24.68 -5.82
C LYS M 199 51.57 23.39 -5.22
N LYS M 200 50.25 23.18 -5.28
CA LYS M 200 49.67 21.95 -4.75
C LYS M 200 50.09 20.75 -5.60
N LEU M 201 50.14 20.92 -6.92
CA LEU M 201 50.44 19.80 -7.81
C LEU M 201 51.86 19.29 -7.63
N LYS M 202 52.77 20.18 -7.23
CA LYS M 202 54.18 19.80 -7.18
C LYS M 202 54.50 18.75 -6.12
N LEU M 203 53.50 18.26 -5.39
CA LEU M 203 53.72 17.25 -4.36
C LEU M 203 53.56 15.83 -4.86
N TYR M 204 53.02 15.64 -6.06
CA TYR M 204 52.60 14.34 -6.56
C TYR M 204 53.37 13.95 -7.81
N PRO M 205 53.41 12.66 -8.14
CA PRO M 205 54.21 12.20 -9.27
C PRO M 205 53.85 12.89 -10.59
N VAL M 206 54.72 12.67 -11.58
CA VAL M 206 54.67 13.43 -12.82
C VAL M 206 53.39 13.16 -13.60
N GLU M 207 52.77 11.99 -13.40
CA GLU M 207 51.62 11.62 -14.21
C GLU M 207 50.44 12.55 -13.97
N ALA M 208 50.17 12.91 -12.71
CA ALA M 208 49.03 13.75 -12.40
C ALA M 208 49.22 15.16 -12.95
N GLN M 209 50.48 15.60 -13.06
CA GLN M 209 50.76 16.94 -13.57
C GLN M 209 50.11 17.15 -14.92
N ILE M 210 50.33 16.22 -15.85
CA ILE M 210 49.82 16.35 -17.22
C ILE M 210 48.32 16.54 -17.21
N LEU M 211 47.59 15.57 -16.65
CA LEU M 211 46.14 15.59 -16.68
C LEU M 211 45.58 16.86 -16.03
N TYR M 212 45.97 17.11 -14.78
CA TYR M 212 45.31 18.17 -14.04
C TYR M 212 45.74 19.55 -14.54
N LEU M 213 47.01 19.70 -14.93
CA LEU M 213 47.46 20.94 -15.54
C LEU M 213 46.70 21.23 -16.82
N GLU M 214 46.49 20.20 -17.64
CA GLU M 214 45.71 20.39 -18.85
C GLU M 214 44.30 20.86 -18.54
N ILE M 215 43.65 20.22 -17.57
CA ILE M 215 42.26 20.58 -17.24
C ILE M 215 42.20 22.04 -16.80
N ILE M 216 43.07 22.43 -15.86
CA ILE M 216 42.99 23.78 -15.31
C ILE M 216 43.34 24.83 -16.37
N LEU M 217 44.37 24.56 -17.18
CA LEU M 217 44.76 25.53 -18.19
C LEU M 217 43.66 25.72 -19.23
N GLU M 218 43.02 24.63 -19.66
CA GLU M 218 41.93 24.76 -20.61
C GLU M 218 40.77 25.55 -20.01
N LYS M 219 40.44 25.29 -18.74
CA LYS M 219 39.34 26.01 -18.12
C LYS M 219 39.62 27.51 -18.04
N VAL M 220 40.84 27.87 -17.62
CA VAL M 220 41.16 29.29 -17.46
C VAL M 220 41.24 29.97 -18.82
N GLU M 221 41.75 29.27 -19.84
CA GLU M 221 41.79 29.83 -21.18
C GLU M 221 40.38 30.09 -21.69
N ASP M 222 39.46 29.14 -21.45
CA ASP M 222 38.08 29.30 -21.91
C ASP M 222 37.41 30.48 -21.22
N VAL M 223 37.59 30.61 -19.91
CA VAL M 223 36.91 31.70 -19.20
C VAL M 223 37.51 33.04 -19.61
N ARG M 224 38.83 33.08 -19.84
CA ARG M 224 39.46 34.30 -20.31
C ARG M 224 38.92 34.70 -21.68
N LYS M 225 38.76 33.72 -22.58
CA LYS M 225 38.21 34.02 -23.90
C LYS M 225 36.79 34.53 -23.79
N HIS M 226 35.98 33.92 -22.93
CA HIS M 226 34.60 34.37 -22.75
C HIS M 226 34.56 35.81 -22.26
N PHE M 227 35.38 36.14 -21.26
CA PHE M 227 35.38 37.50 -20.73
C PHE M 227 35.86 38.50 -21.78
N PHE M 228 36.90 38.14 -22.53
CA PHE M 228 37.47 39.07 -23.50
C PHE M 228 36.51 39.28 -24.67
N GLU M 229 35.72 38.27 -25.00
CA GLU M 229 34.65 38.48 -25.97
C GLU M 229 33.55 39.35 -25.39
N LYS M 230 33.28 39.20 -24.09
CA LYS M 230 32.21 39.97 -23.47
C LYS M 230 32.52 41.46 -23.46
N TYR M 231 33.70 41.84 -22.96
CA TYR M 231 33.93 43.26 -22.70
C TYR M 231 34.13 44.04 -24.00
N PHE M 232 34.55 43.34 -25.05
CA PHE M 232 34.74 43.96 -26.36
C PHE M 232 33.41 44.42 -26.93
N ASN N 25 -55.08 -63.60 12.46
CA ASN N 25 -53.73 -63.59 13.03
C ASN N 25 -53.01 -62.28 12.69
N PRO N 26 -52.52 -61.59 13.71
CA PRO N 26 -51.90 -60.27 13.48
C PRO N 26 -50.72 -60.30 12.52
N LEU N 27 -49.98 -61.41 12.48
CA LEU N 27 -48.77 -61.46 11.67
C LEU N 27 -49.10 -61.33 10.19
N GLU N 28 -50.15 -62.02 9.73
CA GLU N 28 -50.58 -61.92 8.34
C GLU N 28 -51.05 -60.51 8.02
N LEU N 29 -51.74 -59.87 8.96
CA LEU N 29 -52.15 -58.48 8.77
C LEU N 29 -50.94 -57.57 8.61
N ALA N 30 -49.90 -57.80 9.41
CA ALA N 30 -48.68 -57.01 9.29
C ALA N 30 -48.06 -57.19 7.91
N LEU N 31 -47.96 -58.43 7.42
CA LEU N 31 -47.40 -58.64 6.09
C LEU N 31 -48.25 -57.98 5.01
N GLU N 32 -49.58 -58.12 5.08
CA GLU N 32 -50.41 -57.57 4.01
C GLU N 32 -50.34 -56.04 4.01
N LEU N 33 -50.28 -55.43 5.20
CA LEU N 33 -50.07 -53.98 5.27
C LEU N 33 -48.72 -53.60 4.68
N LYS N 34 -47.69 -54.38 4.95
CA LYS N 34 -46.38 -54.11 4.37
C LYS N 34 -46.43 -54.13 2.85
N GLU N 35 -47.05 -55.16 2.28
CA GLU N 35 -47.14 -55.26 0.82
C GLU N 35 -47.94 -54.10 0.24
N LYS N 36 -49.06 -53.76 0.88
CA LYS N 36 -49.86 -52.64 0.41
C LYS N 36 -49.04 -51.36 0.40
N VAL N 37 -48.26 -51.14 1.46
CA VAL N 37 -47.44 -49.94 1.53
C VAL N 37 -46.38 -49.93 0.45
N GLU N 38 -45.75 -51.08 0.19
CA GLU N 38 -44.72 -51.13 -0.84
C GLU N 38 -45.29 -50.82 -2.22
N LYS N 39 -46.43 -51.42 -2.57
CA LYS N 39 -47.06 -51.08 -3.85
C LYS N 39 -47.50 -49.63 -3.91
N ALA N 40 -48.00 -49.10 -2.78
CA ALA N 40 -48.40 -47.69 -2.77
C ALA N 40 -47.20 -46.78 -3.02
N ILE N 41 -46.07 -47.06 -2.38
CA ILE N 41 -44.87 -46.26 -2.57
C ILE N 41 -44.38 -46.37 -4.01
N LYS N 42 -44.39 -47.59 -4.55
CA LYS N 42 -43.94 -47.79 -5.93
C LYS N 42 -44.82 -47.01 -6.90
N GLU N 43 -46.14 -47.01 -6.65
CA GLU N 43 -47.05 -46.24 -7.49
C GLU N 43 -46.76 -44.76 -7.39
N ILE N 44 -46.67 -44.24 -6.16
CA ILE N 44 -46.58 -42.79 -5.96
C ILE N 44 -45.26 -42.26 -6.51
N LEU N 45 -44.17 -43.01 -6.33
CA LEU N 45 -42.88 -42.55 -6.83
C LEU N 45 -42.87 -42.42 -8.35
N GLU N 46 -43.75 -43.17 -9.03
CA GLU N 46 -43.82 -43.10 -10.48
C GLU N 46 -44.36 -41.76 -10.98
N ASN N 47 -45.16 -41.08 -10.17
CA ASN N 47 -45.81 -39.85 -10.62
C ASN N 47 -44.78 -38.78 -10.94
N PRO N 48 -44.99 -38.02 -12.03
CA PRO N 48 -43.98 -37.00 -12.39
C PRO N 48 -44.04 -35.76 -11.49
N ASN N 49 -45.22 -35.35 -11.06
CA ASN N 49 -45.35 -34.11 -10.31
C ASN N 49 -44.77 -34.28 -8.91
N ILE N 50 -43.81 -33.42 -8.56
CA ILE N 50 -43.12 -33.54 -7.26
C ILE N 50 -44.07 -33.24 -6.12
N GLU N 51 -44.83 -32.14 -6.23
CA GLU N 51 -45.76 -31.77 -5.16
C GLU N 51 -46.81 -32.85 -4.96
N THR N 52 -47.25 -33.49 -6.04
CA THR N 52 -48.17 -34.62 -5.92
C THR N 52 -47.52 -35.75 -5.13
N ARG N 53 -46.24 -36.04 -5.41
CA ARG N 53 -45.55 -37.07 -4.65
C ARG N 53 -45.52 -36.74 -3.17
N ILE N 54 -45.19 -35.49 -2.84
CA ILE N 54 -45.10 -35.11 -1.43
C ILE N 54 -46.45 -35.25 -0.74
N LEU N 55 -47.50 -34.72 -1.36
CA LEU N 55 -48.82 -34.76 -0.73
C LEU N 55 -49.32 -36.19 -0.58
N ARG N 56 -49.16 -37.02 -1.62
CA ARG N 56 -49.62 -38.39 -1.52
C ARG N 56 -48.81 -39.19 -0.52
N LEU N 57 -47.52 -38.89 -0.38
CA LEU N 57 -46.73 -39.55 0.66
C LEU N 57 -47.22 -39.16 2.05
N LYS N 58 -47.58 -37.90 2.25
CA LYS N 58 -48.12 -37.49 3.55
C LYS N 58 -49.43 -38.21 3.84
N GLU N 59 -50.33 -38.26 2.85
CA GLU N 59 -51.60 -38.98 3.05
C GLU N 59 -51.35 -40.46 3.29
N LEU N 60 -50.37 -41.04 2.61
CA LEU N 60 -50.01 -42.44 2.85
C LEU N 60 -49.53 -42.65 4.27
N LEU N 61 -48.74 -41.72 4.80
CA LEU N 61 -48.29 -41.82 6.18
C LEU N 61 -49.47 -41.78 7.15
N ASP N 62 -50.42 -40.87 6.90
CA ASP N 62 -51.59 -40.80 7.77
C ASP N 62 -52.42 -42.09 7.70
N GLU N 63 -52.62 -42.61 6.49
CA GLU N 63 -53.38 -43.85 6.35
C GLU N 63 -52.65 -45.03 6.98
N VAL N 64 -51.32 -45.01 6.92
CA VAL N 64 -50.52 -46.04 7.58
C VAL N 64 -50.73 -45.99 9.09
N LEU N 65 -50.75 -44.77 9.65
CA LEU N 65 -51.02 -44.62 11.07
C LEU N 65 -52.38 -45.20 11.43
N HIS N 66 -53.40 -44.85 10.64
CA HIS N 66 -54.74 -45.36 10.93
C HIS N 66 -54.81 -46.88 10.79
N ALA N 67 -54.11 -47.44 9.81
CA ALA N 67 -54.10 -48.88 9.63
C ALA N 67 -53.42 -49.58 10.80
N ILE N 68 -52.31 -49.01 11.29
CA ILE N 68 -51.64 -49.57 12.46
C ILE N 68 -52.57 -49.53 13.66
N ALA N 69 -53.33 -48.45 13.80
CA ALA N 69 -54.22 -48.31 14.95
C ALA N 69 -55.20 -49.48 15.05
N LEU N 70 -55.79 -49.88 13.92
CA LEU N 70 -56.75 -50.98 13.95
C LEU N 70 -56.07 -52.33 14.07
N ILE N 71 -54.88 -52.48 13.49
CA ILE N 71 -54.22 -53.78 13.45
C ILE N 71 -53.85 -54.20 14.87
N PRO N 72 -54.14 -55.43 15.28
CA PRO N 72 -53.72 -55.88 16.62
C PRO N 72 -52.21 -55.84 16.76
N GLN N 73 -51.76 -55.45 17.95
CA GLN N 73 -50.35 -55.16 18.20
C GLN N 73 -49.81 -56.12 19.24
N ASN N 74 -48.69 -56.76 18.92
CA ASN N 74 -48.02 -57.68 19.82
C ASN N 74 -46.53 -57.66 19.48
N GLU N 75 -45.79 -58.65 19.99
CA GLU N 75 -44.32 -58.66 19.88
C GLU N 75 -43.84 -58.70 18.44
N GLU N 76 -44.33 -59.66 17.64
CA GLU N 76 -43.77 -59.89 16.32
C GLU N 76 -44.16 -58.79 15.34
N THR N 77 -45.35 -58.21 15.49
CA THR N 77 -45.80 -57.21 14.54
C THR N 77 -45.11 -55.87 14.74
N ARG N 78 -44.64 -55.61 15.97
CA ARG N 78 -44.04 -54.30 16.27
C ARG N 78 -42.87 -53.97 15.35
N PRO N 79 -41.87 -54.83 15.18
CA PRO N 79 -40.77 -54.49 14.25
C PRO N 79 -41.23 -54.30 12.83
N ILE N 80 -42.23 -55.06 12.38
CA ILE N 80 -42.72 -54.94 11.01
C ILE N 80 -43.32 -53.55 10.80
N LEU N 81 -44.17 -53.12 11.72
CA LEU N 81 -44.76 -51.79 11.61
C LEU N 81 -43.68 -50.71 11.70
N VAL N 82 -42.70 -50.89 12.58
CA VAL N 82 -41.64 -49.89 12.71
C VAL N 82 -40.88 -49.76 11.39
N ARG N 83 -40.53 -50.89 10.79
CA ARG N 83 -39.81 -50.85 9.51
C ARG N 83 -40.64 -50.18 8.43
N VAL N 84 -41.93 -50.51 8.35
CA VAL N 84 -42.75 -49.95 7.27
C VAL N 84 -42.87 -48.44 7.42
N VAL N 85 -43.03 -47.96 8.66
CA VAL N 85 -43.12 -46.52 8.88
C VAL N 85 -41.78 -45.86 8.55
N VAL N 86 -40.68 -46.53 8.88
CA VAL N 86 -39.35 -46.00 8.55
C VAL N 86 -39.19 -45.85 7.05
N GLU N 87 -39.60 -46.87 6.28
CA GLU N 87 -39.50 -46.79 4.84
C GLU N 87 -40.34 -45.63 4.29
N VAL N 88 -41.56 -45.49 4.79
CA VAL N 88 -42.41 -44.41 4.30
C VAL N 88 -41.78 -43.05 4.57
N MET N 89 -41.30 -42.85 5.79
CA MET N 89 -40.73 -41.55 6.14
C MET N 89 -39.45 -41.27 5.37
N GLU N 90 -38.60 -42.30 5.18
CA GLU N 90 -37.37 -42.10 4.41
C GLU N 90 -37.68 -41.74 2.96
N ALA N 91 -38.66 -42.42 2.36
CA ALA N 91 -39.06 -42.10 1.00
C ALA N 91 -39.58 -40.66 0.91
N LEU N 92 -40.37 -40.24 1.91
CA LEU N 92 -40.88 -38.88 1.90
C LEU N 92 -39.75 -37.86 2.04
N LEU N 93 -38.76 -38.13 2.90
CA LEU N 93 -37.64 -37.22 3.04
C LEU N 93 -36.87 -37.10 1.73
N HIS N 94 -36.61 -38.24 1.07
CA HIS N 94 -35.89 -38.18 -0.20
C HIS N 94 -36.68 -37.42 -1.25
N ALA N 95 -38.00 -37.64 -1.31
CA ALA N 95 -38.82 -36.95 -2.30
C ALA N 95 -38.86 -35.45 -2.03
N VAL N 96 -38.90 -35.07 -0.77
CA VAL N 96 -38.96 -33.65 -0.39
C VAL N 96 -37.63 -32.99 -0.74
N LEU N 97 -36.54 -33.73 -0.60
CA LEU N 97 -35.23 -33.20 -0.97
C LEU N 97 -35.08 -32.92 -2.46
N ASP N 98 -35.97 -33.45 -3.30
CA ASP N 98 -35.78 -33.31 -4.75
C ASP N 98 -36.16 -31.92 -5.23
N GLY N 99 -37.43 -31.54 -5.06
CA GLY N 99 -37.87 -30.26 -5.57
C GLY N 99 -39.06 -29.73 -4.81
N GLY N 100 -39.34 -28.44 -5.03
CA GLY N 100 -40.46 -27.78 -4.39
C GLY N 100 -40.05 -26.51 -3.67
N GLU N 101 -41.03 -25.68 -3.33
CA GLU N 101 -40.75 -24.47 -2.57
C GLU N 101 -40.30 -24.84 -1.15
N PRO N 102 -39.24 -24.19 -0.65
CA PRO N 102 -38.71 -24.59 0.67
C PRO N 102 -39.73 -24.50 1.80
N LEU N 103 -40.54 -23.45 1.84
CA LEU N 103 -41.43 -23.25 2.98
C LEU N 103 -42.52 -24.32 3.03
N LEU N 104 -43.15 -24.61 1.89
CA LEU N 104 -44.17 -25.64 1.85
C LEU N 104 -43.58 -27.00 2.19
N ASN N 105 -42.37 -27.28 1.70
CA ASN N 105 -41.70 -28.54 2.01
C ASN N 105 -41.46 -28.65 3.52
N LEU N 106 -41.00 -27.56 4.14
CA LEU N 106 -40.74 -27.59 5.57
C LEU N 106 -42.03 -27.80 6.37
N LYS N 107 -43.12 -27.15 5.96
CA LYS N 107 -44.37 -27.32 6.69
C LYS N 107 -44.89 -28.75 6.56
N VAL N 108 -44.82 -29.32 5.35
CA VAL N 108 -45.22 -30.71 5.16
C VAL N 108 -44.33 -31.64 5.98
N LEU N 109 -43.04 -31.32 6.05
CA LEU N 109 -42.12 -32.12 6.86
C LEU N 109 -42.51 -32.09 8.33
N LEU N 110 -42.89 -30.91 8.83
CA LEU N 110 -43.28 -30.80 10.23
C LEU N 110 -44.54 -31.61 10.50
N GLU N 111 -45.54 -31.51 9.63
CA GLU N 111 -46.77 -32.28 9.83
C GLU N 111 -46.49 -33.79 9.77
N ALA N 112 -45.69 -34.21 8.81
CA ALA N 112 -45.37 -35.63 8.67
C ALA N 112 -44.56 -36.13 9.87
N PHE N 113 -43.69 -35.29 10.42
CA PHE N 113 -42.92 -35.69 11.59
C PHE N 113 -43.80 -35.82 12.81
N LYS N 114 -44.80 -34.94 12.94
CA LYS N 114 -45.77 -35.09 14.02
C LYS N 114 -46.53 -36.41 13.89
N THR N 115 -46.94 -36.74 12.67
CA THR N 115 -47.60 -38.02 12.44
C THR N 115 -46.68 -39.18 12.75
N PHE N 116 -45.40 -39.04 12.41
CA PHE N 116 -44.41 -40.08 12.70
C PHE N 116 -44.25 -40.30 14.19
N ILE N 117 -44.22 -39.21 14.97
CA ILE N 117 -44.14 -39.32 16.42
C ILE N 117 -45.37 -40.03 16.97
N ALA N 118 -46.55 -39.67 16.46
CA ALA N 118 -47.78 -40.33 16.92
C ALA N 118 -47.74 -41.83 16.60
N ALA N 119 -47.28 -42.19 15.40
CA ALA N 119 -47.19 -43.59 15.02
C ALA N 119 -46.22 -44.34 15.91
N LEU N 120 -45.06 -43.75 16.19
CA LEU N 120 -44.11 -44.41 17.08
C LEU N 120 -44.68 -44.57 18.48
N LYS N 121 -45.44 -43.58 18.94
CA LYS N 121 -46.06 -43.69 20.25
C LYS N 121 -47.05 -44.84 20.32
N THR N 122 -47.93 -44.95 19.31
CA THR N 122 -48.97 -45.98 19.38
C THR N 122 -48.37 -47.37 19.15
N ILE N 123 -47.33 -47.46 18.32
CA ILE N 123 -46.72 -48.78 18.07
C ILE N 123 -46.04 -49.31 19.32
N GLY N 124 -45.22 -48.49 19.97
CA GLY N 124 -44.46 -48.95 21.11
C GLY N 124 -43.14 -49.57 20.71
N PHE N 125 -42.11 -49.41 21.54
CA PHE N 125 -40.77 -49.90 21.23
C PHE N 125 -40.28 -50.82 22.33
N SER N 126 -39.78 -51.99 21.94
CA SER N 126 -39.23 -52.94 22.89
C SER N 126 -37.77 -53.26 22.59
N THR N 127 -37.47 -53.60 21.34
CA THR N 127 -36.13 -54.05 21.01
C THR N 127 -35.21 -52.87 20.69
N GLU N 128 -33.91 -53.12 20.76
CA GLU N 128 -32.93 -52.06 20.52
C GLU N 128 -32.85 -51.69 19.04
N GLU N 129 -33.09 -52.65 18.14
CA GLU N 129 -32.99 -52.36 16.71
C GLU N 129 -33.99 -51.30 16.29
N GLU N 130 -35.22 -51.39 16.79
CA GLU N 130 -36.23 -50.38 16.48
C GLU N 130 -35.81 -49.02 17.02
N ARG N 131 -35.23 -48.99 18.22
CA ARG N 131 -34.75 -47.74 18.77
C ARG N 131 -33.68 -47.11 17.89
N LEU N 132 -32.71 -47.92 17.45
CA LEU N 132 -31.66 -47.39 16.60
C LEU N 132 -32.23 -46.90 15.27
N GLU N 133 -33.21 -47.61 14.71
CA GLU N 133 -33.84 -47.16 13.48
C GLU N 133 -34.53 -45.81 13.67
N ALA N 134 -35.27 -45.67 14.77
CA ALA N 134 -35.95 -44.41 15.03
C ALA N 134 -34.97 -43.26 15.23
N TYR N 135 -33.88 -43.53 15.96
CA TYR N 135 -32.87 -42.49 16.17
C TYR N 135 -32.20 -42.07 14.86
N ARG N 136 -31.90 -43.05 14.00
CA ARG N 136 -31.33 -42.72 12.70
C ARG N 136 -32.30 -41.89 11.87
N VAL N 137 -33.59 -42.25 11.90
CA VAL N 137 -34.58 -41.48 11.16
C VAL N 137 -34.68 -40.06 11.69
N LEU N 138 -34.61 -39.90 13.01
CA LEU N 138 -34.64 -38.57 13.60
C LEU N 138 -33.43 -37.74 13.15
N THR N 139 -32.25 -38.36 13.14
CA THR N 139 -31.06 -37.65 12.70
C THR N 139 -31.18 -37.22 11.24
N LEU N 140 -31.68 -38.12 10.39
CA LEU N 140 -31.88 -37.79 8.98
C LEU N 140 -32.87 -36.64 8.83
N PHE N 141 -33.96 -36.69 9.59
CA PHE N 141 -34.96 -35.63 9.53
C PHE N 141 -34.37 -34.29 9.93
N VAL N 142 -33.58 -34.28 11.02
CA VAL N 142 -32.99 -33.02 11.49
C VAL N 142 -32.06 -32.45 10.44
N HIS N 143 -31.19 -33.29 9.88
CA HIS N 143 -30.24 -32.80 8.89
C HIS N 143 -30.96 -32.27 7.65
N THR N 144 -31.97 -33.00 7.18
CA THR N 144 -32.71 -32.56 6.00
C THR N 144 -33.44 -31.25 6.27
N PHE N 145 -34.06 -31.13 7.45
CA PHE N 145 -34.78 -29.90 7.79
C PHE N 145 -33.84 -28.71 7.82
N ILE N 146 -32.67 -28.88 8.45
CA ILE N 146 -31.69 -27.79 8.48
C ILE N 146 -31.27 -27.41 7.08
N PHE N 147 -30.95 -28.41 6.25
CA PHE N 147 -30.46 -28.14 4.91
C PHE N 147 -31.49 -27.37 4.09
N ILE N 148 -32.75 -27.78 4.18
CA ILE N 148 -33.80 -27.11 3.41
C ILE N 148 -34.05 -25.71 3.95
N SER N 149 -34.08 -25.57 5.27
CA SER N 149 -34.44 -24.28 5.86
C SER N 149 -33.30 -23.28 5.77
N ARG N 150 -32.12 -23.72 5.33
CA ARG N 150 -31.01 -22.80 5.14
C ARG N 150 -31.35 -21.60 4.25
N THR N 151 -32.19 -21.80 3.24
CA THR N 151 -32.34 -20.77 2.20
C THR N 151 -33.34 -19.67 2.58
N LEU N 152 -34.10 -19.85 3.65
CA LEU N 152 -35.14 -18.87 3.98
C LEU N 152 -34.54 -17.57 4.50
N ASN N 153 -35.42 -16.59 4.72
CA ASN N 153 -35.01 -15.36 5.37
C ASN N 153 -35.07 -15.50 6.89
N LEU N 154 -34.81 -14.40 7.59
CA LEU N 154 -34.53 -14.48 9.02
C LEU N 154 -35.75 -14.91 9.83
N GLU N 155 -36.89 -14.26 9.60
CA GLU N 155 -38.06 -14.51 10.44
C GLU N 155 -38.59 -15.92 10.28
N GLU N 156 -38.73 -16.37 9.04
CA GLU N 156 -39.16 -17.75 8.79
C GLU N 156 -38.14 -18.73 9.32
N PHE N 157 -36.85 -18.39 9.22
CA PHE N 157 -35.79 -19.22 9.80
C PHE N 157 -36.03 -19.41 11.29
N LEU N 158 -36.25 -18.31 12.01
CA LEU N 158 -36.48 -18.40 13.44
C LEU N 158 -37.71 -19.25 13.75
N LYS N 159 -38.81 -19.00 13.03
CA LYS N 159 -40.03 -19.73 13.29
C LYS N 159 -39.86 -21.23 13.10
N VAL N 160 -39.29 -21.63 11.96
CA VAL N 160 -39.15 -23.05 11.66
C VAL N 160 -38.17 -23.70 12.61
N LEU N 161 -37.12 -22.98 13.01
CA LEU N 161 -36.16 -23.57 13.95
C LEU N 161 -36.79 -23.79 15.32
N LEU N 162 -37.60 -22.84 15.79
CA LEU N 162 -38.28 -23.04 17.07
C LEU N 162 -39.25 -24.22 16.99
N GLU N 163 -39.99 -24.33 15.89
CA GLU N 163 -40.88 -25.48 15.72
C GLU N 163 -40.08 -26.78 15.71
N LEU N 164 -38.94 -26.79 15.04
CA LEU N 164 -38.11 -27.98 14.99
C LEU N 164 -37.62 -28.38 16.38
N ILE N 165 -37.20 -27.40 17.18
CA ILE N 165 -36.72 -27.69 18.53
C ILE N 165 -37.85 -28.28 19.38
N GLU N 166 -39.04 -27.68 19.30
CA GLU N 166 -40.17 -28.19 20.07
C GLU N 166 -40.51 -29.62 19.65
N LEU N 167 -40.54 -29.88 18.34
CA LEU N 167 -40.87 -31.22 17.87
C LEU N 167 -39.78 -32.23 18.26
N LEU N 168 -38.53 -31.77 18.28
CA LEU N 168 -37.43 -32.63 18.75
C LEU N 168 -37.65 -33.03 20.21
N GLU N 169 -38.03 -32.06 21.04
CA GLU N 169 -38.31 -32.37 22.44
C GLU N 169 -39.46 -33.36 22.56
N GLU N 170 -40.51 -33.16 21.77
CA GLU N 170 -41.63 -34.09 21.80
C GLU N 170 -41.21 -35.50 21.41
N PHE N 171 -40.43 -35.62 20.34
CA PHE N 171 -39.98 -36.95 19.93
C PHE N 171 -39.12 -37.61 21.00
N PHE N 172 -38.20 -36.86 21.60
CA PHE N 172 -37.36 -37.43 22.64
C PHE N 172 -38.14 -37.77 23.89
N LEU N 173 -39.30 -37.15 24.10
CA LEU N 173 -40.22 -37.59 25.14
C LEU N 173 -41.11 -38.75 24.69
N ALA N 174 -41.16 -39.07 23.40
CA ALA N 174 -42.04 -40.11 22.89
C ALA N 174 -41.45 -41.51 22.95
N VAL N 175 -40.19 -41.69 22.57
CA VAL N 175 -39.58 -43.01 22.43
C VAL N 175 -38.83 -43.31 23.73
N PRO N 176 -39.21 -44.34 24.47
CA PRO N 176 -38.49 -44.68 25.71
C PRO N 176 -37.20 -45.46 25.43
N GLY N 177 -36.26 -45.32 26.36
CA GLY N 177 -35.00 -46.01 26.26
C GLY N 177 -34.00 -45.58 27.31
N PRO N 178 -32.75 -46.03 27.19
CA PRO N 178 -31.71 -45.61 28.13
C PRO N 178 -31.49 -44.11 28.06
N PRO N 179 -31.14 -43.47 29.18
CA PRO N 179 -31.08 -42.01 29.20
C PRO N 179 -29.77 -41.43 28.66
N GLU N 180 -28.69 -42.22 28.63
CA GLU N 180 -27.41 -41.69 28.18
C GLU N 180 -27.45 -41.31 26.71
N GLN N 181 -27.93 -42.21 25.86
CA GLN N 181 -28.08 -41.89 24.44
C GLN N 181 -29.13 -40.78 24.25
N ARG N 182 -30.20 -40.83 25.03
CA ARG N 182 -31.21 -39.77 25.01
C ARG N 182 -30.62 -38.40 25.27
N ARG N 183 -29.60 -38.30 26.13
CA ARG N 183 -28.93 -37.04 26.40
C ARG N 183 -27.93 -36.68 25.30
N VAL N 184 -27.12 -37.65 24.88
CA VAL N 184 -26.06 -37.36 23.91
C VAL N 184 -26.65 -36.91 22.59
N LEU N 185 -27.68 -37.60 22.10
CA LEU N 185 -28.26 -37.23 20.82
C LEU N 185 -28.92 -35.86 20.89
N PHE N 186 -29.60 -35.57 21.99
CA PHE N 186 -30.23 -34.26 22.14
C PHE N 186 -29.19 -33.16 22.12
N GLU N 187 -28.10 -33.33 22.88
CA GLU N 187 -27.06 -32.31 22.89
C GLU N 187 -26.46 -32.13 21.50
N SER N 188 -26.18 -33.24 20.81
CA SER N 188 -25.58 -33.13 19.47
C SER N 188 -26.51 -32.40 18.51
N LEU N 189 -27.79 -32.78 18.48
CA LEU N 189 -28.72 -32.16 17.54
C LEU N 189 -28.89 -30.67 17.84
N LEU N 190 -29.02 -30.31 19.12
CA LEU N 190 -29.06 -28.90 19.46
C LEU N 190 -27.79 -28.20 19.01
N GLN N 191 -26.66 -28.90 19.03
CA GLN N 191 -25.42 -28.31 18.54
C GLN N 191 -25.47 -28.03 17.04
N ASP N 192 -26.00 -28.98 16.25
CA ASP N 192 -26.14 -28.71 14.82
C ASP N 192 -27.04 -27.51 14.58
N ILE N 193 -28.15 -27.44 15.32
CA ILE N 193 -29.08 -26.32 15.14
C ILE N 193 -28.39 -25.00 15.45
N LEU N 194 -27.65 -24.95 16.56
CA LEU N 194 -26.96 -23.71 16.94
C LEU N 194 -25.90 -23.33 15.92
N ASN N 195 -25.13 -24.30 15.44
CA ASN N 195 -24.10 -23.99 14.45
C ASN N 195 -24.70 -23.44 13.17
N THR N 196 -25.79 -24.05 12.70
CA THR N 196 -26.45 -23.53 11.51
C THR N 196 -27.00 -22.13 11.74
N PHE N 197 -27.58 -21.89 12.91
CA PHE N 197 -28.15 -20.58 13.18
C PHE N 197 -27.06 -19.52 13.19
N LYS N 198 -25.91 -19.81 13.81
CA LYS N 198 -24.79 -18.87 13.79
C LYS N 198 -24.29 -18.65 12.37
N LYS N 199 -24.19 -19.72 11.58
CA LYS N 199 -23.71 -19.61 10.21
C LYS N 199 -24.61 -18.69 9.41
N LYS N 200 -25.93 -18.83 9.58
CA LYS N 200 -26.86 -17.96 8.86
C LYS N 200 -26.79 -16.53 9.37
N LEU N 201 -26.66 -16.35 10.69
CA LEU N 201 -26.66 -15.02 11.27
C LEU N 201 -25.44 -14.22 10.85
N LYS N 202 -24.32 -14.90 10.59
CA LYS N 202 -23.10 -14.18 10.23
C LYS N 202 -23.21 -13.44 8.90
N LEU N 203 -24.37 -13.49 8.24
CA LEU N 203 -24.60 -12.81 6.98
C LEU N 203 -25.31 -11.48 7.15
N TYR N 204 -25.53 -11.03 8.38
CA TYR N 204 -26.36 -9.88 8.68
C TYR N 204 -25.64 -8.93 9.63
N PRO N 205 -26.02 -7.66 9.64
CA PRO N 205 -25.33 -6.68 10.49
C PRO N 205 -25.38 -7.04 11.97
N VAL N 206 -24.56 -6.32 12.75
CA VAL N 206 -24.26 -6.72 14.11
C VAL N 206 -25.49 -6.67 15.02
N GLU N 207 -26.41 -5.74 14.76
CA GLU N 207 -27.53 -5.55 15.67
C GLU N 207 -28.44 -6.78 15.71
N ALA N 208 -28.70 -7.40 14.55
CA ALA N 208 -29.58 -8.57 14.51
C ALA N 208 -28.98 -9.73 15.27
N GLN N 209 -27.64 -9.81 15.33
CA GLN N 209 -26.97 -10.87 16.07
C GLN N 209 -27.47 -10.93 17.50
N ILE N 210 -27.48 -9.78 18.18
CA ILE N 210 -27.88 -9.71 19.58
C ILE N 210 -29.26 -10.32 19.77
N LEU N 211 -30.25 -9.75 19.09
CA LEU N 211 -31.63 -10.17 19.25
C LEU N 211 -31.80 -11.66 18.98
N TYR N 212 -31.46 -12.10 17.77
CA TYR N 212 -31.80 -13.47 17.40
C TYR N 212 -30.94 -14.49 18.12
N LEU N 213 -29.67 -14.18 18.38
CA LEU N 213 -28.83 -15.05 19.18
C LEU N 213 -29.41 -15.23 20.57
N GLU N 214 -29.86 -14.13 21.18
CA GLU N 214 -30.49 -14.23 22.50
C GLU N 214 -31.72 -15.12 22.46
N ILE N 215 -32.58 -14.93 21.46
CA ILE N 215 -33.81 -15.71 21.39
C ILE N 215 -33.49 -17.20 21.29
N ILE N 216 -32.58 -17.56 20.38
CA ILE N 216 -32.31 -18.98 20.15
C ILE N 216 -31.63 -19.59 21.39
N LEU N 217 -30.68 -18.86 21.99
CA LEU N 217 -29.99 -19.41 23.15
C LEU N 217 -30.95 -19.62 24.32
N GLU N 218 -31.86 -18.67 24.55
CA GLU N 218 -32.82 -18.85 25.63
C GLU N 218 -33.73 -20.05 25.35
N LYS N 219 -34.18 -20.20 24.10
CA LYS N 219 -35.07 -21.31 23.78
C LYS N 219 -34.36 -22.66 24.01
N VAL N 220 -33.11 -22.77 23.54
CA VAL N 220 -32.41 -24.05 23.66
C VAL N 220 -32.08 -24.34 25.13
N GLU N 221 -31.74 -23.30 25.89
CA GLU N 221 -31.49 -23.50 27.31
C GLU N 221 -32.76 -23.99 28.01
N ASP N 222 -33.90 -23.40 27.67
CA ASP N 222 -35.16 -23.81 28.30
C ASP N 222 -35.49 -25.26 27.97
N VAL N 223 -35.34 -25.65 26.71
CA VAL N 223 -35.70 -27.02 26.34
C VAL N 223 -34.72 -28.01 26.97
N ARG N 224 -33.44 -27.64 27.06
CA ARG N 224 -32.47 -28.50 27.73
C ARG N 224 -32.82 -28.68 29.20
N LYS N 225 -33.22 -27.59 29.86
CA LYS N 225 -33.60 -27.67 31.26
C LYS N 225 -34.82 -28.56 31.44
N HIS N 226 -35.81 -28.43 30.55
CA HIS N 226 -37.00 -29.27 30.63
C HIS N 226 -36.64 -30.74 30.49
N PHE N 227 -35.81 -31.08 29.50
CA PHE N 227 -35.43 -32.47 29.29
C PHE N 227 -34.64 -33.01 30.48
N PHE N 228 -33.73 -32.21 31.01
CA PHE N 228 -32.88 -32.68 32.11
C PHE N 228 -33.69 -32.85 33.38
N GLU N 229 -34.74 -32.04 33.56
CA GLU N 229 -35.66 -32.27 34.66
C GLU N 229 -36.49 -33.53 34.41
N LYS N 230 -36.83 -33.79 33.15
CA LYS N 230 -37.66 -34.95 32.84
C LYS N 230 -36.91 -36.25 33.15
N TYR N 231 -35.70 -36.41 32.62
CA TYR N 231 -35.09 -37.74 32.66
C TYR N 231 -34.62 -38.08 34.07
N PHE N 232 -34.36 -37.06 34.89
CA PHE N 232 -33.96 -37.27 36.28
C PHE N 232 -35.09 -37.91 37.08
N ASN O 25 23.91 18.15 53.09
CA ASN O 25 25.10 18.99 53.21
C ASN O 25 26.07 18.72 52.07
N PRO O 26 26.50 19.79 51.39
CA PRO O 26 27.34 19.61 50.19
C PRO O 26 28.64 18.85 50.43
N LEU O 27 29.25 19.02 51.61
CA LEU O 27 30.55 18.41 51.88
C LEU O 27 30.45 16.88 51.87
N GLU O 28 29.40 16.34 52.47
CA GLU O 28 29.19 14.89 52.47
C GLU O 28 28.97 14.38 51.06
N LEU O 29 28.23 15.12 50.24
CA LEU O 29 28.03 14.73 48.85
C LEU O 29 29.35 14.73 48.10
N ALA O 30 30.20 15.73 48.33
CA ALA O 30 31.50 15.76 47.68
C ALA O 30 32.34 14.55 48.08
N LEU O 31 32.35 14.21 49.38
CA LEU O 31 33.11 13.04 49.82
C LEU O 31 32.58 11.74 49.22
N GLU O 32 31.26 11.57 49.19
CA GLU O 32 30.71 10.33 48.65
C GLU O 32 30.98 10.22 47.16
N LEU O 33 30.91 11.35 46.45
CA LEU O 33 31.28 11.35 45.03
C LEU O 33 32.75 10.99 44.86
N LYS O 34 33.62 11.51 45.72
CA LYS O 34 35.03 11.18 45.66
C LYS O 34 35.24 9.68 45.83
N GLU O 35 34.60 9.08 46.83
CA GLU O 35 34.77 7.65 47.07
C GLU O 35 34.22 6.84 45.89
N LYS O 36 33.07 7.25 45.36
CA LYS O 36 32.49 6.54 44.21
C LYS O 36 33.43 6.59 43.02
N VAL O 37 34.02 7.75 42.76
CA VAL O 37 34.92 7.89 41.61
C VAL O 37 36.18 7.09 41.82
N GLU O 38 36.72 7.09 43.04
CA GLU O 38 37.91 6.28 43.30
C GLU O 38 37.63 4.80 43.09
N LYS O 39 36.49 4.32 43.58
CA LYS O 39 36.13 2.93 43.38
C LYS O 39 35.95 2.61 41.90
N ALA O 40 35.31 3.52 41.16
CA ALA O 40 35.10 3.29 39.73
C ALA O 40 36.43 3.24 38.97
N ILE O 41 37.35 4.14 39.29
CA ILE O 41 38.66 4.14 38.64
C ILE O 41 39.40 2.85 38.97
N LYS O 42 39.37 2.44 40.24
CA LYS O 42 40.04 1.20 40.62
C LYS O 42 39.47 0.01 39.88
N GLU O 43 38.14 -0.06 39.76
CA GLU O 43 37.51 -1.14 39.03
C GLU O 43 37.92 -1.12 37.56
N ILE O 44 37.81 0.04 36.92
CA ILE O 44 38.04 0.13 35.47
C ILE O 44 39.49 -0.21 35.14
N LEU O 45 40.42 0.19 35.99
CA LEU O 45 41.84 -0.06 35.71
C LEU O 45 42.14 -1.56 35.67
N GLU O 46 41.35 -2.37 36.36
CA GLU O 46 41.59 -3.81 36.37
C GLU O 46 41.21 -4.49 35.07
N ASN O 47 40.44 -3.82 34.21
CA ASN O 47 40.00 -4.45 32.97
C ASN O 47 41.18 -4.71 32.05
N PRO O 48 41.23 -5.87 31.40
CA PRO O 48 42.37 -6.15 30.52
C PRO O 48 42.33 -5.38 29.21
N ASN O 49 41.15 -5.18 28.63
CA ASN O 49 41.05 -4.53 27.33
C ASN O 49 41.35 -3.05 27.44
N ILE O 50 42.33 -2.58 26.65
CA ILE O 50 42.76 -1.19 26.73
C ILE O 50 41.66 -0.27 26.22
N GLU O 51 41.07 -0.60 25.07
CA GLU O 51 40.02 0.24 24.49
C GLU O 51 38.82 0.34 25.44
N THR O 52 38.51 -0.77 26.13
CA THR O 52 37.46 -0.72 27.13
C THR O 52 37.81 0.27 28.24
N ARG O 53 39.06 0.25 28.70
CA ARG O 53 39.49 1.20 29.72
C ARG O 53 39.29 2.63 29.24
N ILE O 54 39.71 2.92 28.01
CA ILE O 54 39.59 4.27 27.48
C ILE O 54 38.13 4.71 27.43
N LEU O 55 37.27 3.85 26.87
CA LEU O 55 35.87 4.21 26.70
C LEU O 55 35.18 4.41 28.05
N ARG O 56 35.40 3.50 29.00
CA ARG O 56 34.72 3.65 30.29
C ARG O 56 35.29 4.80 31.09
N LEU O 57 36.57 5.16 30.87
CA LEU O 57 37.08 6.37 31.50
C LEU O 57 36.40 7.61 30.93
N LYS O 58 36.17 7.64 29.62
CA LYS O 58 35.44 8.78 29.05
C LYS O 58 34.02 8.85 29.60
N GLU O 59 33.34 7.70 29.70
CA GLU O 59 32.00 7.69 30.28
C GLU O 59 32.02 8.15 31.74
N LEU O 60 33.05 7.74 32.49
CA LEU O 60 33.17 8.17 33.86
C LEU O 60 33.36 9.68 33.95
N LEU O 61 34.13 10.25 33.03
CA LEU O 61 34.27 11.71 32.98
C LEU O 61 32.92 12.38 32.75
N ASP O 62 32.15 11.88 31.79
CA ASP O 62 30.84 12.49 31.52
C ASP O 62 29.91 12.36 32.72
N GLU O 63 29.90 11.18 33.35
CA GLU O 63 29.04 10.97 34.51
C GLU O 63 29.47 11.84 35.68
N VAL O 64 30.79 12.04 35.83
CA VAL O 64 31.30 12.93 36.87
C VAL O 64 30.84 14.35 36.62
N LEU O 65 30.88 14.80 35.37
CA LEU O 65 30.36 16.12 35.03
C LEU O 65 28.90 16.25 35.43
N HIS O 66 28.08 15.26 35.06
CA HIS O 66 26.67 15.32 35.42
C HIS O 66 26.47 15.27 36.94
N ALA O 67 27.37 14.59 37.64
CA ALA O 67 27.28 14.52 39.10
C ALA O 67 27.58 15.87 39.74
N ILE O 68 28.62 16.56 39.25
CA ILE O 68 28.91 17.91 39.74
C ILE O 68 27.73 18.83 39.45
N ALA O 69 27.09 18.65 38.29
CA ALA O 69 25.98 19.50 37.92
C ALA O 69 24.89 19.50 39.00
N LEU O 70 24.56 18.33 39.53
CA LEU O 70 23.53 18.25 40.56
C LEU O 70 24.05 18.70 41.92
N ILE O 71 25.31 18.41 42.21
CA ILE O 71 25.84 18.67 43.56
C ILE O 71 25.88 20.17 43.80
N PRO O 72 25.40 20.66 44.94
CA PRO O 72 25.49 22.10 45.22
C PRO O 72 26.93 22.58 45.26
N GLN O 73 27.15 23.78 44.77
CA GLN O 73 28.49 24.33 44.59
C GLN O 73 28.71 25.46 45.59
N ASN O 74 29.81 25.38 46.34
CA ASN O 74 30.19 26.41 47.29
C ASN O 74 31.70 26.35 47.46
N GLU O 75 32.22 27.02 48.49
CA GLU O 75 33.66 27.15 48.69
C GLU O 75 34.35 25.82 48.90
N GLU O 76 33.91 25.03 49.88
CA GLU O 76 34.69 23.88 50.32
C GLU O 76 34.61 22.71 49.33
N THR O 77 33.47 22.56 48.65
CA THR O 77 33.32 21.44 47.73
C THR O 77 34.10 21.66 46.44
N ARG O 78 34.37 22.93 46.10
CA ARG O 78 35.03 23.25 44.84
C ARG O 78 36.41 22.59 44.70
N PRO O 79 37.31 22.68 45.69
CA PRO O 79 38.58 21.97 45.57
C PRO O 79 38.41 20.46 45.45
N ILE O 80 37.44 19.88 46.16
CA ILE O 80 37.24 18.43 46.09
C ILE O 80 36.84 18.02 44.67
N LEU O 81 35.91 18.74 44.07
CA LEU O 81 35.50 18.44 42.71
C LEU O 81 36.66 18.63 41.74
N VAL O 82 37.46 19.69 41.92
CA VAL O 82 38.60 19.91 41.04
C VAL O 82 39.57 18.76 41.14
N ARG O 83 39.87 18.31 42.36
CA ARG O 83 40.75 17.16 42.56
C ARG O 83 40.21 15.92 41.84
N VAL O 84 38.92 15.63 42.03
CA VAL O 84 38.39 14.39 41.48
C VAL O 84 38.45 14.41 39.95
N VAL O 85 38.15 15.57 39.35
CA VAL O 85 38.22 15.68 37.90
C VAL O 85 39.66 15.55 37.42
N VAL O 86 40.60 16.12 38.18
CA VAL O 86 42.01 16.04 37.80
C VAL O 86 42.49 14.58 37.82
N GLU O 87 42.12 13.83 38.86
CA GLU O 87 42.51 12.43 38.91
C GLU O 87 41.91 11.65 37.75
N VAL O 88 40.63 11.88 37.44
CA VAL O 88 40.02 11.15 36.35
C VAL O 88 40.73 11.44 35.03
N MET O 89 40.99 12.72 34.76
CA MET O 89 41.64 13.08 33.50
C MET O 89 43.06 12.53 33.43
N GLU O 90 43.80 12.58 34.54
CA GLU O 90 45.17 12.06 34.52
C GLU O 90 45.18 10.56 34.29
N ALA O 91 44.26 9.83 34.93
CA ALA O 91 44.16 8.40 34.71
C ALA O 91 43.83 8.10 33.26
N LEU O 92 42.92 8.88 32.67
CA LEU O 92 42.59 8.65 31.27
C LEU O 92 43.78 8.93 30.36
N LEU O 93 44.54 9.99 30.64
CA LEU O 93 45.72 10.27 29.83
C LEU O 93 46.72 9.13 29.91
N HIS O 94 46.96 8.63 31.12
CA HIS O 94 47.91 7.51 31.26
C HIS O 94 47.41 6.27 30.54
N ALA O 95 46.12 5.98 30.64
CA ALA O 95 45.57 4.79 29.97
C ALA O 95 45.67 4.93 28.46
N VAL O 96 45.41 6.13 27.95
CA VAL O 96 45.45 6.38 26.51
C VAL O 96 46.89 6.25 26.02
N LEU O 97 47.84 6.66 26.84
CA LEU O 97 49.25 6.55 26.48
C LEU O 97 49.75 5.11 26.38
N ASP O 98 48.99 4.14 26.90
CA ASP O 98 49.48 2.76 26.94
C ASP O 98 49.39 2.09 25.58
N GLY O 99 48.17 1.96 25.05
CA GLY O 99 48.00 1.25 23.79
C GLY O 99 46.75 1.69 23.05
N GLY O 100 46.69 1.31 21.79
CA GLY O 100 45.55 1.62 20.94
C GLY O 100 45.96 2.32 19.65
N GLU O 101 45.05 2.36 18.68
CA GLU O 101 45.32 3.08 17.45
C GLU O 101 45.42 4.57 17.72
N PRO O 102 46.46 5.23 17.20
CA PRO O 102 46.68 6.64 17.56
C PRO O 102 45.50 7.56 17.26
N LEU O 103 44.85 7.38 16.11
CA LEU O 103 43.78 8.29 15.72
C LEU O 103 42.59 8.19 16.66
N LEU O 104 42.20 6.96 17.03
CA LEU O 104 41.09 6.78 17.95
C LEU O 104 41.40 7.40 19.31
N ASN O 105 42.62 7.20 19.81
CA ASN O 105 43.01 7.80 21.07
C ASN O 105 42.98 9.32 20.98
N LEU O 106 43.41 9.88 19.85
CA LEU O 106 43.38 11.34 19.71
C LEU O 106 41.95 11.87 19.72
N LYS O 107 41.04 11.20 19.02
CA LYS O 107 39.65 11.65 19.01
C LYS O 107 39.03 11.56 20.40
N VAL O 108 39.27 10.45 21.10
CA VAL O 108 38.74 10.30 22.45
C VAL O 108 39.34 11.36 23.37
N LEU O 109 40.63 11.68 23.18
CA LEU O 109 41.28 12.71 23.96
C LEU O 109 40.62 14.07 23.72
N LEU O 110 40.29 14.36 22.47
CA LEU O 110 39.64 15.63 22.16
C LEU O 110 38.28 15.74 22.84
N GLU O 111 37.47 14.67 22.73
CA GLU O 111 36.15 14.70 23.38
C GLU O 111 36.27 14.82 24.89
N ALA O 112 37.21 14.07 25.49
CA ALA O 112 37.40 14.13 26.93
C ALA O 112 37.89 15.50 27.37
N PHE O 113 38.75 16.14 26.57
CA PHE O 113 39.22 17.48 26.91
C PHE O 113 38.09 18.49 26.84
N LYS O 114 37.21 18.35 25.85
CA LYS O 114 36.03 19.22 25.80
C LYS O 114 35.17 19.05 27.05
N THR O 115 34.95 17.79 27.46
CA THR O 115 34.20 17.55 28.68
C THR O 115 34.91 18.13 29.90
N PHE O 116 36.24 18.04 29.92
CA PHE O 116 37.04 18.59 31.01
C PHE O 116 36.86 20.10 31.10
N ILE O 117 36.89 20.78 29.95
CA ILE O 117 36.68 22.23 29.93
C ILE O 117 35.29 22.58 30.44
N ALA O 118 34.28 21.82 30.00
CA ALA O 118 32.92 22.07 30.48
C ALA O 118 32.82 21.88 31.98
N ALA O 119 33.44 20.83 32.51
CA ALA O 119 33.42 20.59 33.95
C ALA O 119 34.11 21.72 34.71
N LEU O 120 35.25 22.18 34.21
CA LEU O 120 35.95 23.28 34.88
C LEU O 120 35.11 24.56 34.85
N LYS O 121 34.43 24.82 33.74
CA LYS O 121 33.56 25.99 33.66
C LYS O 121 32.43 25.88 34.68
N THR O 122 31.82 24.70 34.80
CA THR O 122 30.72 24.53 35.74
C THR O 122 31.19 24.69 37.18
N ILE O 123 32.36 24.13 37.51
CA ILE O 123 32.83 24.15 38.89
C ILE O 123 33.20 25.57 39.31
N GLY O 124 33.96 26.28 38.49
CA GLY O 124 34.48 27.58 38.87
C GLY O 124 35.83 27.44 39.56
N PHE O 125 36.61 28.53 39.59
CA PHE O 125 37.94 28.51 40.18
C PHE O 125 38.14 29.76 41.03
N SER O 126 38.50 29.55 42.29
CA SER O 126 38.76 30.67 43.20
C SER O 126 40.20 30.67 43.69
N THR O 127 40.66 29.56 44.26
CA THR O 127 41.97 29.53 44.87
C THR O 127 43.05 29.26 43.83
N GLU O 128 44.30 29.61 44.18
CA GLU O 128 45.39 29.48 43.23
C GLU O 128 45.79 28.03 43.00
N GLU O 129 45.67 27.17 44.02
CA GLU O 129 46.12 25.78 43.89
C GLU O 129 45.35 25.07 42.78
N GLU O 130 44.03 25.28 42.72
CA GLU O 130 43.24 24.67 41.66
C GLU O 130 43.67 25.20 40.30
N ARG O 131 43.99 26.50 40.22
CA ARG O 131 44.47 27.06 38.97
C ARG O 131 45.75 26.37 38.51
N LEU O 132 46.72 26.24 39.42
CA LEU O 132 47.97 25.58 39.05
C LEU O 132 47.73 24.12 38.66
N GLU O 133 46.81 23.44 39.33
CA GLU O 133 46.51 22.07 38.97
C GLU O 133 45.91 21.98 37.57
N ALA O 134 44.99 22.90 37.24
CA ALA O 134 44.40 22.92 35.90
C ALA O 134 45.45 23.20 34.84
N TYR O 135 46.36 24.14 35.12
CA TYR O 135 47.44 24.45 34.19
C TYR O 135 48.35 23.25 33.98
N ARG O 136 48.68 22.53 35.05
CA ARG O 136 49.50 21.34 34.93
C ARG O 136 48.79 20.27 34.10
N VAL O 137 47.49 20.09 34.32
CA VAL O 137 46.73 19.11 33.56
C VAL O 137 46.72 19.49 32.08
N LEU O 138 46.57 20.78 31.78
CA LEU O 138 46.59 21.24 30.40
C LEU O 138 47.94 20.96 29.76
N THR O 139 49.03 21.21 30.49
CA THR O 139 50.36 20.95 29.95
C THR O 139 50.55 19.46 29.67
N LEU O 140 50.11 18.61 30.60
CA LEU O 140 50.21 17.16 30.40
C LEU O 140 49.41 16.73 29.19
N PHE O 141 48.20 17.25 29.04
CA PHE O 141 47.36 16.92 27.90
C PHE O 141 48.03 17.32 26.60
N VAL O 142 48.60 18.52 26.56
CA VAL O 142 49.25 19.00 25.34
C VAL O 142 50.42 18.10 24.97
N HIS O 143 51.29 17.82 25.94
CA HIS O 143 52.47 17.01 25.65
C HIS O 143 52.06 15.62 25.17
N THR O 144 51.07 15.02 25.83
CA THR O 144 50.60 13.70 25.41
C THR O 144 50.01 13.76 24.00
N PHE O 145 49.27 14.82 23.69
CA PHE O 145 48.62 14.93 22.39
C PHE O 145 49.66 14.99 21.27
N ILE O 146 50.66 15.85 21.41
CA ILE O 146 51.73 15.88 20.42
C ILE O 146 52.45 14.53 20.35
N PHE O 147 52.76 13.93 21.49
CA PHE O 147 53.52 12.68 21.46
C PHE O 147 52.78 11.60 20.70
N ILE O 148 51.47 11.49 20.92
CA ILE O 148 50.68 10.48 20.22
C ILE O 148 50.53 10.84 18.75
N SER O 149 50.31 12.12 18.46
CA SER O 149 49.98 12.52 17.10
C SER O 149 51.21 12.55 16.20
N ARG O 150 52.39 12.38 16.78
CA ARG O 150 53.62 12.31 15.98
C ARG O 150 53.55 11.29 14.84
N THR O 151 52.91 10.14 15.06
CA THR O 151 53.04 9.02 14.14
C THR O 151 52.11 9.13 12.93
N LEU O 152 51.18 10.08 12.92
CA LEU O 152 50.21 10.15 11.83
C LEU O 152 50.85 10.67 10.55
N ASN O 153 50.08 10.64 9.47
CA ASN O 153 50.49 11.24 8.22
C ASN O 153 50.14 12.74 8.22
N LEU O 154 50.38 13.39 7.08
CA LEU O 154 50.34 14.85 7.04
C LEU O 154 48.94 15.40 7.29
N GLU O 155 47.94 14.91 6.55
CA GLU O 155 46.62 15.53 6.59
C GLU O 155 45.98 15.37 7.97
N GLU O 156 46.01 14.16 8.52
CA GLU O 156 45.49 13.96 9.87
C GLU O 156 46.28 14.77 10.89
N PHE O 157 47.59 14.91 10.68
CA PHE O 157 48.40 15.74 11.56
C PHE O 157 47.90 17.17 11.58
N LEU O 158 47.69 17.75 10.38
CA LEU O 158 47.19 19.11 10.29
C LEU O 158 45.84 19.24 10.98
N LYS O 159 44.93 18.30 10.71
CA LYS O 159 43.59 18.39 11.27
C LYS O 159 43.63 18.35 12.79
N VAL O 160 44.34 17.37 13.36
CA VAL O 160 44.36 17.22 14.81
C VAL O 160 45.07 18.41 15.45
N LEU O 161 46.11 18.94 14.79
CA LEU O 161 46.81 20.08 15.37
C LEU O 161 45.91 21.32 15.40
N LEU O 162 45.14 21.55 14.32
CA LEU O 162 44.22 22.69 14.34
C LEU O 162 43.15 22.53 15.40
N GLU O 163 42.60 21.31 15.55
CA GLU O 163 41.63 21.09 16.62
C GLU O 163 42.26 21.31 17.98
N LEU O 164 43.51 20.89 18.17
CA LEU O 164 44.20 21.10 19.44
C LEU O 164 44.37 22.59 19.73
N ILE O 165 44.74 23.37 18.71
CA ILE O 165 44.91 24.80 18.92
C ILE O 165 43.59 25.45 19.29
N GLU O 166 42.51 25.08 18.60
CA GLU O 166 41.20 25.65 18.92
C GLU O 166 40.77 25.29 20.33
N LEU O 167 40.97 24.04 20.75
CA LEU O 167 40.58 23.64 22.10
C LEU O 167 41.45 24.32 23.14
N LEU O 168 42.73 24.55 22.82
CA LEU O 168 43.61 25.30 23.72
C LEU O 168 43.08 26.71 23.93
N GLU O 169 42.66 27.36 22.83
CA GLU O 169 42.10 28.70 22.94
C GLU O 169 40.83 28.69 23.79
N GLU O 170 39.98 27.68 23.59
CA GLU O 170 38.76 27.59 24.38
C GLU O 170 39.06 27.40 25.86
N PHE O 171 40.01 26.52 26.19
CA PHE O 171 40.36 26.31 27.59
C PHE O 171 40.92 27.58 28.22
N PHE O 172 41.80 28.27 27.52
CA PHE O 172 42.36 29.51 28.07
C PHE O 172 41.33 30.62 28.16
N LEU O 173 40.24 30.53 27.40
CA LEU O 173 39.08 31.38 27.64
C LEU O 173 38.18 30.89 28.78
N ALA O 174 38.33 29.64 29.20
CA ALA O 174 37.45 29.07 30.22
C ALA O 174 37.88 29.37 31.65
N VAL O 175 39.16 29.30 31.96
CA VAL O 175 39.65 29.42 33.33
C VAL O 175 40.09 30.87 33.55
N PRO O 176 39.46 31.61 34.47
CA PRO O 176 39.89 32.98 34.73
C PRO O 176 41.06 33.04 35.70
N GLY O 177 41.84 34.11 35.57
CA GLY O 177 43.00 34.33 36.42
C GLY O 177 43.85 35.50 35.98
N PRO O 178 45.02 35.64 36.59
CA PRO O 178 45.95 36.71 36.17
C PRO O 178 46.38 36.52 34.72
N PRO O 179 46.61 37.60 33.99
CA PRO O 179 46.83 37.47 32.54
C PRO O 179 48.27 37.16 32.16
N GLU O 180 49.24 37.44 33.02
CA GLU O 180 50.64 37.20 32.66
C GLU O 180 50.90 35.71 32.46
N GLN O 181 50.43 34.88 33.39
CA GLN O 181 50.60 33.44 33.23
C GLN O 181 49.78 32.93 32.05
N ARG O 182 48.58 33.46 31.85
CA ARG O 182 47.76 33.10 30.70
C ARG O 182 48.44 33.42 29.39
N ARG O 183 49.29 34.43 29.35
CA ARG O 183 50.07 34.76 28.16
C ARG O 183 51.28 33.84 28.01
N VAL O 184 52.04 33.67 29.09
CA VAL O 184 53.28 32.91 29.01
C VAL O 184 52.99 31.45 28.65
N LEU O 185 52.00 30.85 29.30
CA LEU O 185 51.68 29.46 29.01
C LEU O 185 51.21 29.29 27.57
N PHE O 186 50.38 30.22 27.09
CA PHE O 186 49.89 30.14 25.72
C PHE O 186 51.05 30.20 24.74
N GLU O 187 51.98 31.14 24.95
CA GLU O 187 53.13 31.24 24.05
C GLU O 187 53.97 29.98 24.08
N SER O 188 54.21 29.43 25.28
CA SER O 188 55.02 28.22 25.38
C SER O 188 54.37 27.04 24.67
N LEU O 189 53.05 26.87 24.86
CA LEU O 189 52.37 25.75 24.22
C LEU O 189 52.34 25.90 22.71
N LEU O 190 52.10 27.11 22.21
CA LEU O 190 52.12 27.33 20.77
C LEU O 190 53.51 27.07 20.21
N GLN O 191 54.56 27.44 20.96
CA GLN O 191 55.92 27.15 20.53
C GLN O 191 56.17 25.65 20.47
N ASP O 192 55.66 24.90 21.45
CA ASP O 192 55.78 23.45 21.42
C ASP O 192 55.15 22.88 20.16
N ILE O 193 53.94 23.35 19.85
CA ILE O 193 53.23 22.85 18.67
C ILE O 193 54.00 23.18 17.40
N LEU O 194 54.53 24.40 17.32
CA LEU O 194 55.28 24.81 16.13
C LEU O 194 56.54 23.98 15.96
N ASN O 195 57.27 23.74 17.05
CA ASN O 195 58.49 22.93 16.95
C ASN O 195 58.17 21.52 16.50
N THR O 196 57.11 20.92 17.04
CA THR O 196 56.72 19.59 16.59
C THR O 196 56.35 19.59 15.12
N PHE O 197 55.60 20.61 14.67
CA PHE O 197 55.17 20.64 13.28
C PHE O 197 56.36 20.76 12.34
N LYS O 198 57.33 21.61 12.70
CA LYS O 198 58.54 21.71 11.89
C LYS O 198 59.31 20.40 11.87
N LYS O 199 59.42 19.75 13.04
CA LYS O 199 60.13 18.48 13.11
C LYS O 199 59.50 17.45 12.18
N LYS O 200 58.17 17.37 12.19
CA LYS O 200 57.49 16.42 11.32
C LYS O 200 57.65 16.79 9.86
N LEU O 201 57.55 18.08 9.55
CA LEU O 201 57.61 18.52 8.15
C LEU O 201 58.99 18.28 7.55
N LYS O 202 60.03 18.31 8.38
CA LYS O 202 61.39 18.15 7.86
C LYS O 202 61.63 16.79 7.20
N LEU O 203 60.63 15.91 7.21
CA LEU O 203 60.74 14.58 6.63
C LEU O 203 60.31 14.54 5.17
N TYR O 204 59.77 15.63 4.65
CA TYR O 204 59.04 15.65 3.39
C TYR O 204 59.63 16.66 2.44
N PRO O 205 59.40 16.50 1.13
CA PRO O 205 60.04 17.39 0.15
C PRO O 205 59.67 18.85 0.35
N VAL O 206 60.39 19.71 -0.38
CA VAL O 206 60.40 21.15 -0.09
C VAL O 206 59.05 21.79 -0.37
N GLU O 207 58.31 21.30 -1.36
CA GLU O 207 57.09 21.98 -1.77
C GLU O 207 56.03 21.96 -0.66
N ALA O 208 55.90 20.82 0.03
CA ALA O 208 54.89 20.72 1.09
C ALA O 208 55.19 21.67 2.24
N GLN O 209 56.48 21.97 2.44
CA GLN O 209 56.88 22.87 3.52
C GLN O 209 56.15 24.21 3.40
N ILE O 210 56.16 24.80 2.21
CA ILE O 210 55.59 26.13 2.02
C ILE O 210 54.11 26.12 2.38
N LEU O 211 53.36 25.18 1.79
CA LEU O 211 51.93 25.10 2.01
C LEU O 211 51.59 24.94 3.48
N TYR O 212 52.07 23.84 4.08
CA TYR O 212 51.62 23.53 5.44
C TYR O 212 52.19 24.50 6.45
N LEU O 213 53.42 24.99 6.24
CA LEU O 213 53.98 26.02 7.11
C LEU O 213 53.14 27.28 7.07
N GLU O 214 52.73 27.72 5.88
CA GLU O 214 51.90 28.90 5.80
C GLU O 214 50.58 28.70 6.53
N ILE O 215 49.96 27.53 6.35
CA ILE O 215 48.68 27.27 7.01
C ILE O 215 48.83 27.34 8.53
N ILE O 216 49.82 26.64 9.07
CA ILE O 216 49.96 26.57 10.52
C ILE O 216 50.33 27.94 11.09
N LEU O 217 51.22 28.67 10.42
CA LEU O 217 51.62 29.98 10.92
C LEU O 217 50.45 30.95 10.91
N GLU O 218 49.64 30.93 9.85
CA GLU O 218 48.48 31.82 9.82
C GLU O 218 47.49 31.48 10.93
N LYS O 219 47.23 30.18 11.14
CA LYS O 219 46.31 29.80 12.21
C LYS O 219 46.82 30.24 13.57
N VAL O 220 48.12 30.05 13.81
CA VAL O 220 48.71 30.41 15.10
C VAL O 220 48.66 31.91 15.31
N GLU O 221 48.99 32.68 14.28
CA GLU O 221 48.92 34.13 14.39
C GLU O 221 47.50 34.59 14.67
N ASP O 222 46.52 33.98 13.99
CA ASP O 222 45.13 34.38 14.21
C ASP O 222 44.69 34.10 15.64
N VAL O 223 45.01 32.91 16.17
CA VAL O 223 44.57 32.59 17.53
C VAL O 223 45.29 33.47 18.54
N ARG O 224 46.57 33.77 18.30
CA ARG O 224 47.30 34.67 19.18
C ARG O 224 46.66 36.06 19.19
N LYS O 225 46.28 36.56 18.01
CA LYS O 225 45.63 37.86 17.93
C LYS O 225 44.30 37.86 18.66
N HIS O 226 43.52 36.78 18.50
CA HIS O 226 42.25 36.69 19.21
C HIS O 226 42.45 36.74 20.72
N PHE O 227 43.41 35.96 21.23
CA PHE O 227 43.65 35.95 22.67
C PHE O 227 44.14 37.32 23.16
N PHE O 228 45.03 37.95 22.40
CA PHE O 228 45.60 39.21 22.83
C PHE O 228 44.56 40.32 22.80
N GLU O 229 43.60 40.24 21.87
CA GLU O 229 42.47 41.15 21.90
C GLU O 229 41.57 40.86 23.08
N LYS O 230 41.42 39.58 23.43
CA LYS O 230 40.54 39.21 24.53
C LYS O 230 41.05 39.76 25.86
N TYR O 231 42.31 39.49 26.20
CA TYR O 231 42.75 39.75 27.56
C TYR O 231 42.91 41.25 27.80
N PHE O 232 43.10 42.02 26.75
CA PHE O 232 43.23 43.46 26.84
C PHE O 232 41.90 44.08 27.28
N ASN P 25 -65.97 -19.94 57.92
CA ASN P 25 -64.83 -19.10 58.27
C ASN P 25 -63.96 -18.83 57.04
N PRO P 26 -63.57 -17.57 56.86
CA PRO P 26 -62.82 -17.20 55.65
C PRO P 26 -61.51 -17.96 55.46
N LEU P 27 -60.82 -18.29 56.55
CA LEU P 27 -59.51 -18.92 56.43
C LEU P 27 -59.62 -20.31 55.80
N GLU P 28 -60.61 -21.10 56.24
CA GLU P 28 -60.81 -22.42 55.66
C GLU P 28 -61.16 -22.33 54.18
N LEU P 29 -61.97 -21.33 53.83
CA LEU P 29 -62.28 -21.12 52.41
C LEU P 29 -61.04 -20.76 51.61
N ALA P 30 -60.16 -19.93 52.19
CA ALA P 30 -58.92 -19.61 51.50
C ALA P 30 -58.06 -20.85 51.29
N LEU P 31 -57.96 -21.71 52.30
CA LEU P 31 -57.19 -22.94 52.15
C LEU P 31 -57.78 -23.86 51.10
N GLU P 32 -59.10 -24.02 51.09
CA GLU P 32 -59.72 -24.92 50.11
C GLU P 32 -59.56 -24.36 48.70
N LEU P 33 -59.66 -23.04 48.54
CA LEU P 33 -59.40 -22.43 47.24
C LEU P 33 -57.96 -22.67 46.81
N LYS P 34 -57.02 -22.54 47.75
CA LYS P 34 -55.62 -22.81 47.43
C LYS P 34 -55.43 -24.23 46.93
N GLU P 35 -55.99 -25.21 47.64
CA GLU P 35 -55.85 -26.60 47.22
C GLU P 35 -56.49 -26.84 45.86
N LYS P 36 -57.67 -26.26 45.64
CA LYS P 36 -58.33 -26.40 44.34
C LYS P 36 -57.48 -25.84 43.22
N VAL P 37 -56.87 -24.68 43.45
CA VAL P 37 -56.05 -24.05 42.42
C VAL P 37 -54.80 -24.89 42.15
N GLU P 38 -54.17 -25.42 43.20
CA GLU P 38 -52.99 -26.26 42.98
C GLU P 38 -53.35 -27.52 42.19
N LYS P 39 -54.48 -28.13 42.51
CA LYS P 39 -54.91 -29.31 41.76
C LYS P 39 -55.19 -28.96 40.31
N ALA P 40 -55.83 -27.82 40.08
CA ALA P 40 -56.11 -27.40 38.70
C ALA P 40 -54.83 -27.14 37.93
N ILE P 41 -53.85 -26.50 38.56
CA ILE P 41 -52.58 -26.22 37.89
C ILE P 41 -51.87 -27.53 37.56
N LYS P 42 -51.86 -28.46 38.51
CA LYS P 42 -51.22 -29.76 38.27
C LYS P 42 -51.90 -30.49 37.11
N GLU P 43 -53.23 -30.41 37.05
CA GLU P 43 -53.95 -31.03 35.94
C GLU P 43 -53.56 -30.38 34.62
N ILE P 44 -53.66 -29.06 34.53
CA ILE P 44 -53.49 -28.37 33.26
C ILE P 44 -52.06 -28.51 32.75
N LEU P 45 -51.08 -28.48 33.65
CA LEU P 45 -49.69 -28.63 33.22
C LEU P 45 -49.44 -29.99 32.59
N GLU P 46 -50.25 -30.99 32.94
CA GLU P 46 -50.08 -32.32 32.39
C GLU P 46 -50.47 -32.38 30.91
N ASN P 47 -51.34 -31.50 30.45
CA ASN P 47 -51.84 -31.57 29.08
C ASN P 47 -50.69 -31.39 28.09
N PRO P 48 -50.67 -32.17 27.00
CA PRO P 48 -49.55 -32.04 26.05
C PRO P 48 -49.63 -30.79 25.20
N ASN P 49 -50.81 -30.38 24.77
CA ASN P 49 -50.95 -29.25 23.85
C ASN P 49 -50.62 -27.95 24.56
N ILE P 50 -49.80 -27.11 23.91
CA ILE P 50 -49.36 -25.86 24.52
C ILE P 50 -50.50 -24.84 24.53
N GLU P 51 -51.19 -24.67 23.40
CA GLU P 51 -52.24 -23.67 23.30
C GLU P 51 -53.37 -23.97 24.27
N THR P 52 -53.71 -25.24 24.42
CA THR P 52 -54.71 -25.62 25.43
C THR P 52 -54.24 -25.24 26.82
N ARG P 53 -52.97 -25.48 27.13
CA ARG P 53 -52.45 -25.09 28.44
C ARG P 53 -52.62 -23.60 28.67
N ILE P 54 -52.26 -22.80 27.67
CA ILE P 54 -52.37 -21.34 27.82
C ILE P 54 -53.82 -20.92 28.04
N LEU P 55 -54.72 -21.46 27.22
CA LEU P 55 -56.12 -21.06 27.32
C LEU P 55 -56.74 -21.47 28.65
N ARG P 56 -56.49 -22.70 29.10
CA ARG P 56 -57.05 -23.13 30.37
C ARG P 56 -56.41 -22.38 31.54
N LEU P 57 -55.15 -21.98 31.42
CA LEU P 57 -54.56 -21.14 32.47
C LEU P 57 -55.24 -19.79 32.54
N LYS P 58 -55.55 -19.19 31.38
CA LYS P 58 -56.25 -17.91 31.38
C LYS P 58 -57.65 -18.04 31.99
N GLU P 59 -58.37 -19.09 31.61
CA GLU P 59 -59.70 -19.31 32.19
C GLU P 59 -59.61 -19.59 33.69
N LEU P 60 -58.56 -20.29 34.12
CA LEU P 60 -58.36 -20.53 35.54
C LEU P 60 -58.10 -19.22 36.28
N LEU P 61 -57.34 -18.31 35.67
CA LEU P 61 -57.13 -17.00 36.29
C LEU P 61 -58.45 -16.25 36.44
N ASP P 62 -59.28 -16.27 35.40
CA ASP P 62 -60.57 -15.59 35.50
C ASP P 62 -61.45 -16.22 36.57
N GLU P 63 -61.49 -17.55 36.63
CA GLU P 63 -62.29 -18.23 37.64
C GLU P 63 -61.76 -17.94 39.04
N VAL P 64 -60.44 -17.83 39.17
CA VAL P 64 -59.83 -17.49 40.46
C VAL P 64 -60.26 -16.10 40.88
N LEU P 65 -60.27 -15.15 39.95
CA LEU P 65 -60.75 -13.81 40.25
C LEU P 65 -62.19 -13.83 40.75
N HIS P 66 -63.05 -14.57 40.03
CA HIS P 66 -64.44 -14.68 40.46
C HIS P 66 -64.56 -15.36 41.82
N ALA P 67 -63.64 -16.28 42.12
CA ALA P 67 -63.66 -16.96 43.42
C ALA P 67 -63.32 -15.98 44.54
N ILE P 68 -62.26 -15.19 44.37
CA ILE P 68 -61.91 -14.19 45.38
C ILE P 68 -63.06 -13.20 45.55
N ALA P 69 -63.74 -12.86 44.45
CA ALA P 69 -64.84 -11.91 44.53
C ALA P 69 -65.87 -12.34 45.56
N LEU P 70 -66.17 -13.64 45.63
CA LEU P 70 -67.17 -14.12 46.60
C LEU P 70 -66.53 -14.39 47.95
N ILE P 71 -65.24 -14.67 47.98
CA ILE P 71 -64.59 -15.06 49.24
C ILE P 71 -64.60 -13.88 50.20
N PRO P 72 -65.02 -14.06 51.45
CA PRO P 72 -64.94 -12.96 52.43
C PRO P 72 -63.50 -12.49 52.60
N GLN P 73 -63.34 -11.19 52.78
CA GLN P 73 -62.03 -10.56 52.79
C GLN P 73 -61.75 -10.06 54.19
N ASN P 74 -60.57 -10.40 54.72
CA ASN P 74 -60.09 -9.91 56.00
C ASN P 74 -58.56 -10.04 56.00
N GLU P 75 -57.94 -9.84 57.15
CA GLU P 75 -56.49 -9.72 57.23
C GLU P 75 -55.76 -10.98 56.77
N GLU P 76 -56.13 -12.15 57.29
CA GLU P 76 -55.33 -13.34 57.09
C GLU P 76 -55.51 -13.93 55.69
N THR P 77 -56.69 -13.72 55.08
CA THR P 77 -56.94 -14.31 53.77
C THR P 77 -56.19 -13.57 52.66
N ARG P 78 -55.91 -12.28 52.86
CA ARG P 78 -55.26 -11.47 51.83
C ARG P 78 -53.93 -12.05 51.38
N PRO P 79 -52.99 -12.39 52.28
CA PRO P 79 -51.74 -13.00 51.79
C PRO P 79 -51.97 -14.29 51.04
N ILE P 80 -52.90 -15.13 51.48
CA ILE P 80 -53.14 -16.42 50.82
C ILE P 80 -53.62 -16.20 49.39
N LEU P 81 -54.57 -15.29 49.21
CA LEU P 81 -55.04 -14.98 47.85
C LEU P 81 -53.91 -14.40 47.01
N VAL P 82 -53.07 -13.54 47.60
CA VAL P 82 -51.96 -12.98 46.83
C VAL P 82 -51.03 -14.08 46.34
N ARG P 83 -50.68 -15.01 47.23
CA ARG P 83 -49.82 -16.11 46.83
C ARG P 83 -50.46 -16.94 45.72
N VAL P 84 -51.74 -17.25 45.85
CA VAL P 84 -52.37 -18.13 44.87
C VAL P 84 -52.40 -17.47 43.49
N VAL P 85 -52.70 -16.17 43.45
CA VAL P 85 -52.71 -15.47 42.16
C VAL P 85 -51.30 -15.38 41.60
N VAL P 86 -50.30 -15.19 42.47
CA VAL P 86 -48.91 -15.12 42.01
C VAL P 86 -48.50 -16.45 41.37
N GLU P 87 -48.84 -17.56 42.02
CA GLU P 87 -48.50 -18.86 41.46
C GLU P 87 -49.17 -19.07 40.11
N VAL P 88 -50.46 -18.71 40.01
CA VAL P 88 -51.16 -18.90 38.74
C VAL P 88 -50.50 -18.09 37.63
N MET P 89 -50.21 -16.82 37.91
CA MET P 89 -49.62 -15.96 36.88
C MET P 89 -48.23 -16.42 36.50
N GLU P 90 -47.42 -16.85 37.47
CA GLU P 90 -46.09 -17.34 37.17
C GLU P 90 -46.14 -18.58 36.30
N ALA P 91 -47.06 -19.50 36.63
CA ALA P 91 -47.21 -20.70 35.81
C ALA P 91 -47.63 -20.34 34.39
N LEU P 92 -48.53 -19.38 34.25
CA LEU P 92 -48.96 -18.97 32.91
C LEU P 92 -47.80 -18.35 32.14
N LEU P 93 -47.00 -17.51 32.79
CA LEU P 93 -45.86 -16.91 32.12
C LEU P 93 -44.88 -17.98 31.64
N HIS P 94 -44.59 -18.95 32.50
CA HIS P 94 -43.66 -20.01 32.11
C HIS P 94 -44.23 -20.83 30.94
N ALA P 95 -45.52 -21.14 30.99
CA ALA P 95 -46.14 -21.91 29.91
C ALA P 95 -46.12 -21.14 28.60
N VAL P 96 -46.36 -19.83 28.66
CA VAL P 96 -46.38 -18.99 27.47
C VAL P 96 -44.98 -18.93 26.87
N LEU P 97 -43.97 -18.90 27.75
CA LEU P 97 -42.58 -18.88 27.28
C LEU P 97 -42.16 -20.16 26.56
N ASP P 98 -42.93 -21.24 26.66
CA ASP P 98 -42.51 -22.51 26.08
C ASP P 98 -42.71 -22.53 24.57
N GLY P 99 -43.96 -22.41 24.13
CA GLY P 99 -44.25 -22.51 22.70
C GLY P 99 -45.50 -21.76 22.33
N GLY P 100 -45.69 -21.60 21.02
CA GLY P 100 -46.85 -20.91 20.49
C GLY P 100 -46.49 -19.74 19.60
N GLU P 101 -47.46 -19.27 18.81
CA GLU P 101 -47.24 -18.12 17.96
C GLU P 101 -47.06 -16.87 18.83
N PRO P 102 -46.05 -16.04 18.53
CA PRO P 102 -45.77 -14.89 19.40
C PRO P 102 -46.94 -13.94 19.59
N LEU P 103 -47.68 -13.64 18.52
CA LEU P 103 -48.71 -12.60 18.62
C LEU P 103 -49.87 -13.04 19.49
N LEU P 104 -50.35 -14.28 19.29
CA LEU P 104 -51.43 -14.79 20.13
C LEU P 104 -50.97 -14.89 21.58
N ASN P 105 -49.72 -15.29 21.80
CA ASN P 105 -49.18 -15.35 23.15
C ASN P 105 -49.20 -13.97 23.80
N LEU P 106 -48.80 -12.94 23.05
CA LEU P 106 -48.77 -11.60 23.61
C LEU P 106 -50.18 -11.10 23.94
N LYS P 107 -51.14 -11.38 23.06
CA LYS P 107 -52.52 -10.96 23.33
C LYS P 107 -53.08 -11.64 24.58
N VAL P 108 -52.83 -12.95 24.70
CA VAL P 108 -53.28 -13.67 25.90
C VAL P 108 -52.58 -13.11 27.13
N LEU P 109 -51.30 -12.76 27.01
CA LEU P 109 -50.58 -12.18 28.12
C LEU P 109 -51.20 -10.85 28.54
N LEU P 110 -51.58 -10.03 27.58
CA LEU P 110 -52.20 -8.73 27.90
C LEU P 110 -53.53 -8.93 28.63
N GLU P 111 -54.36 -9.84 28.13
CA GLU P 111 -55.65 -10.08 28.78
C GLU P 111 -55.44 -10.64 30.19
N ALA P 112 -54.51 -11.57 30.35
CA ALA P 112 -54.24 -12.13 31.68
C ALA P 112 -53.68 -11.08 32.62
N PHE P 113 -52.87 -10.15 32.11
CA PHE P 113 -52.35 -9.09 32.95
C PHE P 113 -53.46 -8.15 33.41
N LYS P 114 -54.41 -7.86 32.52
CA LYS P 114 -55.56 -7.06 32.94
C LYS P 114 -56.34 -7.78 34.05
N THR P 115 -56.55 -9.08 33.89
CA THR P 115 -57.23 -9.84 34.93
C THR P 115 -56.42 -9.83 36.23
N PHE P 116 -55.10 -9.92 36.13
CA PHE P 116 -54.23 -9.88 37.31
C PHE P 116 -54.35 -8.55 38.04
N ILE P 117 -54.38 -7.45 37.29
CA ILE P 117 -54.54 -6.14 37.90
C ILE P 117 -55.89 -6.03 38.60
N ALA P 118 -56.94 -6.52 37.95
CA ALA P 118 -58.27 -6.49 38.57
C ALA P 118 -58.29 -7.31 39.86
N ALA P 119 -57.67 -8.49 39.84
CA ALA P 119 -57.62 -9.32 41.05
C ALA P 119 -56.85 -8.62 42.17
N LEU P 120 -55.72 -8.00 41.84
CA LEU P 120 -54.94 -7.30 42.85
C LEU P 120 -55.74 -6.13 43.44
N LYS P 121 -56.46 -5.40 42.60
CA LYS P 121 -57.31 -4.32 43.10
C LYS P 121 -58.39 -4.86 44.03
N THR P 122 -59.01 -5.98 43.65
CA THR P 122 -60.08 -6.54 44.46
C THR P 122 -59.55 -7.01 45.82
N ILE P 123 -58.39 -7.66 45.83
CA ILE P 123 -57.88 -8.24 47.07
C ILE P 123 -57.55 -7.16 48.09
N GLY P 124 -56.82 -6.14 47.69
CA GLY P 124 -56.28 -5.17 48.62
C GLY P 124 -54.87 -5.52 49.04
N PHE P 125 -54.12 -4.55 49.56
CA PHE P 125 -52.69 -4.71 49.76
C PHE P 125 -52.23 -3.97 51.00
N SER P 126 -51.75 -4.70 52.00
CA SER P 126 -51.29 -4.07 53.24
C SER P 126 -49.81 -4.32 53.50
N THR P 127 -49.39 -5.58 53.55
CA THR P 127 -48.06 -5.91 54.03
C THR P 127 -47.03 -5.73 52.92
N GLU P 128 -45.77 -5.53 53.34
CA GLU P 128 -44.70 -5.25 52.38
C GLU P 128 -44.34 -6.48 51.54
N GLU P 129 -44.46 -7.68 52.12
CA GLU P 129 -44.06 -8.89 51.40
C GLU P 129 -44.90 -9.07 50.14
N GLU P 130 -46.21 -8.87 50.24
CA GLU P 130 -47.07 -8.99 49.08
C GLU P 130 -46.75 -7.91 48.05
N ARG P 131 -46.41 -6.70 48.51
CA ARG P 131 -46.02 -5.64 47.59
C ARG P 131 -44.78 -6.03 46.80
N LEU P 132 -43.77 -6.57 47.49
CA LEU P 132 -42.56 -6.99 46.79
C LEU P 132 -42.85 -8.15 45.84
N GLU P 133 -43.74 -9.07 46.24
CA GLU P 133 -44.06 -10.19 45.36
C GLU P 133 -44.77 -9.72 44.10
N ALA P 134 -45.73 -8.80 44.25
CA ALA P 134 -46.41 -8.24 43.09
C ALA P 134 -45.44 -7.47 42.20
N TYR P 135 -44.50 -6.74 42.80
CA TYR P 135 -43.52 -6.00 42.02
C TYR P 135 -42.63 -6.96 41.23
N ARG P 136 -42.22 -8.07 41.85
CA ARG P 136 -41.44 -9.08 41.15
C ARG P 136 -42.23 -9.69 40.00
N VAL P 137 -43.52 -9.95 40.22
CA VAL P 137 -44.36 -10.50 39.16
C VAL P 137 -44.45 -9.52 38.00
N LEU P 138 -44.59 -8.22 38.31
CA LEU P 138 -44.65 -7.21 37.25
C LEU P 138 -43.34 -7.18 36.47
N THR P 139 -42.21 -7.25 37.17
CA THR P 139 -40.91 -7.25 36.49
C THR P 139 -40.78 -8.46 35.57
N LEU P 140 -41.18 -9.63 36.06
CA LEU P 140 -41.11 -10.84 35.25
C LEU P 140 -42.01 -10.72 34.03
N PHE P 141 -43.21 -10.17 34.21
CA PHE P 141 -44.13 -9.99 33.09
C PHE P 141 -43.53 -9.06 32.04
N VAL P 142 -42.93 -7.95 32.49
CA VAL P 142 -42.36 -6.99 31.54
C VAL P 142 -41.23 -7.63 30.75
N HIS P 143 -40.33 -8.34 31.44
CA HIS P 143 -39.20 -8.96 30.76
C HIS P 143 -39.69 -10.01 29.76
N THR P 144 -40.64 -10.85 30.17
CA THR P 144 -41.15 -11.89 29.28
C THR P 144 -41.84 -11.28 28.07
N PHE P 145 -42.64 -10.23 28.28
CA PHE P 145 -43.33 -9.57 27.17
C PHE P 145 -42.34 -8.99 26.18
N ILE P 146 -41.29 -8.33 26.68
CA ILE P 146 -40.27 -7.77 25.79
C ILE P 146 -39.61 -8.88 25.00
N PHE P 147 -39.21 -9.95 25.68
CA PHE P 147 -38.51 -11.04 25.02
C PHE P 147 -39.35 -11.67 23.92
N ILE P 148 -40.63 -11.89 24.19
CA ILE P 148 -41.50 -12.51 23.20
C ILE P 148 -41.76 -11.55 22.04
N SER P 149 -42.00 -10.27 22.35
CA SER P 149 -42.36 -9.32 21.31
C SER P 149 -41.16 -8.94 20.46
N ARG P 150 -39.96 -9.35 20.86
CA ARG P 150 -38.78 -9.09 20.05
C ARG P 150 -38.91 -9.56 18.60
N THR P 151 -39.60 -10.67 18.37
CA THR P 151 -39.55 -11.33 17.06
C THR P 151 -40.50 -10.73 16.04
N LEU P 152 -41.44 -9.88 16.45
CA LEU P 152 -42.43 -9.36 15.52
C LEU P 152 -41.81 -8.36 14.55
N ASN P 153 -42.63 -7.89 13.61
CA ASN P 153 -42.21 -6.82 12.73
C ASN P 153 -42.46 -5.47 13.41
N LEU P 154 -42.34 -4.40 12.62
CA LEU P 154 -42.29 -3.06 13.21
C LEU P 154 -43.65 -2.63 13.76
N GLU P 155 -44.71 -2.79 12.97
CA GLU P 155 -46.01 -2.20 13.35
C GLU P 155 -46.62 -2.90 14.56
N GLU P 156 -46.65 -4.23 14.55
CA GLU P 156 -47.15 -4.96 15.70
C GLU P 156 -46.27 -4.71 16.92
N PHE P 157 -44.96 -4.53 16.71
CA PHE P 157 -44.08 -4.17 17.82
C PHE P 157 -44.52 -2.85 18.44
N LEU P 158 -44.77 -1.84 17.61
CA LEU P 158 -45.21 -0.55 18.12
C LEU P 158 -46.51 -0.70 18.90
N LYS P 159 -47.47 -1.43 18.33
CA LYS P 159 -48.76 -1.58 18.99
C LYS P 159 -48.62 -2.25 20.35
N VAL P 160 -47.95 -3.41 20.39
CA VAL P 160 -47.85 -4.15 21.64
C VAL P 160 -47.06 -3.37 22.68
N LEU P 161 -46.05 -2.62 22.24
CA LEU P 161 -45.29 -1.81 23.19
C LEU P 161 -46.17 -0.73 23.79
N LEU P 162 -47.01 -0.07 22.97
CA LEU P 162 -47.88 0.96 23.52
C LEU P 162 -48.89 0.37 24.51
N GLU P 163 -49.50 -0.78 24.17
CA GLU P 163 -50.40 -1.41 25.13
C GLU P 163 -49.68 -1.82 26.40
N LEU P 164 -48.44 -2.30 26.28
CA LEU P 164 -47.67 -2.66 27.47
C LEU P 164 -47.44 -1.45 28.35
N ILE P 165 -47.10 -0.30 27.76
CA ILE P 165 -46.87 0.90 28.54
C ILE P 165 -48.15 1.33 29.26
N GLU P 166 -49.27 1.29 28.54
CA GLU P 166 -50.54 1.68 29.17
C GLU P 166 -50.90 0.77 30.33
N LEU P 167 -50.75 -0.54 30.16
CA LEU P 167 -51.08 -1.46 31.25
C LEU P 167 -50.08 -1.32 32.40
N LEU P 168 -48.84 -0.97 32.10
CA LEU P 168 -47.87 -0.66 33.15
C LEU P 168 -48.36 0.52 33.98
N GLU P 169 -48.85 1.55 33.31
CA GLU P 169 -49.39 2.71 34.01
C GLU P 169 -50.57 2.32 34.89
N GLU P 170 -51.48 1.50 34.34
CA GLU P 170 -52.63 1.06 35.12
C GLU P 170 -52.21 0.26 36.35
N PHE P 171 -51.26 -0.67 36.19
CA PHE P 171 -50.82 -1.46 37.33
C PHE P 171 -50.18 -0.57 38.40
N PHE P 172 -49.33 0.36 37.98
CA PHE P 172 -48.69 1.24 38.96
C PHE P 172 -49.68 2.19 39.62
N LEU P 173 -50.83 2.43 38.99
CA LEU P 173 -51.92 3.11 39.66
C LEU P 173 -52.80 2.18 40.49
N ALA P 174 -52.65 0.86 40.36
CA ALA P 174 -53.50 -0.10 41.05
C ALA P 174 -53.00 -0.47 42.44
N VAL P 175 -51.68 -0.58 42.63
CA VAL P 175 -51.10 -1.06 43.88
C VAL P 175 -50.62 0.14 44.68
N PRO P 176 -51.18 0.42 45.85
CA PRO P 176 -50.70 1.54 46.66
C PRO P 176 -49.47 1.17 47.47
N GLY P 177 -48.64 2.18 47.74
CA GLY P 177 -47.44 2.00 48.51
C GLY P 177 -46.57 3.24 48.55
N PRO P 178 -45.36 3.11 49.08
CA PRO P 178 -44.43 4.25 49.11
C PRO P 178 -44.11 4.71 47.70
N PRO P 179 -43.89 6.01 47.52
CA PRO P 179 -43.77 6.54 46.14
C PRO P 179 -42.37 6.40 45.54
N GLU P 180 -41.34 6.27 46.37
CA GLU P 180 -39.98 6.19 45.83
C GLU P 180 -39.79 4.94 45.00
N GLN P 181 -40.25 3.79 45.51
CA GLN P 181 -40.17 2.56 44.72
C GLN P 181 -41.07 2.64 43.49
N ARG P 182 -42.27 3.21 43.66
CA ARG P 182 -43.17 3.42 42.53
C ARG P 182 -42.56 4.26 41.44
N ARG P 183 -41.61 5.14 41.78
CA ARG P 183 -40.90 5.94 40.78
C ARG P 183 -39.73 5.17 40.17
N VAL P 184 -38.92 4.54 41.02
CA VAL P 184 -37.71 3.88 40.54
C VAL P 184 -38.05 2.72 39.62
N LEU P 185 -39.03 1.89 40.02
CA LEU P 185 -39.40 0.75 39.19
C LEU P 185 -39.97 1.20 37.86
N PHE P 186 -40.82 2.23 37.87
CA PHE P 186 -41.38 2.75 36.63
C PHE P 186 -40.27 3.25 35.71
N GLU P 187 -39.32 3.99 36.26
CA GLU P 187 -38.22 4.49 35.44
C GLU P 187 -37.42 3.34 34.84
N SER P 188 -37.11 2.33 35.65
CA SER P 188 -36.32 1.20 35.16
C SER P 188 -37.05 0.44 34.05
N LEU P 189 -38.35 0.21 34.24
CA LEU P 189 -39.11 -0.52 33.24
C LEU P 189 -39.22 0.26 31.94
N LEU P 190 -39.45 1.57 32.03
CA LEU P 190 -39.51 2.39 30.83
C LEU P 190 -38.16 2.40 30.12
N GLN P 191 -37.06 2.42 30.89
CA GLN P 191 -35.74 2.34 30.28
C GLN P 191 -35.54 1.01 29.57
N ASP P 192 -36.01 -0.08 30.17
CA ASP P 192 -35.92 -1.39 29.51
C ASP P 192 -36.66 -1.38 28.18
N ILE P 193 -37.87 -0.83 28.18
CA ILE P 193 -38.66 -0.77 26.95
C ILE P 193 -37.96 0.07 25.89
N LEU P 194 -37.41 1.21 26.30
CA LEU P 194 -36.72 2.08 25.35
C LEU P 194 -35.49 1.40 24.76
N ASN P 195 -34.70 0.71 25.60
CA ASN P 195 -33.52 0.03 25.09
C ASN P 195 -33.92 -1.05 24.09
N THR P 196 -34.96 -1.83 24.40
CA THR P 196 -35.41 -2.85 23.46
C THR P 196 -35.89 -2.22 22.16
N PHE P 197 -36.61 -1.11 22.24
CA PHE P 197 -37.13 -0.47 21.04
C PHE P 197 -36.00 0.04 20.15
N LYS P 198 -34.98 0.66 20.75
CA LYS P 198 -33.83 1.10 19.97
C LYS P 198 -33.10 -0.09 19.35
N LYS P 199 -32.93 -1.16 20.12
CA LYS P 199 -32.27 -2.36 19.61
C LYS P 199 -32.99 -2.89 18.37
N LYS P 200 -34.32 -2.93 18.42
CA LYS P 200 -35.08 -3.42 17.28
C LYS P 200 -35.01 -2.44 16.10
N LEU P 201 -35.10 -1.14 16.39
CA LEU P 201 -35.07 -0.15 15.31
C LEU P 201 -33.75 -0.15 14.58
N LYS P 202 -32.67 -0.56 15.25
CA LYS P 202 -31.35 -0.50 14.63
C LYS P 202 -31.19 -1.43 13.44
N LEU P 203 -32.23 -2.18 13.08
CA LEU P 203 -32.18 -3.08 11.93
C LEU P 203 -32.83 -2.48 10.69
N TYR P 204 -33.22 -1.21 10.73
CA TYR P 204 -34.03 -0.61 9.69
C TYR P 204 -33.39 0.68 9.20
N PRO P 205 -33.73 1.12 7.98
CA PRO P 205 -33.12 2.34 7.45
C PRO P 205 -33.39 3.56 8.32
N VAL P 206 -32.67 4.64 8.01
CA VAL P 206 -32.67 5.82 8.87
C VAL P 206 -34.04 6.48 8.93
N GLU P 207 -34.87 6.27 7.91
CA GLU P 207 -36.17 6.95 7.85
C GLU P 207 -37.09 6.49 8.98
N ALA P 208 -37.14 5.18 9.24
CA ALA P 208 -38.05 4.67 10.26
C ALA P 208 -37.64 5.12 11.65
N GLN P 209 -36.34 5.36 11.84
CA GLN P 209 -35.84 5.81 13.15
C GLN P 209 -36.58 7.06 13.61
N ILE P 210 -36.64 8.07 12.76
CA ILE P 210 -37.25 9.35 13.11
C ILE P 210 -38.68 9.14 13.56
N LEU P 211 -39.51 8.56 12.69
CA LEU P 211 -40.93 8.39 12.98
C LEU P 211 -41.15 7.60 14.26
N TYR P 212 -40.67 6.36 14.31
CA TYR P 212 -41.03 5.50 15.42
C TYR P 212 -40.37 5.92 16.72
N LEU P 213 -39.13 6.43 16.66
CA LEU P 213 -38.49 6.98 17.84
C LEU P 213 -39.30 8.14 18.40
N GLU P 214 -39.77 9.03 17.52
CA GLU P 214 -40.59 10.13 18.00
C GLU P 214 -41.86 9.64 18.68
N ILE P 215 -42.52 8.67 18.07
CA ILE P 215 -43.78 8.15 18.64
C ILE P 215 -43.54 7.59 20.04
N ILE P 216 -42.52 6.72 20.16
CA ILE P 216 -42.29 6.06 21.43
C ILE P 216 -41.85 7.06 22.50
N LEU P 217 -40.98 8.02 22.12
CA LEU P 217 -40.52 9.00 23.10
C LEU P 217 -41.66 9.87 23.59
N GLU P 218 -42.55 10.30 22.69
CA GLU P 218 -43.68 11.10 23.12
C GLU P 218 -44.60 10.32 24.04
N LYS P 219 -44.87 9.05 23.71
CA LYS P 219 -45.73 8.25 24.57
C LYS P 219 -45.12 8.08 25.96
N VAL P 220 -43.80 7.82 26.01
CA VAL P 220 -43.13 7.61 27.28
C VAL P 220 -43.14 8.89 28.12
N GLU P 221 -42.86 10.03 27.47
CA GLU P 221 -42.89 11.29 28.18
C GLU P 221 -44.28 11.59 28.74
N ASP P 222 -45.32 11.31 27.94
CA ASP P 222 -46.67 11.57 28.39
C ASP P 222 -47.03 10.72 29.60
N VAL P 223 -46.72 9.43 29.55
CA VAL P 223 -47.09 8.55 30.67
C VAL P 223 -46.27 8.91 31.91
N ARG P 224 -45.01 9.30 31.73
CA ARG P 224 -44.20 9.71 32.87
C ARG P 224 -44.78 10.97 33.51
N LYS P 225 -45.20 11.93 32.68
CA LYS P 225 -45.81 13.14 33.21
C LYS P 225 -47.09 12.83 33.97
N HIS P 226 -47.92 11.94 33.42
CA HIS P 226 -49.15 11.55 34.09
C HIS P 226 -48.86 10.94 35.46
N PHE P 227 -47.90 10.02 35.52
CA PHE P 227 -47.58 9.37 36.80
C PHE P 227 -47.03 10.37 37.80
N PHE P 228 -46.14 11.27 37.35
CA PHE P 228 -45.53 12.21 38.26
C PHE P 228 -46.53 13.24 38.77
N GLU P 229 -47.53 13.57 37.95
CA GLU P 229 -48.62 14.41 38.42
C GLU P 229 -49.49 13.65 39.42
N LYS P 230 -49.68 12.35 39.19
CA LYS P 230 -50.52 11.54 40.08
C LYS P 230 -49.90 11.45 41.47
N TYR P 231 -48.63 11.04 41.55
CA TYR P 231 -48.06 10.70 42.86
C TYR P 231 -47.83 11.95 43.70
N PHE P 232 -47.74 13.11 43.07
CA PHE P 232 -47.55 14.37 43.78
C PHE P 232 -48.81 14.74 44.55
N ASN Q 25 38.04 -40.67 31.44
CA ASN Q 25 39.27 -40.33 32.14
C ASN Q 25 40.05 -39.25 31.38
N PRO Q 26 40.54 -38.25 32.11
CA PRO Q 26 41.21 -37.12 31.45
C PRO Q 26 42.42 -37.51 30.62
N LEU Q 27 43.19 -38.50 31.06
CA LEU Q 27 44.41 -38.87 30.34
C LEU Q 27 44.11 -39.39 28.95
N GLU Q 28 43.09 -40.25 28.83
CA GLU Q 28 42.72 -40.78 27.52
C GLU Q 28 42.25 -39.67 26.59
N LEU Q 29 41.48 -38.73 27.12
CA LEU Q 29 41.01 -37.60 26.31
C LEU Q 29 42.18 -36.74 25.84
N ALA Q 30 43.14 -36.48 26.73
CA ALA Q 30 44.32 -35.71 26.33
C ALA Q 30 45.11 -36.44 25.25
N LEU Q 31 45.26 -37.75 25.40
CA LEU Q 31 46.00 -38.52 24.40
C LEU Q 31 45.30 -38.48 23.05
N GLU Q 32 43.98 -38.66 23.03
CA GLU Q 32 43.25 -38.67 21.76
C GLU Q 32 43.27 -37.28 21.12
N LEU Q 33 43.21 -36.22 21.94
CA LEU Q 33 43.37 -34.88 21.40
C LEU Q 33 44.74 -34.69 20.77
N LYS Q 34 45.78 -35.19 21.45
CA LYS Q 34 47.13 -35.15 20.87
C LYS Q 34 47.16 -35.83 19.51
N GLU Q 35 46.61 -37.04 19.43
CA GLU Q 35 46.63 -37.79 18.18
C GLU Q 35 45.86 -37.05 17.07
N LYS Q 36 44.69 -36.51 17.41
CA LYS Q 36 43.91 -35.75 16.45
C LYS Q 36 44.71 -34.56 15.93
N VAL Q 37 45.43 -33.89 16.83
CA VAL Q 37 46.21 -32.74 16.40
C VAL Q 37 47.36 -33.18 15.51
N GLU Q 38 47.97 -34.33 15.79
CA GLU Q 38 49.08 -34.78 14.96
C GLU Q 38 48.62 -35.06 13.53
N LYS Q 39 47.54 -35.82 13.36
CA LYS Q 39 47.05 -36.01 11.99
C LYS Q 39 46.52 -34.72 11.37
N ALA Q 40 45.98 -33.81 12.18
CA ALA Q 40 45.57 -32.53 11.62
C ALA Q 40 46.76 -31.76 11.05
N ILE Q 41 47.86 -31.72 11.80
CA ILE Q 41 49.06 -31.03 11.33
C ILE Q 41 49.62 -31.72 10.09
N LYS Q 42 49.63 -33.06 10.09
CA LYS Q 42 50.13 -33.81 8.95
C LYS Q 42 49.30 -33.53 7.71
N GLU Q 43 47.98 -33.46 7.86
CA GLU Q 43 47.11 -33.11 6.74
C GLU Q 43 47.40 -31.71 6.24
N ILE Q 44 47.42 -30.73 7.15
CA ILE Q 44 47.55 -29.33 6.76
C ILE Q 44 48.89 -29.10 6.05
N LEU Q 45 49.97 -29.68 6.58
CA LEU Q 45 51.29 -29.45 6.00
C LEU Q 45 51.38 -30.01 4.59
N GLU Q 46 50.53 -30.98 4.25
CA GLU Q 46 50.56 -31.58 2.92
C GLU Q 46 50.08 -30.60 1.85
N ASN Q 47 49.24 -29.64 2.21
CA ASN Q 47 48.64 -28.75 1.22
C ASN Q 47 49.71 -27.91 0.53
N PRO Q 48 49.62 -27.72 -0.80
CA PRO Q 48 50.64 -26.94 -1.49
C PRO Q 48 50.56 -25.44 -1.22
N ASN Q 49 49.35 -24.89 -1.16
CA ASN Q 49 49.20 -23.45 -1.01
C ASN Q 49 49.65 -23.00 0.38
N ILE Q 50 50.53 -22.00 0.42
CA ILE Q 50 51.10 -21.55 1.68
C ILE Q 50 50.05 -20.82 2.53
N GLU Q 51 49.29 -19.92 1.90
CA GLU Q 51 48.30 -19.15 2.65
C GLU Q 51 47.24 -20.07 3.26
N THR Q 52 46.84 -21.11 2.54
CA THR Q 52 45.94 -22.10 3.11
C THR Q 52 46.57 -22.77 4.31
N ARG Q 53 47.86 -23.12 4.22
CA ARG Q 53 48.54 -23.70 5.37
C ARG Q 53 48.45 -22.79 6.59
N ILE Q 54 48.73 -21.50 6.39
CA ILE Q 54 48.72 -20.56 7.51
C ILE Q 54 47.33 -20.48 8.12
N LEU Q 55 46.30 -20.34 7.27
CA LEU Q 55 44.95 -20.15 7.79
C LEU Q 55 44.45 -21.40 8.52
N ARG Q 56 44.68 -22.59 7.94
CA ARG Q 56 44.25 -23.81 8.60
C ARG Q 56 45.02 -24.04 9.89
N LEU Q 57 46.30 -23.63 9.94
CA LEU Q 57 47.03 -23.75 11.20
C LEU Q 57 46.45 -22.82 12.26
N LYS Q 58 46.08 -21.60 11.88
CA LYS Q 58 45.48 -20.69 12.85
C LYS Q 58 44.16 -21.25 13.39
N GLU Q 59 43.32 -21.78 12.49
CA GLU Q 59 42.06 -22.35 12.96
C GLU Q 59 42.29 -23.62 13.77
N LEU Q 60 43.33 -24.38 13.45
CA LEU Q 60 43.67 -25.53 14.28
C LEU Q 60 44.06 -25.09 15.68
N LEU Q 61 44.79 -23.99 15.79
CA LEU Q 61 45.14 -23.46 17.11
C LEU Q 61 43.89 -23.05 17.88
N ASP Q 62 42.96 -22.37 17.21
CA ASP Q 62 41.72 -21.95 17.87
C ASP Q 62 40.90 -23.17 18.31
N GLU Q 63 40.79 -24.17 17.45
CA GLU Q 63 40.03 -25.37 17.80
C GLU Q 63 40.70 -26.13 18.93
N VAL Q 64 42.04 -26.11 18.96
CA VAL Q 64 42.76 -26.72 20.08
C VAL Q 64 42.44 -26.00 21.38
N LEU Q 65 42.39 -24.67 21.33
CA LEU Q 65 42.02 -23.90 22.51
C LEU Q 65 40.63 -24.30 23.00
N HIS Q 66 39.66 -24.37 22.08
CA HIS Q 66 38.30 -24.74 22.47
C HIS Q 66 38.25 -26.17 22.99
N ALA Q 67 39.10 -27.06 22.46
CA ALA Q 67 39.14 -28.43 22.94
C ALA Q 67 39.67 -28.51 24.36
N ILE Q 68 40.77 -27.81 24.64
CA ILE Q 68 41.30 -27.77 26.01
C ILE Q 68 40.29 -27.16 26.97
N ALA Q 69 39.49 -26.22 26.47
CA ALA Q 69 38.45 -25.63 27.31
C ALA Q 69 37.52 -26.69 27.87
N LEU Q 70 37.14 -27.68 27.04
CA LEU Q 70 36.22 -28.72 27.48
C LEU Q 70 36.95 -29.84 28.20
N ILE Q 71 38.23 -30.04 27.91
CA ILE Q 71 38.96 -31.18 28.47
C ILE Q 71 39.10 -31.00 29.98
N PRO Q 72 38.80 -32.02 30.78
CA PRO Q 72 39.09 -31.92 32.21
C PRO Q 72 40.58 -31.71 32.44
N GLN Q 73 40.90 -30.78 33.33
CA GLN Q 73 42.26 -30.30 33.51
C GLN Q 73 42.75 -30.70 34.89
N ASN Q 74 43.93 -31.31 34.95
CA ASN Q 74 44.55 -31.76 36.19
C ASN Q 74 46.05 -31.85 35.96
N GLU Q 75 46.76 -32.53 36.87
CA GLU Q 75 48.21 -32.58 36.84
C GLU Q 75 48.75 -33.22 35.56
N GLU Q 76 48.36 -34.48 35.31
CA GLU Q 76 49.03 -35.24 34.25
C GLU Q 76 48.70 -34.70 32.86
N THR Q 77 47.48 -34.17 32.67
CA THR Q 77 47.10 -33.71 31.34
C THR Q 77 47.77 -32.39 30.99
N ARG Q 78 48.18 -31.61 32.00
CA ARG Q 78 48.74 -30.29 31.75
C ARG Q 78 49.98 -30.33 30.86
N PRO Q 79 51.00 -31.16 31.13
CA PRO Q 79 52.15 -31.20 30.21
C PRO Q 79 51.78 -31.66 28.81
N ILE Q 80 50.83 -32.57 28.69
CA ILE Q 80 50.42 -33.04 27.36
C ILE Q 80 49.82 -31.89 26.55
N LEU Q 81 48.91 -31.14 27.17
CA LEU Q 81 48.30 -30.01 26.48
C LEU Q 81 49.34 -28.94 26.14
N VAL Q 82 50.25 -28.67 27.07
CA VAL Q 82 51.29 -27.68 26.80
C VAL Q 82 52.14 -28.11 25.61
N ARG Q 83 52.53 -29.39 25.58
CA ARG Q 83 53.34 -29.89 24.49
C ARG Q 83 52.62 -29.76 23.16
N VAL Q 84 51.33 -30.15 23.12
CA VAL Q 84 50.62 -30.15 21.85
C VAL Q 84 50.44 -28.72 21.34
N VAL Q 85 50.17 -27.78 22.24
CA VAL Q 85 50.06 -26.38 21.83
C VAL Q 85 51.41 -25.87 21.32
N VAL Q 86 52.50 -26.30 21.96
CA VAL Q 86 53.83 -25.89 21.52
C VAL Q 86 54.11 -26.41 20.11
N GLU Q 87 53.74 -27.67 19.84
CA GLU Q 87 53.95 -28.22 18.50
C GLU Q 87 53.16 -27.43 17.46
N VAL Q 88 51.90 -27.11 17.78
CA VAL Q 88 51.09 -26.37 16.82
C VAL Q 88 51.70 -25.00 16.55
N MET Q 89 52.12 -24.30 17.60
CA MET Q 89 52.69 -22.96 17.42
C MET Q 89 54.00 -23.01 16.64
N GLU Q 90 54.86 -23.99 16.94
CA GLU Q 90 56.11 -24.11 16.22
C GLU Q 90 55.87 -24.40 14.74
N ALA Q 91 54.93 -25.30 14.44
CA ALA Q 91 54.62 -25.59 13.05
C ALA Q 91 54.11 -24.35 12.34
N LEU Q 92 53.26 -23.57 13.01
CA LEU Q 92 52.75 -22.35 12.40
C LEU Q 92 53.86 -21.35 12.15
N LEU Q 93 54.78 -21.19 13.10
CA LEU Q 93 55.89 -20.27 12.89
C LEU Q 93 56.74 -20.69 11.69
N HIS Q 94 57.05 -21.98 11.60
CA HIS Q 94 57.84 -22.45 10.47
C HIS Q 94 57.11 -22.24 9.15
N ALA Q 95 55.80 -22.51 9.12
CA ALA Q 95 55.04 -22.33 7.89
C ALA Q 95 54.98 -20.87 7.49
N VAL Q 96 54.84 -19.98 8.47
CA VAL Q 96 54.76 -18.54 8.22
C VAL Q 96 56.09 -18.05 7.67
N LEU Q 97 57.18 -18.62 8.18
CA LEU Q 97 58.52 -18.25 7.71
C LEU Q 97 58.79 -18.64 6.26
N ASP Q 98 57.95 -19.48 5.65
CA ASP Q 98 58.24 -19.96 4.31
C ASP Q 98 57.91 -18.93 3.24
N GLY Q 99 56.65 -18.53 3.15
CA GLY Q 99 56.26 -17.60 2.09
C GLY Q 99 55.00 -16.83 2.44
N GLY Q 100 54.76 -15.78 1.66
CA GLY Q 100 53.60 -14.93 1.86
C GLY Q 100 53.94 -13.47 1.99
N GLU Q 101 52.95 -12.60 1.83
CA GLU Q 101 53.17 -11.17 2.03
C GLU Q 101 53.49 -10.90 3.50
N PRO Q 102 54.55 -10.13 3.76
CA PRO Q 102 55.01 -9.98 5.16
C PRO Q 102 53.94 -9.49 6.12
N LEU Q 103 53.16 -8.48 5.72
CA LEU Q 103 52.20 -7.89 6.64
C LEU Q 103 51.11 -8.88 7.03
N LEU Q 104 50.64 -9.67 6.06
CA LEU Q 104 49.60 -10.64 6.37
C LEU Q 104 50.08 -11.69 7.35
N ASN Q 105 51.30 -12.21 7.15
CA ASN Q 105 51.83 -13.19 8.09
C ASN Q 105 52.07 -12.56 9.46
N LEU Q 106 52.47 -11.30 9.49
CA LEU Q 106 52.66 -10.64 10.78
C LEU Q 106 51.34 -10.53 11.54
N LYS Q 107 50.27 -10.15 10.85
CA LYS Q 107 48.96 -10.06 11.51
C LYS Q 107 48.49 -11.43 11.98
N VAL Q 108 48.62 -12.45 11.13
CA VAL Q 108 48.21 -13.79 11.54
C VAL Q 108 49.04 -14.24 12.73
N LEU Q 109 50.32 -13.88 12.76
CA LEU Q 109 51.17 -14.19 13.90
C LEU Q 109 50.65 -13.50 15.17
N LEU Q 110 50.20 -12.26 15.03
CA LEU Q 110 49.69 -11.54 16.20
C LEU Q 110 48.46 -12.22 16.79
N GLU Q 111 47.47 -12.51 15.94
CA GLU Q 111 46.28 -13.19 16.47
C GLU Q 111 46.60 -14.59 16.98
N ALA Q 112 47.52 -15.30 16.31
CA ALA Q 112 47.91 -16.62 16.79
C ALA Q 112 48.59 -16.53 18.15
N PHE Q 113 49.42 -15.52 18.36
CA PHE Q 113 50.06 -15.34 19.65
C PHE Q 113 49.05 -14.99 20.73
N LYS Q 114 48.04 -14.19 20.40
CA LYS Q 114 46.99 -13.91 21.37
C LYS Q 114 46.27 -15.19 21.77
N THR Q 115 45.94 -16.03 20.78
CA THR Q 115 45.30 -17.31 21.09
C THR Q 115 46.22 -18.20 21.92
N PHE Q 116 47.52 -18.18 21.63
CA PHE Q 116 48.50 -18.96 22.37
C PHE Q 116 48.53 -18.53 23.83
N ILE Q 117 48.52 -17.21 24.08
CA ILE Q 117 48.53 -16.70 25.45
C ILE Q 117 47.25 -17.11 26.17
N ALA Q 118 46.11 -17.02 25.49
CA ALA Q 118 44.86 -17.44 26.10
C ALA Q 118 44.89 -18.92 26.46
N ALA Q 119 45.41 -19.75 25.55
CA ALA Q 119 45.50 -21.18 25.83
C ALA Q 119 46.41 -21.47 27.01
N LEU Q 120 47.55 -20.79 27.08
CA LEU Q 120 48.46 -20.98 28.21
C LEU Q 120 47.81 -20.56 29.52
N LYS Q 121 47.05 -19.45 29.50
CA LYS Q 121 46.35 -19.02 30.70
C LYS Q 121 45.32 -20.06 31.14
N THR Q 122 44.58 -20.63 30.19
CA THR Q 122 43.57 -21.63 30.53
C THR Q 122 44.22 -22.89 31.10
N ILE Q 123 45.31 -23.33 30.48
CA ILE Q 123 45.94 -24.59 30.90
C ILE Q 123 46.53 -24.47 32.30
N GLY Q 124 47.29 -23.41 32.55
CA GLY Q 124 48.01 -23.28 33.79
C GLY Q 124 49.40 -23.90 33.70
N PHE Q 125 50.30 -23.50 34.61
CA PHE Q 125 51.68 -23.96 34.57
C PHE Q 125 52.15 -24.29 35.98
N SER Q 126 52.64 -25.51 36.18
CA SER Q 126 53.16 -25.92 37.47
C SER Q 126 54.63 -26.33 37.39
N THR Q 127 54.96 -27.19 36.43
CA THR Q 127 56.31 -27.73 36.37
C THR Q 127 57.24 -26.78 35.62
N GLU Q 128 58.54 -26.90 35.90
CA GLU Q 128 59.52 -26.00 35.30
C GLU Q 128 59.71 -26.28 33.81
N GLU Q 129 59.59 -27.54 33.39
CA GLU Q 129 59.82 -27.89 32.00
C GLU Q 129 58.85 -27.17 31.07
N GLU Q 130 57.58 -27.11 31.48
CA GLU Q 130 56.59 -26.40 30.68
C GLU Q 130 56.91 -24.91 30.62
N ARG Q 131 57.39 -24.34 31.73
CA ARG Q 131 57.79 -22.93 31.73
C ARG Q 131 58.92 -22.68 30.74
N LEU Q 132 59.93 -23.56 30.73
CA LEU Q 132 61.03 -23.40 29.80
C LEU Q 132 60.55 -23.56 28.35
N GLU Q 133 59.63 -24.49 28.11
CA GLU Q 133 59.09 -24.66 26.77
C GLU Q 133 58.37 -23.39 26.31
N ALA Q 134 57.55 -22.81 27.20
CA ALA Q 134 56.84 -21.58 26.86
C ALA Q 134 57.81 -20.44 26.60
N TYR Q 135 58.87 -20.34 27.41
CA TYR Q 135 59.86 -19.29 27.22
C TYR Q 135 60.58 -19.46 25.88
N ARG Q 136 60.93 -20.69 25.53
CA ARG Q 136 61.56 -20.94 24.24
C ARG Q 136 60.64 -20.57 23.10
N VAL Q 137 59.36 -20.91 23.22
CA VAL Q 137 58.39 -20.55 22.17
C VAL Q 137 58.28 -19.04 22.04
N LEU Q 138 58.27 -18.33 23.17
CA LEU Q 138 58.20 -16.87 23.14
C LEU Q 138 59.42 -16.28 22.45
N THR Q 139 60.62 -16.80 22.77
CA THR Q 139 61.83 -16.31 22.13
C THR Q 139 61.80 -16.55 20.63
N LEU Q 140 61.37 -17.74 20.22
CA LEU Q 140 61.26 -18.06 18.80
C LEU Q 140 60.28 -17.11 18.11
N PHE Q 141 59.14 -16.86 18.76
CA PHE Q 141 58.15 -15.96 18.18
C PHE Q 141 58.71 -14.56 18.01
N VAL Q 142 59.43 -14.06 19.03
CA VAL Q 142 59.97 -12.70 18.95
C VAL Q 142 60.98 -12.60 17.83
N HIS Q 143 61.89 -13.58 17.73
CA HIS Q 143 62.90 -13.54 16.69
C HIS Q 143 62.27 -13.61 15.31
N THR Q 144 61.30 -14.51 15.13
CA THR Q 144 60.65 -14.65 13.83
C THR Q 144 59.90 -13.38 13.45
N PHE Q 145 59.20 -12.78 14.41
CA PHE Q 145 58.46 -11.55 14.15
C PHE Q 145 59.41 -10.43 13.74
N ILE Q 146 60.53 -10.29 14.44
CA ILE Q 146 61.51 -9.27 14.08
C ILE Q 146 62.02 -9.50 12.67
N PHE Q 147 62.39 -10.75 12.38
CA PHE Q 147 62.97 -11.07 11.07
C PHE Q 147 61.99 -10.75 9.94
N ILE Q 148 60.72 -11.11 10.13
CA ILE Q 148 59.73 -10.87 9.08
C ILE Q 148 59.43 -9.38 8.95
N SER Q 149 59.33 -8.68 10.08
CA SER Q 149 58.94 -7.28 10.04
C SER Q 149 60.09 -6.39 9.60
N ARG Q 150 61.29 -6.95 9.46
CA ARG Q 150 62.41 -6.18 8.92
C ARG Q 150 62.11 -5.54 7.57
N THR Q 151 61.27 -6.19 6.75
CA THR Q 151 61.12 -5.78 5.36
C THR Q 151 60.24 -4.55 5.18
N LEU Q 152 59.33 -4.26 6.12
CA LEU Q 152 58.33 -3.23 5.91
C LEU Q 152 58.95 -1.84 5.88
N ASN Q 153 58.12 -0.84 5.61
CA ASN Q 153 58.54 0.55 5.72
C ASN Q 153 58.34 1.04 7.15
N LEU Q 154 58.46 2.35 7.34
CA LEU Q 154 58.58 2.90 8.69
C LEU Q 154 57.29 2.77 9.50
N GLU Q 155 56.15 3.17 8.91
CA GLU Q 155 54.93 3.31 9.70
C GLU Q 155 54.40 1.95 10.16
N GLU Q 156 54.28 1.00 9.23
CA GLU Q 156 53.86 -0.34 9.63
C GLU Q 156 54.88 -0.99 10.56
N PHE Q 157 56.17 -0.68 10.37
CA PHE Q 157 57.18 -1.15 11.30
C PHE Q 157 56.87 -0.67 12.72
N LEU Q 158 56.59 0.62 12.86
CA LEU Q 158 56.27 1.18 14.17
C LEU Q 158 55.05 0.48 14.76
N LYS Q 159 54.00 0.33 13.95
CA LYS Q 159 52.77 -0.26 14.45
C LYS Q 159 52.98 -1.69 14.93
N VAL Q 160 53.62 -2.52 14.10
CA VAL Q 160 53.82 -3.92 14.47
C VAL Q 160 54.75 -4.04 15.66
N LEU Q 161 55.75 -3.16 15.76
CA LEU Q 161 56.66 -3.22 16.90
C LEU Q 161 55.94 -2.88 18.19
N LEU Q 162 55.09 -1.84 18.17
CA LEU Q 162 54.34 -1.51 19.37
C LEU Q 162 53.38 -2.63 19.77
N GLU Q 163 52.71 -3.23 18.78
CA GLU Q 163 51.84 -4.36 19.08
C GLU Q 163 52.63 -5.52 19.66
N LEU Q 164 53.81 -5.78 19.13
CA LEU Q 164 54.66 -6.84 19.64
C LEU Q 164 55.05 -6.59 21.09
N ILE Q 165 55.42 -5.34 21.41
CA ILE Q 165 55.80 -5.02 22.78
C ILE Q 165 54.62 -5.22 23.72
N GLU Q 166 53.43 -4.76 23.31
CA GLU Q 166 52.26 -4.93 24.15
C GLU Q 166 51.94 -6.40 24.39
N LEU Q 167 51.98 -7.22 23.33
CA LEU Q 167 51.70 -8.64 23.50
C LEU Q 167 52.78 -9.33 24.33
N LEU Q 168 54.01 -8.86 24.22
CA LEU Q 168 55.08 -9.36 25.08
C LEU Q 168 54.75 -9.12 26.54
N GLU Q 169 54.29 -7.90 26.85
CA GLU Q 169 53.90 -7.58 28.22
C GLU Q 169 52.76 -8.48 28.68
N GLU Q 170 51.77 -8.69 27.81
CA GLU Q 170 50.64 -9.55 28.18
C GLU Q 170 51.09 -10.97 28.46
N PHE Q 171 51.95 -11.53 27.60
CA PHE Q 171 52.43 -12.89 27.83
C PHE Q 171 53.22 -12.99 29.12
N PHE Q 172 54.09 -12.02 29.39
CA PHE Q 172 54.86 -12.06 30.63
C PHE Q 172 54.01 -11.83 31.86
N LEU Q 173 52.83 -11.23 31.69
CA LEU Q 173 51.84 -11.21 32.76
C LEU Q 173 51.00 -12.48 32.83
N ALA Q 174 51.02 -13.32 31.81
CA ALA Q 174 50.20 -14.52 31.75
C ALA Q 174 50.82 -15.72 32.44
N VAL Q 175 52.13 -15.92 32.32
CA VAL Q 175 52.80 -17.10 32.83
C VAL Q 175 53.47 -16.74 34.16
N PRO Q 176 53.04 -17.32 35.27
CA PRO Q 176 53.68 -17.00 36.56
C PRO Q 176 54.91 -17.88 36.81
N GLY Q 177 55.79 -17.37 37.67
CA GLY Q 177 56.99 -18.08 38.04
C GLY Q 177 57.95 -17.21 38.82
N PRO Q 178 59.18 -17.69 39.00
CA PRO Q 178 60.22 -16.87 39.64
C PRO Q 178 60.46 -15.60 38.86
N PRO Q 179 60.75 -14.49 39.55
CA PRO Q 179 60.80 -13.20 38.85
C PRO Q 179 62.14 -12.87 38.22
N GLU Q 180 63.21 -13.56 38.61
CA GLU Q 180 64.53 -13.23 38.05
C GLU Q 180 64.58 -13.51 36.56
N GLN Q 181 64.15 -14.70 36.14
CA GLN Q 181 64.12 -15.00 34.71
C GLN Q 181 63.07 -14.15 34.01
N ARG Q 182 61.95 -13.89 34.67
CA ARG Q 182 60.93 -13.02 34.10
C ARG Q 182 61.45 -11.61 33.84
N ARG Q 183 62.45 -11.17 34.59
CA ARG Q 183 63.09 -9.88 34.35
C ARG Q 183 64.16 -9.98 33.27
N VAL Q 184 65.02 -10.98 33.36
CA VAL Q 184 66.15 -11.09 32.43
C VAL Q 184 65.64 -11.29 31.00
N LEU Q 185 64.65 -12.17 30.83
CA LEU Q 185 64.11 -12.43 29.50
C LEU Q 185 63.47 -11.18 28.92
N PHE Q 186 62.72 -10.44 29.75
CA PHE Q 186 62.08 -9.21 29.27
C PHE Q 186 63.12 -8.20 28.82
N GLU Q 187 64.17 -8.00 29.63
CA GLU Q 187 65.21 -7.05 29.24
C GLU Q 187 65.89 -7.48 27.94
N SER Q 188 66.19 -8.77 27.81
CA SER Q 188 66.85 -9.25 26.60
C SER Q 188 65.98 -9.03 25.37
N LEU Q 189 64.70 -9.40 25.45
CA LEU Q 189 63.82 -9.26 24.29
C LEU Q 189 63.63 -7.81 23.91
N LEU Q 190 63.45 -6.93 24.90
CA LEU Q 190 63.39 -5.50 24.59
C LEU Q 190 64.68 -5.02 23.94
N GLN Q 191 65.81 -5.61 24.33
CA GLN Q 191 67.08 -5.24 23.70
C GLN Q 191 67.11 -5.64 22.24
N ASP Q 192 66.65 -6.86 21.91
CA ASP Q 192 66.59 -7.25 20.50
C ASP Q 192 65.68 -6.30 19.72
N ILE Q 193 64.53 -5.95 20.29
CA ILE Q 193 63.62 -5.05 19.59
C ILE Q 193 64.28 -3.70 19.33
N LEU Q 194 64.95 -3.16 20.35
CA LEU Q 194 65.59 -1.86 20.19
C LEU Q 194 66.71 -1.91 19.17
N ASN Q 195 67.53 -2.97 19.19
CA ASN Q 195 68.62 -3.07 18.22
C ASN Q 195 68.09 -3.16 16.80
N THR Q 196 67.03 -3.95 16.59
CA THR Q 196 66.45 -4.03 15.26
C THR Q 196 65.88 -2.69 14.82
N PHE Q 197 65.23 -1.98 15.74
CA PHE Q 197 64.65 -0.69 15.39
C PHE Q 197 65.74 0.31 14.99
N LYS Q 198 66.83 0.35 15.75
CA LYS Q 198 67.95 1.23 15.39
C LYS Q 198 68.54 0.84 14.04
N LYS Q 199 68.72 -0.46 13.81
CA LYS Q 199 69.28 -0.93 12.55
C LYS Q 199 68.43 -0.46 11.37
N LYS Q 200 67.11 -0.57 11.51
CA LYS Q 200 66.22 -0.12 10.45
C LYS Q 200 66.29 1.40 10.29
N LEU Q 201 66.35 2.12 11.42
CA LEU Q 201 66.32 3.58 11.35
C LEU Q 201 67.56 4.16 10.69
N LYS Q 202 68.70 3.48 10.83
CA LYS Q 202 69.93 4.03 10.26
C LYS Q 202 69.91 4.15 8.74
N LEU Q 203 68.81 3.75 8.11
CA LEU Q 203 68.66 3.83 6.66
C LEU Q 203 67.94 5.10 6.21
N TYR Q 204 67.62 6.00 7.13
CA TYR Q 204 66.74 7.13 6.86
C TYR Q 204 67.38 8.41 7.35
N PRO Q 205 66.98 9.55 6.80
CA PRO Q 205 67.61 10.83 7.17
C PRO Q 205 67.46 11.14 8.65
N VAL Q 206 68.17 12.18 9.09
CA VAL Q 206 68.40 12.42 10.51
C VAL Q 206 67.13 12.79 11.24
N GLU Q 207 66.19 13.48 10.58
CA GLU Q 207 65.01 13.98 11.28
C GLU Q 207 64.15 12.83 11.80
N ALA Q 208 63.98 11.78 11.01
CA ALA Q 208 63.12 10.67 11.43
C ALA Q 208 63.69 9.97 12.66
N GLN Q 209 65.02 10.00 12.81
CA GLN Q 209 65.66 9.38 13.96
C GLN Q 209 65.08 9.94 15.26
N ILE Q 210 65.03 11.25 15.39
CA ILE Q 210 64.59 11.90 16.62
C ILE Q 210 63.18 11.45 16.97
N LEU Q 211 62.25 11.65 16.03
CA LEU Q 211 60.84 11.32 16.28
C LEU Q 211 60.68 9.86 16.68
N TYR Q 212 61.07 8.94 15.79
CA TYR Q 212 60.75 7.54 16.01
C TYR Q 212 61.54 6.95 17.17
N LEU Q 213 62.79 7.39 17.36
CA LEU Q 213 63.57 6.96 18.50
C LEU Q 213 62.90 7.39 19.81
N GLU Q 214 62.43 8.64 19.87
CA GLU Q 214 61.76 9.10 21.07
C GLU Q 214 60.51 8.27 21.36
N ILE Q 215 59.72 8.00 20.31
CA ILE Q 215 58.50 7.21 20.49
C ILE Q 215 58.83 5.83 21.05
N ILE Q 216 59.79 5.14 20.42
CA ILE Q 216 60.07 3.77 20.83
C ILE Q 216 60.68 3.73 22.22
N LEU Q 217 61.57 4.68 22.54
CA LEU Q 217 62.19 4.67 23.86
C LEU Q 217 61.16 4.94 24.94
N GLU Q 218 60.25 5.89 24.70
CA GLU Q 218 59.21 6.14 25.70
C GLU Q 218 58.32 4.92 25.89
N LYS Q 219 57.96 4.24 24.79
CA LYS Q 219 57.12 3.06 24.92
C LYS Q 219 57.79 1.97 25.74
N VAL Q 220 59.06 1.69 25.43
CA VAL Q 220 59.75 0.61 26.13
C VAL Q 220 59.99 0.98 27.60
N GLU Q 221 60.27 2.26 27.87
CA GLU Q 221 60.41 2.71 29.25
C GLU Q 221 59.11 2.52 30.02
N ASP Q 222 57.98 2.88 29.39
CA ASP Q 222 56.68 2.73 30.06
C ASP Q 222 56.38 1.26 30.35
N VAL Q 223 56.62 0.37 29.39
CA VAL Q 223 56.29 -1.03 29.62
C VAL Q 223 57.22 -1.63 30.67
N ARG Q 224 58.49 -1.22 30.67
CA ARG Q 224 59.42 -1.67 31.69
C ARG Q 224 58.97 -1.22 33.07
N LYS Q 225 58.53 0.03 33.18
CA LYS Q 225 58.04 0.54 34.46
C LYS Q 225 56.81 -0.23 34.92
N HIS Q 226 55.89 -0.52 34.01
CA HIS Q 226 54.70 -1.27 34.37
C HIS Q 226 55.08 -2.66 34.89
N PHE Q 227 55.98 -3.35 34.19
CA PHE Q 227 56.38 -4.68 34.62
C PHE Q 227 57.08 -4.64 35.98
N PHE Q 228 57.95 -3.65 36.17
CA PHE Q 228 58.71 -3.58 37.42
C PHE Q 228 57.81 -3.22 38.59
N GLU Q 229 56.77 -2.43 38.35
CA GLU Q 229 55.77 -2.19 39.37
C GLU Q 229 54.95 -3.45 39.65
N LYS Q 230 54.71 -4.24 38.60
CA LYS Q 230 53.91 -5.45 38.77
C LYS Q 230 54.61 -6.47 39.64
N TYR Q 231 55.86 -6.81 39.32
CA TYR Q 231 56.47 -7.98 39.95
C TYR Q 231 56.85 -7.67 41.39
N PHE Q 232 57.04 -6.39 41.72
CA PHE Q 232 57.36 -5.99 43.07
C PHE Q 232 56.18 -6.24 44.01
N ASN R 25 -81.56 36.45 31.42
CA ASN R 25 -80.46 37.21 30.84
C ASN R 25 -79.39 36.28 30.27
N PRO R 26 -78.91 36.59 29.07
CA PRO R 26 -77.96 35.67 28.40
C PRO R 26 -76.70 35.39 29.18
N LEU R 27 -76.18 36.37 29.92
CA LEU R 27 -74.88 36.22 30.57
C LEU R 27 -74.92 35.13 31.63
N GLU R 28 -75.97 35.13 32.46
CA GLU R 28 -76.12 34.10 33.49
C GLU R 28 -76.24 32.72 32.87
N LEU R 29 -76.94 32.63 31.73
CA LEU R 29 -77.03 31.36 31.01
C LEU R 29 -75.65 30.92 30.53
N ALA R 30 -74.82 31.87 30.08
CA ALA R 30 -73.46 31.53 29.69
C ALA R 30 -72.68 30.97 30.87
N LEU R 31 -72.78 31.61 32.04
CA LEU R 31 -72.09 31.07 33.21
C LEU R 31 -72.58 29.68 33.57
N GLU R 32 -73.89 29.45 33.56
CA GLU R 32 -74.42 28.16 33.98
C GLU R 32 -74.01 27.06 32.99
N LEU R 33 -74.00 27.38 31.69
CA LEU R 33 -73.49 26.43 30.71
C LEU R 33 -72.03 26.14 30.95
N LYS R 34 -71.23 27.16 31.25
CA LYS R 34 -69.83 26.95 31.57
C LYS R 34 -69.67 25.98 32.74
N GLU R 35 -70.40 26.22 33.82
CA GLU R 35 -70.29 25.37 35.01
C GLU R 35 -70.71 23.94 34.71
N LYS R 36 -71.81 23.78 33.98
CA LYS R 36 -72.26 22.45 33.58
C LYS R 36 -71.18 21.73 32.80
N VAL R 37 -70.53 22.44 31.88
CA VAL R 37 -69.48 21.81 31.09
C VAL R 37 -68.28 21.45 31.95
N GLU R 38 -67.94 22.28 32.93
CA GLU R 38 -66.77 22.00 33.75
C GLU R 38 -66.97 20.73 34.56
N LYS R 39 -68.10 20.60 35.27
CA LYS R 39 -68.34 19.34 35.97
C LYS R 39 -68.58 18.16 35.02
N ALA R 40 -69.11 18.42 33.83
CA ALA R 40 -69.21 17.32 32.87
C ALA R 40 -67.83 16.80 32.49
N ILE R 41 -66.89 17.70 32.22
CA ILE R 41 -65.53 17.29 31.88
C ILE R 41 -64.88 16.58 33.07
N LYS R 42 -65.09 17.11 34.27
CA LYS R 42 -64.52 16.51 35.47
C LYS R 42 -65.04 15.10 35.68
N GLU R 43 -66.34 14.89 35.47
CA GLU R 43 -66.93 13.56 35.60
C GLU R 43 -66.38 12.62 34.53
N ILE R 44 -66.27 13.10 33.29
CA ILE R 44 -65.85 12.24 32.19
C ILE R 44 -64.39 11.82 32.37
N LEU R 45 -63.53 12.76 32.76
CA LEU R 45 -62.10 12.44 32.90
C LEU R 45 -61.87 11.42 34.00
N GLU R 46 -62.79 11.34 34.97
CA GLU R 46 -62.64 10.39 36.06
C GLU R 46 -62.75 8.94 35.59
N ASN R 47 -63.47 8.70 34.50
CA ASN R 47 -63.73 7.33 34.06
C ASN R 47 -62.43 6.64 33.68
N PRO R 48 -62.26 5.37 34.06
CA PRO R 48 -61.00 4.67 33.72
C PRO R 48 -60.88 4.32 32.25
N ASN R 49 -61.97 3.91 31.61
CA ASN R 49 -61.91 3.46 30.22
C ASN R 49 -61.61 4.63 29.30
N ILE R 50 -60.58 4.48 28.46
CA ILE R 50 -60.17 5.56 27.57
C ILE R 50 -61.19 5.75 26.46
N GLU R 51 -61.64 4.65 25.85
CA GLU R 51 -62.61 4.76 24.75
C GLU R 51 -63.91 5.39 25.23
N THR R 52 -64.35 5.03 26.44
CA THR R 52 -65.51 5.69 27.02
C THR R 52 -65.26 7.18 27.19
N ARG R 53 -64.07 7.55 27.63
CA ARG R 53 -63.74 8.97 27.78
C ARG R 53 -63.88 9.70 26.44
N ILE R 54 -63.33 9.10 25.38
CA ILE R 54 -63.38 9.73 24.05
C ILE R 54 -64.82 9.88 23.59
N LEU R 55 -65.61 8.81 23.72
CA LEU R 55 -66.99 8.87 23.24
C LEU R 55 -67.82 9.88 24.03
N ARG R 56 -67.67 9.90 25.36
CA ARG R 56 -68.42 10.86 26.16
C ARG R 56 -67.98 12.28 25.86
N LEU R 57 -66.69 12.50 25.57
CA LEU R 57 -66.25 13.84 25.21
C LEU R 57 -66.88 14.27 23.88
N LYS R 58 -66.96 13.36 22.91
CA LYS R 58 -67.59 13.73 21.64
C LYS R 58 -69.07 14.05 21.83
N GLU R 59 -69.78 13.22 22.60
CA GLU R 59 -71.19 13.51 22.85
C GLU R 59 -71.36 14.82 23.62
N LEU R 60 -70.45 15.11 24.54
CA LEU R 60 -70.49 16.37 25.26
C LEU R 60 -70.28 17.55 24.32
N LEU R 61 -69.39 17.40 23.35
CA LEU R 61 -69.18 18.46 22.36
C LEU R 61 -70.46 18.70 21.56
N ASP R 62 -71.11 17.62 21.12
CA ASP R 62 -72.36 17.79 20.37
C ASP R 62 -73.44 18.44 21.22
N GLU R 63 -73.56 18.02 22.49
CA GLU R 63 -74.55 18.61 23.38
C GLU R 63 -74.23 20.08 23.63
N VAL R 64 -72.96 20.43 23.73
CA VAL R 64 -72.56 21.81 23.92
C VAL R 64 -72.98 22.64 22.70
N LEU R 65 -72.77 22.10 21.50
CA LEU R 65 -73.21 22.79 20.29
C LEU R 65 -74.71 23.05 20.32
N HIS R 66 -75.49 22.02 20.65
CA HIS R 66 -76.93 22.20 20.74
C HIS R 66 -77.29 23.19 21.84
N ALA R 67 -76.46 23.31 22.87
CA ALA R 67 -76.70 24.28 23.93
C ALA R 67 -76.51 25.70 23.42
N ILE R 68 -75.39 25.97 22.72
CA ILE R 68 -75.18 27.30 22.15
C ILE R 68 -76.28 27.63 21.15
N ALA R 69 -76.81 26.60 20.48
CA ALA R 69 -77.88 26.83 19.50
C ALA R 69 -79.06 27.56 20.14
N LEU R 70 -79.46 27.16 21.34
CA LEU R 70 -80.60 27.80 21.99
C LEU R 70 -80.17 29.04 22.76
N ILE R 71 -78.91 29.12 23.15
CA ILE R 71 -78.45 30.24 23.99
C ILE R 71 -78.52 31.53 23.19
N PRO R 72 -79.12 32.59 23.72
CA PRO R 72 -79.09 33.87 23.00
C PRO R 72 -77.67 34.37 22.84
N GLN R 73 -77.42 34.99 21.68
CA GLN R 73 -76.06 35.36 21.29
C GLN R 73 -75.92 36.87 21.26
N ASN R 74 -74.90 37.39 21.93
CA ASN R 74 -74.59 38.81 21.93
C ASN R 74 -73.10 38.96 22.16
N GLU R 75 -72.66 40.19 22.45
CA GLU R 75 -71.24 40.49 22.59
C GLU R 75 -70.59 39.76 23.76
N GLU R 76 -71.22 39.82 24.95
CA GLU R 76 -70.55 39.36 26.15
C GLU R 76 -70.49 37.83 26.23
N THR R 77 -71.53 37.15 25.74
CA THR R 77 -71.55 35.69 25.87
C THR R 77 -70.60 35.02 24.88
N ARG R 78 -70.32 35.67 23.76
CA ARG R 78 -69.52 35.05 22.70
C ARG R 78 -68.13 34.61 23.18
N PRO R 79 -67.35 35.45 23.88
CA PRO R 79 -66.06 34.95 24.38
C PRO R 79 -66.21 33.77 25.32
N ILE R 80 -67.23 33.77 26.19
CA ILE R 80 -67.43 32.68 27.12
C ILE R 80 -67.68 31.37 26.36
N LEU R 81 -68.54 31.43 25.35
CA LEU R 81 -68.78 30.25 24.54
C LEU R 81 -67.51 29.78 23.83
N VAL R 82 -66.69 30.73 23.36
CA VAL R 82 -65.44 30.35 22.70
C VAL R 82 -64.55 29.60 23.69
N ARG R 83 -64.41 30.13 24.91
CA ARG R 83 -63.57 29.48 25.91
C ARG R 83 -64.07 28.07 26.24
N VAL R 84 -65.38 27.91 26.42
CA VAL R 84 -65.87 26.59 26.83
C VAL R 84 -65.70 25.59 25.69
N VAL R 85 -65.96 25.99 24.45
CA VAL R 85 -65.76 25.08 23.33
C VAL R 85 -64.28 24.71 23.19
N VAL R 86 -63.39 25.69 23.35
CA VAL R 86 -61.96 25.42 23.27
C VAL R 86 -61.54 24.45 24.36
N GLU R 87 -62.08 24.62 25.57
CA GLU R 87 -61.76 23.73 26.67
C GLU R 87 -62.16 22.30 26.35
N VAL R 88 -63.39 22.12 25.85
CA VAL R 88 -63.85 20.78 25.50
C VAL R 88 -62.95 20.18 24.43
N MET R 89 -62.62 20.97 23.41
CA MET R 89 -61.82 20.45 22.31
C MET R 89 -60.43 20.03 22.77
N GLU R 90 -59.77 20.86 23.59
CA GLU R 90 -58.41 20.51 24.00
C GLU R 90 -58.42 19.33 24.95
N ALA R 91 -59.45 19.22 25.80
CA ALA R 91 -59.58 18.04 26.64
C ALA R 91 -59.72 16.78 25.80
N LEU R 92 -60.53 16.86 24.74
CA LEU R 92 -60.70 15.70 23.86
C LEU R 92 -59.39 15.36 23.14
N LEU R 93 -58.66 16.38 22.68
CA LEU R 93 -57.39 16.11 22.00
C LEU R 93 -56.42 15.41 22.93
N HIS R 94 -56.31 15.89 24.17
CA HIS R 94 -55.41 15.26 25.12
C HIS R 94 -55.85 13.82 25.42
N ALA R 95 -57.15 13.60 25.58
CA ALA R 95 -57.65 12.26 25.88
C ALA R 95 -57.38 11.30 24.73
N VAL R 96 -57.55 11.78 23.50
CA VAL R 96 -57.33 10.96 22.31
C VAL R 96 -55.85 10.63 22.19
N LEU R 97 -55.00 11.58 22.56
CA LEU R 97 -53.56 11.36 22.51
C LEU R 97 -53.08 10.30 23.49
N ASP R 98 -53.88 9.95 24.49
CA ASP R 98 -53.41 9.02 25.52
C ASP R 98 -53.39 7.58 25.02
N GLY R 99 -54.55 7.06 24.65
CA GLY R 99 -54.62 5.66 24.24
C GLY R 99 -55.76 5.40 23.30
N GLY R 100 -55.74 4.22 22.69
CA GLY R 100 -56.77 3.82 21.75
C GLY R 100 -56.22 3.43 20.40
N GLU R 101 -57.03 2.76 19.59
CA GLU R 101 -56.61 2.40 18.24
C GLU R 101 -56.47 3.67 17.39
N PRO R 102 -55.43 3.73 16.55
CA PRO R 102 -55.21 4.96 15.77
C PRO R 102 -56.37 5.34 14.87
N LEU R 103 -56.91 4.39 14.10
CA LEU R 103 -57.94 4.73 13.12
C LEU R 103 -59.21 5.25 13.77
N LEU R 104 -59.65 4.59 14.85
CA LEU R 104 -60.84 5.05 15.54
C LEU R 104 -60.64 6.44 16.13
N ASN R 105 -59.46 6.69 16.70
CA ASN R 105 -59.15 8.00 17.24
C ASN R 105 -59.19 9.06 16.15
N LEU R 106 -58.64 8.74 14.98
CA LEU R 106 -58.61 9.70 13.88
C LEU R 106 -60.02 10.00 13.39
N LYS R 107 -60.86 8.98 13.27
CA LYS R 107 -62.24 9.22 12.82
C LYS R 107 -63.02 10.06 13.82
N VAL R 108 -62.87 9.76 15.11
CA VAL R 108 -63.53 10.57 16.14
C VAL R 108 -63.00 12.00 16.10
N LEU R 109 -61.70 12.17 15.84
CA LEU R 109 -61.13 13.50 15.73
C LEU R 109 -61.75 14.26 14.57
N LEU R 110 -61.93 13.59 13.44
CA LEU R 110 -62.52 14.24 12.27
C LEU R 110 -63.95 14.69 12.57
N GLU R 111 -64.75 13.81 13.17
CA GLU R 111 -66.13 14.17 13.49
C GLU R 111 -66.18 15.31 14.50
N ALA R 112 -65.34 15.27 15.52
CA ALA R 112 -65.31 16.33 16.52
C ALA R 112 -64.84 17.64 15.91
N PHE R 113 -63.91 17.59 14.96
CA PHE R 113 -63.47 18.82 14.31
C PHE R 113 -64.58 19.41 13.45
N LYS R 114 -65.36 18.57 12.79
CA LYS R 114 -66.52 19.07 12.06
C LYS R 114 -67.50 19.76 13.00
N THR R 115 -67.77 19.14 14.15
CA THR R 115 -68.64 19.77 15.14
C THR R 115 -68.05 21.08 15.65
N PHE R 116 -66.74 21.12 15.83
CA PHE R 116 -66.05 22.32 16.29
C PHE R 116 -66.21 23.46 15.28
N ILE R 117 -66.07 23.14 14.00
CA ILE R 117 -66.24 24.14 12.95
C ILE R 117 -67.68 24.66 12.95
N ALA R 118 -68.65 23.75 13.09
CA ALA R 118 -70.04 24.18 13.13
C ALA R 118 -70.30 25.10 14.32
N ALA R 119 -69.75 24.75 15.48
CA ALA R 119 -69.93 25.58 16.67
C ALA R 119 -69.30 26.96 16.48
N LEU R 120 -68.09 27.01 15.92
CA LEU R 120 -67.45 28.30 15.69
C LEU R 120 -68.25 29.13 14.70
N LYS R 121 -68.87 28.47 13.71
CA LYS R 121 -69.70 29.20 12.76
C LYS R 121 -70.93 29.81 13.44
N THR R 122 -71.62 29.02 14.26
CA THR R 122 -72.88 29.51 14.83
C THR R 122 -72.63 30.53 15.92
N ILE R 123 -71.49 30.45 16.61
CA ILE R 123 -71.21 31.39 17.69
C ILE R 123 -71.06 32.80 17.16
N GLY R 124 -70.36 32.97 16.04
CA GLY R 124 -69.96 34.30 15.62
C GLY R 124 -68.58 34.59 16.14
N PHE R 125 -67.91 35.63 15.62
CA PHE R 125 -66.50 35.80 15.92
C PHE R 125 -66.09 37.25 15.67
N SER R 126 -65.77 37.96 16.75
CA SER R 126 -65.46 39.38 16.64
C SER R 126 -64.04 39.74 17.09
N THR R 127 -63.67 39.37 18.31
CA THR R 127 -62.44 39.91 18.89
C THR R 127 -61.22 39.10 18.46
N GLU R 128 -60.05 39.74 18.57
CA GLU R 128 -58.81 39.12 18.11
C GLU R 128 -58.36 37.99 19.01
N GLU R 129 -58.63 38.08 20.31
CA GLU R 129 -58.21 37.04 21.24
C GLU R 129 -58.84 35.70 20.88
N GLU R 130 -60.13 35.72 20.53
CA GLU R 130 -60.80 34.49 20.11
C GLU R 130 -60.19 33.96 18.83
N ARG R 131 -59.80 34.85 17.92
CA ARG R 131 -59.16 34.42 16.68
C ARG R 131 -57.86 33.70 16.96
N LEU R 132 -57.04 34.28 17.85
CA LEU R 132 -55.78 33.64 18.21
C LEU R 132 -56.00 32.31 18.89
N GLU R 133 -57.00 32.23 19.78
CA GLU R 133 -57.28 30.98 20.47
C GLU R 133 -57.74 29.90 19.49
N ALA R 134 -58.62 30.26 18.56
CA ALA R 134 -59.09 29.31 17.57
C ALA R 134 -57.95 28.84 16.67
N TYR R 135 -57.06 29.76 16.28
CA TYR R 135 -55.93 29.37 15.44
C TYR R 135 -54.98 28.44 16.19
N ARG R 136 -54.77 28.71 17.48
CA ARG R 136 -53.96 27.81 18.30
C ARG R 136 -54.59 26.42 18.38
N VAL R 137 -55.92 26.38 18.55
CA VAL R 137 -56.61 25.09 18.59
C VAL R 137 -56.45 24.36 17.27
N LEU R 138 -56.54 25.09 16.16
CA LEU R 138 -56.38 24.46 14.85
C LEU R 138 -54.99 23.88 14.68
N THR R 139 -53.97 24.63 15.10
CA THR R 139 -52.59 24.12 15.01
C THR R 139 -52.41 22.88 15.87
N LEU R 140 -52.98 22.90 17.08
CA LEU R 140 -52.90 21.74 17.96
C LEU R 140 -53.57 20.53 17.32
N PHE R 141 -54.75 20.74 16.72
CA PHE R 141 -55.45 19.66 16.04
C PHE R 141 -54.63 19.09 14.90
N VAL R 142 -54.02 19.96 14.10
CA VAL R 142 -53.24 19.49 12.95
C VAL R 142 -52.05 18.67 13.43
N HIS R 143 -51.33 19.17 14.43
CA HIS R 143 -50.16 18.46 14.93
C HIS R 143 -50.55 17.11 15.52
N THR R 144 -51.61 17.07 16.30
CA THR R 144 -52.05 15.82 16.92
C THR R 144 -52.50 14.82 15.87
N PHE R 145 -53.26 15.28 14.87
CA PHE R 145 -53.73 14.39 13.81
C PHE R 145 -52.55 13.81 13.04
N ILE R 146 -51.57 14.65 12.70
CA ILE R 146 -50.40 14.15 11.98
C ILE R 146 -49.67 13.12 12.81
N PHE R 147 -49.44 13.42 14.09
CA PHE R 147 -48.67 12.53 14.96
C PHE R 147 -49.36 11.17 15.09
N ILE R 148 -50.68 11.18 15.27
CA ILE R 148 -51.41 9.93 15.41
C ILE R 148 -51.42 9.16 14.10
N SER R 149 -51.59 9.86 12.98
CA SER R 149 -51.74 9.18 11.70
C SER R 149 -50.41 8.69 11.15
N ARG R 150 -49.30 9.07 11.79
CA ARG R 150 -47.99 8.56 11.38
C ARG R 150 -47.94 7.04 11.28
N THR R 151 -48.63 6.33 12.17
CA THR R 151 -48.40 4.90 12.32
C THR R 151 -49.16 4.05 11.31
N LEU R 152 -50.12 4.61 10.58
CA LEU R 152 -50.96 3.81 9.70
C LEU R 152 -50.18 3.33 8.48
N ASN R 153 -50.85 2.50 7.68
CA ASN R 153 -50.30 2.07 6.40
C ASN R 153 -50.52 3.17 5.35
N LEU R 154 -50.16 2.85 4.11
CA LEU R 154 -50.10 3.88 3.07
C LEU R 154 -51.49 4.38 2.69
N GLU R 155 -52.42 3.47 2.40
CA GLU R 155 -53.72 3.87 1.86
C GLU R 155 -54.53 4.64 2.88
N GLU R 156 -54.58 4.15 4.12
CA GLU R 156 -55.28 4.88 5.17
C GLU R 156 -54.62 6.23 5.42
N PHE R 157 -53.30 6.29 5.33
CA PHE R 157 -52.58 7.56 5.46
C PHE R 157 -53.06 8.55 4.41
N LEU R 158 -53.12 8.12 3.15
CA LEU R 158 -53.59 9.00 2.08
C LEU R 158 -55.00 9.47 2.36
N LYS R 159 -55.89 8.54 2.73
CA LYS R 159 -57.28 8.90 2.95
C LYS R 159 -57.41 9.95 4.05
N VAL R 160 -56.80 9.68 5.21
CA VAL R 160 -56.95 10.59 6.35
C VAL R 160 -56.30 11.94 6.05
N LEU R 161 -55.19 11.94 5.31
CA LEU R 161 -54.55 13.20 4.97
C LEU R 161 -55.44 14.04 4.06
N LEU R 162 -56.08 13.41 3.07
CA LEU R 162 -56.97 14.16 2.19
C LEU R 162 -58.16 14.72 2.97
N GLU R 163 -58.74 13.93 3.87
CA GLU R 163 -59.83 14.45 4.69
C GLU R 163 -59.35 15.61 5.57
N LEU R 164 -58.14 15.51 6.10
CA LEU R 164 -57.59 16.58 6.93
C LEU R 164 -57.43 17.86 6.13
N ILE R 165 -56.93 17.75 4.90
CA ILE R 165 -56.75 18.93 4.06
C ILE R 165 -58.11 19.57 3.75
N GLU R 166 -59.09 18.75 3.42
CA GLU R 166 -60.43 19.29 3.15
C GLU R 166 -61.00 20.00 4.36
N LEU R 167 -60.85 19.41 5.55
CA LEU R 167 -61.36 20.06 6.76
C LEU R 167 -60.59 21.33 7.08
N LEU R 168 -59.29 21.36 6.76
CA LEU R 168 -58.53 22.60 6.91
C LEU R 168 -59.12 23.70 6.04
N GLU R 169 -59.45 23.35 4.79
CA GLU R 169 -60.07 24.33 3.89
C GLU R 169 -61.39 24.83 4.45
N GLU R 170 -62.22 23.90 4.96
CA GLU R 170 -63.51 24.31 5.52
C GLU R 170 -63.33 25.23 6.72
N PHE R 171 -62.42 24.88 7.64
CA PHE R 171 -62.22 25.73 8.80
C PHE R 171 -61.72 27.11 8.41
N PHE R 172 -60.77 27.18 7.49
CA PHE R 172 -60.27 28.48 7.06
C PHE R 172 -61.31 29.28 6.28
N LEU R 173 -62.31 28.62 5.72
CA LEU R 173 -63.48 29.32 5.19
C LEU R 173 -64.52 29.65 6.25
N ALA R 174 -64.42 29.09 7.45
CA ALA R 174 -65.42 29.29 8.49
C ALA R 174 -65.16 30.51 9.36
N VAL R 175 -63.90 30.80 9.71
CA VAL R 175 -63.56 31.86 10.66
C VAL R 175 -63.15 33.08 9.86
N PRO R 176 -63.87 34.20 9.93
CA PRO R 176 -63.45 35.40 9.21
C PRO R 176 -62.40 36.19 9.95
N GLY R 177 -61.58 36.90 9.19
CA GLY R 177 -60.51 37.71 9.74
C GLY R 177 -59.60 38.30 8.68
N PRO R 178 -58.52 38.94 9.12
CA PRO R 178 -57.54 39.49 8.18
C PRO R 178 -56.93 38.40 7.32
N PRO R 179 -56.66 38.67 6.04
CA PRO R 179 -56.25 37.59 5.13
C PRO R 179 -54.78 37.20 5.22
N GLU R 180 -53.91 38.08 5.73
CA GLU R 180 -52.49 37.74 5.77
C GLU R 180 -52.23 36.54 6.69
N GLN R 181 -52.84 36.54 7.88
CA GLN R 181 -52.69 35.40 8.76
C GLN R 181 -53.39 34.16 8.19
N ARG R 182 -54.55 34.36 7.56
CA ARG R 182 -55.24 33.26 6.92
C ARG R 182 -54.42 32.62 5.81
N ARG R 183 -53.50 33.37 5.21
CA ARG R 183 -52.60 32.82 4.21
C ARG R 183 -51.38 32.15 4.84
N VAL R 184 -50.74 32.83 5.79
CA VAL R 184 -49.52 32.30 6.38
C VAL R 184 -49.79 31.00 7.13
N LEU R 185 -50.87 30.97 7.90
CA LEU R 185 -51.20 29.77 8.66
C LEU R 185 -51.51 28.60 7.73
N PHE R 186 -52.26 28.86 6.66
CA PHE R 186 -52.58 27.81 5.71
C PHE R 186 -51.32 27.26 5.06
N GLU R 187 -50.42 28.15 4.64
CA GLU R 187 -49.18 27.69 4.02
C GLU R 187 -48.35 26.85 4.99
N SER R 188 -48.26 27.29 6.24
CA SER R 188 -47.47 26.55 7.22
C SER R 188 -48.07 25.17 7.48
N LEU R 189 -49.39 25.09 7.62
CA LEU R 189 -50.02 23.80 7.88
C LEU R 189 -49.88 22.85 6.69
N LEU R 190 -50.06 23.38 5.47
CA LEU R 190 -49.87 22.54 4.30
C LEU R 190 -48.44 22.05 4.19
N GLN R 191 -47.48 22.92 4.55
CA GLN R 191 -46.09 22.50 4.53
C GLN R 191 -45.83 21.40 5.56
N ASP R 192 -46.43 21.52 6.73
CA ASP R 192 -46.31 20.45 7.74
C ASP R 192 -46.83 19.13 7.21
N ILE R 193 -48.01 19.15 6.58
CA ILE R 193 -48.60 17.93 6.04
C ILE R 193 -47.70 17.34 4.97
N LEU R 194 -47.17 18.20 4.08
CA LEU R 194 -46.31 17.70 3.01
C LEU R 194 -45.03 17.09 3.56
N ASN R 195 -44.42 17.72 4.57
CA ASN R 195 -43.21 17.16 5.16
C ASN R 195 -43.48 15.81 5.79
N THR R 196 -44.60 15.68 6.52
CA THR R 196 -44.92 14.39 7.11
C THR R 196 -45.16 13.33 6.03
N PHE R 197 -45.85 13.70 4.96
CA PHE R 197 -46.12 12.74 3.89
C PHE R 197 -44.83 12.26 3.23
N LYS R 198 -43.91 13.19 2.96
CA LYS R 198 -42.62 12.79 2.39
C LYS R 198 -41.86 11.89 3.34
N LYS R 199 -41.86 12.24 4.64
CA LYS R 199 -41.16 11.44 5.63
C LYS R 199 -41.68 10.02 5.65
N LYS R 200 -43.00 9.86 5.58
CA LYS R 200 -43.58 8.51 5.57
C LYS R 200 -43.26 7.79 4.27
N LEU R 201 -43.34 8.50 3.14
CA LEU R 201 -43.10 7.86 1.85
C LEU R 201 -41.67 7.37 1.71
N LYS R 202 -40.73 8.01 2.38
CA LYS R 202 -39.33 7.62 2.25
C LYS R 202 -39.06 6.21 2.78
N LEU R 203 -40.09 5.52 3.28
CA LEU R 203 -39.96 4.16 3.79
C LEU R 203 -40.36 3.10 2.76
N TYR R 204 -40.66 3.50 1.54
CA TYR R 204 -41.25 2.62 0.55
C TYR R 204 -40.48 2.68 -0.75
N PRO R 205 -40.57 1.63 -1.58
CA PRO R 205 -39.82 1.59 -2.83
C PRO R 205 -40.15 2.77 -3.75
N VAL R 206 -39.32 2.93 -4.78
CA VAL R 206 -39.31 4.15 -5.57
C VAL R 206 -40.60 4.34 -6.35
N GLU R 207 -41.25 3.24 -6.75
CA GLU R 207 -42.40 3.36 -7.64
C GLU R 207 -43.57 4.04 -6.94
N ALA R 208 -43.81 3.70 -5.67
CA ALA R 208 -44.94 4.29 -4.95
C ALA R 208 -44.76 5.79 -4.74
N GLN R 209 -43.50 6.23 -4.68
CA GLN R 209 -43.21 7.65 -4.53
C GLN R 209 -43.92 8.46 -5.60
N ILE R 210 -43.78 8.06 -6.86
CA ILE R 210 -44.33 8.80 -7.98
C ILE R 210 -45.84 8.97 -7.81
N LEU R 211 -46.54 7.84 -7.65
CA LEU R 211 -47.99 7.86 -7.56
C LEU R 211 -48.46 8.74 -6.41
N TYR R 212 -48.06 8.40 -5.18
CA TYR R 212 -48.65 9.08 -4.04
C TYR R 212 -48.17 10.52 -3.92
N LEU R 213 -46.92 10.80 -4.29
CA LEU R 213 -46.44 12.18 -4.33
C LEU R 213 -47.25 13.00 -5.30
N GLU R 214 -47.53 12.46 -6.49
CA GLU R 214 -48.35 13.20 -7.45
C GLU R 214 -49.74 13.49 -6.89
N ILE R 215 -50.36 12.47 -6.27
CA ILE R 215 -51.71 12.67 -5.73
C ILE R 215 -51.71 13.79 -4.70
N ILE R 216 -50.79 13.72 -3.74
CA ILE R 216 -50.79 14.70 -2.66
C ILE R 216 -50.46 16.09 -3.17
N LEU R 217 -49.51 16.20 -4.10
CA LEU R 217 -49.14 17.52 -4.62
C LEU R 217 -50.30 18.14 -5.39
N GLU R 218 -51.01 17.35 -6.20
CA GLU R 218 -52.16 17.90 -6.91
C GLU R 218 -53.24 18.35 -5.94
N LYS R 219 -53.51 17.56 -4.89
CA LYS R 219 -54.52 17.98 -3.93
C LYS R 219 -54.13 19.27 -3.24
N VAL R 220 -52.85 19.38 -2.85
CA VAL R 220 -52.38 20.59 -2.17
C VAL R 220 -52.50 21.80 -3.09
N GLU R 221 -52.09 21.64 -4.34
CA GLU R 221 -52.16 22.76 -5.29
C GLU R 221 -53.61 23.18 -5.52
N ASP R 222 -54.52 22.21 -5.63
CA ASP R 222 -55.92 22.53 -5.85
C ASP R 222 -56.50 23.30 -4.67
N VAL R 223 -56.25 22.85 -3.45
CA VAL R 223 -56.83 23.53 -2.30
C VAL R 223 -56.22 24.92 -2.14
N ARG R 224 -54.92 25.05 -2.42
CA ARG R 224 -54.28 26.36 -2.37
C ARG R 224 -54.90 27.30 -3.38
N LYS R 225 -55.15 26.82 -4.60
CA LYS R 225 -55.77 27.65 -5.63
C LYS R 225 -57.17 28.07 -5.22
N HIS R 226 -57.94 27.14 -4.66
CA HIS R 226 -59.29 27.47 -4.21
C HIS R 226 -59.26 28.57 -3.15
N PHE R 227 -58.37 28.44 -2.16
CA PHE R 227 -58.30 29.45 -1.10
C PHE R 227 -57.86 30.79 -1.67
N PHE R 228 -56.87 30.78 -2.57
CA PHE R 228 -56.33 32.03 -3.08
C PHE R 228 -57.35 32.73 -3.98
N GLU R 229 -58.19 31.96 -4.66
CA GLU R 229 -59.31 32.56 -5.38
C GLU R 229 -60.35 33.10 -4.41
N LYS R 230 -60.54 32.41 -3.28
CA LYS R 230 -61.56 32.84 -2.33
C LYS R 230 -61.19 34.20 -1.72
N TYR R 231 -59.97 34.33 -1.18
CA TYR R 231 -59.69 35.50 -0.36
C TYR R 231 -59.54 36.75 -1.22
N PHE R 232 -59.22 36.57 -2.50
CA PHE R 232 -59.08 37.69 -3.42
C PHE R 232 -60.44 38.35 -3.65
N ASN S 25 41.91 -40.32 -32.59
CA ASN S 25 43.26 -40.74 -32.22
C ASN S 25 44.04 -39.56 -31.64
N PRO S 26 44.71 -39.79 -30.51
CA PRO S 26 45.40 -38.69 -29.82
C PRO S 26 46.45 -37.97 -30.65
N LEU S 27 47.14 -38.69 -31.54
CA LEU S 27 48.22 -38.08 -32.31
C LEU S 27 47.70 -36.95 -33.20
N GLU S 28 46.57 -37.18 -33.87
CA GLU S 28 46.00 -36.15 -34.73
C GLU S 28 45.59 -34.93 -33.92
N LEU S 29 45.01 -35.15 -32.74
CA LEU S 29 44.63 -34.03 -31.89
C LEU S 29 45.84 -33.23 -31.44
N ALA S 30 46.92 -33.91 -31.06
CA ALA S 30 48.13 -33.20 -30.66
C ALA S 30 48.70 -32.42 -31.83
N LEU S 31 48.72 -33.01 -33.02
CA LEU S 31 49.23 -32.30 -34.19
C LEU S 31 48.40 -31.07 -34.50
N GLU S 32 47.08 -31.19 -34.47
CA GLU S 32 46.23 -30.04 -34.80
C GLU S 32 46.35 -28.95 -33.75
N LEU S 33 46.51 -29.34 -32.48
CA LEU S 33 46.78 -28.35 -31.44
C LEU S 33 48.10 -27.63 -31.71
N LYS S 34 49.13 -28.38 -32.11
CA LYS S 34 50.39 -27.75 -32.49
C LYS S 34 50.19 -26.72 -33.60
N GLU S 35 49.45 -27.10 -34.65
CA GLU S 35 49.24 -26.19 -35.77
C GLU S 35 48.48 -24.94 -35.35
N LYS S 36 47.41 -25.13 -34.55
CA LYS S 36 46.65 -24.00 -34.05
C LYS S 36 47.55 -23.06 -33.25
N VAL S 37 48.44 -23.62 -32.44
CA VAL S 37 49.34 -22.77 -31.66
C VAL S 37 50.32 -22.03 -32.55
N GLU S 38 50.78 -22.68 -33.62
CA GLU S 38 51.75 -22.02 -34.50
C GLU S 38 51.13 -20.80 -35.18
N LYS S 39 49.96 -20.95 -35.79
CA LYS S 39 49.31 -19.76 -36.34
C LYS S 39 48.86 -18.77 -35.27
N ALA S 40 48.54 -19.24 -34.06
CA ALA S 40 48.23 -18.29 -33.01
C ALA S 40 49.43 -17.41 -32.69
N ILE S 41 50.61 -18.02 -32.55
CA ILE S 41 51.82 -17.26 -32.26
C ILE S 41 52.15 -16.33 -33.43
N LYS S 42 52.01 -16.84 -34.66
CA LYS S 42 52.32 -16.04 -35.84
C LYS S 42 51.41 -14.82 -35.92
N GLU S 43 50.12 -15.00 -35.61
CA GLU S 43 49.19 -13.88 -35.59
C GLU S 43 49.60 -12.88 -34.51
N ILE S 44 49.78 -13.37 -33.28
CA ILE S 44 49.96 -12.46 -32.15
C ILE S 44 51.27 -11.68 -32.27
N LEU S 45 52.32 -12.31 -32.79
CA LEU S 45 53.59 -11.62 -32.94
C LEU S 45 53.48 -10.46 -33.93
N GLU S 46 52.52 -10.53 -34.86
CA GLU S 46 52.37 -9.48 -35.85
C GLU S 46 51.87 -8.17 -35.23
N ASN S 47 51.17 -8.24 -34.10
CA ASN S 47 50.55 -7.06 -33.52
C ASN S 47 51.61 -6.03 -33.14
N PRO S 48 51.37 -4.75 -33.43
CA PRO S 48 52.39 -3.73 -33.11
C PRO S 48 52.51 -3.46 -31.62
N ASN S 49 51.41 -3.49 -30.88
CA ASN S 49 51.44 -3.12 -29.47
C ASN S 49 52.10 -4.23 -28.66
N ILE S 50 53.14 -3.88 -27.90
CA ILE S 50 53.91 -4.87 -27.15
C ILE S 50 53.09 -5.41 -25.97
N GLU S 51 52.38 -4.52 -25.26
CA GLU S 51 51.61 -4.96 -24.12
C GLU S 51 50.52 -5.94 -24.53
N THR S 52 49.85 -5.68 -25.65
CA THR S 52 48.89 -6.63 -26.18
C THR S 52 49.58 -7.96 -26.50
N ARG S 53 50.77 -7.91 -27.09
CA ARG S 53 51.49 -9.15 -27.38
C ARG S 53 51.70 -9.96 -26.12
N ILE S 54 52.16 -9.31 -25.04
CA ILE S 54 52.42 -10.02 -23.80
C ILE S 54 51.14 -10.63 -23.24
N LEU S 55 50.07 -9.82 -23.18
CA LEU S 55 48.84 -10.29 -22.56
C LEU S 55 48.21 -11.43 -23.35
N ARG S 56 48.18 -11.33 -24.67
CA ARG S 56 47.61 -12.40 -25.47
C ARG S 56 48.50 -13.64 -25.47
N LEU S 57 49.81 -13.47 -25.31
CA LEU S 57 50.66 -14.65 -25.15
C LEU S 57 50.34 -15.37 -23.84
N LYS S 58 50.13 -14.61 -22.76
CA LYS S 58 49.74 -15.24 -21.50
C LYS S 58 48.41 -15.97 -21.63
N GLU S 59 47.44 -15.34 -22.29
CA GLU S 59 46.15 -16.00 -22.50
C GLU S 59 46.30 -17.24 -23.37
N LEU S 60 47.17 -17.18 -24.37
CA LEU S 60 47.42 -18.34 -25.21
C LEU S 60 48.03 -19.47 -24.40
N LEU S 61 48.91 -19.15 -23.46
CA LEU S 61 49.48 -20.18 -22.59
C LEU S 61 48.38 -20.83 -21.74
N ASP S 62 47.49 -20.02 -21.18
CA ASP S 62 46.41 -20.58 -20.37
C ASP S 62 45.48 -21.46 -21.22
N GLU S 63 45.15 -20.99 -22.42
CA GLU S 63 44.27 -21.77 -23.30
C GLU S 63 44.96 -23.05 -23.74
N VAL S 64 46.28 -23.01 -23.93
CA VAL S 64 47.04 -24.21 -24.27
C VAL S 64 46.97 -25.21 -23.13
N LEU S 65 47.10 -24.73 -21.89
CA LEU S 65 46.97 -25.60 -20.73
C LEU S 65 45.60 -26.28 -20.71
N HIS S 66 44.54 -25.49 -20.90
CA HIS S 66 43.20 -26.06 -20.92
C HIS S 66 43.02 -27.05 -22.06
N ALA S 67 43.68 -26.80 -23.20
CA ALA S 67 43.61 -27.72 -24.32
C ALA S 67 44.28 -29.04 -23.97
N ILE S 68 45.47 -29.00 -23.37
CA ILE S 68 46.15 -30.22 -22.95
C ILE S 68 45.28 -31.00 -21.97
N ALA S 69 44.58 -30.28 -21.08
CA ALA S 69 43.72 -30.93 -20.10
C ALA S 69 42.74 -31.89 -20.76
N LEU S 70 42.12 -31.47 -21.87
CA LEU S 70 41.15 -32.33 -22.55
C LEU S 70 41.82 -33.36 -23.44
N ILE S 71 43.00 -33.04 -23.98
CA ILE S 71 43.65 -33.93 -24.94
C ILE S 71 44.01 -35.24 -24.24
N PRO S 72 43.69 -36.41 -24.81
CA PRO S 72 44.15 -37.66 -24.23
C PRO S 72 45.68 -37.71 -24.19
N GLN S 73 46.20 -38.29 -23.12
CA GLN S 73 47.63 -38.27 -22.84
C GLN S 73 48.19 -39.67 -22.93
N ASN S 74 49.26 -39.83 -23.72
CA ASN S 74 49.94 -41.11 -23.86
C ASN S 74 51.40 -40.81 -24.23
N GLU S 75 52.12 -41.86 -24.66
CA GLU S 75 53.55 -41.74 -24.93
C GLU S 75 53.84 -40.78 -26.08
N GLU S 76 53.13 -40.93 -27.20
CA GLU S 76 53.52 -40.20 -28.41
C GLU S 76 53.14 -38.73 -28.34
N THR S 77 51.99 -38.41 -27.71
CA THR S 77 51.54 -37.03 -27.67
C THR S 77 52.35 -36.20 -26.68
N ARG S 78 52.94 -36.86 -25.67
CA ARG S 78 53.64 -36.14 -24.60
C ARG S 78 54.77 -35.27 -25.12
N PRO S 79 55.69 -35.75 -25.97
CA PRO S 79 56.72 -34.85 -26.50
C PRO S 79 56.17 -33.69 -27.32
N ILE S 80 55.09 -33.92 -28.07
CA ILE S 80 54.49 -32.85 -28.86
C ILE S 80 53.97 -31.75 -27.94
N LEU S 81 53.28 -32.14 -26.88
CA LEU S 81 52.79 -31.16 -25.91
C LEU S 81 53.95 -30.42 -25.25
N VAL S 82 55.02 -31.15 -24.91
CA VAL S 82 56.19 -30.52 -24.29
C VAL S 82 56.76 -29.44 -25.20
N ARG S 83 56.99 -29.77 -26.48
CA ARG S 83 57.51 -28.75 -27.37
C ARG S 83 56.56 -27.57 -27.50
N VAL S 84 55.29 -27.81 -27.80
CA VAL S 84 54.42 -26.66 -28.08
C VAL S 84 54.39 -25.71 -26.88
N VAL S 85 54.36 -26.27 -25.67
CA VAL S 85 54.42 -25.42 -24.47
C VAL S 85 55.75 -24.68 -24.41
N VAL S 86 56.86 -25.35 -24.76
CA VAL S 86 58.17 -24.71 -24.70
C VAL S 86 58.26 -23.53 -25.67
N GLU S 87 57.80 -23.74 -26.91
CA GLU S 87 57.75 -22.68 -27.90
C GLU S 87 56.91 -21.50 -27.41
N VAL S 88 55.72 -21.77 -26.86
CA VAL S 88 54.91 -20.67 -26.35
C VAL S 88 55.68 -19.89 -25.29
N MET S 89 56.31 -20.60 -24.36
CA MET S 89 57.00 -19.92 -23.27
C MET S 89 58.19 -19.11 -23.76
N GLU S 90 58.98 -19.65 -24.69
CA GLU S 90 60.15 -18.91 -25.14
C GLU S 90 59.74 -17.71 -25.97
N ALA S 91 58.67 -17.84 -26.75
CA ALA S 91 58.14 -16.68 -27.47
C ALA S 91 57.71 -15.59 -26.50
N LEU S 92 57.04 -15.99 -25.40
CA LEU S 92 56.64 -15.00 -24.41
C LEU S 92 57.85 -14.35 -23.75
N LEU S 93 58.88 -15.13 -23.44
CA LEU S 93 60.08 -14.56 -22.83
C LEU S 93 60.73 -13.54 -23.75
N HIS S 94 60.86 -13.88 -25.03
CA HIS S 94 61.46 -12.93 -25.97
C HIS S 94 60.60 -11.68 -26.11
N ALA S 95 59.28 -11.85 -26.16
CA ALA S 95 58.40 -10.68 -26.30
C ALA S 95 58.49 -9.78 -25.08
N VAL S 96 58.58 -10.37 -23.89
CA VAL S 96 58.65 -9.62 -22.64
C VAL S 96 59.97 -8.87 -22.59
N LEU S 97 61.04 -9.50 -23.06
CA LEU S 97 62.35 -8.86 -23.08
C LEU S 97 62.43 -7.63 -23.99
N ASP S 98 61.52 -7.51 -24.97
CA ASP S 98 61.62 -6.43 -25.94
C ASP S 98 61.35 -5.07 -25.30
N GLY S 99 60.26 -4.95 -24.56
CA GLY S 99 59.92 -3.67 -23.96
C GLY S 99 58.75 -3.78 -23.01
N GLY S 100 58.52 -2.67 -22.30
CA GLY S 100 57.44 -2.61 -21.31
C GLY S 100 57.94 -2.21 -19.94
N GLU S 101 57.02 -1.86 -19.04
CA GLU S 101 57.40 -1.52 -17.68
C GLU S 101 57.95 -2.76 -16.97
N PRO S 102 59.06 -2.62 -16.24
CA PRO S 102 59.69 -3.80 -15.65
C PRO S 102 58.79 -4.57 -14.69
N LEU S 103 58.08 -3.88 -13.79
CA LEU S 103 57.33 -4.58 -12.76
C LEU S 103 56.15 -5.35 -13.34
N LEU S 104 55.43 -4.73 -14.29
CA LEU S 104 54.34 -5.43 -14.95
C LEU S 104 54.85 -6.67 -15.69
N ASN S 105 55.99 -6.53 -16.37
CA ASN S 105 56.57 -7.66 -17.07
C ASN S 105 56.93 -8.77 -16.11
N LEU S 106 57.48 -8.41 -14.95
CA LEU S 106 57.86 -9.42 -13.96
C LEU S 106 56.63 -10.15 -13.42
N LYS S 107 55.57 -9.41 -13.14
CA LYS S 107 54.35 -10.05 -12.64
C LYS S 107 53.74 -10.99 -13.68
N VAL S 108 53.70 -10.55 -14.94
CA VAL S 108 53.20 -11.43 -16.00
C VAL S 108 54.09 -12.65 -16.13
N LEU S 109 55.41 -12.47 -15.99
CA LEU S 109 56.32 -13.60 -16.05
C LEU S 109 56.05 -14.59 -14.94
N LEU S 110 55.78 -14.10 -13.73
CA LEU S 110 55.49 -14.99 -12.61
C LEU S 110 54.22 -15.80 -12.87
N GLU S 111 53.16 -15.12 -13.33
CA GLU S 111 51.92 -15.84 -13.61
C GLU S 111 52.11 -16.87 -14.72
N ALA S 112 52.83 -16.49 -15.77
CA ALA S 112 53.07 -17.43 -16.86
C ALA S 112 53.91 -18.61 -16.42
N PHE S 113 54.88 -18.37 -15.53
CA PHE S 113 55.70 -19.47 -15.02
C PHE S 113 54.88 -20.42 -14.17
N LYS S 114 53.95 -19.88 -13.37
CA LYS S 114 53.05 -20.76 -12.62
C LYS S 114 52.21 -21.62 -13.57
N THR S 115 51.69 -21.01 -14.62
CA THR S 115 50.92 -21.78 -15.62
C THR S 115 51.81 -22.83 -16.29
N PHE S 116 53.06 -22.47 -16.57
CA PHE S 116 54.00 -23.40 -17.18
C PHE S 116 54.26 -24.60 -16.29
N ILE S 117 54.43 -24.36 -14.99
CA ILE S 117 54.64 -25.45 -14.04
C ILE S 117 53.41 -26.35 -14.00
N ALA S 118 52.23 -25.75 -13.98
CA ALA S 118 51.01 -26.56 -13.98
C ALA S 118 50.91 -27.41 -15.24
N ALA S 119 51.24 -26.83 -16.39
CA ALA S 119 51.20 -27.58 -17.65
C ALA S 119 52.19 -28.73 -17.65
N LEU S 120 53.41 -28.48 -17.15
CA LEU S 120 54.40 -29.55 -17.07
C LEU S 120 53.93 -30.65 -16.13
N LYS S 121 53.27 -30.28 -15.03
CA LYS S 121 52.77 -31.27 -14.10
C LYS S 121 51.72 -32.16 -14.76
N THR S 122 50.75 -31.55 -15.45
CA THR S 122 49.66 -32.35 -16.01
C THR S 122 50.16 -33.19 -17.19
N ILE S 123 51.11 -32.68 -17.97
CA ILE S 123 51.62 -33.44 -19.10
C ILE S 123 52.38 -34.67 -18.62
N GLY S 124 53.28 -34.51 -17.66
CA GLY S 124 54.14 -35.59 -17.24
C GLY S 124 55.40 -35.67 -18.07
N PHE S 125 56.47 -36.24 -17.51
CA PHE S 125 57.76 -36.31 -18.19
C PHE S 125 58.29 -37.73 -18.14
N SER S 126 58.65 -38.26 -19.30
CA SER S 126 59.20 -39.61 -19.37
C SER S 126 60.63 -39.62 -19.93
N THR S 127 60.83 -39.03 -21.10
CA THR S 127 62.11 -39.14 -21.77
C THR S 127 63.06 -38.01 -21.35
N GLU S 128 64.35 -38.21 -21.63
CA GLU S 128 65.36 -37.26 -21.19
C GLU S 128 65.33 -35.96 -22.00
N GLU S 129 64.93 -36.02 -23.27
CA GLU S 129 64.94 -34.83 -24.11
C GLU S 129 63.99 -33.78 -23.57
N GLU S 130 62.79 -34.19 -23.15
CA GLU S 130 61.85 -33.25 -22.56
C GLU S 130 62.41 -32.64 -21.28
N ARG S 131 63.08 -33.45 -20.47
CA ARG S 131 63.69 -32.94 -19.25
C ARG S 131 64.74 -31.88 -19.57
N LEU S 132 65.60 -32.14 -20.56
CA LEU S 132 66.60 -31.16 -20.92
C LEU S 132 65.96 -29.88 -21.44
N GLU S 133 64.89 -30.01 -22.23
CA GLU S 133 64.19 -28.83 -22.71
C GLU S 133 63.62 -28.01 -21.55
N ALA S 134 63.02 -28.70 -20.57
CA ALA S 134 62.41 -28.00 -19.44
C ALA S 134 63.47 -27.29 -18.60
N TYR S 135 64.60 -27.97 -18.34
CA TYR S 135 65.68 -27.32 -17.60
C TYR S 135 66.26 -26.13 -18.35
N ARG S 136 66.40 -26.25 -19.67
CA ARG S 136 66.87 -25.11 -20.45
C ARG S 136 65.89 -23.93 -20.36
N VAL S 137 64.60 -24.22 -20.44
CA VAL S 137 63.59 -23.17 -20.32
C VAL S 137 63.65 -22.53 -18.94
N LEU S 138 63.87 -23.33 -17.91
CA LEU S 138 63.96 -22.80 -16.55
C LEU S 138 65.16 -21.86 -16.41
N THR S 139 66.31 -22.26 -16.97
CA THR S 139 67.49 -21.40 -16.91
C THR S 139 67.25 -20.10 -17.66
N LEU S 140 66.61 -20.19 -18.83
CA LEU S 140 66.30 -18.99 -19.60
C LEU S 140 65.39 -18.06 -18.80
N PHE S 141 64.36 -18.63 -18.16
CA PHE S 141 63.45 -17.85 -17.36
C PHE S 141 64.17 -17.15 -16.21
N VAL S 142 65.06 -17.88 -15.53
CA VAL S 142 65.77 -17.30 -14.39
C VAL S 142 66.65 -16.14 -14.85
N HIS S 143 67.39 -16.34 -15.93
CA HIS S 143 68.27 -15.29 -16.42
C HIS S 143 67.48 -14.07 -16.86
N THR S 144 66.38 -14.28 -17.57
CA THR S 144 65.56 -13.16 -18.03
C THR S 144 64.96 -12.40 -16.85
N PHE S 145 64.46 -13.14 -15.85
CA PHE S 145 63.86 -12.51 -14.68
C PHE S 145 64.89 -11.66 -13.93
N ILE S 146 66.10 -12.20 -13.75
CA ILE S 146 67.15 -11.44 -13.09
C ILE S 146 67.46 -10.17 -13.87
N PHE S 147 67.63 -10.32 -15.19
CA PHE S 147 68.01 -9.18 -16.02
C PHE S 147 66.96 -8.08 -15.96
N ILE S 148 65.69 -8.45 -16.02
CA ILE S 148 64.63 -7.46 -15.99
C ILE S 148 64.53 -6.82 -14.61
N SER S 149 64.62 -7.63 -13.56
CA SER S 149 64.41 -7.13 -12.21
C SER S 149 65.61 -6.32 -11.73
N ARG S 150 66.70 -6.32 -12.49
CA ARG S 150 67.86 -5.50 -12.14
C ARG S 150 67.52 -4.03 -11.91
N THR S 151 66.55 -3.49 -12.65
CA THR S 151 66.35 -2.04 -12.68
C THR S 151 65.48 -1.53 -11.53
N LEU S 152 64.83 -2.40 -10.77
CA LEU S 152 63.92 -1.95 -9.72
C LEU S 152 64.70 -1.38 -8.54
N ASN S 153 63.95 -0.84 -7.58
CA ASN S 153 64.54 -0.41 -6.31
C ASN S 153 64.55 -1.58 -5.34
N LEU S 154 64.87 -1.29 -4.07
CA LEU S 154 65.24 -2.34 -3.13
C LEU S 154 64.05 -3.23 -2.75
N GLU S 155 62.92 -2.61 -2.39
CA GLU S 155 61.82 -3.38 -1.81
C GLU S 155 61.18 -4.31 -2.84
N GLU S 156 60.85 -3.78 -4.02
CA GLU S 156 60.31 -4.64 -5.07
C GLU S 156 61.33 -5.68 -5.51
N PHE S 157 62.61 -5.32 -5.48
CA PHE S 157 63.65 -6.31 -5.76
C PHE S 157 63.58 -7.48 -4.80
N LEU S 158 63.47 -7.18 -3.50
CA LEU S 158 63.36 -8.22 -2.50
C LEU S 158 62.13 -9.08 -2.75
N LYS S 159 60.99 -8.44 -3.00
CA LYS S 159 59.75 -9.17 -3.21
C LYS S 159 59.85 -10.11 -4.40
N VAL S 160 60.27 -9.59 -5.55
CA VAL S 160 60.32 -10.42 -6.75
C VAL S 160 61.35 -11.52 -6.61
N LEU S 161 62.46 -11.25 -5.93
CA LEU S 161 63.46 -12.30 -5.74
C LEU S 161 62.92 -13.43 -4.87
N LEU S 162 62.20 -13.10 -3.79
CA LEU S 162 61.63 -14.14 -2.95
C LEU S 162 60.58 -14.96 -3.72
N GLU S 163 59.74 -14.29 -4.50
CA GLU S 163 58.77 -15.02 -5.32
C GLU S 163 59.48 -15.93 -6.32
N LEU S 164 60.57 -15.44 -6.92
CA LEU S 164 61.32 -16.26 -7.87
C LEU S 164 61.91 -17.49 -7.19
N ILE S 165 62.45 -17.33 -5.99
CA ILE S 165 63.02 -18.48 -5.27
C ILE S 165 61.94 -19.50 -4.96
N GLU S 166 60.78 -19.02 -4.48
CA GLU S 166 59.70 -19.95 -4.17
C GLU S 166 59.24 -20.70 -5.42
N LEU S 167 59.09 -19.98 -6.54
CA LEU S 167 58.66 -20.64 -7.77
C LEU S 167 59.72 -21.61 -8.27
N LEU S 168 61.00 -21.30 -8.05
CA LEU S 168 62.07 -22.22 -8.38
C LEU S 168 61.92 -23.52 -7.61
N GLU S 169 61.64 -23.41 -6.31
CA GLU S 169 61.43 -24.59 -5.49
C GLU S 169 60.25 -25.40 -6.00
N GLU S 170 59.15 -24.71 -6.34
CA GLU S 170 57.97 -25.40 -6.85
C GLU S 170 58.28 -26.15 -8.15
N PHE S 171 58.97 -25.48 -9.09
CA PHE S 171 59.29 -26.14 -10.34
C PHE S 171 60.19 -27.35 -10.13
N PHE S 172 61.20 -27.21 -9.28
CA PHE S 172 62.08 -28.35 -9.02
C PHE S 172 61.38 -29.47 -8.28
N LEU S 173 60.29 -29.17 -7.59
CA LEU S 173 59.42 -30.22 -7.06
C LEU S 173 58.45 -30.77 -8.09
N ALA S 174 58.26 -30.09 -9.23
CA ALA S 174 57.27 -30.49 -10.22
C ALA S 174 57.78 -31.53 -11.21
N VAL S 175 59.00 -31.39 -11.71
CA VAL S 175 59.52 -32.24 -12.78
C VAL S 175 60.33 -33.36 -12.14
N PRO S 176 59.95 -34.62 -12.31
CA PRO S 176 60.74 -35.72 -11.74
C PRO S 176 61.93 -36.08 -12.61
N GLY S 177 62.97 -36.60 -11.95
CA GLY S 177 64.18 -37.01 -12.64
C GLY S 177 65.29 -37.39 -11.68
N PRO S 178 66.48 -37.60 -12.22
CA PRO S 178 67.66 -37.92 -11.38
C PRO S 178 67.95 -36.77 -10.42
N PRO S 179 68.47 -37.07 -9.23
CA PRO S 179 68.63 -36.02 -8.22
C PRO S 179 69.92 -35.24 -8.35
N GLU S 180 70.94 -35.77 -9.02
CA GLU S 180 72.22 -35.06 -9.10
C GLU S 180 72.08 -33.77 -9.91
N GLN S 181 71.46 -33.86 -11.09
CA GLN S 181 71.19 -32.65 -11.86
C GLN S 181 70.23 -31.73 -11.13
N ARG S 182 69.21 -32.31 -10.47
CA ARG S 182 68.30 -31.54 -9.65
C ARG S 182 69.01 -30.73 -8.58
N ARG S 183 70.12 -31.23 -8.05
CA ARG S 183 70.89 -30.51 -7.05
C ARG S 183 71.81 -29.48 -7.70
N VAL S 184 72.53 -29.87 -8.75
CA VAL S 184 73.51 -28.97 -9.36
C VAL S 184 72.82 -27.74 -9.95
N LEU S 185 71.71 -27.95 -10.67
CA LEU S 185 71.01 -26.82 -11.27
C LEU S 185 70.48 -25.88 -10.20
N PHE S 186 69.91 -26.43 -9.13
CA PHE S 186 69.41 -25.59 -8.05
C PHE S 186 70.52 -24.76 -7.43
N GLU S 187 71.68 -25.39 -7.18
CA GLU S 187 72.81 -24.67 -6.61
C GLU S 187 73.25 -23.54 -7.54
N SER S 188 73.34 -23.83 -8.84
CA SER S 188 73.79 -22.80 -9.79
C SER S 188 72.81 -21.63 -9.84
N LEU S 189 71.51 -21.93 -9.87
CA LEU S 189 70.52 -20.86 -9.96
C LEU S 189 70.51 -20.02 -8.69
N LEU S 190 70.59 -20.66 -7.51
CA LEU S 190 70.66 -19.88 -6.27
C LEU S 190 71.92 -19.03 -6.23
N GLN S 191 73.03 -19.56 -6.74
CA GLN S 191 74.26 -18.76 -6.80
C GLN S 191 74.08 -17.55 -7.72
N ASP S 192 73.42 -17.73 -8.85
CA ASP S 192 73.14 -16.61 -9.75
C ASP S 192 72.33 -15.54 -9.04
N ILE S 193 71.28 -15.95 -8.33
CA ILE S 193 70.43 -15.01 -7.62
C ILE S 193 71.24 -14.26 -6.56
N LEU S 194 72.06 -14.98 -5.81
CA LEU S 194 72.87 -14.33 -4.77
C LEU S 194 73.86 -13.34 -5.35
N ASN S 195 74.51 -13.71 -6.46
CA ASN S 195 75.47 -12.79 -7.07
C ASN S 195 74.77 -11.52 -7.55
N THR S 196 73.61 -11.66 -8.18
CA THR S 196 72.86 -10.48 -8.61
C THR S 196 72.45 -9.62 -7.42
N PHE S 197 72.00 -10.27 -6.34
CA PHE S 197 71.55 -9.51 -5.17
C PHE S 197 72.70 -8.74 -4.54
N LYS S 198 73.87 -9.36 -4.42
CA LYS S 198 75.03 -8.65 -3.90
C LYS S 198 75.43 -7.50 -4.81
N LYS S 199 75.41 -7.73 -6.13
CA LYS S 199 75.76 -6.69 -7.08
C LYS S 199 74.85 -5.49 -6.92
N LYS S 200 73.55 -5.73 -6.74
CA LYS S 200 72.62 -4.62 -6.55
C LYS S 200 72.85 -3.93 -5.20
N LEU S 201 73.08 -4.72 -4.15
CA LEU S 201 73.23 -4.14 -2.82
C LEU S 201 74.47 -3.26 -2.73
N LYS S 202 75.49 -3.56 -3.53
CA LYS S 202 76.73 -2.77 -3.46
C LYS S 202 76.53 -1.32 -3.90
N LEU S 203 75.30 -0.95 -4.27
CA LEU S 203 74.98 0.41 -4.69
C LEU S 203 74.48 1.27 -3.54
N TYR S 204 74.41 0.73 -2.33
CA TYR S 204 73.69 1.34 -1.22
C TYR S 204 74.56 1.37 0.02
N PRO S 205 74.27 2.27 0.96
CA PRO S 205 75.10 2.39 2.17
C PRO S 205 75.12 1.11 2.98
N VAL S 206 75.99 1.10 4.01
CA VAL S 206 76.36 -0.13 4.70
C VAL S 206 75.19 -0.72 5.48
N GLU S 207 74.24 0.12 5.92
CA GLU S 207 73.17 -0.38 6.77
C GLU S 207 72.28 -1.36 6.02
N ALA S 208 71.96 -1.07 4.76
CA ALA S 208 71.06 -1.94 4.00
C ALA S 208 71.68 -3.32 3.79
N GLN S 209 73.02 -3.37 3.71
CA GLN S 209 73.70 -4.64 3.48
C GLN S 209 73.31 -5.66 4.54
N ILE S 210 73.43 -5.30 5.82
CA ILE S 210 73.18 -6.22 6.91
C ILE S 210 71.77 -6.78 6.81
N LEU S 211 70.77 -5.89 6.81
CA LEU S 211 69.37 -6.30 6.80
C LEU S 211 69.06 -7.21 5.62
N TYR S 212 69.21 -6.68 4.40
CA TYR S 212 68.73 -7.43 3.25
C TYR S 212 69.59 -8.66 2.97
N LEU S 213 70.89 -8.59 3.23
CA LEU S 213 71.74 -9.77 3.08
C LEU S 213 71.30 -10.87 4.03
N GLU S 214 71.01 -10.51 5.29
CA GLU S 214 70.54 -11.53 6.23
C GLU S 214 69.24 -12.15 5.76
N ILE S 215 68.31 -11.31 5.28
CA ILE S 215 67.01 -11.84 4.83
C ILE S 215 67.21 -12.83 3.70
N ILE S 216 67.99 -12.43 2.69
CA ILE S 216 68.14 -13.28 1.50
C ILE S 216 68.88 -14.56 1.85
N LEU S 217 69.91 -14.47 2.69
CA LEU S 217 70.67 -15.66 3.05
C LEU S 217 69.81 -16.64 3.84
N GLU S 218 69.00 -16.14 4.77
CA GLU S 218 68.12 -17.03 5.52
C GLU S 218 67.11 -17.71 4.60
N LYS S 219 66.52 -16.95 3.68
CA LYS S 219 65.55 -17.54 2.76
C LYS S 219 66.20 -18.62 1.91
N VAL S 220 67.41 -18.34 1.40
CA VAL S 220 68.10 -19.30 0.54
C VAL S 220 68.45 -20.56 1.32
N GLU S 221 68.95 -20.39 2.55
CA GLU S 221 69.28 -21.54 3.38
C GLU S 221 68.05 -22.38 3.66
N ASP S 222 66.92 -21.72 3.95
CA ASP S 222 65.68 -22.45 4.22
C ASP S 222 65.23 -23.26 3.02
N VAL S 223 65.24 -22.65 1.83
CA VAL S 223 64.76 -23.38 0.65
C VAL S 223 65.71 -24.51 0.30
N ARG S 224 67.02 -24.29 0.48
CA ARG S 224 67.98 -25.36 0.24
C ARG S 224 67.76 -26.52 1.19
N LYS S 225 67.51 -26.21 2.46
CA LYS S 225 67.24 -27.27 3.44
C LYS S 225 65.98 -28.05 3.08
N HIS S 226 64.93 -27.33 2.66
CA HIS S 226 63.70 -28.00 2.26
C HIS S 226 63.95 -28.96 1.09
N PHE S 227 64.68 -28.48 0.07
CA PHE S 227 64.95 -29.34 -1.09
C PHE S 227 65.79 -30.55 -0.69
N PHE S 228 66.81 -30.34 0.14
CA PHE S 228 67.71 -31.42 0.50
C PHE S 228 67.00 -32.45 1.39
N GLU S 229 66.04 -32.00 2.19
CA GLU S 229 65.21 -32.94 2.93
C GLU S 229 64.28 -33.68 1.99
N LYS S 230 63.80 -33.00 0.94
CA LYS S 230 62.86 -33.64 0.01
C LYS S 230 63.53 -34.78 -0.75
N TYR S 231 64.69 -34.51 -1.38
CA TYR S 231 65.20 -35.48 -2.33
C TYR S 231 65.78 -36.71 -1.62
N PHE S 232 66.16 -36.54 -0.35
CA PHE S 232 66.67 -37.64 0.44
C PHE S 232 65.58 -38.68 0.70
N ASN T 25 -89.31 29.44 -31.99
CA ASN T 25 -88.05 29.46 -32.70
C ASN T 25 -86.95 28.75 -31.89
N PRO T 26 -86.27 27.80 -32.53
CA PRO T 26 -85.27 27.00 -31.80
C PRO T 26 -84.16 27.81 -31.15
N LEU T 27 -83.78 28.94 -31.76
CA LEU T 27 -82.64 29.71 -31.26
C LEU T 27 -82.93 30.30 -29.88
N GLU T 28 -84.13 30.85 -29.70
CA GLU T 28 -84.53 31.41 -28.41
C GLU T 28 -84.61 30.32 -27.35
N LEU T 29 -85.11 29.15 -27.74
CA LEU T 29 -85.17 28.02 -26.81
C LEU T 29 -83.76 27.59 -26.39
N ALA T 30 -82.83 27.57 -27.33
CA ALA T 30 -81.45 27.24 -26.99
C ALA T 30 -80.87 28.24 -26.00
N LEU T 31 -81.12 29.54 -26.23
CA LEU T 31 -80.61 30.55 -25.30
C LEU T 31 -81.25 30.42 -23.92
N GLU T 32 -82.56 30.19 -23.85
CA GLU T 32 -83.19 30.10 -22.54
C GLU T 32 -82.71 28.85 -21.79
N LEU T 33 -82.50 27.75 -22.52
CA LEU T 33 -81.90 26.58 -21.90
C LEU T 33 -80.50 26.88 -21.39
N LYS T 34 -79.71 27.63 -22.16
CA LYS T 34 -78.38 28.01 -21.72
C LYS T 34 -78.43 28.79 -20.41
N GLU T 35 -79.29 29.81 -20.34
CA GLU T 35 -79.39 30.61 -19.12
C GLU T 35 -79.86 29.77 -17.95
N LYS T 36 -80.83 28.88 -18.18
CA LYS T 36 -81.31 28.02 -17.11
C LYS T 36 -80.19 27.14 -16.59
N VAL T 37 -79.37 26.58 -17.50
CA VAL T 37 -78.28 25.72 -17.07
C VAL T 37 -77.22 26.50 -16.31
N GLU T 38 -76.90 27.71 -16.75
CA GLU T 38 -75.94 28.52 -16.02
C GLU T 38 -76.43 28.84 -14.62
N LYS T 39 -77.71 29.19 -14.49
CA LYS T 39 -78.28 29.46 -13.18
C LYS T 39 -78.24 28.22 -12.29
N ALA T 40 -78.57 27.06 -12.87
CA ALA T 40 -78.54 25.82 -12.09
C ALA T 40 -77.13 25.48 -11.64
N ILE T 41 -76.14 25.67 -12.51
CA ILE T 41 -74.75 25.41 -12.14
C ILE T 41 -74.32 26.34 -11.01
N LYS T 42 -74.68 27.62 -11.13
CA LYS T 42 -74.32 28.59 -10.10
C LYS T 42 -74.96 28.21 -8.76
N GLU T 43 -76.22 27.77 -8.79
CA GLU T 43 -76.88 27.36 -7.56
C GLU T 43 -76.23 26.12 -6.97
N ILE T 44 -75.90 25.14 -7.81
CA ILE T 44 -75.37 23.87 -7.31
C ILE T 44 -73.98 24.06 -6.72
N LEU T 45 -73.14 24.84 -7.39
CA LEU T 45 -71.78 25.06 -6.90
C LEU T 45 -71.78 25.76 -5.55
N GLU T 46 -72.84 26.49 -5.23
CA GLU T 46 -72.92 27.19 -3.96
C GLU T 46 -73.05 26.23 -2.78
N ASN T 47 -73.60 25.04 -3.01
CA ASN T 47 -73.87 24.12 -1.91
C ASN T 47 -72.58 23.70 -1.22
N PRO T 48 -72.56 23.63 0.11
CA PRO T 48 -71.31 23.25 0.80
C PRO T 48 -70.96 21.78 0.65
N ASN T 49 -71.95 20.89 0.69
CA ASN T 49 -71.68 19.46 0.66
C ASN T 49 -71.20 19.04 -0.72
N ILE T 50 -70.07 18.31 -0.76
CA ILE T 50 -69.49 17.91 -2.03
C ILE T 50 -70.33 16.83 -2.71
N GLU T 51 -70.76 15.82 -1.93
CA GLU T 51 -71.52 14.73 -2.51
C GLU T 51 -72.84 15.22 -3.10
N THR T 52 -73.49 16.16 -2.41
CA THR T 52 -74.69 16.77 -2.98
C THR T 52 -74.36 17.49 -4.28
N ARG T 53 -73.22 18.18 -4.33
CA ARG T 53 -72.84 18.84 -5.58
C ARG T 53 -72.71 17.84 -6.72
N ILE T 54 -72.04 16.71 -6.45
CA ILE T 54 -71.84 15.71 -7.49
C ILE T 54 -73.19 15.15 -7.96
N LEU T 55 -74.06 14.80 -7.01
CA LEU T 55 -75.34 14.21 -7.37
C LEU T 55 -76.20 15.19 -8.16
N ARG T 56 -76.25 16.45 -7.72
CA ARG T 56 -77.05 17.45 -8.44
C ARG T 56 -76.47 17.71 -9.82
N LEU T 57 -75.15 17.67 -9.97
CA LEU T 57 -74.56 17.83 -11.29
C LEU T 57 -74.95 16.69 -12.21
N LYS T 58 -74.93 15.45 -11.71
CA LYS T 58 -75.35 14.32 -12.54
C LYS T 58 -76.81 14.43 -12.93
N GLU T 59 -77.68 14.79 -11.97
CA GLU T 59 -79.10 14.95 -12.29
C GLU T 59 -79.31 16.08 -13.28
N LEU T 60 -78.54 17.16 -13.16
CA LEU T 60 -78.65 18.26 -14.11
C LEU T 60 -78.21 17.82 -15.50
N LEU T 61 -77.17 16.98 -15.59
CA LEU T 61 -76.76 16.46 -16.88
C LEU T 61 -77.87 15.63 -17.52
N ASP T 62 -78.52 14.77 -16.73
CA ASP T 62 -79.61 13.96 -17.27
C ASP T 62 -80.78 14.85 -17.71
N GLU T 63 -81.12 15.85 -16.91
CA GLU T 63 -82.21 16.75 -17.26
C GLU T 63 -81.87 17.55 -18.51
N VAL T 64 -80.60 17.93 -18.66
CA VAL T 64 -80.17 18.64 -19.86
C VAL T 64 -80.33 17.76 -21.09
N LEU T 65 -79.95 16.48 -20.96
CA LEU T 65 -80.14 15.55 -22.07
C LEU T 65 -81.61 15.46 -22.46
N HIS T 66 -82.49 15.31 -21.47
CA HIS T 66 -83.92 15.26 -21.77
C HIS T 66 -84.39 16.58 -22.38
N ALA T 67 -83.73 17.69 -22.03
CA ALA T 67 -84.09 18.98 -22.62
C ALA T 67 -83.74 19.03 -24.10
N ILE T 68 -82.51 18.61 -24.45
CA ILE T 68 -82.14 18.58 -25.87
C ILE T 68 -83.04 17.62 -26.64
N ALA T 69 -83.50 16.57 -25.97
CA ALA T 69 -84.38 15.60 -26.63
C ALA T 69 -85.61 16.29 -27.20
N LEU T 70 -86.18 17.24 -26.47
CA LEU T 70 -87.39 17.92 -26.95
C LEU T 70 -87.05 19.13 -27.81
N ILE T 71 -85.87 19.70 -27.63
CA ILE T 71 -85.52 20.94 -28.33
C ILE T 71 -85.40 20.66 -29.82
N PRO T 72 -86.02 21.47 -30.70
CA PRO T 72 -85.81 21.29 -32.14
C PRO T 72 -84.35 21.47 -32.50
N GLN T 73 -83.89 20.66 -33.45
CA GLN T 73 -82.48 20.54 -33.77
C GLN T 73 -82.24 21.02 -35.18
N ASN T 74 -81.35 22.00 -35.33
CA ASN T 74 -80.96 22.55 -36.62
C ASN T 74 -79.51 23.00 -36.52
N GLU T 75 -79.03 23.73 -37.53
CA GLU T 75 -77.63 24.12 -37.61
C GLU T 75 -77.20 25.02 -36.46
N GLU T 76 -77.96 26.08 -36.20
CA GLU T 76 -77.50 27.10 -35.25
C GLU T 76 -77.53 26.59 -33.81
N THR T 77 -78.49 25.73 -33.49
CA THR T 77 -78.63 25.28 -32.10
C THR T 77 -77.58 24.25 -31.72
N ARG T 78 -77.04 23.52 -32.72
CA ARG T 78 -76.07 22.45 -32.43
C ARG T 78 -74.87 22.95 -31.63
N PRO T 79 -74.17 24.02 -32.05
CA PRO T 79 -73.03 24.48 -31.25
C PRO T 79 -73.41 24.94 -29.86
N ILE T 80 -74.59 25.55 -29.70
CA ILE T 80 -75.02 26.02 -28.39
C ILE T 80 -75.22 24.84 -27.45
N LEU T 81 -75.89 23.79 -27.94
CA LEU T 81 -76.07 22.60 -27.12
C LEU T 81 -74.73 21.94 -26.80
N VAL T 82 -73.82 21.89 -27.77
CA VAL T 82 -72.51 21.30 -27.53
C VAL T 82 -71.80 22.06 -26.41
N ARG T 83 -71.79 23.39 -26.49
CA ARG T 83 -71.12 24.18 -25.47
C ARG T 83 -71.74 23.97 -24.10
N VAL T 84 -73.07 23.98 -24.00
CA VAL T 84 -73.68 23.88 -22.68
C VAL T 84 -73.40 22.52 -22.06
N VAL T 85 -73.46 21.44 -22.86
CA VAL T 85 -73.11 20.12 -22.33
C VAL T 85 -71.66 20.08 -21.90
N VAL T 86 -70.78 20.75 -22.67
CA VAL T 86 -69.36 20.78 -22.32
C VAL T 86 -69.15 21.48 -20.97
N GLU T 87 -69.84 22.60 -20.76
CA GLU T 87 -69.72 23.31 -19.50
C GLU T 87 -70.18 22.45 -18.34
N VAL T 88 -71.31 21.76 -18.52
CA VAL T 88 -71.83 20.90 -17.44
C VAL T 88 -70.83 19.80 -17.12
N MET T 89 -70.29 19.14 -18.15
CA MET T 89 -69.35 18.05 -17.90
C MET T 89 -68.06 18.55 -17.26
N GLU T 90 -67.55 19.70 -17.70
CA GLU T 90 -66.32 20.24 -17.13
C GLU T 90 -66.54 20.60 -15.66
N ALA T 91 -67.67 21.22 -15.35
CA ALA T 91 -67.96 21.56 -13.96
C ALA T 91 -68.05 20.30 -13.10
N LEU T 92 -68.69 19.25 -13.64
CA LEU T 92 -68.79 18.00 -12.88
C LEU T 92 -67.42 17.38 -12.65
N LEU T 93 -66.55 17.40 -13.66
CA LEU T 93 -65.21 16.85 -13.48
C LEU T 93 -64.45 17.61 -12.41
N HIS T 94 -64.52 18.94 -12.45
CA HIS T 94 -63.82 19.73 -11.44
C HIS T 94 -64.38 19.46 -10.05
N ALA T 95 -65.70 19.36 -9.92
CA ALA T 95 -66.30 19.10 -8.62
C ALA T 95 -65.92 17.73 -8.09
N VAL T 96 -65.86 16.73 -8.97
CA VAL T 96 -65.51 15.37 -8.59
C VAL T 96 -64.06 15.33 -8.14
N LEU T 97 -63.21 16.14 -8.78
CA LEU T 97 -61.80 16.20 -8.40
C LEU T 97 -61.57 16.81 -7.02
N ASP T 98 -62.59 17.43 -6.41
CA ASP T 98 -62.38 18.12 -5.14
C ASP T 98 -62.35 17.15 -3.98
N GLY T 99 -63.44 16.42 -3.76
CA GLY T 99 -63.51 15.52 -2.62
C GLY T 99 -64.49 14.38 -2.85
N GLY T 100 -64.41 13.40 -1.96
CA GLY T 100 -65.29 12.24 -2.01
C GLY T 100 -64.54 10.92 -2.05
N GLU T 101 -65.24 9.83 -1.74
CA GLU T 101 -64.64 8.52 -1.82
C GLU T 101 -64.34 8.16 -3.28
N PRO T 102 -63.13 7.67 -3.57
CA PRO T 102 -62.74 7.47 -4.97
C PRO T 102 -63.67 6.58 -5.78
N LEU T 103 -64.14 5.47 -5.19
CA LEU T 103 -64.97 4.55 -5.95
C LEU T 103 -66.30 5.19 -6.33
N LEU T 104 -66.93 5.92 -5.41
CA LEU T 104 -68.20 6.57 -5.73
C LEU T 104 -68.04 7.60 -6.82
N ASN T 105 -66.98 8.41 -6.74
CA ASN T 105 -66.74 9.41 -7.78
C ASN T 105 -66.49 8.74 -9.12
N LEU T 106 -65.75 7.63 -9.13
CA LEU T 106 -65.49 6.93 -10.39
C LEU T 106 -66.79 6.38 -10.99
N LYS T 107 -67.65 5.81 -10.16
CA LYS T 107 -68.92 5.28 -10.68
C LYS T 107 -69.80 6.41 -11.22
N VAL T 108 -69.89 7.52 -10.50
CA VAL T 108 -70.66 8.65 -10.98
C VAL T 108 -70.06 9.19 -12.28
N LEU T 109 -68.74 9.19 -12.38
CA LEU T 109 -68.09 9.63 -13.60
C LEU T 109 -68.45 8.73 -14.77
N LEU T 110 -68.49 7.42 -14.54
CA LEU T 110 -68.85 6.49 -15.60
C LEU T 110 -70.28 6.73 -16.08
N GLU T 111 -71.21 6.87 -15.14
CA GLU T 111 -72.60 7.12 -15.52
C GLU T 111 -72.74 8.44 -16.27
N ALA T 112 -72.06 9.49 -15.79
CA ALA T 112 -72.14 10.78 -16.44
C ALA T 112 -71.52 10.76 -17.82
N PHE T 113 -70.44 9.99 -17.99
CA PHE T 113 -69.83 9.86 -19.30
C PHE T 113 -70.74 9.14 -20.27
N LYS T 114 -71.45 8.11 -19.80
CA LYS T 114 -72.44 7.45 -20.64
C LYS T 114 -73.52 8.43 -21.07
N THR T 115 -74.01 9.24 -20.13
CA THR T 115 -75.00 10.25 -20.48
C THR T 115 -74.44 11.27 -21.46
N PHE T 116 -73.17 11.63 -21.29
CA PHE T 116 -72.51 12.57 -22.19
C PHE T 116 -72.45 12.01 -23.61
N ILE T 117 -72.11 10.72 -23.74
CA ILE T 117 -72.07 10.09 -25.05
C ILE T 117 -73.45 10.09 -25.68
N ALA T 118 -74.47 9.76 -24.89
CA ALA T 118 -75.84 9.76 -25.42
C ALA T 118 -76.24 11.15 -25.89
N ALA T 119 -75.90 12.17 -25.11
CA ALA T 119 -76.24 13.55 -25.48
C ALA T 119 -75.53 13.94 -26.78
N LEU T 120 -74.24 13.59 -26.90
CA LEU T 120 -73.50 13.93 -28.12
C LEU T 120 -74.09 13.21 -29.33
N LYS T 121 -74.51 11.96 -29.15
CA LYS T 121 -75.16 11.24 -30.25
C LYS T 121 -76.46 11.92 -30.67
N THR T 122 -77.26 12.33 -29.70
CA THR T 122 -78.53 12.97 -30.02
C THR T 122 -78.33 14.31 -30.71
N ILE T 123 -77.35 15.09 -30.24
CA ILE T 123 -77.18 16.45 -30.75
C ILE T 123 -76.77 16.44 -32.22
N GLY T 124 -75.85 15.58 -32.60
CA GLY T 124 -75.28 15.64 -33.93
C GLY T 124 -74.01 16.47 -33.96
N PHE T 125 -73.19 16.32 -34.99
CA PHE T 125 -71.88 16.93 -35.00
C PHE T 125 -71.47 17.28 -36.42
N SER T 126 -71.32 18.58 -36.69
CA SER T 126 -70.96 19.04 -38.03
C SER T 126 -69.64 19.80 -38.05
N THR T 127 -69.52 20.83 -37.22
CA THR T 127 -68.38 21.74 -37.33
C THR T 127 -67.16 21.18 -36.62
N GLU T 128 -65.99 21.68 -37.01
CA GLU T 128 -64.73 21.19 -36.44
C GLU T 128 -64.51 21.70 -35.03
N GLU T 129 -64.99 22.91 -34.71
CA GLU T 129 -64.78 23.46 -33.38
C GLU T 129 -65.45 22.61 -32.32
N GLU T 130 -66.68 22.15 -32.60
CA GLU T 130 -67.37 21.28 -31.65
C GLU T 130 -66.63 19.96 -31.50
N ARG T 131 -66.09 19.43 -32.60
CA ARG T 131 -65.30 18.20 -32.53
C ARG T 131 -64.08 18.39 -31.63
N LEU T 132 -63.38 19.51 -31.79
CA LEU T 132 -62.22 19.77 -30.95
C LEU T 132 -62.62 19.89 -29.49
N GLU T 133 -63.75 20.56 -29.22
CA GLU T 133 -64.23 20.66 -27.85
C GLU T 133 -64.53 19.29 -27.25
N ALA T 134 -65.20 18.43 -28.02
CA ALA T 134 -65.54 17.10 -27.53
C ALA T 134 -64.28 16.27 -27.28
N TYR T 135 -63.30 16.36 -28.18
CA TYR T 135 -62.06 15.61 -27.99
C TYR T 135 -61.30 16.11 -26.76
N ARG T 136 -61.28 17.43 -26.54
CA ARG T 136 -60.64 17.96 -25.35
C ARG T 136 -61.35 17.48 -24.09
N VAL T 137 -62.68 17.45 -24.11
CA VAL T 137 -63.44 16.95 -22.97
C VAL T 137 -63.13 15.49 -22.71
N LEU T 138 -63.00 14.70 -23.78
CA LEU T 138 -62.66 13.28 -23.63
C LEU T 138 -61.30 13.11 -22.99
N THR T 139 -60.32 13.90 -23.44
CA THR T 139 -58.98 13.81 -22.86
C THR T 139 -59.00 14.20 -21.38
N LEU T 140 -59.74 15.25 -21.05
CA LEU T 140 -59.86 15.67 -19.66
C LEU T 140 -60.48 14.57 -18.81
N PHE T 141 -61.55 13.94 -19.31
CA PHE T 141 -62.20 12.86 -18.59
C PHE T 141 -61.24 11.71 -18.38
N VAL T 142 -60.49 11.33 -19.41
CA VAL T 142 -59.57 10.20 -19.30
C VAL T 142 -58.50 10.49 -18.24
N HIS T 143 -57.88 11.67 -18.31
CA HIS T 143 -56.83 12.00 -17.36
C HIS T 143 -57.37 12.03 -15.93
N THR T 144 -58.54 12.64 -15.74
CA THR T 144 -59.14 12.69 -14.41
C THR T 144 -59.46 11.29 -13.90
N PHE T 145 -59.98 10.43 -14.76
CA PHE T 145 -60.34 9.08 -14.35
C PHE T 145 -59.12 8.29 -13.89
N ILE T 146 -58.02 8.35 -14.67
CA ILE T 146 -56.80 7.69 -14.23
C ILE T 146 -56.31 8.28 -12.91
N PHE T 147 -56.30 9.60 -12.79
CA PHE T 147 -55.76 10.23 -11.59
C PHE T 147 -56.52 9.79 -10.35
N ILE T 148 -57.85 9.74 -10.45
CA ILE T 148 -58.65 9.32 -9.31
C ILE T 148 -58.48 7.83 -9.04
N SER T 149 -58.45 7.01 -10.10
CA SER T 149 -58.44 5.57 -9.93
C SER T 149 -57.08 5.06 -9.48
N ARG T 150 -56.07 5.93 -9.48
CA ARG T 150 -54.75 5.55 -8.97
C ARG T 150 -54.79 4.98 -7.56
N THR T 151 -55.72 5.46 -6.73
CA THR T 151 -55.71 5.13 -5.31
C THR T 151 -56.18 3.71 -5.01
N LEU T 152 -57.09 3.17 -5.81
CA LEU T 152 -57.75 1.91 -5.47
C LEU T 152 -56.76 0.75 -5.45
N ASN T 153 -57.24 -0.41 -4.98
CA ASN T 153 -56.47 -1.63 -5.00
C ASN T 153 -56.56 -2.29 -6.38
N LEU T 154 -55.99 -3.50 -6.49
CA LEU T 154 -55.78 -4.11 -7.79
C LEU T 154 -57.09 -4.47 -8.48
N GLU T 155 -57.99 -5.17 -7.77
CA GLU T 155 -59.19 -5.70 -8.43
C GLU T 155 -60.09 -4.57 -8.93
N GLU T 156 -60.35 -3.58 -8.08
CA GLU T 156 -61.14 -2.44 -8.51
C GLU T 156 -60.43 -1.66 -9.61
N PHE T 157 -59.10 -1.60 -9.55
CA PHE T 157 -58.33 -0.96 -10.60
C PHE T 157 -58.60 -1.62 -11.95
N LEU T 158 -58.48 -2.94 -12.01
CA LEU T 158 -58.77 -3.68 -13.23
C LEU T 158 -60.19 -3.44 -13.70
N LYS T 159 -61.16 -3.52 -12.78
CA LYS T 159 -62.55 -3.37 -13.19
C LYS T 159 -62.80 -1.99 -13.80
N VAL T 160 -62.39 -0.94 -13.10
CA VAL T 160 -62.67 0.41 -13.58
C VAL T 160 -61.89 0.68 -14.87
N LEU T 161 -60.68 0.14 -15.00
CA LEU T 161 -59.91 0.35 -16.21
C LEU T 161 -60.59 -0.31 -17.41
N LEU T 162 -61.10 -1.53 -17.24
CA LEU T 162 -61.80 -2.18 -18.34
C LEU T 162 -63.05 -1.42 -18.72
N GLU T 163 -63.82 -0.94 -17.73
CA GLU T 163 -64.99 -0.14 -18.05
C GLU T 163 -64.60 1.15 -18.78
N LEU T 164 -63.49 1.76 -18.37
CA LEU T 164 -63.02 2.97 -19.03
C LEU T 164 -62.66 2.70 -20.49
N ILE T 165 -61.98 1.58 -20.74
CA ILE T 165 -61.60 1.25 -22.12
C ILE T 165 -62.84 1.02 -22.96
N GLU T 166 -63.83 0.29 -22.41
CA GLU T 166 -65.06 0.06 -23.17
C GLU T 166 -65.78 1.36 -23.48
N LEU T 167 -65.88 2.26 -22.50
CA LEU T 167 -66.54 3.53 -22.74
C LEU T 167 -65.77 4.39 -23.73
N LEU T 168 -64.44 4.30 -23.71
CA LEU T 168 -63.62 4.98 -24.71
C LEU T 168 -63.97 4.50 -26.11
N GLU T 169 -64.10 3.17 -26.25
CA GLU T 169 -64.47 2.60 -27.54
C GLU T 169 -65.85 3.11 -27.99
N GLU T 170 -66.80 3.13 -27.06
CA GLU T 170 -68.14 3.62 -27.41
C GLU T 170 -68.11 5.08 -27.84
N PHE T 171 -67.39 5.93 -27.10
CA PHE T 171 -67.32 7.33 -27.48
C PHE T 171 -66.68 7.51 -28.83
N PHE T 172 -65.57 6.81 -29.10
CA PHE T 172 -64.91 6.94 -30.39
C PHE T 172 -65.75 6.37 -31.52
N LEU T 173 -66.71 5.50 -31.23
CA LEU T 173 -67.70 5.12 -32.22
C LEU T 173 -68.89 6.07 -32.27
N ALA T 174 -69.02 6.98 -31.32
CA ALA T 174 -70.17 7.89 -31.26
C ALA T 174 -70.00 9.16 -32.08
N VAL T 175 -68.80 9.74 -32.12
CA VAL T 175 -68.58 11.03 -32.77
C VAL T 175 -67.95 10.76 -34.14
N PRO T 176 -68.61 11.13 -35.24
CA PRO T 176 -68.01 10.93 -36.56
C PRO T 176 -67.05 12.03 -36.92
N GLY T 177 -66.09 11.70 -37.80
CA GLY T 177 -65.11 12.64 -38.26
C GLY T 177 -64.00 11.99 -39.06
N PRO T 178 -62.96 12.75 -39.37
CA PRO T 178 -61.80 12.19 -40.08
C PRO T 178 -61.15 11.08 -39.27
N PRO T 179 -60.62 10.05 -39.93
CA PRO T 179 -60.17 8.86 -39.20
C PRO T 179 -58.77 8.97 -38.63
N GLU T 180 -57.93 9.86 -39.16
CA GLU T 180 -56.55 9.95 -38.68
C GLU T 180 -56.50 10.42 -37.23
N GLN T 181 -57.27 11.47 -36.91
CA GLN T 181 -57.32 11.94 -35.52
C GLN T 181 -57.99 10.90 -34.63
N ARG T 182 -59.04 10.24 -35.13
CA ARG T 182 -59.69 9.17 -34.39
C ARG T 182 -58.73 8.03 -34.07
N ARG T 183 -57.73 7.80 -34.91
CA ARG T 183 -56.71 6.78 -34.63
C ARG T 183 -55.67 7.30 -33.65
N VAL T 184 -55.14 8.50 -33.89
CA VAL T 184 -54.04 9.00 -33.07
C VAL T 184 -54.49 9.20 -31.62
N LEU T 185 -55.67 9.79 -31.43
CA LEU T 185 -56.16 10.02 -30.08
C LEU T 185 -56.38 8.70 -29.35
N PHE T 186 -56.94 7.71 -30.05
CA PHE T 186 -57.19 6.41 -29.43
C PHE T 186 -55.87 5.77 -28.99
N GLU T 187 -54.86 5.80 -29.87
CA GLU T 187 -53.57 5.22 -29.50
C GLU T 187 -52.97 5.95 -28.29
N SER T 188 -53.04 7.28 -28.28
CA SER T 188 -52.46 8.03 -27.17
C SER T 188 -53.17 7.71 -25.86
N LEU T 189 -54.50 7.65 -25.88
CA LEU T 189 -55.24 7.38 -24.65
C LEU T 189 -54.98 5.97 -24.15
N LEU T 190 -54.93 4.99 -25.05
CA LEU T 190 -54.60 3.64 -24.64
C LEU T 190 -53.19 3.57 -24.06
N GLN T 191 -52.27 4.35 -24.63
CA GLN T 191 -50.92 4.41 -24.08
C GLN T 191 -50.92 4.97 -22.66
N ASP T 192 -51.70 6.04 -22.43
CA ASP T 192 -51.80 6.59 -21.08
C ASP T 192 -52.30 5.54 -20.10
N ILE T 193 -53.36 4.81 -20.50
CA ILE T 193 -53.93 3.80 -19.61
C ILE T 193 -52.91 2.71 -19.32
N LEU T 194 -52.19 2.25 -20.36
CA LEU T 194 -51.21 1.19 -20.16
C LEU T 194 -50.06 1.63 -19.27
N ASN T 195 -49.58 2.86 -19.46
CA ASN T 195 -48.49 3.36 -18.63
C ASN T 195 -48.93 3.45 -17.17
N THR T 196 -50.14 3.94 -16.92
CA THR T 196 -50.63 4.00 -15.55
C THR T 196 -50.75 2.60 -14.95
N PHE T 197 -51.25 1.65 -15.73
CA PHE T 197 -51.41 0.29 -15.21
C PHE T 197 -50.06 -0.31 -14.85
N LYS T 198 -49.05 -0.12 -15.70
CA LYS T 198 -47.71 -0.61 -15.37
C LYS T 198 -47.18 0.07 -14.12
N LYS T 199 -47.37 1.39 -14.01
CA LYS T 199 -46.90 2.13 -12.84
C LYS T 199 -47.51 1.57 -11.56
N LYS T 200 -48.82 1.30 -11.59
CA LYS T 200 -49.47 0.76 -10.40
C LYS T 200 -49.01 -0.67 -10.12
N LEU T 201 -48.86 -1.48 -11.17
CA LEU T 201 -48.49 -2.88 -10.97
C LEU T 201 -47.08 -3.01 -10.43
N LYS T 202 -46.23 -2.02 -10.67
CA LYS T 202 -44.84 -2.10 -10.20
C LYS T 202 -44.71 -2.09 -8.68
N LEU T 203 -45.82 -2.00 -7.95
CA LEU T 203 -45.80 -1.98 -6.48
C LEU T 203 -45.99 -3.37 -5.88
N TYR T 204 -46.13 -4.40 -6.71
CA TYR T 204 -46.61 -5.71 -6.25
C TYR T 204 -45.67 -6.81 -6.70
N PRO T 205 -45.69 -7.95 -6.03
CA PRO T 205 -44.76 -9.04 -6.38
C PRO T 205 -44.94 -9.51 -7.81
N VAL T 206 -44.00 -10.35 -8.25
CA VAL T 206 -43.94 -10.77 -9.65
C VAL T 206 -45.15 -11.61 -10.02
N GLU T 207 -45.84 -12.19 -9.03
CA GLU T 207 -46.96 -13.08 -9.34
C GLU T 207 -48.08 -12.33 -10.05
N ALA T 208 -48.52 -11.20 -9.49
CA ALA T 208 -49.64 -10.47 -10.06
C ALA T 208 -49.29 -9.84 -11.40
N GLN T 209 -48.00 -9.59 -11.63
CA GLN T 209 -47.57 -8.94 -12.86
C GLN T 209 -48.05 -9.70 -14.08
N ILE T 210 -47.75 -11.01 -14.13
CA ILE T 210 -48.05 -11.82 -15.31
C ILE T 210 -49.55 -11.81 -15.57
N LEU T 211 -50.33 -12.13 -14.55
CA LEU T 211 -51.78 -12.22 -14.70
C LEU T 211 -52.38 -10.92 -15.20
N TYR T 212 -52.20 -9.84 -14.44
CA TYR T 212 -52.91 -8.62 -14.76
C TYR T 212 -52.35 -7.94 -16.00
N LEU T 213 -51.04 -8.04 -16.23
CA LEU T 213 -50.47 -7.54 -17.47
C LEU T 213 -51.07 -8.26 -18.67
N GLU T 214 -51.21 -9.58 -18.58
CA GLU T 214 -51.83 -10.34 -19.65
C GLU T 214 -53.26 -9.88 -19.90
N ILE T 215 -54.03 -9.71 -18.83
CA ILE T 215 -55.43 -9.32 -18.98
C ILE T 215 -55.53 -7.96 -19.68
N ILE T 216 -54.76 -6.98 -19.22
CA ILE T 216 -54.87 -5.64 -19.76
C ILE T 216 -54.38 -5.60 -21.21
N LEU T 217 -53.29 -6.32 -21.52
CA LEU T 217 -52.79 -6.33 -22.88
C LEU T 217 -53.78 -6.98 -23.83
N GLU T 218 -54.42 -8.07 -23.40
CA GLU T 218 -55.41 -8.73 -24.25
C GLU T 218 -56.58 -7.80 -24.51
N LYS T 219 -57.07 -7.12 -23.47
CA LYS T 219 -58.19 -6.21 -23.66
C LYS T 219 -57.83 -5.07 -24.61
N VAL T 220 -56.63 -4.51 -24.43
CA VAL T 220 -56.19 -3.40 -25.27
C VAL T 220 -56.09 -3.83 -26.73
N GLU T 221 -55.49 -5.01 -26.96
CA GLU T 221 -55.35 -5.51 -28.32
C GLU T 221 -56.71 -5.75 -28.95
N ASP T 222 -57.65 -6.32 -28.18
CA ASP T 222 -58.98 -6.61 -28.71
C ASP T 222 -59.70 -5.33 -29.11
N VAL T 223 -59.67 -4.31 -28.25
CA VAL T 223 -60.38 -3.07 -28.58
C VAL T 223 -59.72 -2.37 -29.75
N ARG T 224 -58.38 -2.41 -29.82
CA ARG T 224 -57.68 -1.82 -30.95
C ARG T 224 -58.08 -2.50 -32.25
N LYS T 225 -58.16 -3.84 -32.23
CA LYS T 225 -58.55 -4.58 -33.42
C LYS T 225 -59.98 -4.23 -33.83
N HIS T 226 -60.89 -4.13 -32.85
CA HIS T 226 -62.26 -3.77 -33.16
C HIS T 226 -62.33 -2.39 -33.84
N PHE T 227 -61.62 -1.41 -33.27
CA PHE T 227 -61.66 -0.07 -33.85
C PHE T 227 -61.06 -0.06 -35.25
N PHE T 228 -59.94 -0.76 -35.44
CA PHE T 228 -59.26 -0.74 -36.73
C PHE T 228 -60.08 -1.46 -37.79
N GLU T 229 -60.84 -2.48 -37.39
CA GLU T 229 -61.79 -3.08 -38.32
C GLU T 229 -62.94 -2.13 -38.62
N LYS T 230 -63.36 -1.34 -37.62
CA LYS T 230 -64.48 -0.43 -37.83
C LYS T 230 -64.13 0.65 -38.83
N TYR T 231 -63.02 1.35 -38.63
CA TYR T 231 -62.80 2.57 -39.41
C TYR T 231 -62.44 2.24 -40.86
N PHE T 232 -61.93 1.04 -41.10
CA PHE T 232 -61.59 0.60 -42.44
C PHE T 232 -62.85 0.45 -43.28
N ASN U 25 38.75 20.43 -54.11
CA ASN U 25 39.97 19.88 -54.69
C ASN U 25 41.02 19.73 -53.60
N PRO U 26 41.77 18.62 -53.64
CA PRO U 26 42.74 18.34 -52.57
C PRO U 26 43.79 19.44 -52.38
N LEU U 27 44.24 20.06 -53.47
CA LEU U 27 45.31 21.05 -53.35
C LEU U 27 44.85 22.27 -52.56
N GLU U 28 43.63 22.74 -52.83
CA GLU U 28 43.09 23.89 -52.10
C GLU U 28 42.92 23.56 -50.62
N LEU U 29 42.45 22.34 -50.32
CA LEU U 29 42.30 21.94 -48.93
C LEU U 29 43.65 21.88 -48.22
N ALA U 30 44.67 21.35 -48.90
CA ALA U 30 46.00 21.32 -48.31
C ALA U 30 46.51 22.73 -48.05
N LEU U 31 46.30 23.64 -49.00
CA LEU U 31 46.75 25.02 -48.81
C LEU U 31 46.04 25.67 -47.63
N GLU U 32 44.72 25.51 -47.54
CA GLU U 32 44.00 26.15 -46.44
C GLU U 32 44.38 25.55 -45.10
N LEU U 33 44.66 24.24 -45.07
CA LEU U 33 45.18 23.64 -43.85
C LEU U 33 46.53 24.23 -43.48
N LYS U 34 47.39 24.44 -44.48
CA LYS U 34 48.69 25.07 -44.22
C LYS U 34 48.50 26.46 -43.61
N GLU U 35 47.62 27.27 -44.18
CA GLU U 35 47.40 28.61 -43.65
C GLU U 35 46.84 28.56 -42.23
N LYS U 36 45.89 27.66 -41.99
CA LYS U 36 45.33 27.52 -40.65
C LYS U 36 46.40 27.15 -39.64
N VAL U 37 47.29 26.24 -40.02
CA VAL U 37 48.34 25.82 -39.10
C VAL U 37 49.32 26.95 -38.85
N GLU U 38 49.65 27.73 -39.88
CA GLU U 38 50.57 28.85 -39.68
C GLU U 38 49.98 29.88 -38.73
N LYS U 39 48.70 30.22 -38.90
CA LYS U 39 48.07 31.16 -37.97
C LYS U 39 47.98 30.57 -36.56
N ALA U 40 47.70 29.27 -36.46
CA ALA U 40 47.65 28.65 -35.13
C ALA U 40 49.00 28.71 -34.44
N ILE U 41 50.08 28.42 -35.18
CA ILE U 41 51.43 28.48 -34.60
C ILE U 41 51.76 29.90 -34.17
N LYS U 42 51.43 30.87 -35.03
CA LYS U 42 51.70 32.27 -34.70
C LYS U 42 50.95 32.69 -33.44
N GLU U 43 49.69 32.27 -33.32
CA GLU U 43 48.93 32.58 -32.12
C GLU U 43 49.52 31.93 -30.88
N ILE U 44 49.91 30.65 -30.99
CA ILE U 44 50.36 29.91 -29.82
C ILE U 44 51.71 30.44 -29.34
N LEU U 45 52.61 30.75 -30.27
CA LEU U 45 53.93 31.26 -29.87
C LEU U 45 53.82 32.58 -29.15
N GLU U 46 52.73 33.32 -29.36
CA GLU U 46 52.54 34.59 -28.69
C GLU U 46 52.31 34.44 -27.19
N ASN U 47 51.78 33.30 -26.75
CA ASN U 47 51.41 33.13 -25.36
C ASN U 47 52.65 33.20 -24.46
N PRO U 48 52.55 33.88 -23.31
CA PRO U 48 53.74 33.99 -22.44
C PRO U 48 54.07 32.70 -21.72
N ASN U 49 53.06 31.94 -21.29
CA ASN U 49 53.31 30.75 -20.48
C ASN U 49 53.91 29.65 -21.34
N ILE U 50 55.05 29.09 -20.90
CA ILE U 50 55.75 28.09 -21.69
C ILE U 50 54.99 26.76 -21.69
N GLU U 51 54.49 26.34 -20.52
CA GLU U 51 53.79 25.06 -20.45
C GLU U 51 52.53 25.08 -21.31
N THR U 52 51.81 26.20 -21.31
CA THR U 52 50.67 26.34 -22.21
C THR U 52 51.11 26.23 -23.66
N ARG U 53 52.25 26.83 -24.01
CA ARG U 53 52.77 26.73 -25.37
C ARG U 53 53.00 25.27 -25.74
N ILE U 54 53.65 24.51 -24.86
CA ILE U 54 53.95 23.11 -25.16
C ILE U 54 52.67 22.31 -25.34
N LEU U 55 51.73 22.46 -24.41
CA LEU U 55 50.51 21.67 -24.46
C LEU U 55 49.66 22.03 -25.68
N ARG U 56 49.58 23.33 -26.00
CA ARG U 56 48.84 23.74 -27.18
C ARG U 56 49.49 23.24 -28.46
N LEU U 57 50.82 23.21 -28.50
CA LEU U 57 51.50 22.65 -29.67
C LEU U 57 51.21 21.16 -29.83
N LYS U 58 51.19 20.42 -28.71
CA LYS U 58 50.84 19.01 -28.79
C LYS U 58 49.42 18.81 -29.31
N GLU U 59 48.47 19.61 -28.80
CA GLU U 59 47.10 19.52 -29.29
C GLU U 59 47.01 19.89 -30.76
N LEU U 60 47.78 20.89 -31.18
CA LEU U 60 47.79 21.27 -32.58
C LEU U 60 48.32 20.15 -33.46
N LEU U 61 49.35 19.44 -32.98
CA LEU U 61 49.86 18.30 -33.72
C LEU U 61 48.80 17.21 -33.87
N ASP U 62 48.08 16.91 -32.78
CA ASP U 62 47.03 15.90 -32.86
C ASP U 62 45.92 16.33 -33.81
N GLU U 63 45.51 17.60 -33.73
CA GLU U 63 44.46 18.10 -34.62
C GLU U 63 44.93 18.08 -36.07
N VAL U 64 46.21 18.36 -36.30
CA VAL U 64 46.75 18.30 -37.65
C VAL U 64 46.69 16.87 -38.17
N LEU U 65 47.02 15.89 -37.33
CA LEU U 65 46.92 14.49 -37.73
C LEU U 65 45.48 14.16 -38.12
N HIS U 66 44.52 14.54 -37.29
CA HIS U 66 43.12 14.29 -37.61
C HIS U 66 42.70 15.03 -38.88
N ALA U 67 43.33 16.17 -39.17
CA ALA U 67 43.04 16.90 -40.39
C ALA U 67 43.51 16.13 -41.62
N ILE U 68 44.75 15.65 -41.60
CA ILE U 68 45.25 14.85 -42.72
C ILE U 68 44.40 13.60 -42.89
N ALA U 69 43.89 13.06 -41.78
CA ALA U 69 43.04 11.88 -41.85
C ALA U 69 41.87 12.09 -42.81
N LEU U 70 41.26 13.27 -42.78
CA LEU U 70 40.12 13.53 -43.65
C LEU U 70 40.55 14.05 -45.01
N ILE U 71 41.71 14.69 -45.09
CA ILE U 71 42.15 15.30 -46.34
C ILE U 71 42.40 14.22 -47.38
N PRO U 72 41.89 14.36 -48.61
CA PRO U 72 42.23 13.39 -49.65
C PRO U 72 43.73 13.39 -49.92
N GLN U 73 44.26 12.20 -50.19
CA GLN U 73 45.69 11.99 -50.29
C GLN U 73 46.06 11.65 -51.72
N ASN U 74 47.01 12.39 -52.28
CA ASN U 74 47.52 12.13 -53.62
C ASN U 74 48.96 12.66 -53.69
N GLU U 75 49.50 12.76 -54.90
CA GLU U 75 50.88 13.17 -55.08
C GLU U 75 51.15 14.58 -54.59
N GLU U 76 50.41 15.56 -55.11
CA GLU U 76 50.77 16.96 -54.89
C GLU U 76 50.61 17.37 -53.43
N THR U 77 49.59 16.86 -52.75
CA THR U 77 49.33 17.29 -51.37
C THR U 77 50.34 16.71 -50.39
N ARG U 78 50.94 15.58 -50.74
CA ARG U 78 51.82 14.86 -49.80
C ARG U 78 53.00 15.71 -49.34
N PRO U 79 53.77 16.37 -50.22
CA PRO U 79 54.85 17.24 -49.71
C PRO U 79 54.34 18.38 -48.86
N ILE U 80 53.17 18.93 -49.17
CA ILE U 80 52.62 20.02 -48.36
C ILE U 80 52.32 19.54 -46.95
N LEU U 81 51.69 18.37 -46.84
CA LEU U 81 51.39 17.82 -45.50
C LEU U 81 52.68 17.50 -44.75
N VAL U 82 53.68 16.95 -45.45
CA VAL U 82 54.95 16.65 -44.80
C VAL U 82 55.57 17.94 -44.27
N ARG U 83 55.55 19.00 -45.08
CA ARG U 83 56.16 20.26 -44.68
C ARG U 83 55.46 20.86 -43.47
N VAL U 84 54.12 20.83 -43.45
CA VAL U 84 53.43 21.46 -42.32
C VAL U 84 53.64 20.66 -41.04
N VAL U 85 53.64 19.33 -41.14
CA VAL U 85 53.91 18.51 -39.95
C VAL U 85 55.33 18.75 -39.45
N VAL U 86 56.30 18.86 -40.36
CA VAL U 86 57.68 19.14 -39.96
C VAL U 86 57.76 20.50 -39.27
N GLU U 87 57.04 21.49 -39.81
CA GLU U 87 57.02 22.82 -39.20
C GLU U 87 56.51 22.76 -37.77
N VAL U 88 55.39 22.06 -37.57
CA VAL U 88 54.82 21.96 -36.23
C VAL U 88 55.79 21.27 -35.29
N MET U 89 56.39 20.17 -35.73
CA MET U 89 57.30 19.42 -34.87
C MET U 89 58.52 20.25 -34.51
N GLU U 90 59.09 20.97 -35.48
CA GLU U 90 60.24 21.81 -35.19
C GLU U 90 59.90 22.91 -34.22
N ALA U 91 58.74 23.55 -34.39
CA ALA U 91 58.32 24.58 -33.46
C ALA U 91 58.16 24.03 -32.06
N LEU U 92 57.58 22.82 -31.95
CA LEU U 92 57.42 22.22 -30.64
C LEU U 92 58.76 21.88 -30.00
N LEU U 93 59.71 21.36 -30.78
CA LEU U 93 61.03 21.06 -30.24
C LEU U 93 61.70 22.32 -29.71
N HIS U 94 61.64 23.40 -30.49
CA HIS U 94 62.25 24.65 -30.04
C HIS U 94 61.57 25.16 -28.78
N ALA U 95 60.24 25.09 -28.71
CA ALA U 95 59.52 25.58 -27.55
C ALA U 95 59.85 24.75 -26.31
N VAL U 96 59.99 23.44 -26.47
CA VAL U 96 60.29 22.54 -25.37
C VAL U 96 61.71 22.82 -24.88
N LEU U 97 62.61 23.16 -25.80
CA LEU U 97 63.98 23.49 -25.42
C LEU U 97 64.10 24.77 -24.59
N ASP U 98 63.05 25.60 -24.56
CA ASP U 98 63.16 26.90 -23.89
C ASP U 98 63.08 26.75 -22.38
N GLY U 99 61.97 26.23 -21.87
CA GLY U 99 61.79 26.14 -20.43
C GLY U 99 60.82 25.06 -20.04
N GLY U 100 60.80 24.76 -18.74
CA GLY U 100 59.92 23.74 -18.21
C GLY U 100 60.67 22.65 -17.47
N GLU U 101 59.96 21.86 -16.69
CA GLU U 101 60.57 20.75 -15.99
C GLU U 101 61.05 19.69 -16.99
N PRO U 102 62.26 19.15 -16.81
CA PRO U 102 62.79 18.23 -17.83
C PRO U 102 61.93 17.00 -18.06
N LEU U 103 61.47 16.34 -17.00
CA LEU U 103 60.76 15.07 -17.17
C LEU U 103 59.44 15.28 -17.89
N LEU U 104 58.69 16.33 -17.54
CA LEU U 104 57.43 16.61 -18.22
C LEU U 104 57.66 16.89 -19.70
N ASN U 105 58.70 17.67 -20.01
CA ASN U 105 59.02 17.94 -21.41
C ASN U 105 59.37 16.65 -22.14
N LEU U 106 60.08 15.74 -21.48
CA LEU U 106 60.45 14.48 -22.12
C LEU U 106 59.22 13.65 -22.42
N LYS U 107 58.27 13.57 -21.47
CA LYS U 107 57.06 12.79 -21.73
C LYS U 107 56.23 13.41 -22.86
N VAL U 108 56.10 14.74 -22.87
CA VAL U 108 55.38 15.39 -23.95
C VAL U 108 56.08 15.15 -25.28
N LEU U 109 57.40 15.14 -25.26
CA LEU U 109 58.16 14.86 -26.48
C LEU U 109 57.89 13.45 -26.99
N LEU U 110 57.82 12.48 -26.06
CA LEU U 110 57.54 11.11 -26.47
C LEU U 110 56.17 10.98 -27.10
N GLU U 111 55.15 11.59 -26.47
CA GLU U 111 53.80 11.53 -27.04
C GLU U 111 53.74 12.22 -28.40
N ALA U 112 54.40 13.38 -28.52
CA ALA U 112 54.41 14.09 -29.79
C ALA U 112 55.13 13.30 -30.86
N PHE U 113 56.20 12.59 -30.50
CA PHE U 113 56.91 11.77 -31.47
C PHE U 113 56.05 10.60 -31.94
N LYS U 114 55.30 10.01 -31.03
CA LYS U 114 54.36 8.96 -31.44
C LYS U 114 53.33 9.50 -32.43
N THR U 115 52.79 10.68 -32.14
CA THR U 115 51.85 11.30 -33.06
C THR U 115 52.51 11.62 -34.40
N PHE U 116 53.76 12.05 -34.36
CA PHE U 116 54.50 12.35 -35.58
C PHE U 116 54.68 11.11 -36.44
N ILE U 117 55.02 9.98 -35.80
CA ILE U 117 55.17 8.73 -36.54
C ILE U 117 53.84 8.32 -37.16
N ALA U 118 52.75 8.45 -36.40
CA ALA U 118 51.43 8.11 -36.94
C ALA U 118 51.09 8.99 -38.13
N ALA U 119 51.37 10.29 -38.04
CA ALA U 119 51.09 11.20 -39.15
C ALA U 119 51.91 10.83 -40.38
N LEU U 120 53.19 10.54 -40.19
CA LEU U 120 54.03 10.16 -41.33
C LEU U 120 53.54 8.86 -41.97
N LYS U 121 53.11 7.90 -41.15
CA LYS U 121 52.56 6.66 -41.70
C LYS U 121 51.31 6.94 -42.52
N THR U 122 50.42 7.79 -42.01
CA THR U 122 49.17 8.06 -42.73
C THR U 122 49.44 8.80 -44.04
N ILE U 123 50.37 9.75 -44.02
CA ILE U 123 50.61 10.58 -45.19
C ILE U 123 51.15 9.75 -46.35
N GLY U 124 52.11 8.88 -46.09
CA GLY U 124 52.80 8.18 -47.16
C GLY U 124 54.05 8.93 -47.56
N PHE U 125 54.95 8.27 -48.28
CA PHE U 125 56.27 8.84 -48.54
C PHE U 125 56.77 8.38 -49.91
N SER U 126 56.95 9.34 -50.83
CA SER U 126 57.37 9.00 -52.18
C SER U 126 58.71 9.63 -52.56
N THR U 127 58.83 10.94 -52.41
CA THR U 127 59.99 11.64 -52.95
C THR U 127 61.11 11.71 -51.93
N GLU U 128 62.34 11.92 -52.43
CA GLU U 128 63.51 11.91 -51.56
C GLU U 128 63.59 13.12 -50.66
N GLU U 129 63.06 14.27 -51.10
CA GLU U 129 63.15 15.48 -50.29
C GLU U 129 62.40 15.32 -48.97
N GLU U 130 61.20 14.72 -49.03
CA GLU U 130 60.46 14.47 -47.80
C GLU U 130 61.20 13.49 -46.90
N ARG U 131 61.84 12.48 -47.49
CA ARG U 131 62.61 11.54 -46.70
C ARG U 131 63.75 12.24 -45.97
N LEU U 132 64.46 13.13 -46.67
CA LEU U 132 65.54 13.87 -46.03
C LEU U 132 65.00 14.77 -44.93
N GLU U 133 63.85 15.41 -45.16
CA GLU U 133 63.26 16.26 -44.13
C GLU U 133 62.91 15.45 -42.89
N ALA U 134 62.31 14.27 -43.08
CA ALA U 134 61.94 13.42 -41.95
C ALA U 134 63.17 12.93 -41.20
N TYR U 135 64.22 12.56 -41.93
CA TYR U 135 65.45 12.11 -41.28
C TYR U 135 66.09 13.24 -40.48
N ARG U 136 66.10 14.45 -41.04
CA ARG U 136 66.61 15.60 -40.30
C ARG U 136 65.80 15.85 -39.03
N VAL U 137 64.48 15.74 -39.13
CA VAL U 137 63.63 15.92 -37.96
C VAL U 137 63.93 14.86 -36.91
N LEU U 138 64.15 13.62 -37.34
CA LEU U 138 64.46 12.55 -36.40
C LEU U 138 65.77 12.82 -35.69
N THR U 139 66.79 13.26 -36.43
CA THR U 139 68.08 13.56 -35.79
C THR U 139 67.94 14.72 -34.80
N LEU U 140 67.17 15.75 -35.16
CA LEU U 140 66.94 16.86 -34.27
C LEU U 140 66.24 16.39 -33.00
N PHE U 141 65.24 15.53 -33.15
CA PHE U 141 64.51 14.99 -32.00
C PHE U 141 65.43 14.22 -31.08
N VAL U 142 66.29 13.37 -31.65
CA VAL U 142 67.19 12.55 -30.85
C VAL U 142 68.15 13.44 -30.07
N HIS U 143 68.74 14.43 -30.75
CA HIS U 143 69.70 15.31 -30.08
C HIS U 143 69.02 16.10 -28.96
N THR U 144 67.83 16.64 -29.23
CA THR U 144 67.12 17.41 -28.22
C THR U 144 66.76 16.55 -27.02
N PHE U 145 66.28 15.32 -27.28
CA PHE U 145 65.91 14.43 -26.20
C PHE U 145 67.12 14.09 -25.33
N ILE U 146 68.26 13.81 -25.95
CA ILE U 146 69.47 13.52 -25.18
C ILE U 146 69.85 14.74 -24.34
N PHE U 147 69.86 15.92 -24.95
CA PHE U 147 70.29 17.12 -24.25
C PHE U 147 69.41 17.40 -23.04
N ILE U 148 68.09 17.23 -23.20
CA ILE U 148 67.18 17.50 -22.09
C ILE U 148 67.31 16.42 -21.02
N SER U 149 67.43 15.16 -21.43
CA SER U 149 67.39 14.07 -20.46
C SER U 149 68.72 13.91 -19.75
N ARG U 150 69.74 14.68 -20.16
CA ARG U 150 71.01 14.66 -19.45
C ARG U 150 70.90 14.90 -17.95
N THR U 151 69.95 15.75 -17.53
CA THR U 151 69.96 16.26 -16.17
C THR U 151 69.30 15.32 -15.16
N LEU U 152 68.60 14.28 -15.61
CA LEU U 152 67.86 13.43 -14.68
C LEU U 152 68.80 12.54 -13.88
N ASN U 153 68.21 11.78 -12.95
CA ASN U 153 68.96 10.78 -12.20
C ASN U 153 69.00 9.46 -12.99
N LEU U 154 69.55 8.43 -12.36
CA LEU U 154 69.87 7.19 -13.09
C LEU U 154 68.62 6.49 -13.61
N GLU U 155 67.64 6.27 -12.73
CA GLU U 155 66.49 5.44 -13.08
C GLU U 155 65.66 6.10 -14.19
N GLU U 156 65.34 7.38 -14.02
CA GLU U 156 64.60 8.10 -15.07
C GLU U 156 65.40 8.16 -16.36
N PHE U 157 66.71 8.37 -16.26
CA PHE U 157 67.57 8.38 -17.43
C PHE U 157 67.44 7.08 -18.21
N LEU U 158 67.59 5.96 -17.52
CA LEU U 158 67.53 4.65 -18.19
C LEU U 158 66.15 4.42 -18.79
N LYS U 159 65.09 4.76 -18.05
CA LYS U 159 63.74 4.54 -18.55
C LYS U 159 63.49 5.34 -19.82
N VAL U 160 63.79 6.64 -19.80
CA VAL U 160 63.52 7.47 -20.96
C VAL U 160 64.41 7.06 -22.13
N LEU U 161 65.63 6.62 -21.86
CA LEU U 161 66.49 6.15 -22.95
C LEU U 161 65.93 4.90 -23.60
N LEU U 162 65.42 3.96 -22.81
CA LEU U 162 64.81 2.77 -23.40
C LEU U 162 63.59 3.13 -24.24
N GLU U 163 62.74 4.03 -23.73
CA GLU U 163 61.59 4.47 -24.54
C GLU U 163 62.05 5.15 -25.83
N LEU U 164 63.12 5.94 -25.75
CA LEU U 164 63.64 6.60 -26.95
C LEU U 164 64.13 5.58 -27.96
N ILE U 165 64.81 4.53 -27.50
CA ILE U 165 65.31 3.50 -28.42
C ILE U 165 64.14 2.78 -29.10
N GLU U 166 63.11 2.44 -28.31
CA GLU U 166 61.95 1.78 -28.91
C GLU U 166 61.27 2.68 -29.94
N LEU U 167 61.10 3.96 -29.63
CA LEU U 167 60.47 4.86 -30.59
C LEU U 167 61.33 5.05 -31.82
N LEU U 168 62.65 5.05 -31.65
CA LEU U 168 63.56 5.10 -32.79
C LEU U 168 63.34 3.91 -33.70
N GLU U 169 63.22 2.71 -33.12
CA GLU U 169 62.98 1.52 -33.92
C GLU U 169 61.65 1.62 -34.66
N GLU U 170 60.60 2.10 -33.97
CA GLU U 170 59.30 2.26 -34.62
C GLU U 170 59.37 3.24 -35.78
N PHE U 171 60.02 4.38 -35.59
CA PHE U 171 60.12 5.35 -36.67
C PHE U 171 60.90 4.79 -37.85
N PHE U 172 62.01 4.10 -37.59
CA PHE U 172 62.78 3.52 -38.68
C PHE U 172 62.05 2.38 -39.37
N LEU U 173 61.08 1.77 -38.71
CA LEU U 173 60.17 0.84 -39.38
C LEU U 173 58.98 1.53 -40.03
N ALA U 174 58.77 2.82 -39.79
CA ALA U 174 57.61 3.54 -40.32
C ALA U 174 57.84 4.14 -41.70
N VAL U 175 58.98 4.79 -41.93
CA VAL U 175 59.23 5.52 -43.17
C VAL U 175 60.00 4.60 -44.12
N PRO U 176 59.45 4.23 -45.27
CA PRO U 176 60.17 3.36 -46.19
C PRO U 176 61.21 4.12 -47.02
N GLY U 177 62.22 3.39 -47.45
CA GLY U 177 63.28 3.96 -48.27
C GLY U 177 64.44 3.00 -48.48
N PRO U 178 65.53 3.49 -49.07
CA PRO U 178 66.71 2.66 -49.27
C PRO U 178 67.27 2.17 -47.94
N PRO U 179 67.85 0.97 -47.91
CA PRO U 179 68.25 0.40 -46.62
C PRO U 179 69.61 0.87 -46.13
N GLU U 180 70.46 1.39 -47.01
CA GLU U 180 71.79 1.80 -46.59
C GLU U 180 71.74 2.98 -45.63
N GLN U 181 70.99 4.03 -45.98
CA GLN U 181 70.81 5.15 -45.07
C GLN U 181 70.04 4.71 -43.83
N ARG U 182 69.05 3.83 -44.00
CA ARG U 182 68.33 3.25 -42.88
C ARG U 182 69.24 2.57 -41.88
N ARG U 183 70.35 1.98 -42.33
CA ARG U 183 71.32 1.36 -41.45
C ARG U 183 72.28 2.39 -40.85
N VAL U 184 72.81 3.28 -41.69
CA VAL U 184 73.83 4.22 -41.22
C VAL U 184 73.26 5.15 -40.16
N LEU U 185 72.06 5.69 -40.40
CA LEU U 185 71.48 6.62 -39.44
C LEU U 185 71.17 5.92 -38.13
N PHE U 186 70.64 4.70 -38.20
CA PHE U 186 70.35 3.94 -36.99
C PHE U 186 71.63 3.70 -36.18
N GLU U 187 72.70 3.31 -36.86
CA GLU U 187 73.97 3.08 -36.16
C GLU U 187 74.47 4.36 -35.50
N SER U 188 74.41 5.47 -36.23
CA SER U 188 74.90 6.73 -35.68
C SER U 188 74.09 7.16 -34.46
N LEU U 189 72.76 7.04 -34.54
CA LEU U 189 71.92 7.45 -33.42
C LEU U 189 72.13 6.56 -32.20
N LEU U 190 72.26 5.25 -32.42
CA LEU U 190 72.54 4.35 -31.31
C LEU U 190 73.90 4.68 -30.68
N GLN U 191 74.88 5.05 -31.51
CA GLN U 191 76.18 5.44 -30.99
C GLN U 191 76.06 6.70 -30.14
N ASP U 192 75.26 7.68 -30.59
CA ASP U 192 75.03 8.88 -29.80
C ASP U 192 74.45 8.53 -28.44
N ILE U 193 73.44 7.65 -28.42
CA ILE U 193 72.81 7.28 -27.17
C ILE U 193 73.80 6.59 -26.24
N LEU U 194 74.62 5.68 -26.80
CA LEU U 194 75.60 4.97 -25.99
C LEU U 194 76.64 5.94 -25.40
N ASN U 195 77.12 6.89 -26.22
CA ASN U 195 78.10 7.84 -25.71
C ASN U 195 77.52 8.68 -24.59
N THR U 196 76.27 9.14 -24.75
CA THR U 196 75.64 9.91 -23.68
C THR U 196 75.48 9.08 -22.42
N PHE U 197 75.07 7.82 -22.56
CA PHE U 197 74.88 6.97 -21.39
C PHE U 197 76.20 6.75 -20.65
N LYS U 198 77.27 6.48 -21.39
CA LYS U 198 78.58 6.32 -20.76
C LYS U 198 79.02 7.60 -20.07
N LYS U 199 78.81 8.75 -20.73
CA LYS U 199 79.21 10.02 -20.15
C LYS U 199 78.50 10.27 -18.83
N LYS U 200 77.20 9.97 -18.78
CA LYS U 200 76.45 10.15 -17.55
C LYS U 200 76.90 9.15 -16.49
N LEU U 201 77.15 7.90 -16.89
CA LEU U 201 77.48 6.86 -15.92
C LEU U 201 78.85 7.11 -15.29
N LYS U 202 79.75 7.79 -16.01
CA LYS U 202 81.10 7.98 -15.49
C LYS U 202 81.16 8.85 -14.24
N LEU U 203 80.02 9.36 -13.78
CA LEU U 203 79.97 10.20 -12.59
C LEU U 203 79.56 9.43 -11.34
N TYR U 204 79.47 8.10 -11.42
CA TYR U 204 78.90 7.28 -10.38
C TYR U 204 79.85 6.14 -10.03
N PRO U 205 79.72 5.55 -8.84
CA PRO U 205 80.65 4.51 -8.43
C PRO U 205 80.68 3.32 -9.38
N VAL U 206 81.71 2.49 -9.21
CA VAL U 206 82.00 1.42 -10.17
C VAL U 206 80.90 0.37 -10.19
N GLU U 207 80.14 0.24 -9.10
CA GLU U 207 79.16 -0.83 -9.02
C GLU U 207 78.02 -0.64 -10.02
N ALA U 208 77.49 0.59 -10.12
CA ALA U 208 76.36 0.84 -11.00
C ALA U 208 76.75 0.68 -12.47
N GLN U 209 78.04 0.87 -12.77
CA GLN U 209 78.52 0.76 -14.14
C GLN U 209 78.15 -0.59 -14.74
N ILE U 210 78.48 -1.67 -14.04
CA ILE U 210 78.29 -3.02 -14.58
C ILE U 210 76.81 -3.24 -14.89
N LEU U 211 75.95 -2.98 -13.89
CA LEU U 211 74.52 -3.21 -14.05
C LEU U 211 73.95 -2.44 -15.23
N TYR U 212 74.05 -1.11 -15.17
CA TYR U 212 73.35 -0.31 -16.16
C TYR U 212 73.99 -0.42 -17.53
N LEU U 213 75.31 -0.57 -17.59
CA LEU U 213 75.98 -0.79 -18.87
C LEU U 213 75.51 -2.09 -19.51
N GLU U 214 75.40 -3.16 -18.72
CA GLU U 214 74.91 -4.42 -19.28
C GLU U 214 73.49 -4.26 -19.81
N ILE U 215 72.64 -3.58 -19.04
CA ILE U 215 71.25 -3.41 -19.47
C ILE U 215 71.18 -2.67 -20.80
N ILE U 216 71.89 -1.54 -20.89
CA ILE U 216 71.77 -0.73 -22.10
C ILE U 216 72.40 -1.45 -23.30
N LEU U 217 73.52 -2.12 -23.10
CA LEU U 217 74.16 -2.84 -24.20
C LEU U 217 73.27 -3.96 -24.71
N GLU U 218 72.64 -4.71 -23.80
CA GLU U 218 71.75 -5.78 -24.24
C GLU U 218 70.56 -5.24 -25.01
N LYS U 219 69.97 -4.15 -24.52
CA LYS U 219 68.83 -3.56 -25.23
C LYS U 219 69.23 -3.10 -26.62
N VAL U 220 70.39 -2.45 -26.73
CA VAL U 220 70.85 -1.93 -28.01
C VAL U 220 71.14 -3.08 -28.98
N GLU U 221 71.79 -4.13 -28.48
CA GLU U 221 72.06 -5.28 -29.33
C GLU U 221 70.77 -5.92 -29.81
N ASP U 222 69.78 -6.03 -28.93
CA ASP U 222 68.51 -6.64 -29.32
C ASP U 222 67.81 -5.82 -30.40
N VAL U 223 67.77 -4.50 -30.24
CA VAL U 223 67.07 -3.68 -31.24
C VAL U 223 67.83 -3.69 -32.56
N ARG U 224 69.16 -3.70 -32.50
CA ARG U 224 69.95 -3.80 -33.73
C ARG U 224 69.67 -5.11 -34.44
N LYS U 225 69.59 -6.21 -33.70
CA LYS U 225 69.30 -7.51 -34.30
C LYS U 225 67.91 -7.51 -34.93
N HIS U 226 66.92 -6.93 -34.25
CA HIS U 226 65.58 -6.88 -34.81
C HIS U 226 65.57 -6.10 -36.12
N PHE U 227 66.23 -4.94 -36.16
CA PHE U 227 66.25 -4.15 -37.38
C PHE U 227 66.97 -4.88 -38.50
N PHE U 228 68.10 -5.52 -38.18
CA PHE U 228 68.88 -6.18 -39.21
C PHE U 228 68.16 -7.41 -39.75
N GLU U 229 67.36 -8.06 -38.92
CA GLU U 229 66.50 -9.12 -39.42
C GLU U 229 65.38 -8.56 -40.28
N LYS U 230 64.88 -7.37 -39.92
CA LYS U 230 63.78 -6.79 -40.67
C LYS U 230 64.20 -6.41 -42.08
N TYR U 231 65.30 -5.65 -42.22
CA TYR U 231 65.58 -5.06 -43.53
C TYR U 231 66.07 -6.11 -44.51
N PHE U 232 66.61 -7.22 -44.00
CA PHE U 232 67.07 -8.32 -44.84
C PHE U 232 65.89 -8.98 -45.54
ZN ZN V . 11.28 13.21 -28.68
ZN ZN W . 0.00 -9.33 -30.56
ZN ZN X . -20.38 12.89 -25.45
ZN ZN Y . 10.37 -22.35 -20.34
ZN ZN Z . -1.77 -33.41 -1.21
ZN ZN AA . -21.39 -23.54 -22.49
ZN ZN BA . 1.59 26.60 -18.37
ZN ZN CA . 15.88 33.47 1.30
ZN ZN DA . -15.07 28.50 7.16
ZN ZN EA . 6.00 -27.18 15.52
ZN ZN FA . -9.61 -14.82 31.13
ZN ZN GA . -24.97 -33.62 12.43
ZN ZN HA . 9.24 27.98 18.77
ZN ZN IA . 26.31 12.86 29.52
ZN ZN JA . 21.01 -5.78 31.44
ZN ZN KA . -4.17 3.76 31.73
ZN ZN LA . -21.41 20.49 23.74
ZN ZN MA . -34.63 -5.32 33.33
ZN ZN NA . 37.03 -20.21 18.19
ZN ZN OA . 29.56 -28.88 2.52
ZN ZN PA . -29.82 24.65 -13.06
ZN ZN QA . -45.94 22.74 12.87
ZN ZN RA . 42.04 -20.55 -17.87
ZN ZN SA . 31.90 -9.40 -30.07
ZN ZN TA . -31.90 -9.17 -30.38
ZN ZN UA . -52.04 12.15 -21.55
ZN ZN VA . 43.01 13.33 -31.34
ZN ZN WA . 33.12 28.04 -23.44
ZN ZN XA . -33.20 -37.18 -4.83
ZN ZN YA . 46.66 38.16 -4.79
ZN ZN ZA . -40.22 -23.63 30.00
ZN ZN AB . 39.95 34.96 13.38
ZN ZN BB . 56.71 21.95 26.84
ZN ZN CB . 51.47 3.41 31.15
ZN ZN DB . -51.89 12.55 28.22
ZN ZN EB . 67.85 -12.73 20.97
ZN ZN FB . -61.02 21.99 -7.38
ZN ZN GB . 60.73 -23.54 6.04
ZN ZN HB . 73.70 -18.80 -15.09
ZN ZN IB . 63.83 -9.17 -28.94
ZN ZN JB . 74.71 13.16 -33.73
ZN ZN KB . 64.71 29.47 -27.46
#